data_8XUR
#
_entry.id   8XUR
#
loop_
_entity.id
_entity.type
_entity.pdbx_description
1 polymer 'Spike glycoprotein'
2 branched 2-acetamido-2-deoxy-beta-D-glucopyranose-(1-4)-2-acetamido-2-deoxy-beta-D-glucopyranose
3 branched beta-D-mannopyranose-(1-4)-2-acetamido-2-deoxy-beta-D-glucopyranose
4 non-polymer 2-acetamido-2-deoxy-beta-D-glucopyranose
5 non-polymer '2-O-sulfo-beta-L-altropyranuronic acid'
#
_entity_poly.entity_id   1
_entity_poly.type   'polypeptide(L)'
_entity_poly.pdbx_seq_one_letter_code
;ATMFVFLVLLPLVSSQCVMPLFNLITTTQSYTNSFTRGVYYPDKVFRSSVLHLTQDLFLPFFSNVTWFHAISGTNGTKRF
DNPVLPFNDGVYFASTEKSNIIRGWIFGTTLDSKTQSLLIVNNATNVFIKVCEFQFCNDPFLDVYHKNNKSWMESESGVY
SSANNCTFEYVSQPFLMDLEGKQGNFKNLREFVFKNIDGYFKIYSKHTPIIGRDFPQGFSALEPLVDLPIGINITRFQTL
LALNRSYLTPGDSSSGWTAGAADYYVGYLQPRTFLLKYNENGTITDAVDCALDPLSETKCTLKSFTVEKGIYQTSNFRVQ
PTESIVRFPNVTNLCPFHEVFNATRFASVYAWNRTRISNCVADYSVLYNFAPFFAFKCYGVSPTKLNDLCFTNVYADSFV
IKGNEVSQIAPGQTGNIADYNYKLPDDFTGCVIAWNSNKLDSKHSGNYDYWYRLFRKSKLKPFERDISTEIYQAGNKPCK
GKGPNCYFPLQSYGFRPTYGVGHQPYRVVVLSFELLHAPATVCGPKKSTNLVKNKCVNFNFNGLTGTGVLTKSNKKFLPF
QQFGRDIVDTTDAVRDPQTLEILDITPCSFGGVSVITPGTNTSNQVAVLYQGVNCTEVSVAIHADQLTPTWRVYSTGSNV
FQTRAGCLIGAEYVNNSYECDIPIGAGICASYQTQTKSRRAAASVASQSIIAYTMSLGAENSVAYSNNSIAIPTNFTISV
TTEILPVSMTKTSVDCTMYICGDSTECSNLLLQYGSFCTQLKRALTGIAVEQDKNTQEVFAQVKQIYKTPPIKYFGGFNF
SQILPDPSKPSKRSPIEDLLFNKVTLADAGFIKQYGDCLGDIAARDLICAQKFNGLTVLPPLLTDEMIAQYTSALLAGTI
TSGWTFGAGPALQIPFPMQMAYRFNGIGVTQNVLYENQKLIANQFNSAIGKIQDSLFSTPSALGKLQDVVNHNAQALNTL
VKQLSSKFGAISSVLNDILSRLDPPEAEVQIDRLITGRLQSLQTYVTQQLIRAAEIRASANLAATKMSECVLGQSKRVDF
CGKGYHLMSFPQSAPHGVVFLHVTYVPAQEKNFTTAPAICHDGKAHFPREGVFVSNGTHWFVTQRNFYEPQIITTDNTFV
SGNCDVVIGIVNNTVYDPLQLELDSFKEELDKYFKNHTSPDVDLGDISGINASVVNIQKEIDRLNEVAKNLNESLIDLQE
LGKYEQ
;
_entity_poly.pdbx_strand_id   A,B,C
#
# COMPACT_ATOMS: atom_id res chain seq x y z
N THR A 26 -21.19 -65.15 -8.41
CA THR A 26 -20.20 -64.73 -7.42
C THR A 26 -19.28 -63.65 -7.99
N THR A 27 -18.28 -63.26 -7.20
CA THR A 27 -17.37 -62.21 -7.61
C THR A 27 -16.06 -62.36 -6.84
N THR A 28 -15.03 -61.69 -7.36
CA THR A 28 -13.71 -61.64 -6.72
C THR A 28 -13.46 -60.22 -6.21
N GLN A 29 -12.33 -60.08 -5.50
CA GLN A 29 -11.92 -58.80 -4.92
C GLN A 29 -10.44 -58.54 -5.20
N SER A 30 -10.04 -58.74 -6.45
CA SER A 30 -8.68 -58.43 -6.85
C SER A 30 -8.46 -56.92 -6.90
N TYR A 31 -7.23 -56.50 -6.61
CA TYR A 31 -6.87 -55.05 -6.60
C TYR A 31 -5.81 -54.75 -7.66
N THR A 32 -5.92 -53.61 -8.36
CA THR A 32 -4.98 -53.35 -9.48
C THR A 32 -4.56 -51.88 -9.53
N ASN A 33 -3.59 -51.54 -10.38
CA ASN A 33 -3.08 -50.14 -10.45
C ASN A 33 -3.84 -49.37 -11.54
N SER A 34 -4.65 -48.39 -11.13
CA SER A 34 -5.52 -47.66 -12.09
C SER A 34 -4.69 -46.88 -13.10
N PHE A 35 -3.48 -46.50 -12.72
CA PHE A 35 -2.57 -45.82 -13.65
C PHE A 35 -3.04 -44.36 -13.81
N THR A 36 -2.80 -43.77 -14.97
CA THR A 36 -3.34 -42.46 -15.31
C THR A 36 -4.66 -42.67 -16.05
N ARG A 37 -5.76 -42.42 -15.35
CA ARG A 37 -7.06 -42.83 -15.87
C ARG A 37 -8.17 -42.12 -15.10
N GLY A 38 -9.21 -41.73 -15.82
CA GLY A 38 -10.41 -41.21 -15.19
C GLY A 38 -10.39 -39.71 -14.95
N VAL A 39 -10.13 -38.93 -16.00
CA VAL A 39 -10.16 -37.48 -15.92
C VAL A 39 -11.31 -36.99 -16.78
N TYR A 40 -12.23 -36.26 -16.18
CA TYR A 40 -13.40 -35.73 -16.87
C TYR A 40 -13.34 -34.21 -16.92
N TYR A 41 -14.07 -33.64 -17.86
CA TYR A 41 -14.14 -32.20 -17.97
C TYR A 41 -14.89 -31.63 -16.77
N PRO A 42 -14.23 -30.87 -15.88
CA PRO A 42 -14.93 -30.37 -14.70
C PRO A 42 -16.03 -29.38 -15.03
N ASP A 43 -15.87 -28.64 -16.14
CA ASP A 43 -16.86 -27.56 -16.43
C ASP A 43 -17.08 -27.45 -17.95
N LYS A 44 -17.80 -26.40 -18.37
CA LYS A 44 -18.11 -26.21 -19.81
C LYS A 44 -17.51 -24.88 -20.27
N VAL A 45 -16.32 -24.53 -19.79
CA VAL A 45 -15.65 -23.28 -20.23
C VAL A 45 -14.65 -23.64 -21.33
N PHE A 46 -14.83 -23.08 -22.53
CA PHE A 46 -13.93 -23.41 -23.68
C PHE A 46 -12.49 -23.02 -23.32
N ARG A 47 -11.55 -23.96 -23.50
CA ARG A 47 -10.12 -23.68 -23.19
C ARG A 47 -9.25 -24.28 -24.29
N SER A 48 -8.21 -23.55 -24.72
CA SER A 48 -7.33 -24.04 -25.81
C SER A 48 -5.87 -23.68 -25.52
N SER A 49 -4.92 -24.51 -25.94
CA SER A 49 -3.50 -24.25 -25.73
C SER A 49 -3.25 -23.65 -24.35
N VAL A 50 -3.90 -24.22 -23.34
CA VAL A 50 -3.86 -23.70 -21.99
C VAL A 50 -3.47 -24.81 -21.04
N LEU A 51 -3.03 -24.42 -19.84
CA LEU A 51 -2.68 -25.36 -18.78
C LEU A 51 -3.57 -25.14 -17.57
N HIS A 52 -4.87 -25.04 -17.80
CA HIS A 52 -5.83 -24.74 -16.74
C HIS A 52 -5.69 -25.73 -15.58
N LEU A 53 -5.58 -25.17 -14.38
CA LEU A 53 -5.49 -25.95 -13.15
C LEU A 53 -6.82 -25.86 -12.43
N THR A 54 -7.30 -26.99 -11.90
CA THR A 54 -8.58 -27.04 -11.23
C THR A 54 -8.47 -27.85 -9.95
N GLN A 55 -9.29 -27.47 -8.97
CA GLN A 55 -9.41 -28.20 -7.71
C GLN A 55 -10.82 -28.79 -7.70
N ASP A 56 -10.91 -30.11 -7.82
CA ASP A 56 -12.20 -30.78 -7.91
C ASP A 56 -11.97 -32.25 -7.60
N LEU A 57 -13.06 -32.97 -7.37
CA LEU A 57 -12.98 -34.41 -7.10
C LEU A 57 -12.41 -35.13 -8.32
N PHE A 58 -11.45 -36.01 -8.10
CA PHE A 58 -10.81 -36.76 -9.17
C PHE A 58 -10.29 -38.09 -8.64
N LEU A 59 -10.06 -39.00 -9.57
CA LEU A 59 -9.44 -40.29 -9.23
C LEU A 59 -7.92 -40.12 -9.20
N PRO A 60 -7.26 -40.41 -8.09
CA PRO A 60 -5.81 -40.18 -8.01
C PRO A 60 -5.07 -41.00 -9.04
N PHE A 61 -3.99 -40.42 -9.57
CA PHE A 61 -3.15 -41.15 -10.50
C PHE A 61 -2.47 -42.30 -9.78
N PHE A 62 -2.42 -43.46 -10.45
CA PHE A 62 -1.72 -44.65 -9.90
C PHE A 62 -2.23 -44.97 -8.49
N SER A 63 -3.42 -45.56 -8.42
CA SER A 63 -3.99 -45.96 -7.10
C SER A 63 -4.42 -47.42 -7.19
N ASN A 64 -5.20 -47.83 -6.20
CA ASN A 64 -5.86 -49.15 -6.19
C ASN A 64 -7.05 -49.07 -7.14
N VAL A 65 -7.40 -50.18 -7.76
CA VAL A 65 -8.80 -50.31 -8.22
C VAL A 65 -9.30 -51.72 -7.85
N THR A 66 -10.36 -51.78 -7.05
CA THR A 66 -10.96 -53.08 -6.67
C THR A 66 -11.58 -53.73 -7.91
N TRP A 67 -10.87 -54.66 -8.54
CA TRP A 67 -11.29 -55.37 -9.73
C TRP A 67 -12.23 -56.51 -9.34
N PHE A 68 -13.37 -56.60 -10.01
CA PHE A 68 -14.40 -57.57 -9.69
C PHE A 68 -14.55 -58.57 -10.85
N HIS A 69 -15.50 -59.49 -10.68
CA HIS A 69 -15.81 -60.51 -11.68
C HIS A 69 -17.26 -60.89 -11.44
N ALA A 70 -17.85 -61.70 -12.32
CA ALA A 70 -19.24 -62.09 -12.19
C ALA A 70 -19.43 -63.49 -12.76
N ILE A 71 -20.07 -64.36 -11.98
CA ILE A 71 -20.43 -65.69 -12.44
C ILE A 71 -21.90 -65.97 -12.12
N ASP A 81 -22.30 -62.15 -4.34
CA ASP A 81 -23.17 -61.89 -5.48
C ASP A 81 -23.62 -60.42 -5.50
N ASN A 82 -22.85 -59.59 -6.20
CA ASN A 82 -23.08 -58.16 -6.34
C ASN A 82 -23.18 -57.47 -4.99
N PRO A 83 -22.10 -57.36 -4.22
CA PRO A 83 -22.17 -56.65 -2.93
C PRO A 83 -22.56 -55.20 -3.09
N VAL A 84 -23.00 -54.62 -1.97
CA VAL A 84 -23.25 -53.18 -1.90
C VAL A 84 -21.93 -52.45 -1.67
N LEU A 85 -21.68 -51.40 -2.45
CA LEU A 85 -20.46 -50.64 -2.28
C LEU A 85 -20.76 -49.24 -1.74
N PRO A 86 -19.97 -48.75 -0.79
CA PRO A 86 -20.25 -47.42 -0.22
C PRO A 86 -20.02 -46.32 -1.24
N PHE A 87 -20.82 -45.26 -1.13
CA PHE A 87 -20.71 -44.08 -1.98
C PHE A 87 -20.27 -42.90 -1.12
N ASN A 88 -19.17 -42.26 -1.51
CA ASN A 88 -18.67 -41.11 -0.77
C ASN A 88 -17.86 -40.25 -1.73
N ASP A 89 -18.27 -38.98 -1.86
CA ASP A 89 -17.60 -38.02 -2.74
C ASP A 89 -17.56 -38.53 -4.19
N GLY A 90 -18.48 -39.41 -4.55
CA GLY A 90 -18.55 -39.94 -5.89
C GLY A 90 -17.92 -41.32 -6.00
N VAL A 91 -18.20 -41.98 -7.13
CA VAL A 91 -17.65 -43.29 -7.45
C VAL A 91 -17.29 -43.32 -8.92
N TYR A 92 -16.09 -43.81 -9.23
CA TYR A 92 -15.65 -44.02 -10.60
C TYR A 92 -15.90 -45.47 -10.99
N PHE A 93 -16.41 -45.68 -12.19
CA PHE A 93 -16.75 -47.02 -12.67
C PHE A 93 -16.26 -47.22 -14.09
N ALA A 94 -15.79 -48.42 -14.39
CA ALA A 94 -15.39 -48.80 -15.73
C ALA A 94 -15.65 -50.29 -15.91
N SER A 95 -15.87 -50.69 -17.16
CA SER A 95 -16.13 -52.09 -17.46
C SER A 95 -15.87 -52.36 -18.94
N THR A 96 -15.50 -53.60 -19.25
CA THR A 96 -15.33 -54.07 -20.61
C THR A 96 -16.12 -55.35 -20.78
N GLU A 97 -16.90 -55.43 -21.87
CA GLU A 97 -17.76 -56.57 -22.13
C GLU A 97 -17.85 -56.78 -23.64
N LYS A 98 -18.25 -57.99 -24.02
CA LYS A 98 -18.37 -58.31 -25.45
C LYS A 98 -19.53 -57.56 -26.07
N SER A 99 -20.76 -57.88 -25.65
CA SER A 99 -21.94 -57.13 -26.09
C SER A 99 -22.62 -56.41 -24.95
N ASN A 100 -23.07 -57.14 -23.92
CA ASN A 100 -23.73 -56.53 -22.77
C ASN A 100 -23.92 -57.52 -21.63
N ILE A 101 -23.50 -57.14 -20.43
CA ILE A 101 -23.80 -57.90 -19.24
C ILE A 101 -24.24 -56.99 -18.11
N ILE A 102 -24.08 -55.68 -18.31
CA ILE A 102 -24.42 -54.67 -17.33
C ILE A 102 -25.58 -53.85 -17.86
N ARG A 103 -26.52 -53.49 -16.99
CA ARG A 103 -27.66 -52.67 -17.36
C ARG A 103 -27.65 -51.31 -16.68
N GLY A 104 -27.56 -51.26 -15.36
CA GLY A 104 -27.61 -49.99 -14.68
C GLY A 104 -27.17 -50.09 -13.23
N TRP A 105 -27.38 -48.99 -12.51
CA TRP A 105 -26.97 -48.87 -11.12
C TRP A 105 -28.15 -48.33 -10.30
N ILE A 106 -28.11 -48.59 -9.00
CA ILE A 106 -29.14 -48.11 -8.08
C ILE A 106 -28.44 -47.45 -6.90
N PHE A 107 -28.96 -46.30 -6.48
CA PHE A 107 -28.36 -45.51 -5.41
C PHE A 107 -29.36 -45.25 -4.30
N GLY A 108 -28.98 -44.39 -3.35
CA GLY A 108 -29.85 -44.03 -2.25
C GLY A 108 -29.26 -44.43 -0.90
N THR A 109 -30.14 -44.60 0.09
CA THR A 109 -29.71 -44.99 1.42
C THR A 109 -30.63 -46.09 1.92
N THR A 110 -30.02 -47.20 2.35
CA THR A 110 -30.68 -48.38 2.91
C THR A 110 -31.52 -49.13 1.89
N LEU A 111 -31.61 -48.58 0.67
CA LEU A 111 -32.36 -49.25 -0.43
C LEU A 111 -33.61 -49.92 0.14
N ASP A 112 -34.57 -49.12 0.59
CA ASP A 112 -35.83 -49.68 1.17
C ASP A 112 -36.95 -48.65 1.00
N SER A 113 -38.20 -49.05 1.25
CA SER A 113 -39.35 -48.14 1.04
C SER A 113 -39.42 -47.10 2.17
N LYS A 114 -38.25 -46.67 2.69
CA LYS A 114 -38.27 -45.63 3.70
C LYS A 114 -37.41 -44.43 3.35
N THR A 115 -36.42 -44.59 2.47
CA THR A 115 -35.57 -43.50 2.02
C THR A 115 -35.59 -43.45 0.51
N GLN A 116 -35.77 -42.25 -0.05
CA GLN A 116 -35.88 -42.14 -1.53
C GLN A 116 -34.55 -42.60 -2.13
N SER A 117 -34.64 -43.43 -3.19
CA SER A 117 -33.42 -44.01 -3.81
C SER A 117 -33.37 -43.68 -5.30
N LEU A 118 -32.61 -44.45 -6.08
CA LEU A 118 -32.43 -44.18 -7.50
C LEU A 118 -32.32 -45.49 -8.28
N LEU A 119 -32.58 -45.40 -9.58
CA LEU A 119 -32.50 -46.55 -10.48
C LEU A 119 -32.05 -46.06 -11.85
N ILE A 120 -30.86 -46.51 -12.27
CA ILE A 120 -30.20 -46.00 -13.47
C ILE A 120 -30.14 -47.12 -14.50
N VAL A 121 -31.15 -47.99 -14.51
CA VAL A 121 -31.15 -49.13 -15.42
C VAL A 121 -31.27 -48.66 -16.87
N ASN A 122 -30.54 -49.34 -17.75
CA ASN A 122 -30.54 -49.07 -19.17
C ASN A 122 -31.12 -50.25 -19.94
N ASN A 123 -31.76 -49.96 -21.08
CA ASN A 123 -32.42 -51.05 -21.84
C ASN A 123 -32.07 -50.95 -23.33
N ALA A 124 -32.75 -51.75 -24.17
CA ALA A 124 -32.37 -51.83 -25.59
C ALA A 124 -32.48 -50.46 -26.24
N THR A 125 -33.40 -49.62 -25.75
CA THR A 125 -33.68 -48.33 -26.44
C THR A 125 -33.13 -47.15 -25.64
N ASN A 126 -33.57 -46.96 -24.39
CA ASN A 126 -33.38 -45.62 -23.74
C ASN A 126 -33.46 -45.73 -22.21
N VAL A 127 -32.96 -44.71 -21.50
CA VAL A 127 -32.62 -44.83 -20.09
C VAL A 127 -33.91 -44.82 -19.28
N PHE A 128 -33.78 -45.14 -17.99
CA PHE A 128 -34.93 -45.21 -17.09
C PHE A 128 -34.61 -44.51 -15.77
N ILE A 129 -34.07 -43.29 -15.86
CA ILE A 129 -33.68 -42.55 -14.67
C ILE A 129 -34.93 -42.15 -13.89
N LYS A 130 -34.90 -42.37 -12.57
CA LYS A 130 -35.98 -41.97 -11.70
C LYS A 130 -35.47 -41.95 -10.27
N VAL A 131 -36.09 -41.09 -9.45
CA VAL A 131 -35.82 -41.09 -7.99
C VAL A 131 -37.08 -41.72 -7.39
N CYS A 132 -36.95 -42.87 -6.74
CA CYS A 132 -38.15 -43.63 -6.29
C CYS A 132 -37.99 -44.11 -4.85
N GLU A 133 -38.99 -44.84 -4.33
CA GLU A 133 -38.89 -45.42 -2.97
C GLU A 133 -38.54 -46.90 -3.12
N PHE A 134 -37.56 -47.22 -3.96
CA PHE A 134 -37.20 -48.64 -4.21
C PHE A 134 -37.10 -49.40 -2.89
N GLN A 135 -37.91 -50.46 -2.75
CA GLN A 135 -37.84 -51.30 -1.52
C GLN A 135 -36.82 -52.42 -1.75
N PHE A 136 -37.18 -53.42 -2.56
CA PHE A 136 -36.24 -54.54 -2.85
C PHE A 136 -36.76 -55.38 -4.02
N CYS A 137 -35.87 -56.10 -4.69
CA CYS A 137 -36.29 -57.03 -5.78
C CYS A 137 -35.59 -58.36 -5.55
N ASN A 138 -34.49 -58.35 -4.81
CA ASN A 138 -33.75 -59.58 -4.51
C ASN A 138 -33.47 -60.41 -5.75
N ASP A 139 -33.39 -59.77 -6.92
CA ASP A 139 -33.13 -60.46 -8.18
C ASP A 139 -32.42 -59.54 -9.17
N GLY A 158 -38.69 -55.87 -14.22
CA GLY A 158 -39.14 -55.68 -12.85
C GLY A 158 -38.03 -55.84 -11.83
N VAL A 159 -37.41 -54.71 -11.46
CA VAL A 159 -36.28 -54.75 -10.48
C VAL A 159 -36.68 -53.92 -9.26
N TYR A 160 -37.98 -53.87 -8.97
CA TYR A 160 -38.48 -53.15 -7.77
C TYR A 160 -39.88 -53.63 -7.43
N SER A 161 -40.44 -53.16 -6.32
CA SER A 161 -41.77 -53.58 -5.90
C SER A 161 -42.50 -52.51 -5.09
N SER A 162 -42.09 -51.24 -5.25
CA SER A 162 -42.70 -50.13 -4.47
C SER A 162 -42.54 -48.80 -5.21
N ALA A 163 -43.65 -48.16 -5.58
CA ALA A 163 -43.58 -46.83 -6.23
C ALA A 163 -44.79 -45.97 -5.85
N ASN A 164 -44.69 -45.28 -4.70
CA ASN A 164 -45.90 -44.81 -3.96
C ASN A 164 -45.83 -43.30 -3.73
N ASN A 165 -45.02 -42.59 -4.52
CA ASN A 165 -44.80 -41.14 -4.36
C ASN A 165 -43.66 -40.75 -5.31
N CYS A 166 -43.12 -41.75 -6.02
CA CYS A 166 -41.95 -41.50 -6.92
C CYS A 166 -42.28 -40.40 -7.93
N THR A 167 -41.33 -39.47 -8.13
CA THR A 167 -41.53 -38.37 -9.12
C THR A 167 -40.23 -38.21 -9.92
N PHE A 168 -40.14 -37.15 -10.73
CA PHE A 168 -38.90 -36.85 -11.49
C PHE A 168 -38.45 -38.09 -12.29
N GLU A 169 -39.33 -38.63 -13.13
CA GLU A 169 -38.91 -39.75 -14.02
C GLU A 169 -38.20 -39.12 -15.22
N TYR A 170 -37.24 -39.83 -15.83
CA TYR A 170 -36.47 -39.19 -16.89
C TYR A 170 -36.12 -40.24 -17.93
N VAL A 171 -36.28 -39.89 -19.21
CA VAL A 171 -36.01 -40.78 -20.33
C VAL A 171 -35.19 -40.01 -21.37
N SER A 172 -34.11 -40.63 -21.85
CA SER A 172 -33.26 -40.02 -22.87
C SER A 172 -32.50 -41.12 -23.59
N GLN A 173 -31.48 -40.73 -24.36
CA GLN A 173 -30.72 -41.67 -25.16
C GLN A 173 -29.96 -42.65 -24.26
N PRO A 174 -29.75 -43.88 -24.70
CA PRO A 174 -29.09 -44.88 -23.86
C PRO A 174 -27.64 -44.49 -23.57
N PHE A 175 -27.20 -44.89 -22.37
CA PHE A 175 -25.85 -44.59 -21.92
C PHE A 175 -24.77 -45.43 -22.60
N LEU A 176 -25.12 -46.58 -23.15
CA LEU A 176 -24.15 -47.51 -23.72
C LEU A 176 -24.27 -47.51 -25.24
N MET A 177 -23.14 -47.52 -25.93
CA MET A 177 -23.07 -47.73 -27.37
C MET A 177 -22.05 -48.80 -27.65
N ASP A 178 -22.37 -49.73 -28.54
CA ASP A 178 -21.50 -50.83 -28.88
C ASP A 178 -21.34 -50.92 -30.40
N LEU A 179 -20.14 -50.60 -30.88
CA LEU A 179 -19.79 -50.75 -32.28
C LEU A 179 -18.70 -51.80 -32.41
N GLU A 180 -18.77 -52.59 -33.48
CA GLU A 180 -17.82 -53.66 -33.72
C GLU A 180 -17.38 -53.64 -35.17
N GLY A 181 -16.09 -53.85 -35.40
CA GLY A 181 -15.56 -53.94 -36.74
C GLY A 181 -15.73 -55.33 -37.33
N LYS A 182 -16.98 -55.81 -37.33
CA LYS A 182 -17.33 -57.16 -37.78
C LYS A 182 -16.59 -58.23 -36.98
N GLN A 183 -16.30 -57.93 -35.71
CA GLN A 183 -15.59 -58.87 -34.85
C GLN A 183 -15.87 -58.52 -33.40
N GLY A 184 -15.71 -59.52 -32.53
CA GLY A 184 -15.86 -59.32 -31.10
C GLY A 184 -14.64 -58.77 -30.42
N ASN A 185 -13.55 -58.54 -31.16
CA ASN A 185 -12.34 -57.97 -30.59
C ASN A 185 -12.57 -56.55 -30.06
N PHE A 186 -13.37 -55.75 -30.75
CA PHE A 186 -13.66 -54.37 -30.35
C PHE A 186 -14.70 -54.37 -29.23
N LYS A 187 -14.37 -55.10 -28.16
CA LYS A 187 -15.19 -55.10 -26.96
C LYS A 187 -14.97 -53.81 -26.18
N ASN A 188 -15.71 -52.77 -26.54
CA ASN A 188 -15.41 -51.42 -26.06
C ASN A 188 -15.61 -51.31 -24.56
N LEU A 189 -14.83 -50.43 -23.94
CA LEU A 189 -14.93 -50.10 -22.53
C LEU A 189 -15.90 -48.94 -22.35
N ARG A 190 -16.52 -48.88 -21.17
CA ARG A 190 -17.46 -47.81 -20.83
C ARG A 190 -17.13 -47.29 -19.43
N GLU A 191 -16.50 -46.12 -19.38
CA GLU A 191 -16.16 -45.48 -18.11
C GLU A 191 -17.32 -44.63 -17.63
N PHE A 192 -17.48 -44.57 -16.31
CA PHE A 192 -18.54 -43.77 -15.70
C PHE A 192 -18.04 -43.23 -14.38
N VAL A 193 -18.21 -41.93 -14.16
CA VAL A 193 -17.98 -41.31 -12.87
C VAL A 193 -19.23 -40.55 -12.47
N PHE A 194 -19.64 -40.72 -11.22
CA PHE A 194 -20.83 -40.06 -10.68
C PHE A 194 -20.43 -39.25 -9.46
N LYS A 195 -21.17 -38.18 -9.21
CA LYS A 195 -21.01 -37.42 -7.97
C LYS A 195 -22.29 -36.65 -7.69
N ASN A 196 -22.43 -36.21 -6.44
CA ASN A 196 -23.65 -35.58 -5.94
C ASN A 196 -23.32 -34.28 -5.23
N ILE A 197 -22.51 -33.44 -5.88
CA ILE A 197 -22.21 -32.13 -5.32
C ILE A 197 -23.46 -31.26 -5.37
N ASP A 198 -23.86 -30.74 -4.21
CA ASP A 198 -25.10 -29.98 -4.02
C ASP A 198 -26.26 -30.57 -4.81
N GLY A 199 -26.47 -31.88 -4.63
CA GLY A 199 -27.42 -32.59 -5.45
C GLY A 199 -26.88 -32.68 -6.87
N TYR A 200 -27.72 -32.34 -7.84
CA TYR A 200 -27.33 -32.18 -9.24
C TYR A 200 -26.48 -33.37 -9.71
N PHE A 201 -27.11 -34.55 -9.71
CA PHE A 201 -26.40 -35.77 -10.08
C PHE A 201 -25.81 -35.64 -11.47
N LYS A 202 -24.52 -35.91 -11.59
CA LYS A 202 -23.78 -35.75 -12.84
C LYS A 202 -23.22 -37.09 -13.25
N ILE A 203 -23.34 -37.40 -14.54
CA ILE A 203 -22.83 -38.64 -15.11
C ILE A 203 -21.96 -38.30 -16.30
N TYR A 204 -20.75 -38.85 -16.31
CA TYR A 204 -19.79 -38.64 -17.39
C TYR A 204 -19.43 -40.00 -17.97
N SER A 205 -19.60 -40.16 -19.29
CA SER A 205 -19.36 -41.43 -19.96
C SER A 205 -18.47 -41.21 -21.18
N LYS A 206 -17.66 -42.22 -21.48
CA LYS A 206 -16.76 -42.17 -22.63
C LYS A 206 -16.41 -43.61 -23.00
N HIS A 207 -16.59 -43.98 -24.26
CA HIS A 207 -16.45 -45.36 -24.70
C HIS A 207 -15.22 -45.49 -25.60
N THR A 208 -14.28 -46.34 -25.20
CA THR A 208 -13.08 -46.65 -25.94
C THR A 208 -13.04 -48.14 -26.33
N PRO A 209 -12.74 -48.44 -27.59
CA PRO A 209 -12.63 -49.84 -28.02
C PRO A 209 -11.49 -50.63 -27.38
N ILE A 210 -10.61 -49.96 -26.63
CA ILE A 210 -9.50 -50.58 -25.89
C ILE A 210 -8.51 -51.25 -26.83
N ILE A 211 -7.45 -51.79 -26.25
CA ILE A 211 -6.42 -52.55 -26.93
C ILE A 211 -6.39 -53.93 -26.28
N GLY A 212 -5.42 -54.77 -26.65
CA GLY A 212 -5.39 -56.13 -26.14
C GLY A 212 -5.44 -56.21 -24.62
N ARG A 213 -4.97 -55.16 -23.94
CA ARG A 213 -5.05 -55.11 -22.48
C ARG A 213 -6.48 -54.89 -22.01
N ASP A 214 -6.69 -54.79 -20.70
CA ASP A 214 -8.03 -54.61 -20.16
C ASP A 214 -8.22 -53.20 -19.62
N PHE A 215 -7.37 -52.78 -18.69
CA PHE A 215 -7.39 -51.40 -18.24
C PHE A 215 -6.15 -50.71 -18.79
N PRO A 216 -6.29 -49.87 -19.80
CA PRO A 216 -5.11 -49.29 -20.46
C PRO A 216 -4.50 -48.14 -19.68
N GLN A 217 -3.44 -47.56 -20.23
CA GLN A 217 -2.76 -46.44 -19.58
C GLN A 217 -2.87 -45.20 -20.45
N GLY A 218 -3.28 -45.37 -21.70
CA GLY A 218 -3.47 -44.23 -22.57
C GLY A 218 -4.55 -43.29 -22.05
N PHE A 219 -4.30 -42.00 -22.19
CA PHE A 219 -5.22 -41.00 -21.67
C PHE A 219 -6.50 -40.97 -22.49
N SER A 220 -7.63 -40.80 -21.80
CA SER A 220 -8.93 -40.73 -22.46
C SER A 220 -9.76 -39.70 -21.72
N ALA A 221 -9.96 -38.54 -22.34
CA ALA A 221 -10.84 -37.53 -21.75
C ALA A 221 -12.25 -38.09 -21.60
N LEU A 222 -13.01 -37.47 -20.70
CA LEU A 222 -14.29 -38.01 -20.28
C LEU A 222 -15.31 -36.87 -20.26
N GLU A 223 -16.42 -37.04 -21.01
CA GLU A 223 -17.36 -35.95 -21.28
C GLU A 223 -18.64 -36.10 -20.47
N PRO A 224 -19.27 -34.99 -20.09
CA PRO A 224 -20.55 -35.06 -19.39
C PRO A 224 -21.67 -35.53 -20.30
N LEU A 225 -22.68 -36.16 -19.70
CA LEU A 225 -23.84 -36.65 -20.43
C LEU A 225 -25.14 -36.06 -19.92
N VAL A 226 -25.35 -36.05 -18.59
CA VAL A 226 -26.57 -35.50 -18.01
C VAL A 226 -26.28 -34.93 -16.62
N ASP A 227 -27.13 -34.01 -16.19
CA ASP A 227 -27.02 -33.39 -14.88
C ASP A 227 -28.41 -32.94 -14.45
N LEU A 228 -28.97 -33.58 -13.43
CA LEU A 228 -30.35 -33.35 -13.02
C LEU A 228 -30.43 -33.17 -11.51
N PRO A 229 -31.43 -32.40 -11.04
CA PRO A 229 -31.49 -32.09 -9.60
C PRO A 229 -32.09 -33.20 -8.75
N ILE A 230 -31.26 -34.16 -8.36
CA ILE A 230 -31.74 -35.28 -7.55
C ILE A 230 -32.03 -34.84 -6.11
N GLY A 231 -31.08 -34.14 -5.49
CA GLY A 231 -31.40 -33.55 -4.17
C GLY A 231 -31.88 -34.62 -3.22
N ILE A 232 -31.25 -35.79 -3.30
CA ILE A 232 -31.61 -36.95 -2.43
C ILE A 232 -30.33 -37.49 -1.81
N ASN A 233 -30.37 -37.88 -0.54
CA ASN A 233 -29.29 -38.67 0.10
C ASN A 233 -28.72 -39.70 -0.89
N ILE A 234 -27.41 -39.71 -1.12
CA ILE A 234 -26.82 -40.89 -1.74
C ILE A 234 -25.66 -41.38 -0.88
N THR A 235 -25.77 -42.60 -0.35
CA THR A 235 -24.74 -43.14 0.51
C THR A 235 -24.30 -44.53 0.04
N ARG A 236 -25.23 -45.30 -0.51
CA ARG A 236 -24.95 -46.67 -0.93
C ARG A 236 -25.09 -46.80 -2.45
N PHE A 237 -24.45 -47.82 -2.98
CA PHE A 237 -24.30 -47.97 -4.43
C PHE A 237 -24.35 -49.46 -4.78
N GLN A 238 -25.07 -49.77 -5.87
CA GLN A 238 -25.23 -51.15 -6.30
C GLN A 238 -25.38 -51.17 -7.82
N THR A 239 -25.08 -52.32 -8.42
CA THR A 239 -25.11 -52.50 -9.86
C THR A 239 -26.20 -53.49 -10.24
N LEU A 240 -26.53 -53.50 -11.53
CA LEU A 240 -27.52 -54.42 -12.09
C LEU A 240 -26.88 -55.30 -13.16
N LEU A 241 -27.35 -56.53 -13.24
CA LEU A 241 -26.78 -57.55 -14.12
C LEU A 241 -27.76 -57.89 -15.24
N ALA A 242 -27.30 -58.73 -16.17
CA ALA A 242 -28.10 -59.15 -17.31
C ALA A 242 -28.39 -60.65 -17.25
N LEU A 243 -29.01 -61.19 -18.29
CA LEU A 243 -29.34 -62.60 -18.39
C LEU A 243 -28.61 -63.23 -19.57
N ASN A 244 -28.12 -64.44 -19.36
CA ASN A 244 -27.38 -65.16 -20.39
C ASN A 244 -27.78 -66.62 -20.38
N ARG A 245 -27.60 -67.27 -21.52
CA ARG A 245 -27.91 -68.69 -21.65
C ARG A 245 -26.86 -69.41 -22.50
N ALA A 262 -13.22 -59.59 -14.81
CA ALA A 262 -12.79 -59.03 -16.09
C ALA A 262 -13.45 -57.69 -16.37
N ASP A 263 -14.14 -57.15 -15.37
CA ASP A 263 -14.94 -55.93 -15.51
C ASP A 263 -15.38 -55.49 -14.12
N TYR A 264 -16.29 -54.51 -14.07
CA TYR A 264 -16.72 -53.80 -12.87
C TYR A 264 -15.56 -53.15 -12.12
N TYR A 265 -14.60 -52.56 -12.84
CA TYR A 265 -13.58 -51.73 -12.22
C TYR A 265 -14.21 -50.51 -11.56
N VAL A 266 -14.03 -50.38 -10.25
CA VAL A 266 -14.63 -49.31 -9.48
C VAL A 266 -13.56 -48.61 -8.65
N GLY A 267 -13.53 -47.28 -8.73
CA GLY A 267 -12.60 -46.50 -7.95
C GLY A 267 -13.35 -45.46 -7.12
N TYR A 268 -12.57 -44.68 -6.37
CA TYR A 268 -13.10 -43.68 -5.46
C TYR A 268 -12.45 -42.34 -5.71
N LEU A 269 -13.16 -41.26 -5.38
CA LEU A 269 -12.69 -39.90 -5.65
C LEU A 269 -12.41 -39.16 -4.35
N GLN A 270 -11.29 -38.44 -4.33
CA GLN A 270 -10.91 -37.56 -3.23
C GLN A 270 -10.65 -36.17 -3.79
N PRO A 271 -10.85 -35.12 -2.98
CA PRO A 271 -10.59 -33.76 -3.45
C PRO A 271 -9.09 -33.52 -3.61
N ARG A 272 -8.66 -33.36 -4.86
CA ARG A 272 -7.26 -33.12 -5.18
C ARG A 272 -7.16 -31.99 -6.20
N THR A 273 -5.95 -31.47 -6.35
CA THR A 273 -5.65 -30.44 -7.33
C THR A 273 -5.07 -31.09 -8.58
N PHE A 274 -5.59 -30.70 -9.74
CA PHE A 274 -5.17 -31.26 -11.01
C PHE A 274 -4.81 -30.13 -11.98
N LEU A 275 -3.89 -30.45 -12.89
CA LEU A 275 -3.58 -29.59 -14.03
C LEU A 275 -3.87 -30.39 -15.28
N LEU A 276 -4.54 -29.77 -16.25
CA LEU A 276 -4.90 -30.43 -17.49
C LEU A 276 -4.30 -29.69 -18.67
N LYS A 277 -3.68 -30.44 -19.57
CA LYS A 277 -3.12 -29.88 -20.79
C LYS A 277 -4.19 -29.93 -21.87
N TYR A 278 -4.80 -28.77 -22.13
CA TYR A 278 -5.89 -28.69 -23.09
C TYR A 278 -5.34 -28.66 -24.51
N ASN A 279 -6.09 -29.18 -25.49
CA ASN A 279 -5.55 -29.25 -26.89
C ASN A 279 -5.58 -27.90 -27.60
N GLU A 280 -5.55 -27.93 -28.94
CA GLU A 280 -5.71 -26.69 -29.74
C GLU A 280 -7.21 -26.54 -29.97
N ASN A 281 -7.83 -27.50 -30.67
CA ASN A 281 -9.32 -27.47 -30.78
C ASN A 281 -9.77 -27.32 -29.33
N GLY A 282 -9.49 -28.30 -28.48
CA GLY A 282 -9.69 -28.11 -27.03
C GLY A 282 -9.98 -29.42 -26.32
N THR A 283 -9.26 -30.48 -26.68
CA THR A 283 -9.53 -31.79 -26.07
C THR A 283 -8.44 -32.10 -25.05
N ILE A 284 -8.75 -32.87 -24.02
CA ILE A 284 -7.74 -33.07 -22.99
C ILE A 284 -6.71 -34.05 -23.52
N THR A 285 -5.44 -33.62 -23.50
CA THR A 285 -4.33 -34.42 -24.00
C THR A 285 -3.50 -35.06 -22.89
N ASP A 286 -3.12 -34.29 -21.88
CA ASP A 286 -2.33 -34.82 -20.78
C ASP A 286 -2.72 -34.11 -19.49
N ALA A 287 -2.56 -34.82 -18.37
CA ALA A 287 -2.84 -34.26 -17.06
C ALA A 287 -1.82 -34.79 -16.06
N VAL A 288 -1.55 -33.99 -15.03
CA VAL A 288 -0.58 -34.34 -14.00
C VAL A 288 -1.20 -34.07 -12.64
N ASP A 289 -1.18 -35.06 -11.77
CA ASP A 289 -1.62 -34.90 -10.39
C ASP A 289 -0.59 -34.07 -9.63
N CYS A 290 -1.05 -33.29 -8.65
CA CYS A 290 -0.18 -32.45 -7.85
C CYS A 290 0.22 -33.11 -6.53
N ALA A 291 -0.19 -34.35 -6.30
CA ALA A 291 0.14 -35.05 -5.07
C ALA A 291 0.59 -36.47 -5.38
N LEU A 292 1.44 -36.63 -6.40
CA LEU A 292 1.92 -37.93 -6.81
C LEU A 292 3.43 -38.06 -6.64
N ASP A 293 4.18 -37.11 -7.20
CA ASP A 293 5.67 -37.13 -7.11
C ASP A 293 6.16 -35.73 -6.71
N PRO A 294 7.35 -35.59 -6.09
CA PRO A 294 7.86 -34.28 -5.66
C PRO A 294 8.04 -33.32 -6.85
N LEU A 295 8.48 -33.84 -8.00
CA LEU A 295 8.75 -32.97 -9.19
C LEU A 295 7.45 -32.27 -9.61
N SER A 296 6.31 -32.93 -9.48
CA SER A 296 5.01 -32.33 -9.92
C SER A 296 4.76 -31.02 -9.16
N GLU A 297 5.17 -30.97 -7.89
CA GLU A 297 4.93 -29.76 -7.05
C GLU A 297 5.58 -28.54 -7.72
N THR A 298 6.81 -28.68 -8.22
CA THR A 298 7.51 -27.57 -8.91
C THR A 298 6.69 -27.14 -10.13
N LYS A 299 6.43 -28.07 -11.06
CA LYS A 299 5.63 -27.76 -12.23
C LYS A 299 4.35 -27.03 -11.84
N CYS A 300 3.77 -27.39 -10.70
CA CYS A 300 2.53 -26.74 -10.26
C CYS A 300 2.80 -25.31 -9.82
N THR A 301 3.82 -25.08 -9.00
CA THR A 301 4.08 -23.74 -8.49
C THR A 301 4.77 -22.84 -9.52
N LEU A 302 5.18 -23.40 -10.65
CA LEU A 302 5.85 -22.68 -11.74
C LEU A 302 5.13 -22.96 -13.04
N LYS A 303 3.82 -22.68 -13.07
CA LYS A 303 2.89 -23.28 -14.03
C LYS A 303 3.46 -23.34 -15.45
N SER A 304 3.70 -24.57 -15.91
CA SER A 304 4.41 -24.86 -17.15
C SER A 304 4.45 -26.37 -17.32
N PHE A 305 5.12 -26.85 -18.37
CA PHE A 305 5.47 -28.26 -18.45
C PHE A 305 6.95 -28.52 -18.56
N THR A 306 7.72 -27.52 -19.00
CA THR A 306 9.19 -27.68 -19.15
C THR A 306 9.90 -26.90 -18.03
N VAL A 307 9.96 -27.48 -16.84
CA VAL A 307 10.70 -26.83 -15.71
C VAL A 307 12.17 -26.75 -16.09
N GLU A 308 12.76 -25.55 -16.01
CA GLU A 308 14.18 -25.37 -16.43
C GLU A 308 15.11 -25.88 -15.32
N LYS A 309 16.40 -26.06 -15.63
CA LYS A 309 17.38 -26.51 -14.61
C LYS A 309 17.53 -25.41 -13.55
N GLY A 310 17.55 -25.80 -12.27
CA GLY A 310 17.74 -24.81 -11.20
C GLY A 310 17.08 -25.22 -9.90
N ILE A 311 17.07 -24.33 -8.90
CA ILE A 311 16.46 -24.62 -7.61
C ILE A 311 15.24 -23.74 -7.44
N TYR A 312 14.15 -24.33 -6.96
CA TYR A 312 12.87 -23.57 -6.87
C TYR A 312 12.16 -23.83 -5.54
N GLN A 313 11.92 -22.77 -4.76
CA GLN A 313 11.16 -22.87 -3.52
C GLN A 313 9.69 -23.03 -3.87
N THR A 314 9.08 -24.12 -3.39
CA THR A 314 7.71 -24.46 -3.78
C THR A 314 6.72 -24.35 -2.63
N SER A 315 6.95 -25.04 -1.52
CA SER A 315 5.99 -25.07 -0.42
C SER A 315 6.76 -25.24 0.88
N ASN A 316 6.04 -25.42 1.98
CA ASN A 316 6.64 -25.62 3.29
C ASN A 316 6.19 -26.95 3.86
N PHE A 317 7.11 -27.62 4.55
CA PHE A 317 6.86 -28.88 5.23
C PHE A 317 6.54 -28.62 6.68
N ARG A 318 5.68 -29.45 7.26
CA ARG A 318 5.31 -29.36 8.66
C ARG A 318 5.13 -30.75 9.24
N VAL A 319 5.57 -30.93 10.49
CA VAL A 319 5.32 -32.24 11.16
C VAL A 319 3.89 -32.20 11.72
N GLN A 320 3.13 -33.27 11.53
CA GLN A 320 1.72 -33.27 11.99
C GLN A 320 1.65 -33.79 13.44
N PRO A 321 1.00 -33.07 14.39
CA PRO A 321 0.86 -33.54 15.76
C PRO A 321 0.41 -35.00 15.78
N THR A 322 1.19 -35.88 16.42
CA THR A 322 0.87 -37.32 16.46
C THR A 322 -0.46 -37.54 17.20
N GLU A 323 -0.63 -36.92 18.36
CA GLU A 323 -1.86 -37.13 19.17
C GLU A 323 -2.51 -35.79 19.50
N SER A 324 -3.29 -35.74 20.59
CA SER A 324 -3.93 -34.49 21.01
C SER A 324 -4.24 -34.61 22.50
N ILE A 325 -3.38 -34.04 23.33
CA ILE A 325 -3.54 -34.08 24.78
C ILE A 325 -4.32 -32.84 25.22
N VAL A 326 -5.26 -33.04 26.13
CA VAL A 326 -6.00 -31.95 26.76
C VAL A 326 -5.85 -32.08 28.27
N ARG A 327 -5.58 -30.95 28.92
CA ARG A 327 -5.39 -30.91 30.37
C ARG A 327 -6.27 -29.81 30.94
N PHE A 328 -7.15 -30.17 31.87
CA PHE A 328 -8.12 -29.27 32.45
C PHE A 328 -8.06 -29.35 33.98
N PRO A 329 -8.72 -28.41 34.70
CA PRO A 329 -8.71 -28.45 36.17
C PRO A 329 -8.96 -29.82 36.78
N ASN A 330 -8.38 -30.03 37.96
CA ASN A 330 -8.39 -31.34 38.60
C ASN A 330 -9.79 -31.77 39.03
N VAL A 331 -10.65 -30.83 39.40
CA VAL A 331 -11.96 -31.15 39.92
C VAL A 331 -12.94 -31.40 38.78
N THR A 332 -14.06 -32.03 39.11
CA THR A 332 -15.14 -32.32 38.16
C THR A 332 -16.49 -32.02 38.79
N ASN A 333 -16.54 -30.97 39.60
CA ASN A 333 -17.76 -30.60 40.31
C ASN A 333 -18.68 -29.81 39.41
N LEU A 334 -19.95 -30.20 39.35
CA LEU A 334 -20.92 -29.54 38.50
C LEU A 334 -21.22 -28.13 39.00
N CYS A 335 -21.48 -27.22 38.07
CA CYS A 335 -21.73 -25.83 38.41
C CYS A 335 -23.13 -25.66 38.99
N PRO A 336 -23.35 -24.59 39.77
CA PRO A 336 -24.66 -24.38 40.40
C PRO A 336 -25.70 -23.76 39.49
N PHE A 337 -25.49 -23.86 38.18
CA PHE A 337 -26.43 -23.33 37.18
C PHE A 337 -27.87 -23.71 37.50
N HIS A 338 -28.08 -24.98 37.87
CA HIS A 338 -29.42 -25.45 38.19
C HIS A 338 -30.05 -24.62 39.30
N GLU A 339 -29.34 -24.45 40.42
CA GLU A 339 -29.87 -23.65 41.52
C GLU A 339 -30.20 -22.23 41.07
N VAL A 340 -29.45 -21.70 40.10
CA VAL A 340 -29.79 -20.40 39.53
C VAL A 340 -31.12 -20.50 38.77
N PHE A 341 -31.39 -21.63 38.13
CA PHE A 341 -32.55 -21.75 37.27
C PHE A 341 -33.87 -21.99 37.99
N ASN A 342 -33.91 -22.89 38.98
CA ASN A 342 -35.18 -23.10 39.69
C ASN A 342 -35.23 -22.44 41.05
N ALA A 343 -34.66 -21.25 41.19
CA ALA A 343 -35.09 -20.37 42.27
C ALA A 343 -36.52 -19.93 42.00
N THR A 344 -37.25 -19.63 43.07
CA THR A 344 -38.64 -19.22 42.93
C THR A 344 -38.87 -17.73 43.08
N ARG A 345 -37.83 -16.94 43.34
CA ARG A 345 -37.95 -15.52 43.61
C ARG A 345 -36.91 -14.72 42.85
N PHE A 346 -36.81 -14.95 41.53
CA PHE A 346 -35.97 -14.12 40.68
C PHE A 346 -36.23 -12.64 40.95
N ALA A 347 -35.19 -11.95 41.43
CA ALA A 347 -35.33 -10.55 41.81
C ALA A 347 -35.62 -9.68 40.58
N SER A 348 -36.31 -8.58 40.82
CA SER A 348 -36.68 -7.67 39.74
C SER A 348 -35.46 -6.96 39.18
N VAL A 349 -35.65 -6.26 38.07
CA VAL A 349 -34.53 -5.68 37.34
C VAL A 349 -33.90 -4.54 38.14
N TYR A 350 -34.70 -3.78 38.88
CA TYR A 350 -34.17 -2.64 39.61
C TYR A 350 -33.18 -3.06 40.69
N ALA A 351 -33.29 -4.28 41.19
CA ALA A 351 -32.33 -4.87 42.12
C ALA A 351 -31.99 -6.25 41.57
N TRP A 352 -30.92 -6.35 40.79
CA TRP A 352 -30.60 -7.66 40.18
C TRP A 352 -29.88 -8.57 41.19
N ASN A 353 -30.56 -9.61 41.69
CA ASN A 353 -29.88 -10.61 42.56
C ASN A 353 -28.70 -11.17 41.77
N ARG A 354 -27.48 -11.12 42.31
CA ARG A 354 -26.29 -11.53 41.53
C ARG A 354 -25.76 -12.88 42.01
N THR A 355 -25.29 -13.73 41.07
CA THR A 355 -24.70 -14.97 41.55
C THR A 355 -23.36 -15.20 40.85
N ARG A 356 -22.39 -15.71 41.61
CA ARG A 356 -21.05 -15.95 41.12
C ARG A 356 -20.84 -17.44 40.91
N ILE A 357 -20.37 -17.81 39.72
CA ILE A 357 -20.11 -19.20 39.36
C ILE A 357 -18.60 -19.36 39.26
N SER A 358 -18.03 -20.19 40.12
CA SER A 358 -16.58 -20.42 40.12
C SER A 358 -16.28 -21.81 40.65
N ASN A 359 -15.11 -22.32 40.29
CA ASN A 359 -14.60 -23.60 40.78
C ASN A 359 -15.58 -24.74 40.49
N CYS A 360 -15.84 -24.94 39.20
CA CYS A 360 -16.74 -25.98 38.75
C CYS A 360 -16.51 -26.22 37.27
N VAL A 361 -17.15 -27.26 36.74
CA VAL A 361 -17.09 -27.61 35.33
C VAL A 361 -18.42 -27.23 34.70
N ALA A 362 -18.37 -26.42 33.65
CA ALA A 362 -19.57 -25.88 33.01
C ALA A 362 -20.06 -26.87 31.97
N ASP A 363 -21.16 -27.56 32.28
CA ASP A 363 -21.82 -28.48 31.35
C ASP A 363 -23.12 -27.81 30.91
N TYR A 364 -23.17 -27.38 29.65
CA TYR A 364 -24.30 -26.58 29.21
C TYR A 364 -25.54 -27.41 28.90
N SER A 365 -25.43 -28.74 28.94
CA SER A 365 -26.59 -29.59 28.76
C SER A 365 -27.70 -29.20 29.73
N VAL A 366 -27.34 -28.86 30.97
CA VAL A 366 -28.34 -28.50 31.97
C VAL A 366 -29.07 -27.21 31.59
N LEU A 367 -28.36 -26.23 31.01
CA LEU A 367 -29.05 -25.01 30.58
C LEU A 367 -29.87 -25.23 29.31
N TYR A 368 -29.53 -26.22 28.48
CA TYR A 368 -30.48 -26.53 27.41
C TYR A 368 -31.71 -27.27 27.92
N ASN A 369 -31.54 -28.18 28.88
CA ASN A 369 -32.70 -28.90 29.40
C ASN A 369 -33.62 -27.97 30.18
N PHE A 370 -33.07 -27.19 31.10
CA PHE A 370 -33.88 -26.35 31.99
C PHE A 370 -34.26 -25.02 31.32
N ALA A 371 -34.79 -25.09 30.11
CA ALA A 371 -35.10 -23.86 29.38
C ALA A 371 -36.03 -24.08 28.19
N PRO A 372 -37.31 -23.72 28.30
CA PRO A 372 -38.13 -23.56 27.09
C PRO A 372 -37.68 -22.33 26.31
N PHE A 373 -36.56 -22.45 25.59
CA PHE A 373 -35.86 -21.30 25.05
C PHE A 373 -36.74 -20.48 24.13
N PHE A 374 -36.61 -19.16 24.23
CA PHE A 374 -37.30 -18.22 23.35
C PHE A 374 -36.28 -17.29 22.73
N ALA A 375 -35.26 -16.92 23.49
CA ALA A 375 -34.22 -15.99 23.03
C ALA A 375 -32.88 -16.49 23.57
N PHE A 376 -32.05 -17.03 22.69
CA PHE A 376 -30.72 -17.54 23.02
C PHE A 376 -29.64 -16.73 22.31
N LYS A 377 -29.81 -15.42 22.26
CA LYS A 377 -28.87 -14.55 21.57
C LYS A 377 -27.55 -14.49 22.34
N CYS A 378 -26.52 -15.13 21.80
CA CYS A 378 -25.18 -15.08 22.36
C CYS A 378 -24.31 -14.15 21.54
N TYR A 379 -23.66 -13.21 22.21
CA TYR A 379 -22.93 -12.14 21.53
C TYR A 379 -21.44 -12.41 21.44
N GLY A 380 -20.75 -12.56 22.58
CA GLY A 380 -19.30 -12.70 22.52
C GLY A 380 -18.81 -14.10 22.24
N VAL A 381 -19.70 -15.09 22.23
CA VAL A 381 -19.31 -16.50 22.17
C VAL A 381 -20.39 -17.29 21.45
N SER A 382 -20.00 -18.32 20.73
CA SER A 382 -20.94 -19.15 19.96
C SER A 382 -21.75 -20.08 20.87
N PRO A 383 -23.08 -20.04 20.82
CA PRO A 383 -23.88 -20.91 21.71
C PRO A 383 -23.71 -22.40 21.46
N THR A 384 -23.46 -22.83 20.22
CA THR A 384 -23.32 -24.26 19.96
C THR A 384 -22.05 -24.81 20.60
N LYS A 385 -20.94 -24.11 20.42
CA LYS A 385 -19.64 -24.52 20.94
C LYS A 385 -19.34 -23.87 22.29
N LEU A 386 -19.97 -24.40 23.34
CA LEU A 386 -19.90 -23.84 24.70
C LEU A 386 -19.11 -24.72 25.66
N ASN A 387 -18.93 -25.99 25.34
CA ASN A 387 -18.31 -26.94 26.26
C ASN A 387 -16.83 -27.14 26.01
N ASP A 388 -16.21 -26.28 25.20
CA ASP A 388 -14.82 -26.42 24.81
C ASP A 388 -13.95 -25.26 25.31
N LEU A 389 -14.49 -24.40 26.15
CA LEU A 389 -13.79 -23.19 26.58
C LEU A 389 -13.54 -23.21 28.08
N CYS A 390 -12.54 -22.43 28.51
CA CYS A 390 -12.21 -22.24 29.91
C CYS A 390 -12.39 -20.77 30.27
N PHE A 391 -13.35 -20.48 31.15
CA PHE A 391 -13.61 -19.13 31.61
C PHE A 391 -13.00 -18.92 32.99
N THR A 392 -12.57 -17.68 33.24
CA THR A 392 -12.02 -17.35 34.55
C THR A 392 -13.11 -17.36 35.62
N ASN A 393 -14.09 -16.46 35.47
CA ASN A 393 -15.26 -16.44 36.35
C ASN A 393 -16.49 -16.12 35.53
N VAL A 394 -17.65 -16.54 36.04
CA VAL A 394 -18.92 -16.39 35.35
C VAL A 394 -19.86 -15.59 36.24
N TYR A 395 -20.57 -14.63 35.63
CA TYR A 395 -21.62 -13.87 36.31
C TYR A 395 -22.98 -14.33 35.82
N ALA A 396 -23.85 -14.68 36.76
CA ALA A 396 -25.20 -15.16 36.46
C ALA A 396 -26.18 -14.18 37.08
N ASP A 397 -26.70 -13.27 36.26
CA ASP A 397 -27.65 -12.26 36.72
C ASP A 397 -29.05 -12.63 36.24
N SER A 398 -29.97 -12.81 37.18
CA SER A 398 -31.30 -13.30 36.88
C SER A 398 -32.33 -12.24 37.26
N PHE A 399 -33.25 -11.95 36.32
CA PHE A 399 -34.29 -10.97 36.56
C PHE A 399 -35.45 -11.24 35.62
N VAL A 400 -36.66 -11.23 36.16
CA VAL A 400 -37.87 -11.43 35.38
C VAL A 400 -38.36 -10.09 34.85
N ILE A 401 -38.69 -10.05 33.56
CA ILE A 401 -39.01 -8.80 32.87
C ILE A 401 -40.08 -9.07 31.82
N LYS A 402 -40.54 -8.01 31.16
CA LYS A 402 -41.58 -8.08 30.16
C LYS A 402 -41.10 -8.74 28.87
N GLY A 403 -41.95 -8.78 27.85
CA GLY A 403 -41.58 -9.43 26.60
C GLY A 403 -40.64 -8.59 25.76
N ASN A 404 -41.05 -7.37 25.43
CA ASN A 404 -40.22 -6.51 24.59
C ASN A 404 -38.89 -6.17 25.25
N GLU A 405 -38.85 -6.18 26.58
CA GLU A 405 -37.60 -5.92 27.29
C GLU A 405 -36.55 -6.99 27.02
N VAL A 406 -36.94 -8.19 26.59
CA VAL A 406 -35.96 -9.17 26.15
C VAL A 406 -35.23 -8.67 24.91
N SER A 407 -35.97 -8.11 23.95
CA SER A 407 -35.33 -7.46 22.82
C SER A 407 -34.57 -6.22 23.26
N GLN A 408 -34.99 -5.60 24.37
CA GLN A 408 -34.32 -4.40 24.85
C GLN A 408 -32.91 -4.69 25.33
N ILE A 409 -32.70 -5.83 26.00
CA ILE A 409 -31.41 -6.10 26.62
C ILE A 409 -30.42 -6.57 25.55
N ALA A 410 -29.35 -5.80 25.36
CA ALA A 410 -28.23 -6.08 24.48
C ALA A 410 -27.20 -4.96 24.68
N PRO A 411 -25.92 -5.19 24.38
CA PRO A 411 -24.95 -4.09 24.49
C PRO A 411 -25.29 -2.96 23.53
N GLY A 412 -25.07 -1.74 23.99
CA GLY A 412 -25.38 -0.57 23.19
C GLY A 412 -26.85 -0.39 22.86
N GLN A 413 -27.72 -0.61 23.85
CA GLN A 413 -29.17 -0.51 23.66
C GLN A 413 -29.73 0.65 24.47
N THR A 414 -31.06 0.77 24.46
CA THR A 414 -31.74 1.85 25.15
C THR A 414 -33.15 1.40 25.49
N GLY A 415 -33.82 2.21 26.33
CA GLY A 415 -35.16 1.92 26.78
C GLY A 415 -35.36 2.27 28.24
N ASN A 416 -36.60 2.13 28.74
CA ASN A 416 -36.86 2.46 30.13
C ASN A 416 -36.10 1.54 31.07
N ILE A 417 -35.79 0.33 30.63
CA ILE A 417 -35.06 -0.63 31.46
C ILE A 417 -33.58 -0.63 31.12
N ALA A 418 -33.24 -0.55 29.84
CA ALA A 418 -31.83 -0.58 29.44
C ALA A 418 -31.07 0.67 29.85
N ASP A 419 -31.76 1.74 30.21
CA ASP A 419 -31.12 3.01 30.56
C ASP A 419 -31.08 3.29 32.05
N TYR A 420 -32.10 2.87 32.79
CA TYR A 420 -32.16 3.14 34.23
C TYR A 420 -32.27 1.90 35.09
N ASN A 421 -32.39 0.71 34.51
CA ASN A 421 -32.57 -0.51 35.29
C ASN A 421 -31.47 -1.54 35.05
N TYR A 422 -31.05 -1.73 33.79
CA TYR A 422 -29.96 -2.66 33.50
C TYR A 422 -29.33 -2.28 32.17
N LYS A 423 -28.09 -1.77 32.22
CA LYS A 423 -27.30 -1.50 31.03
C LYS A 423 -26.20 -2.55 30.94
N LEU A 424 -26.23 -3.33 29.86
CA LEU A 424 -25.16 -4.29 29.62
C LEU A 424 -23.89 -3.55 29.22
N PRO A 425 -22.71 -4.08 29.54
CA PRO A 425 -21.47 -3.44 29.10
C PRO A 425 -21.37 -3.43 27.58
N ASP A 426 -20.75 -2.39 27.05
CA ASP A 426 -20.60 -2.26 25.60
C ASP A 426 -19.77 -3.41 25.04
N ASP A 427 -18.68 -3.77 25.71
CA ASP A 427 -17.88 -4.94 25.30
C ASP A 427 -18.34 -6.21 26.02
N PHE A 428 -19.65 -6.49 25.95
CA PHE A 428 -20.20 -7.66 26.60
C PHE A 428 -19.77 -8.92 25.86
N THR A 429 -19.31 -9.91 26.61
CA THR A 429 -18.89 -11.20 26.07
C THR A 429 -19.62 -12.29 26.85
N GLY A 430 -20.79 -12.68 26.36
CA GLY A 430 -21.58 -13.68 27.04
C GLY A 430 -22.91 -13.90 26.33
N CYS A 431 -23.83 -14.51 27.06
CA CYS A 431 -25.14 -14.86 26.55
C CYS A 431 -26.23 -14.33 27.46
N VAL A 432 -27.39 -14.04 26.88
CA VAL A 432 -28.60 -13.74 27.64
C VAL A 432 -29.64 -14.79 27.30
N ILE A 433 -30.32 -15.28 28.34
CA ILE A 433 -31.26 -16.40 28.21
C ILE A 433 -32.64 -15.89 28.59
N ALA A 434 -33.63 -16.17 27.74
CA ALA A 434 -35.00 -15.71 27.97
C ALA A 434 -35.97 -16.84 27.66
N TRP A 435 -36.70 -17.29 28.67
CA TRP A 435 -37.79 -18.24 28.50
C TRP A 435 -38.99 -17.77 29.30
N ASN A 436 -40.19 -18.00 28.77
CA ASN A 436 -41.39 -17.49 29.40
C ASN A 436 -41.71 -18.25 30.68
N SER A 437 -42.19 -17.51 31.69
CA SER A 437 -42.58 -18.09 32.97
C SER A 437 -43.88 -17.42 33.40
N ASN A 438 -45.00 -17.98 32.96
CA ASN A 438 -46.32 -17.50 33.36
C ASN A 438 -46.94 -18.35 34.46
N LYS A 439 -46.25 -19.39 34.91
CA LYS A 439 -46.78 -20.29 35.93
C LYS A 439 -46.33 -19.96 37.34
N LEU A 440 -45.23 -19.20 37.48
CA LEU A 440 -44.70 -18.84 38.79
C LEU A 440 -44.78 -17.35 39.10
N ASP A 441 -44.84 -16.49 38.09
CA ASP A 441 -44.93 -15.05 38.28
C ASP A 441 -46.33 -14.54 37.98
N SER A 442 -47.33 -15.39 38.17
CA SER A 442 -48.71 -15.02 37.86
C SER A 442 -49.65 -15.86 38.71
N LYS A 443 -50.74 -15.23 39.14
CA LYS A 443 -51.74 -15.90 39.96
C LYS A 443 -53.05 -15.14 39.84
N HIS A 444 -54.13 -15.80 40.25
CA HIS A 444 -55.44 -15.17 40.21
C HIS A 444 -55.50 -14.01 41.19
N SER A 445 -56.37 -13.04 40.88
CA SER A 445 -56.59 -11.80 41.61
C SER A 445 -55.43 -10.82 41.47
N GLY A 446 -54.38 -11.18 40.77
CA GLY A 446 -53.29 -10.25 40.47
C GLY A 446 -52.04 -10.56 41.29
N ASN A 447 -50.92 -10.05 40.78
CA ASN A 447 -49.63 -10.15 41.47
C ASN A 447 -48.79 -8.96 41.06
N TYR A 448 -48.58 -8.03 42.00
CA TYR A 448 -47.85 -6.79 41.74
C TYR A 448 -46.56 -6.72 42.55
N ASP A 449 -45.99 -7.89 42.87
CA ASP A 449 -44.78 -7.92 43.70
C ASP A 449 -43.59 -7.29 42.98
N TYR A 450 -43.51 -7.48 41.66
CA TYR A 450 -42.33 -7.06 40.92
C TYR A 450 -42.29 -5.55 40.75
N TRP A 451 -41.08 -5.03 40.59
CA TRP A 451 -40.85 -3.59 40.55
C TRP A 451 -39.86 -3.27 39.44
N TYR A 452 -39.86 -2.01 39.01
CA TYR A 452 -38.92 -1.54 38.00
C TYR A 452 -38.85 -0.01 38.06
N ARG A 453 -37.70 0.53 37.66
CA ARG A 453 -37.43 1.95 37.77
C ARG A 453 -37.55 2.61 36.40
N LEU A 454 -38.38 3.66 36.33
CA LEU A 454 -38.43 4.52 35.16
C LEU A 454 -37.83 5.89 35.42
N PHE A 455 -37.36 6.15 36.65
CA PHE A 455 -36.96 7.48 37.09
C PHE A 455 -35.59 7.39 37.75
N ARG A 456 -34.55 7.73 37.00
CA ARG A 456 -33.19 7.77 37.53
C ARG A 456 -32.54 9.10 37.13
N LYS A 457 -31.79 9.68 38.06
CA LYS A 457 -31.23 11.01 37.85
C LYS A 457 -30.24 11.05 36.69
N SER A 458 -29.69 9.92 36.29
CA SER A 458 -28.75 9.86 35.18
C SER A 458 -28.83 8.49 34.53
N LYS A 459 -28.14 8.33 33.40
CA LYS A 459 -28.05 7.03 32.76
C LYS A 459 -27.35 6.04 33.68
N LEU A 460 -27.78 4.78 33.64
CA LEU A 460 -27.23 3.75 34.51
C LEU A 460 -25.95 3.22 33.86
N LYS A 461 -24.84 3.31 34.58
CA LYS A 461 -23.59 2.75 34.11
C LYS A 461 -23.68 1.23 34.03
N PRO A 462 -22.87 0.58 33.20
CA PRO A 462 -22.98 -0.88 33.07
C PRO A 462 -22.59 -1.57 34.37
N PHE A 463 -23.07 -2.81 34.50
CA PHE A 463 -22.88 -3.69 35.66
C PHE A 463 -22.93 -2.90 36.98
N GLU A 464 -23.90 -2.00 37.04
CA GLU A 464 -24.09 -1.24 38.29
C GLU A 464 -25.56 -1.36 38.71
N ARG A 465 -25.77 -1.43 40.02
CA ARG A 465 -27.09 -1.51 40.62
C ARG A 465 -27.40 -0.20 41.34
N ASP A 466 -28.59 0.33 41.10
CA ASP A 466 -28.99 1.61 41.68
C ASP A 466 -30.24 1.46 42.54
N ILE A 467 -30.28 0.43 43.38
CA ILE A 467 -31.40 0.22 44.28
C ILE A 467 -31.47 1.37 45.28
N SER A 468 -32.52 2.19 45.16
CA SER A 468 -32.69 3.35 46.02
C SER A 468 -34.15 3.81 45.94
N THR A 469 -34.57 4.55 46.95
CA THR A 469 -35.92 5.10 47.03
C THR A 469 -35.79 6.62 47.21
N GLU A 470 -35.66 7.33 46.09
CA GLU A 470 -35.58 8.78 46.08
C GLU A 470 -36.48 9.32 44.99
N ILE A 471 -37.35 10.26 45.35
CA ILE A 471 -38.34 10.77 44.41
C ILE A 471 -37.66 11.72 43.43
N TYR A 472 -37.94 11.53 42.14
CA TYR A 472 -37.37 12.40 41.11
C TYR A 472 -37.89 13.82 41.27
N GLN A 473 -36.99 14.79 41.08
CA GLN A 473 -37.37 16.19 41.14
C GLN A 473 -38.01 16.62 39.83
N ALA A 474 -39.09 17.40 39.94
CA ALA A 474 -39.75 18.01 38.79
C ALA A 474 -39.77 19.52 38.97
N GLY A 475 -39.27 20.23 37.97
CA GLY A 475 -39.11 21.66 38.08
C GLY A 475 -37.91 22.02 38.94
N ASN A 476 -38.15 22.68 40.07
CA ASN A 476 -37.07 23.01 41.00
C ASN A 476 -37.47 22.80 42.46
N LYS A 477 -38.66 22.25 42.71
CA LYS A 477 -39.14 22.05 44.07
C LYS A 477 -38.33 20.95 44.77
N PRO A 478 -37.99 21.14 46.04
CA PRO A 478 -37.39 20.06 46.83
C PRO A 478 -38.38 19.03 47.32
N CYS A 479 -39.57 18.97 46.73
CA CYS A 479 -40.65 18.08 47.16
C CYS A 479 -40.17 16.65 47.34
N LYS A 480 -40.54 16.06 48.47
CA LYS A 480 -40.23 14.67 48.81
C LYS A 480 -41.56 13.97 49.09
N GLY A 481 -42.11 13.32 48.08
CA GLY A 481 -43.39 12.65 48.21
C GLY A 481 -43.88 12.16 46.87
N LYS A 482 -45.12 11.68 46.88
CA LYS A 482 -45.76 11.15 45.68
C LYS A 482 -46.89 12.06 45.23
N GLY A 483 -47.20 11.98 43.94
CA GLY A 483 -48.23 12.80 43.35
C GLY A 483 -47.71 13.59 42.16
N PRO A 484 -48.40 14.67 41.80
CA PRO A 484 -47.90 15.53 40.72
C PRO A 484 -46.66 16.28 41.14
N ASN A 485 -45.74 16.44 40.18
CA ASN A 485 -44.48 17.18 40.37
C ASN A 485 -43.56 16.43 41.33
N CYS A 486 -44.04 15.34 41.92
CA CYS A 486 -43.27 14.55 42.88
C CYS A 486 -43.53 13.07 42.55
N TYR A 487 -42.67 12.50 41.71
CA TYR A 487 -42.89 11.18 41.14
C TYR A 487 -42.04 10.14 41.85
N PHE A 488 -42.67 9.04 42.25
CA PHE A 488 -41.95 7.94 42.88
C PHE A 488 -41.04 7.27 41.86
N PRO A 489 -39.79 6.97 42.22
CA PRO A 489 -38.82 6.53 41.20
C PRO A 489 -39.20 5.25 40.47
N LEU A 490 -39.80 4.29 41.16
CA LEU A 490 -39.99 2.95 40.61
C LEU A 490 -41.46 2.54 40.67
N GLN A 491 -41.92 1.88 39.60
CA GLN A 491 -43.30 1.41 39.50
C GLN A 491 -43.32 -0.11 39.52
N SER A 492 -44.52 -0.67 39.34
CA SER A 492 -44.76 -2.09 39.55
C SER A 492 -44.90 -2.84 38.22
N TYR A 493 -44.25 -4.00 38.15
CA TYR A 493 -44.51 -4.98 37.09
C TYR A 493 -45.64 -5.92 37.51
N GLY A 494 -46.83 -5.34 37.67
CA GLY A 494 -48.00 -6.11 38.04
C GLY A 494 -48.29 -7.20 37.03
N PHE A 495 -48.37 -8.44 37.50
CA PHE A 495 -48.42 -9.60 36.61
C PHE A 495 -49.62 -10.47 36.95
N ARG A 496 -50.35 -10.89 35.93
CA ARG A 496 -51.48 -11.79 36.00
C ARG A 496 -51.33 -12.84 34.91
N PRO A 497 -52.00 -13.99 35.05
CA PRO A 497 -51.84 -15.05 34.05
C PRO A 497 -52.47 -14.74 32.69
N THR A 498 -52.94 -13.51 32.51
CA THR A 498 -53.63 -13.11 31.28
C THR A 498 -52.97 -11.84 30.73
N TYR A 499 -52.15 -12.01 29.69
CA TYR A 499 -51.56 -10.89 28.96
C TYR A 499 -51.38 -11.30 27.51
N GLY A 500 -50.83 -10.38 26.72
CA GLY A 500 -50.36 -10.70 25.39
C GLY A 500 -48.95 -11.26 25.42
N VAL A 501 -48.43 -11.56 24.24
CA VAL A 501 -47.10 -12.17 24.13
C VAL A 501 -46.04 -11.25 24.72
N GLY A 502 -46.11 -9.96 24.39
CA GLY A 502 -45.11 -9.00 24.83
C GLY A 502 -45.28 -8.52 26.25
N HIS A 503 -46.34 -8.95 26.95
CA HIS A 503 -46.60 -8.49 28.31
C HIS A 503 -46.66 -9.64 29.31
N GLN A 504 -46.17 -10.82 28.93
CA GLN A 504 -46.09 -11.94 29.85
C GLN A 504 -44.85 -11.83 30.73
N PRO A 505 -44.87 -12.45 31.91
CA PRO A 505 -43.70 -12.40 32.82
C PRO A 505 -42.54 -13.26 32.32
N TYR A 506 -41.79 -12.72 31.36
CA TYR A 506 -40.65 -13.42 30.80
C TYR A 506 -39.54 -13.53 31.82
N ARG A 507 -38.89 -14.69 31.87
CA ARG A 507 -37.78 -14.94 32.79
C ARG A 507 -36.47 -14.79 32.02
N VAL A 508 -35.59 -13.93 32.54
CA VAL A 508 -34.35 -13.58 31.86
C VAL A 508 -33.18 -13.78 32.81
N VAL A 509 -32.18 -14.53 32.37
CA VAL A 509 -30.91 -14.67 33.07
C VAL A 509 -29.79 -14.45 32.06
N VAL A 510 -28.79 -13.66 32.44
CA VAL A 510 -27.70 -13.29 31.55
C VAL A 510 -26.41 -13.90 32.10
N LEU A 511 -25.56 -14.36 31.19
CA LEU A 511 -24.27 -14.95 31.53
C LEU A 511 -23.17 -14.03 31.02
N SER A 512 -22.28 -13.62 31.92
CA SER A 512 -21.15 -12.78 31.58
C SER A 512 -19.85 -13.58 31.77
N PHE A 513 -19.06 -13.67 30.72
CA PHE A 513 -17.79 -14.39 30.76
C PHE A 513 -16.63 -13.41 30.66
N GLU A 514 -15.43 -13.91 30.95
CA GLU A 514 -14.19 -13.15 30.89
C GLU A 514 -13.16 -14.01 30.17
N LEU A 515 -13.11 -13.89 28.84
CA LEU A 515 -12.22 -14.71 28.02
C LEU A 515 -10.94 -13.94 27.76
N LEU A 516 -10.13 -13.82 28.81
CA LEU A 516 -8.83 -13.18 28.75
C LEU A 516 -7.77 -14.14 29.26
N HIS A 517 -6.51 -13.74 29.15
CA HIS A 517 -5.39 -14.57 29.59
C HIS A 517 -5.34 -14.53 31.11
N ALA A 518 -5.82 -15.60 31.74
CA ALA A 518 -5.87 -15.70 33.20
C ALA A 518 -6.00 -17.17 33.56
N PRO A 519 -5.62 -17.55 34.79
CA PRO A 519 -5.81 -18.95 35.20
C PRO A 519 -7.28 -19.27 35.40
N ALA A 520 -7.83 -20.05 34.47
CA ALA A 520 -9.27 -20.30 34.46
C ALA A 520 -9.68 -21.21 35.61
N THR A 521 -10.89 -20.99 36.12
CA THR A 521 -11.47 -21.83 37.16
C THR A 521 -12.70 -22.60 36.68
N VAL A 522 -13.32 -22.19 35.58
CA VAL A 522 -14.49 -22.86 35.03
C VAL A 522 -14.16 -23.32 33.62
N CYS A 523 -14.42 -24.59 33.35
CA CYS A 523 -14.11 -25.18 32.04
C CYS A 523 -15.22 -26.15 31.66
N GLY A 524 -15.14 -26.65 30.43
CA GLY A 524 -16.10 -27.60 29.92
C GLY A 524 -15.76 -29.02 30.30
N PRO A 525 -16.72 -29.94 30.09
CA PRO A 525 -16.47 -31.35 30.45
C PRO A 525 -15.61 -32.08 29.43
N LYS A 526 -14.36 -32.35 29.79
CA LYS A 526 -13.44 -33.08 28.94
C LYS A 526 -12.64 -34.06 29.78
N LYS A 527 -12.03 -35.04 29.10
CA LYS A 527 -11.24 -36.08 29.74
C LYS A 527 -9.76 -35.70 29.63
N SER A 528 -9.16 -35.36 30.76
CA SER A 528 -7.74 -34.97 30.79
C SER A 528 -6.88 -36.18 30.49
N THR A 529 -6.22 -36.17 29.34
CA THR A 529 -5.34 -37.27 28.94
C THR A 529 -3.98 -37.13 29.62
N ASN A 530 -3.03 -37.95 29.21
CA ASN A 530 -1.72 -38.00 29.83
C ASN A 530 -0.82 -36.90 29.26
N LEU A 531 0.45 -36.93 29.65
CA LEU A 531 1.44 -35.95 29.21
C LEU A 531 2.48 -36.67 28.35
N VAL A 532 2.71 -36.16 27.15
CA VAL A 532 3.70 -36.70 26.22
C VAL A 532 4.69 -35.60 25.89
N LYS A 533 5.98 -35.90 26.04
CA LYS A 533 7.03 -34.94 25.77
C LYS A 533 7.85 -35.36 24.55
N ASN A 534 8.61 -34.40 24.03
CA ASN A 534 9.48 -34.61 22.86
C ASN A 534 8.70 -35.19 21.69
N LYS A 535 7.53 -34.61 21.42
CA LYS A 535 6.69 -35.07 20.28
C LYS A 535 5.65 -33.98 19.98
N CYS A 536 5.75 -33.34 18.81
CA CYS A 536 4.76 -32.30 18.42
C CYS A 536 3.34 -32.85 18.63
N VAL A 537 2.51 -32.14 19.39
CA VAL A 537 1.15 -32.67 19.70
C VAL A 537 0.21 -31.49 19.96
N ASN A 538 -1.07 -31.61 19.57
CA ASN A 538 -2.02 -30.55 19.87
C ASN A 538 -2.34 -30.56 21.36
N PHE A 539 -2.24 -29.40 21.99
CA PHE A 539 -2.48 -29.27 23.41
C PHE A 539 -3.62 -28.30 23.67
N ASN A 540 -4.36 -28.54 24.75
CA ASN A 540 -5.47 -27.71 25.19
C ASN A 540 -5.31 -27.36 26.66
N PHE A 541 -4.12 -26.90 27.02
CA PHE A 541 -3.78 -26.63 28.41
C PHE A 541 -4.63 -25.48 28.94
N ASN A 542 -5.63 -25.80 29.74
CA ASN A 542 -6.51 -24.81 30.37
C ASN A 542 -7.13 -23.88 29.35
N GLY A 543 -7.54 -24.45 28.21
CA GLY A 543 -8.19 -23.69 27.17
C GLY A 543 -7.26 -22.90 26.26
N LEU A 544 -5.95 -23.04 26.43
CA LEU A 544 -4.97 -22.35 25.59
C LEU A 544 -4.57 -23.30 24.48
N THR A 545 -5.48 -23.47 23.51
CA THR A 545 -5.27 -24.43 22.43
C THR A 545 -4.09 -24.02 21.54
N GLY A 546 -3.47 -25.02 20.94
CA GLY A 546 -2.31 -24.77 20.11
C GLY A 546 -1.65 -26.09 19.72
N THR A 547 -0.41 -26.00 19.24
CA THR A 547 0.37 -27.22 18.89
C THR A 547 1.85 -26.94 19.11
N GLY A 548 2.61 -27.93 19.59
CA GLY A 548 4.06 -27.74 19.81
C GLY A 548 4.68 -28.91 20.55
N VAL A 549 5.97 -28.81 20.89
CA VAL A 549 6.69 -29.90 21.61
C VAL A 549 6.84 -29.52 23.08
N LEU A 550 6.32 -30.35 23.99
CA LEU A 550 6.45 -30.08 25.42
C LEU A 550 7.68 -30.78 25.98
N THR A 551 8.25 -30.19 27.02
CA THR A 551 9.49 -30.70 27.61
C THR A 551 9.62 -30.14 29.02
N LYS A 552 10.55 -30.70 29.78
CA LYS A 552 10.88 -30.17 31.08
C LYS A 552 11.66 -28.86 30.94
N SER A 553 11.46 -27.97 31.91
CA SER A 553 12.13 -26.68 31.91
C SER A 553 12.84 -26.46 33.24
N ASN A 554 13.85 -25.60 33.22
CA ASN A 554 14.65 -25.27 34.40
C ASN A 554 14.24 -23.90 34.93
N LYS A 555 13.23 -23.30 34.30
CA LYS A 555 12.78 -21.96 34.64
C LYS A 555 12.34 -21.86 36.10
N LYS A 556 12.11 -20.70 36.68
CA LYS A 556 11.82 -20.84 38.14
C LYS A 556 10.50 -20.15 38.49
N PHE A 557 9.48 -20.37 37.67
CA PHE A 557 8.13 -19.78 37.90
C PHE A 557 7.80 -19.67 39.39
N LEU A 558 7.46 -18.47 39.85
CA LEU A 558 7.02 -18.30 41.26
C LEU A 558 5.60 -18.88 41.38
N PRO A 559 5.12 -19.27 42.58
CA PRO A 559 3.80 -19.92 42.70
C PRO A 559 2.71 -19.21 41.89
N PHE A 560 2.57 -17.89 42.04
CA PHE A 560 1.47 -17.15 41.35
C PHE A 560 1.70 -17.15 39.84
N GLN A 561 2.96 -17.10 39.39
CA GLN A 561 3.27 -17.06 37.94
C GLN A 561 2.58 -18.24 37.26
N GLN A 562 2.01 -18.03 36.07
CA GLN A 562 1.22 -19.12 35.41
C GLN A 562 1.64 -19.29 33.95
N PHE A 563 1.65 -18.22 33.16
CA PHE A 563 1.92 -18.35 31.70
C PHE A 563 3.35 -17.85 31.39
N GLY A 564 3.82 -18.10 30.16
CA GLY A 564 5.11 -17.60 29.76
C GLY A 564 5.02 -16.85 28.46
N ARG A 565 6.02 -16.02 28.19
CA ARG A 565 6.00 -15.16 27.02
C ARG A 565 7.42 -14.69 26.71
N ASP A 566 7.53 -13.87 25.67
CA ASP A 566 8.78 -13.26 25.24
C ASP A 566 8.46 -11.87 24.72
N ILE A 567 9.50 -11.10 24.39
CA ILE A 567 9.34 -9.75 23.87
C ILE A 567 8.43 -9.68 22.65
N VAL A 568 8.16 -10.82 22.00
CA VAL A 568 7.22 -10.86 20.89
C VAL A 568 5.79 -11.12 21.36
N ASP A 569 5.57 -11.29 22.66
CA ASP A 569 4.24 -11.45 23.25
C ASP A 569 3.51 -12.67 22.66
N THR A 570 4.19 -13.81 22.71
CA THR A 570 3.60 -15.09 22.33
C THR A 570 3.87 -16.11 23.43
N THR A 571 2.90 -16.99 23.67
CA THR A 571 3.02 -17.98 24.74
C THR A 571 4.18 -18.92 24.48
N ASP A 572 5.14 -18.94 25.40
CA ASP A 572 6.33 -19.78 25.30
C ASP A 572 6.30 -20.97 26.24
N ALA A 573 5.87 -20.78 27.49
CA ALA A 573 5.82 -21.85 28.46
C ALA A 573 4.50 -21.78 29.23
N VAL A 574 4.04 -22.93 29.71
CA VAL A 574 2.79 -23.02 30.46
C VAL A 574 3.04 -23.89 31.68
N ARG A 575 2.27 -23.61 32.75
CA ARG A 575 2.36 -24.43 33.99
C ARG A 575 1.21 -25.43 33.97
N ASP A 576 1.51 -26.72 34.17
CA ASP A 576 0.50 -27.76 34.11
C ASP A 576 -0.41 -27.66 35.32
N PRO A 577 -1.74 -27.54 35.13
CA PRO A 577 -2.63 -27.44 36.30
C PRO A 577 -2.60 -28.65 37.21
N GLN A 578 -2.35 -29.85 36.68
CA GLN A 578 -2.50 -31.07 37.45
C GLN A 578 -1.19 -31.62 38.00
N THR A 579 -0.05 -31.10 37.57
CA THR A 579 1.24 -31.49 38.17
C THR A 579 2.10 -30.31 38.59
N LEU A 580 1.72 -29.07 38.27
CA LEU A 580 2.42 -27.87 38.72
C LEU A 580 3.89 -27.88 38.32
N GLU A 581 4.14 -28.18 37.05
CA GLU A 581 5.48 -28.16 36.49
C GLU A 581 5.50 -27.26 35.26
N ILE A 582 6.71 -26.93 34.83
CA ILE A 582 6.92 -25.95 33.76
C ILE A 582 7.27 -26.66 32.47
N LEU A 583 6.48 -26.40 31.42
CA LEU A 583 6.67 -27.02 30.11
C LEU A 583 6.75 -25.93 29.06
N ASP A 584 7.65 -26.07 28.10
CA ASP A 584 7.83 -25.08 27.06
C ASP A 584 6.87 -25.34 25.89
N ILE A 585 6.84 -24.39 24.95
CA ILE A 585 6.08 -24.52 23.72
C ILE A 585 6.99 -24.11 22.56
N THR A 586 7.05 -24.96 21.53
CA THR A 586 8.00 -24.69 20.41
C THR A 586 7.31 -24.84 19.06
N PRO A 587 7.91 -24.37 17.94
CA PRO A 587 7.31 -24.58 16.62
C PRO A 587 7.28 -26.09 16.31
N CYS A 588 6.17 -26.55 15.70
CA CYS A 588 6.04 -28.00 15.39
C CYS A 588 7.15 -28.42 14.41
N SER A 589 7.34 -27.65 13.33
CA SER A 589 8.40 -27.93 12.32
C SER A 589 8.35 -26.89 11.20
N PHE A 590 8.39 -25.61 11.56
CA PHE A 590 8.27 -24.53 10.54
C PHE A 590 9.58 -24.38 9.76
N GLY A 591 9.58 -24.77 8.48
CA GLY A 591 10.75 -24.61 7.65
C GLY A 591 10.40 -24.29 6.20
N GLY A 592 11.15 -24.87 5.26
CA GLY A 592 10.90 -24.63 3.86
C GLY A 592 11.38 -25.76 2.98
N VAL A 593 10.71 -25.98 1.85
CA VAL A 593 11.06 -27.05 0.92
C VAL A 593 11.52 -26.42 -0.39
N SER A 594 12.74 -26.73 -0.79
CA SER A 594 13.29 -26.32 -2.07
C SER A 594 13.68 -27.57 -2.85
N VAL A 595 13.31 -27.62 -4.12
CA VAL A 595 13.52 -28.79 -4.96
C VAL A 595 14.63 -28.49 -5.95
N ILE A 596 15.62 -29.36 -6.00
CA ILE A 596 16.73 -29.26 -6.94
C ILE A 596 16.41 -30.16 -8.12
N THR A 597 16.60 -29.64 -9.33
CA THR A 597 16.22 -30.46 -10.50
C THR A 597 16.85 -29.90 -11.78
N PRO A 598 17.57 -30.71 -12.58
CA PRO A 598 18.01 -30.25 -13.89
C PRO A 598 16.79 -30.07 -14.79
N GLY A 599 17.03 -29.53 -15.98
CA GLY A 599 15.93 -29.31 -16.94
C GLY A 599 15.23 -30.61 -17.25
N THR A 600 13.90 -30.62 -17.20
CA THR A 600 13.14 -31.83 -17.50
C THR A 600 13.41 -32.32 -18.92
N ASN A 601 13.87 -31.44 -19.79
CA ASN A 601 14.34 -31.85 -21.11
C ASN A 601 15.63 -32.66 -21.04
N THR A 602 16.30 -32.68 -19.89
CA THR A 602 17.51 -33.47 -19.69
C THR A 602 17.25 -34.76 -18.93
N SER A 603 16.54 -34.69 -17.81
CA SER A 603 16.27 -35.87 -17.01
C SER A 603 15.02 -35.64 -16.17
N ASN A 604 14.74 -36.59 -15.28
CA ASN A 604 13.57 -36.53 -14.43
C ASN A 604 13.88 -36.76 -12.96
N GLN A 605 15.14 -37.02 -12.60
CA GLN A 605 15.48 -37.19 -11.20
C GLN A 605 15.42 -35.86 -10.46
N VAL A 606 15.12 -35.96 -9.15
CA VAL A 606 14.96 -34.72 -8.32
C VAL A 606 15.50 -34.95 -6.91
N ALA A 607 16.26 -33.99 -6.37
CA ALA A 607 16.78 -34.01 -5.02
C ALA A 607 16.18 -32.84 -4.26
N VAL A 608 15.79 -33.08 -3.01
CA VAL A 608 14.99 -32.13 -2.26
C VAL A 608 15.82 -31.53 -1.13
N LEU A 609 15.49 -30.30 -0.75
CA LEU A 609 16.08 -29.61 0.38
C LEU A 609 15.02 -29.49 1.48
N TYR A 610 15.47 -29.34 2.72
CA TYR A 610 14.62 -29.02 3.85
C TYR A 610 15.27 -27.86 4.60
N GLN A 611 14.70 -26.67 4.44
CA GLN A 611 15.36 -25.44 4.85
C GLN A 611 15.46 -25.34 6.36
N GLY A 612 16.69 -25.22 6.86
CA GLY A 612 16.94 -24.86 8.25
C GLY A 612 16.35 -25.81 9.27
N VAL A 613 16.38 -27.11 9.01
CA VAL A 613 15.89 -28.11 9.95
C VAL A 613 16.85 -29.28 9.96
N ASN A 614 17.31 -29.68 11.14
CA ASN A 614 18.05 -30.93 11.27
C ASN A 614 17.18 -32.08 10.77
N CYS A 615 17.66 -32.76 9.75
CA CYS A 615 16.80 -33.75 9.11
C CYS A 615 17.09 -35.17 9.57
N THR A 616 17.76 -35.33 10.71
CA THR A 616 17.52 -36.52 11.53
C THR A 616 16.11 -36.47 12.10
N GLU A 617 15.55 -35.26 12.23
CA GLU A 617 14.19 -35.11 12.73
C GLU A 617 13.16 -35.42 11.66
N VAL A 618 13.47 -35.15 10.39
CA VAL A 618 12.51 -35.53 9.35
C VAL A 618 12.65 -37.01 9.01
N SER A 619 13.85 -37.58 9.19
CA SER A 619 14.04 -38.99 8.92
C SER A 619 13.19 -39.85 9.84
N VAL A 620 13.09 -39.47 11.11
CA VAL A 620 12.13 -40.13 11.99
C VAL A 620 10.71 -39.69 11.64
N ALA A 621 10.57 -38.49 11.09
CA ALA A 621 9.22 -37.96 10.76
C ALA A 621 8.61 -38.75 9.59
N ILE A 622 9.39 -39.00 8.54
CA ILE A 622 8.88 -39.82 7.40
C ILE A 622 8.51 -41.20 7.92
N HIS A 623 9.27 -41.73 8.88
CA HIS A 623 8.94 -43.04 9.50
C HIS A 623 7.56 -42.93 10.15
N ALA A 624 7.28 -41.80 10.81
CA ALA A 624 5.96 -41.60 11.45
C ALA A 624 4.97 -41.07 10.41
N ASP A 625 5.45 -40.76 9.20
CA ASP A 625 4.57 -40.23 8.12
C ASP A 625 3.77 -39.04 8.65
N GLN A 626 4.43 -38.14 9.39
CA GLN A 626 3.75 -36.94 9.93
C GLN A 626 4.11 -35.73 9.06
N LEU A 627 4.77 -35.97 7.93
CA LEU A 627 5.21 -34.86 7.04
C LEU A 627 4.01 -34.37 6.21
N THR A 628 3.58 -33.12 6.42
CA THR A 628 2.49 -32.56 5.63
C THR A 628 2.66 -32.80 4.13
N PRO A 629 3.83 -32.58 3.52
CA PRO A 629 3.99 -32.95 2.11
C PRO A 629 3.75 -34.45 1.91
N THR A 630 2.82 -34.77 1.00
CA THR A 630 2.42 -36.14 0.78
C THR A 630 3.41 -36.93 -0.07
N TRP A 631 4.01 -36.23 -1.05
CA TRP A 631 5.07 -36.87 -1.88
C TRP A 631 6.18 -37.38 -0.96
N ARG A 632 6.77 -38.52 -1.30
CA ARG A 632 7.82 -39.11 -0.46
C ARG A 632 9.00 -39.48 -1.34
N VAL A 633 10.05 -38.65 -1.26
CA VAL A 633 11.28 -38.88 -2.08
C VAL A 633 12.03 -40.08 -1.51
N TYR A 634 12.54 -40.94 -2.39
CA TYR A 634 13.26 -42.14 -1.97
C TYR A 634 14.56 -41.76 -1.24
N SER A 635 14.82 -42.45 -0.14
CA SER A 635 16.01 -42.21 0.67
C SER A 635 16.76 -43.54 0.81
N THR A 636 17.91 -43.64 0.14
CA THR A 636 18.70 -44.86 0.13
C THR A 636 19.80 -44.86 1.20
N GLY A 637 19.86 -43.84 2.04
CA GLY A 637 20.90 -43.70 3.04
C GLY A 637 22.09 -42.89 2.56
N SER A 638 22.61 -43.21 1.38
CA SER A 638 23.66 -42.40 0.78
C SER A 638 23.17 -41.02 0.35
N ASN A 639 21.86 -40.86 0.15
CA ASN A 639 21.27 -39.59 -0.27
C ASN A 639 20.79 -38.87 0.99
N VAL A 640 21.73 -38.60 1.89
CA VAL A 640 21.49 -37.81 3.09
C VAL A 640 22.75 -37.02 3.38
N PHE A 641 22.61 -35.70 3.54
CA PHE A 641 23.77 -34.84 3.77
C PHE A 641 23.31 -33.60 4.53
N GLN A 642 23.64 -33.54 5.81
CA GLN A 642 23.25 -32.42 6.67
C GLN A 642 24.12 -31.22 6.32
N THR A 643 23.52 -30.21 5.71
CA THR A 643 24.23 -29.01 5.30
C THR A 643 24.15 -27.94 6.39
N ARG A 644 24.87 -26.85 6.15
CA ARG A 644 24.73 -25.64 6.95
C ARG A 644 23.50 -24.84 6.57
N ALA A 645 22.78 -25.25 5.53
CA ALA A 645 21.55 -24.61 5.07
C ALA A 645 20.34 -25.51 5.24
N GLY A 646 20.45 -26.57 6.03
CA GLY A 646 19.43 -27.60 6.09
C GLY A 646 20.07 -28.95 5.85
N CYS A 647 19.45 -29.80 5.03
CA CYS A 647 20.15 -30.97 4.54
C CYS A 647 19.60 -31.33 3.18
N LEU A 648 20.38 -32.09 2.41
CA LEU A 648 19.96 -32.55 1.11
C LEU A 648 19.36 -33.95 1.24
N ILE A 649 18.33 -34.21 0.43
CA ILE A 649 17.72 -35.53 0.36
C ILE A 649 17.57 -35.90 -1.11
N GLY A 650 18.07 -37.06 -1.49
CA GLY A 650 18.02 -37.52 -2.86
C GLY A 650 19.29 -37.33 -3.64
N ALA A 651 20.35 -36.80 -3.03
CA ALA A 651 21.63 -36.59 -3.70
C ALA A 651 22.76 -37.06 -2.81
N GLU A 652 23.83 -37.55 -3.42
CA GLU A 652 25.00 -38.02 -2.69
C GLU A 652 26.10 -36.98 -2.72
N TYR A 653 26.88 -36.93 -1.65
CA TYR A 653 27.96 -35.97 -1.54
C TYR A 653 29.18 -36.45 -2.31
N VAL A 654 29.81 -35.56 -3.07
CA VAL A 654 31.05 -35.83 -3.78
C VAL A 654 32.09 -34.81 -3.32
N ASN A 655 33.25 -35.29 -2.91
CA ASN A 655 34.27 -34.42 -2.32
C ASN A 655 35.00 -33.56 -3.35
N ASN A 656 34.78 -33.80 -4.64
CA ASN A 656 35.47 -33.04 -5.67
C ASN A 656 34.99 -31.59 -5.68
N SER A 657 35.60 -30.80 -6.56
CA SER A 657 35.34 -29.37 -6.63
C SER A 657 35.04 -28.97 -8.07
N TYR A 658 33.88 -28.35 -8.27
CA TYR A 658 33.44 -27.90 -9.59
C TYR A 658 32.84 -26.50 -9.46
N GLU A 659 32.78 -25.78 -10.58
CA GLU A 659 32.05 -24.52 -10.61
C GLU A 659 30.57 -24.80 -10.41
N CYS A 660 29.87 -23.88 -9.75
CA CYS A 660 28.49 -24.13 -9.38
C CYS A 660 27.61 -24.20 -10.63
N ASP A 661 26.58 -25.03 -10.54
CA ASP A 661 25.51 -25.08 -11.54
C ASP A 661 24.16 -24.72 -10.95
N ILE A 662 23.86 -25.25 -9.77
CA ILE A 662 22.63 -24.90 -9.04
C ILE A 662 22.99 -24.48 -7.62
N PRO A 663 22.86 -23.20 -7.28
CA PRO A 663 23.29 -22.75 -5.94
C PRO A 663 22.33 -23.23 -4.87
N ILE A 664 22.88 -23.87 -3.85
CA ILE A 664 22.10 -24.33 -2.70
C ILE A 664 22.27 -23.39 -1.50
N GLY A 665 23.51 -23.03 -1.19
CA GLY A 665 23.79 -22.21 -0.03
C GLY A 665 24.86 -22.81 0.86
N ALA A 666 25.60 -21.97 1.57
CA ALA A 666 26.65 -22.42 2.48
C ALA A 666 27.70 -23.26 1.77
N GLY A 667 28.06 -22.83 0.55
CA GLY A 667 29.13 -23.47 -0.20
C GLY A 667 28.84 -24.90 -0.63
N ILE A 668 27.58 -25.21 -0.92
CA ILE A 668 27.18 -26.49 -1.49
C ILE A 668 26.33 -26.19 -2.72
N CYS A 669 26.61 -26.87 -3.82
CA CYS A 669 25.89 -26.61 -5.06
C CYS A 669 25.82 -27.90 -5.88
N ALA A 670 24.65 -28.18 -6.44
CA ALA A 670 24.36 -29.45 -7.08
C ALA A 670 24.38 -29.32 -8.59
N SER A 671 24.86 -30.37 -9.26
CA SER A 671 24.93 -30.41 -10.71
C SER A 671 24.68 -31.83 -11.19
N TYR A 672 24.22 -31.93 -12.44
CA TYR A 672 23.92 -33.22 -13.07
C TYR A 672 25.17 -33.69 -13.79
N GLN A 673 25.94 -34.56 -13.14
CA GLN A 673 27.21 -35.04 -13.66
C GLN A 673 27.15 -36.53 -13.93
N THR A 674 28.03 -36.98 -14.82
CA THR A 674 28.08 -38.40 -15.19
C THR A 674 28.63 -39.23 -14.04
N GLN A 675 28.29 -40.52 -14.07
CA GLN A 675 28.71 -41.46 -13.03
C GLN A 675 30.15 -41.91 -13.25
N SER A 687 24.42 -43.90 -15.50
CA SER A 687 25.51 -43.06 -15.96
C SER A 687 25.23 -41.59 -15.66
N GLN A 688 24.14 -41.34 -14.94
CA GLN A 688 23.72 -39.99 -14.59
C GLN A 688 23.10 -39.98 -13.21
N SER A 689 23.38 -38.91 -12.47
CA SER A 689 22.84 -38.74 -11.12
C SER A 689 23.04 -37.29 -10.69
N ILE A 690 22.46 -36.94 -9.54
CA ILE A 690 22.58 -35.61 -8.96
C ILE A 690 23.51 -35.71 -7.76
N ILE A 691 24.55 -34.88 -7.75
CA ILE A 691 25.53 -34.88 -6.67
C ILE A 691 25.69 -33.48 -6.13
N ALA A 692 26.05 -33.40 -4.84
CA ALA A 692 26.36 -32.16 -4.18
C ALA A 692 27.83 -32.13 -3.82
N TYR A 693 28.45 -30.97 -3.97
CA TYR A 693 29.88 -30.83 -3.74
C TYR A 693 30.16 -29.45 -3.16
N THR A 694 31.44 -29.19 -2.93
CA THR A 694 31.88 -27.92 -2.38
C THR A 694 32.48 -27.05 -3.48
N MET A 695 32.43 -25.73 -3.28
CA MET A 695 32.85 -24.80 -4.30
C MET A 695 34.32 -24.95 -4.62
N SER A 696 34.63 -24.93 -5.92
CA SER A 696 35.98 -24.63 -6.39
C SER A 696 35.92 -23.18 -6.85
N LEU A 697 36.36 -22.28 -5.97
CA LEU A 697 36.24 -20.85 -6.20
C LEU A 697 37.08 -20.39 -7.38
N GLY A 698 37.97 -21.25 -7.86
CA GLY A 698 38.76 -20.99 -9.04
C GLY A 698 39.87 -22.01 -9.14
N ALA A 699 40.52 -22.01 -10.31
CA ALA A 699 41.67 -22.89 -10.48
C ALA A 699 42.79 -22.43 -9.55
N GLU A 700 43.34 -23.37 -8.79
CA GLU A 700 44.39 -23.02 -7.83
C GLU A 700 45.66 -22.67 -8.56
N ASN A 701 46.15 -21.45 -8.35
CA ASN A 701 47.34 -20.94 -9.01
C ASN A 701 48.22 -20.25 -7.99
N SER A 702 49.54 -20.30 -8.23
CA SER A 702 50.51 -19.66 -7.37
C SER A 702 51.45 -18.81 -8.20
N VAL A 703 51.66 -17.57 -7.79
CA VAL A 703 52.58 -16.68 -8.47
C VAL A 703 53.99 -16.99 -7.99
N ALA A 704 54.99 -16.48 -8.73
CA ALA A 704 56.40 -16.72 -8.45
C ALA A 704 57.13 -15.43 -8.06
N TYR A 705 56.55 -14.64 -7.17
CA TYR A 705 57.16 -13.39 -6.77
C TYR A 705 58.54 -13.65 -6.15
N SER A 706 59.50 -12.80 -6.52
CA SER A 706 60.85 -12.90 -5.98
C SER A 706 61.41 -11.49 -5.83
N ASN A 707 62.67 -11.41 -5.40
CA ASN A 707 63.30 -10.11 -5.22
C ASN A 707 63.60 -9.44 -6.55
N ASN A 708 63.98 -10.23 -7.56
CA ASN A 708 64.46 -9.67 -8.82
C ASN A 708 63.89 -10.40 -10.04
N SER A 709 62.74 -11.03 -9.90
CA SER A 709 62.10 -11.73 -11.01
C SER A 709 60.91 -10.93 -11.50
N ILE A 710 60.91 -10.60 -12.78
CA ILE A 710 59.80 -9.89 -13.42
C ILE A 710 59.36 -10.66 -14.65
N ALA A 711 58.05 -10.69 -14.88
CA ALA A 711 57.48 -11.24 -16.09
C ALA A 711 56.79 -10.12 -16.86
N ILE A 712 57.20 -9.91 -18.10
CA ILE A 712 56.55 -8.92 -18.96
C ILE A 712 56.12 -9.61 -20.24
N PRO A 713 54.96 -9.26 -20.80
CA PRO A 713 54.47 -9.98 -21.98
C PRO A 713 55.28 -9.62 -23.22
N THR A 714 55.46 -10.61 -24.08
CA THR A 714 56.10 -10.41 -25.38
C THR A 714 55.11 -10.41 -26.52
N ASN A 715 53.81 -10.49 -26.23
CA ASN A 715 52.78 -10.54 -27.26
C ASN A 715 51.46 -10.14 -26.61
N PHE A 716 50.43 -9.97 -27.44
CA PHE A 716 49.14 -9.54 -26.93
C PHE A 716 48.03 -10.19 -27.73
N THR A 717 46.80 -9.94 -27.30
CA THR A 717 45.60 -10.35 -28.01
C THR A 717 44.56 -9.25 -27.93
N ILE A 718 43.62 -9.26 -28.87
CA ILE A 718 42.53 -8.30 -28.91
C ILE A 718 41.23 -9.07 -28.76
N SER A 719 40.56 -8.88 -27.63
CA SER A 719 39.33 -9.60 -27.31
C SER A 719 38.18 -8.61 -27.25
N VAL A 720 37.03 -9.01 -27.77
CA VAL A 720 35.84 -8.17 -27.80
C VAL A 720 34.79 -8.85 -26.91
N THR A 721 34.60 -8.31 -25.72
CA THR A 721 33.54 -8.77 -24.83
C THR A 721 32.26 -7.98 -25.12
N THR A 722 31.19 -8.32 -24.41
CA THR A 722 29.92 -7.64 -24.57
C THR A 722 29.36 -7.27 -23.21
N GLU A 723 28.67 -6.13 -23.17
CA GLU A 723 28.04 -5.65 -21.96
C GLU A 723 26.62 -5.18 -22.28
N ILE A 724 25.67 -5.65 -21.49
CA ILE A 724 24.25 -5.42 -21.75
C ILE A 724 23.66 -4.65 -20.58
N LEU A 725 22.92 -3.58 -20.89
CA LEU A 725 22.31 -2.75 -19.86
C LEU A 725 20.93 -2.30 -20.34
N PRO A 726 19.88 -2.50 -19.54
CA PRO A 726 18.57 -1.94 -19.87
C PRO A 726 18.60 -0.43 -19.76
N VAL A 727 17.73 0.23 -20.54
CA VAL A 727 17.68 1.68 -20.52
C VAL A 727 16.28 2.13 -20.11
N SER A 728 15.27 1.31 -20.41
CA SER A 728 13.90 1.68 -20.15
C SER A 728 13.01 0.46 -20.23
N MET A 729 11.75 0.63 -19.84
CA MET A 729 10.73 -0.40 -19.95
C MET A 729 9.49 0.17 -20.61
N THR A 730 8.49 -0.69 -20.82
CA THR A 730 7.23 -0.25 -21.38
C THR A 730 6.53 0.69 -20.40
N LYS A 731 5.80 1.66 -20.96
CA LYS A 731 5.14 2.69 -20.17
C LYS A 731 3.66 2.34 -20.06
N THR A 732 3.19 2.08 -18.84
CA THR A 732 1.80 1.75 -18.59
C THR A 732 1.09 2.94 -17.98
N SER A 733 -0.15 3.17 -18.40
CA SER A 733 -0.92 4.36 -18.05
C SER A 733 -2.33 3.98 -17.62
N VAL A 734 -2.43 3.05 -16.67
CA VAL A 734 -3.70 2.51 -16.19
C VAL A 734 -4.64 3.65 -15.76
N ASP A 735 -5.95 3.40 -15.86
CA ASP A 735 -6.96 4.33 -15.41
C ASP A 735 -7.76 3.67 -14.30
N CYS A 736 -7.56 4.15 -13.07
CA CYS A 736 -8.16 3.51 -11.91
C CYS A 736 -9.68 3.47 -12.00
N THR A 737 -10.29 4.58 -12.44
CA THR A 737 -11.74 4.72 -12.44
C THR A 737 -12.40 3.50 -13.06
N MET A 738 -11.99 3.16 -14.28
CA MET A 738 -12.55 1.99 -14.94
C MET A 738 -11.90 0.69 -14.53
N TYR A 739 -10.59 0.68 -14.25
CA TYR A 739 -9.95 -0.58 -13.86
C TYR A 739 -10.62 -1.17 -12.64
N ILE A 740 -11.06 -0.32 -11.72
CA ILE A 740 -11.75 -0.75 -10.52
C ILE A 740 -13.25 -0.84 -10.74
N CYS A 741 -13.84 0.14 -11.42
CA CYS A 741 -15.27 0.18 -11.71
C CYS A 741 -15.48 0.10 -13.21
N GLY A 742 -15.69 -1.10 -13.73
CA GLY A 742 -16.00 -1.26 -15.14
C GLY A 742 -17.35 -0.66 -15.49
N ASP A 743 -17.32 0.50 -16.17
CA ASP A 743 -18.48 1.23 -16.68
C ASP A 743 -19.70 1.14 -15.76
N SER A 744 -19.50 1.39 -14.46
CA SER A 744 -20.59 1.34 -13.48
C SER A 744 -20.70 2.72 -12.83
N THR A 745 -21.84 3.38 -13.04
CA THR A 745 -22.04 4.72 -12.48
C THR A 745 -22.04 4.68 -10.96
N GLU A 746 -22.73 3.70 -10.36
CA GLU A 746 -22.78 3.62 -8.92
C GLU A 746 -21.40 3.31 -8.34
N CYS A 747 -20.62 2.45 -9.02
CA CYS A 747 -19.27 2.17 -8.56
C CYS A 747 -18.38 3.40 -8.64
N SER A 748 -18.52 4.19 -9.71
CA SER A 748 -17.74 5.42 -9.80
C SER A 748 -18.12 6.39 -8.69
N ASN A 749 -19.42 6.48 -8.40
CA ASN A 749 -19.86 7.33 -7.30
C ASN A 749 -19.28 6.86 -5.97
N LEU A 750 -19.26 5.54 -5.74
CA LEU A 750 -18.68 5.01 -4.51
C LEU A 750 -17.18 5.30 -4.44
N LEU A 751 -16.48 5.17 -5.56
CA LEU A 751 -15.05 5.46 -5.58
C LEU A 751 -14.80 6.95 -5.34
N LEU A 752 -15.72 7.81 -5.74
CA LEU A 752 -15.54 9.25 -5.55
C LEU A 752 -15.37 9.63 -4.08
N GLN A 753 -15.82 8.80 -3.15
CA GLN A 753 -15.65 9.08 -1.74
C GLN A 753 -14.22 8.88 -1.26
N TYR A 754 -13.39 8.15 -2.00
CA TYR A 754 -12.04 7.83 -1.56
C TYR A 754 -11.05 8.96 -1.83
N GLY A 755 -11.54 10.17 -2.09
CA GLY A 755 -10.67 11.31 -2.27
C GLY A 755 -9.83 11.23 -3.54
N SER A 756 -8.70 11.93 -3.50
CA SER A 756 -7.77 11.95 -4.63
C SER A 756 -6.86 10.73 -4.57
N PHE A 757 -7.45 9.54 -4.52
CA PHE A 757 -6.67 8.32 -4.48
C PHE A 757 -6.49 7.74 -5.88
N CYS A 758 -6.81 8.53 -6.91
CA CYS A 758 -6.59 8.21 -8.32
C CYS A 758 -5.64 9.17 -9.01
N THR A 759 -5.83 10.47 -8.80
CA THR A 759 -4.93 11.45 -9.40
C THR A 759 -3.49 11.17 -9.00
N GLN A 760 -3.27 10.70 -7.78
CA GLN A 760 -1.93 10.32 -7.35
C GLN A 760 -1.38 9.19 -8.20
N LEU A 761 -2.19 8.15 -8.45
CA LEU A 761 -1.72 7.01 -9.24
C LEU A 761 -1.41 7.44 -10.67
N LYS A 762 -2.30 8.23 -11.28
CA LYS A 762 -2.08 8.67 -12.66
C LYS A 762 -0.85 9.55 -12.74
N ARG A 763 -0.65 10.44 -11.76
CA ARG A 763 0.54 11.28 -11.75
C ARG A 763 1.80 10.44 -11.61
N ALA A 764 1.77 9.43 -10.74
CA ALA A 764 2.95 8.56 -10.59
C ALA A 764 3.27 7.84 -11.89
N LEU A 765 2.24 7.32 -12.57
CA LEU A 765 2.49 6.57 -13.80
C LEU A 765 2.98 7.47 -14.92
N THR A 766 2.41 8.68 -15.05
CA THR A 766 2.91 9.59 -16.07
C THR A 766 4.32 10.06 -15.74
N GLY A 767 4.65 10.22 -14.46
CA GLY A 767 6.02 10.51 -14.09
C GLY A 767 6.97 9.39 -14.47
N ILE A 768 6.54 8.14 -14.28
CA ILE A 768 7.35 7.00 -14.69
C ILE A 768 7.57 7.01 -16.21
N ALA A 769 6.52 7.31 -16.97
CA ALA A 769 6.65 7.35 -18.42
C ALA A 769 7.63 8.44 -18.85
N VAL A 770 7.51 9.64 -18.27
CA VAL A 770 8.43 10.73 -18.62
C VAL A 770 9.84 10.38 -18.19
N GLU A 771 9.98 9.68 -17.06
CA GLU A 771 11.30 9.25 -16.61
C GLU A 771 11.93 8.29 -17.61
N GLN A 772 11.15 7.34 -18.12
CA GLN A 772 11.67 6.41 -19.13
C GLN A 772 12.11 7.17 -20.38
N ASP A 773 11.29 8.14 -20.82
CA ASP A 773 11.69 8.97 -21.95
C ASP A 773 13.02 9.67 -21.71
N LYS A 774 13.18 10.27 -20.52
CA LYS A 774 14.44 10.95 -20.25
C LYS A 774 15.60 9.96 -20.12
N ASN A 775 15.35 8.75 -19.64
CA ASN A 775 16.43 7.76 -19.57
C ASN A 775 16.94 7.40 -20.96
N THR A 776 16.02 7.09 -21.88
CA THR A 776 16.49 6.72 -23.22
C THR A 776 17.15 7.91 -23.91
N GLN A 777 16.59 9.12 -23.74
CA GLN A 777 17.21 10.28 -24.36
C GLN A 777 18.58 10.56 -23.76
N GLU A 778 18.75 10.36 -22.46
CA GLU A 778 20.04 10.59 -21.82
C GLU A 778 21.06 9.54 -22.25
N VAL A 779 20.60 8.32 -22.49
CA VAL A 779 21.53 7.26 -22.90
C VAL A 779 22.00 7.49 -24.33
N PHE A 780 21.10 7.88 -25.22
CA PHE A 780 21.44 7.86 -26.64
C PHE A 780 21.70 9.25 -27.24
N ALA A 781 20.94 10.26 -26.86
CA ALA A 781 21.10 11.59 -27.44
C ALA A 781 22.29 12.32 -26.81
N GLN A 782 23.50 11.79 -27.02
CA GLN A 782 24.70 12.41 -26.50
C GLN A 782 25.42 13.30 -27.51
N VAL A 783 25.15 13.12 -28.80
CA VAL A 783 25.78 13.90 -29.85
C VAL A 783 24.70 14.65 -30.63
N LYS A 784 24.96 15.92 -30.93
CA LYS A 784 23.95 16.75 -31.58
C LYS A 784 23.86 16.45 -33.07
N GLN A 785 24.98 16.48 -33.78
CA GLN A 785 24.98 16.34 -35.24
C GLN A 785 25.02 14.88 -35.62
N ILE A 786 24.10 14.47 -36.48
CA ILE A 786 24.02 13.09 -36.94
C ILE A 786 24.99 12.90 -38.11
N TYR A 787 26.15 12.35 -37.82
CA TYR A 787 27.15 12.07 -38.85
C TYR A 787 26.75 10.85 -39.66
N LYS A 788 27.22 10.80 -40.90
CA LYS A 788 27.05 9.63 -41.75
C LYS A 788 28.40 9.06 -42.11
N THR A 789 28.44 7.74 -42.24
CA THR A 789 29.67 7.06 -42.58
C THR A 789 30.03 7.28 -44.04
N PRO A 790 31.32 7.44 -44.36
CA PRO A 790 31.74 7.64 -45.75
C PRO A 790 31.35 6.46 -46.62
N PRO A 791 31.10 6.70 -47.91
CA PRO A 791 30.64 5.59 -48.78
C PRO A 791 31.62 4.43 -48.87
N ILE A 792 32.92 4.71 -48.86
CA ILE A 792 33.93 3.66 -48.92
C ILE A 792 34.26 3.20 -47.52
N LYS A 793 34.33 1.89 -47.33
CA LYS A 793 34.61 1.28 -46.03
C LYS A 793 35.91 0.48 -46.12
N TYR A 794 37.03 1.17 -45.91
CA TYR A 794 38.34 0.53 -45.75
C TYR A 794 39.06 1.29 -44.64
N PHE A 795 38.90 0.82 -43.41
CA PHE A 795 39.53 1.46 -42.26
C PHE A 795 40.81 0.71 -41.89
N GLY A 796 41.77 0.76 -42.81
CA GLY A 796 43.07 0.15 -42.58
C GLY A 796 43.04 -1.36 -42.41
N GLY A 797 42.03 -2.04 -42.97
CA GLY A 797 41.86 -3.46 -42.80
C GLY A 797 40.83 -3.84 -41.76
N PHE A 798 40.45 -2.91 -40.89
CA PHE A 798 39.41 -3.18 -39.91
C PHE A 798 38.08 -3.37 -40.60
N ASN A 799 37.42 -4.48 -40.31
CA ASN A 799 36.16 -4.85 -40.95
C ASN A 799 35.02 -4.46 -40.02
N PHE A 800 34.20 -3.51 -40.46
CA PHE A 800 33.15 -2.93 -39.63
C PHE A 800 31.75 -3.19 -40.16
N SER A 801 31.61 -4.01 -41.21
CA SER A 801 30.30 -4.23 -41.80
C SER A 801 29.32 -4.91 -40.84
N GLN A 802 29.83 -5.67 -39.87
CA GLN A 802 28.96 -6.35 -38.92
C GLN A 802 28.30 -5.38 -37.94
N ILE A 803 28.94 -4.25 -37.65
CA ILE A 803 28.35 -3.24 -36.78
C ILE A 803 27.82 -2.05 -37.54
N LEU A 804 28.27 -1.82 -38.77
CA LEU A 804 27.76 -0.73 -39.58
C LEU A 804 26.35 -1.07 -40.09
N PRO A 805 25.47 -0.08 -40.17
CA PRO A 805 24.13 -0.34 -40.71
C PRO A 805 24.19 -0.84 -42.15
N ASP A 806 23.28 -1.75 -42.46
CA ASP A 806 23.24 -2.37 -43.79
C ASP A 806 22.14 -1.71 -44.61
N PRO A 807 22.48 -1.03 -45.70
CA PRO A 807 21.42 -0.39 -46.51
C PRO A 807 20.44 -1.39 -47.11
N SER A 808 20.84 -2.64 -47.32
CA SER A 808 19.94 -3.64 -47.88
C SER A 808 18.75 -3.88 -46.95
N LYS A 809 19.00 -3.94 -45.65
CA LYS A 809 17.91 -4.10 -44.70
C LYS A 809 17.04 -2.84 -44.72
N PRO A 810 15.72 -2.97 -44.92
CA PRO A 810 14.88 -1.77 -45.04
C PRO A 810 14.84 -0.93 -43.77
N SER A 811 15.16 -1.50 -42.61
CA SER A 811 15.18 -0.74 -41.37
C SER A 811 16.51 -0.04 -41.13
N LYS A 812 17.50 -0.23 -42.01
CA LYS A 812 18.81 0.39 -41.89
C LYS A 812 19.46 0.03 -40.55
N ARG A 813 19.66 -1.27 -40.36
CA ARG A 813 20.16 -1.82 -39.11
C ARG A 813 21.36 -2.71 -39.37
N SER A 814 22.25 -2.78 -38.38
CA SER A 814 23.42 -3.63 -38.49
C SER A 814 23.05 -5.09 -38.29
N PRO A 815 23.84 -6.02 -38.83
CA PRO A 815 23.54 -7.44 -38.63
C PRO A 815 23.51 -7.86 -37.17
N ILE A 816 24.36 -7.28 -36.32
CA ILE A 816 24.32 -7.60 -34.90
C ILE A 816 23.00 -7.15 -34.28
N GLU A 817 22.60 -5.90 -34.56
CA GLU A 817 21.32 -5.41 -34.06
C GLU A 817 20.16 -6.23 -34.61
N ASP A 818 20.32 -6.83 -35.79
CA ASP A 818 19.30 -7.73 -36.30
C ASP A 818 19.09 -8.91 -35.36
N LEU A 819 20.17 -9.55 -34.93
CA LEU A 819 20.06 -10.65 -33.98
C LEU A 819 19.51 -10.17 -32.64
N LEU A 820 19.95 -8.99 -32.19
CA LEU A 820 19.44 -8.48 -30.93
C LEU A 820 17.93 -8.26 -30.98
N PHE A 821 17.43 -7.75 -32.10
CA PHE A 821 15.99 -7.58 -32.25
C PHE A 821 15.27 -8.92 -32.37
N ASN A 822 15.86 -9.88 -33.09
CA ASN A 822 15.19 -11.16 -33.31
C ASN A 822 15.15 -12.03 -32.06
N LYS A 823 16.15 -11.92 -31.18
CA LYS A 823 16.24 -12.78 -30.01
C LYS A 823 15.40 -12.30 -28.84
N VAL A 824 14.73 -11.16 -28.98
CA VAL A 824 13.85 -10.62 -27.94
C VAL A 824 12.44 -10.58 -28.48
N THR A 825 11.53 -11.27 -27.80
CA THR A 825 10.12 -11.32 -28.18
C THR A 825 9.31 -10.56 -27.15
N LEU A 826 8.71 -9.44 -27.57
CA LEU A 826 7.93 -8.60 -26.67
C LEU A 826 6.50 -9.11 -26.62
N ALA A 827 6.00 -9.36 -25.41
CA ALA A 827 4.60 -9.71 -25.26
C ALA A 827 3.70 -8.57 -25.73
N ASP A 828 4.02 -7.35 -25.31
CA ASP A 828 3.27 -6.16 -25.70
C ASP A 828 4.20 -5.18 -26.39
N ALA A 829 4.01 -5.00 -27.70
CA ALA A 829 4.77 -3.99 -28.42
C ALA A 829 4.23 -2.58 -28.16
N GLY A 830 2.92 -2.45 -28.00
CA GLY A 830 2.30 -1.16 -27.77
C GLY A 830 1.92 -0.40 -29.02
N PHE A 831 2.84 -0.32 -29.98
CA PHE A 831 2.60 0.35 -31.25
C PHE A 831 1.87 -0.56 -32.24
N ILE A 832 0.74 -1.11 -31.79
CA ILE A 832 0.01 -2.10 -32.58
C ILE A 832 -1.36 -1.61 -33.01
N LYS A 833 -1.99 -0.71 -32.25
CA LYS A 833 -3.39 -0.33 -32.48
C LYS A 833 -4.27 -1.57 -32.59
N GLN A 834 -4.09 -2.49 -31.65
CA GLN A 834 -4.66 -3.83 -31.74
C GLN A 834 -6.18 -3.83 -31.71
N TYR A 835 -6.77 -2.68 -31.38
CA TYR A 835 -8.26 -2.56 -31.44
C TYR A 835 -8.68 -2.85 -32.89
N GLY A 836 -9.69 -3.70 -33.07
CA GLY A 836 -10.13 -4.09 -34.39
C GLY A 836 -9.86 -5.54 -34.72
N ASP A 837 -8.89 -6.17 -34.06
CA ASP A 837 -8.62 -7.58 -34.24
C ASP A 837 -8.86 -8.42 -32.99
N CYS A 838 -9.14 -7.79 -31.84
CA CYS A 838 -9.60 -8.56 -30.68
C CYS A 838 -10.93 -9.23 -30.99
N LEU A 839 -11.81 -8.54 -31.70
CA LEU A 839 -13.01 -9.18 -32.24
C LEU A 839 -12.65 -10.23 -33.28
N GLY A 840 -11.62 -9.96 -34.09
CA GLY A 840 -11.14 -10.89 -35.09
C GLY A 840 -10.05 -11.82 -34.63
N ASP A 841 -9.86 -11.97 -33.32
CA ASP A 841 -8.81 -12.83 -32.79
C ASP A 841 -9.01 -14.29 -33.18
N ILE A 842 -10.24 -14.68 -33.54
CA ILE A 842 -10.58 -16.04 -33.93
C ILE A 842 -10.32 -16.98 -32.76
N ALA A 843 -9.06 -17.14 -32.36
CA ALA A 843 -8.69 -17.99 -31.24
C ALA A 843 -8.92 -17.22 -29.94
N ALA A 844 -8.46 -17.78 -28.83
CA ALA A 844 -8.60 -17.10 -27.54
C ALA A 844 -7.80 -15.81 -27.55
N ARG A 845 -8.42 -14.73 -27.08
CA ARG A 845 -7.76 -13.40 -27.12
C ARG A 845 -6.40 -13.45 -26.41
N ASP A 846 -5.46 -12.58 -26.80
CA ASP A 846 -4.10 -12.62 -26.21
C ASP A 846 -4.01 -11.72 -24.98
N LEU A 847 -2.90 -11.77 -24.26
CA LEU A 847 -2.68 -10.93 -23.09
C LEU A 847 -3.05 -9.48 -23.40
N ILE A 848 -2.76 -9.02 -24.61
CA ILE A 848 -2.98 -7.61 -24.95
C ILE A 848 -4.47 -7.31 -25.00
N CYS A 849 -5.25 -8.14 -25.69
CA CYS A 849 -6.69 -7.93 -25.73
C CYS A 849 -7.29 -8.06 -24.34
N ALA A 850 -6.77 -9.03 -23.56
CA ALA A 850 -7.25 -9.21 -22.17
C ALA A 850 -7.04 -7.92 -21.39
N GLN A 851 -5.83 -7.34 -21.46
CA GLN A 851 -5.54 -6.10 -20.77
C GLN A 851 -6.42 -4.97 -21.26
N LYS A 852 -6.64 -4.90 -22.59
CA LYS A 852 -7.53 -3.89 -23.14
C LYS A 852 -8.97 -4.10 -22.70
N PHE A 853 -9.28 -5.27 -22.13
CA PHE A 853 -10.65 -5.47 -21.63
C PHE A 853 -10.88 -4.80 -20.28
N ASN A 854 -9.87 -4.71 -19.42
CA ASN A 854 -10.08 -4.33 -18.02
C ASN A 854 -9.21 -3.14 -17.63
N GLY A 855 -9.22 -2.10 -18.47
CA GLY A 855 -8.68 -0.81 -18.09
C GLY A 855 -7.17 -0.69 -18.12
N LEU A 856 -6.53 -1.46 -18.98
CA LEU A 856 -5.08 -1.44 -19.10
C LEU A 856 -4.69 -1.04 -20.51
N THR A 857 -3.76 -0.10 -20.62
CA THR A 857 -3.21 0.35 -21.89
C THR A 857 -1.73 0.66 -21.72
N VAL A 858 -1.01 0.62 -22.84
CA VAL A 858 0.43 0.85 -22.88
C VAL A 858 0.71 2.03 -23.79
N LEU A 859 1.52 2.97 -23.32
CA LEU A 859 1.85 4.15 -24.11
C LEU A 859 3.11 3.87 -24.91
N PRO A 860 3.07 3.95 -26.24
CA PRO A 860 4.26 3.67 -27.02
C PRO A 860 5.34 4.70 -26.77
N PRO A 861 6.61 4.33 -26.90
CA PRO A 861 7.70 5.26 -26.56
C PRO A 861 7.78 6.41 -27.55
N LEU A 862 8.33 7.52 -27.05
CA LEU A 862 8.53 8.69 -27.89
C LEU A 862 9.53 8.43 -29.01
N LEU A 863 10.70 7.88 -28.66
CA LEU A 863 11.76 7.65 -29.62
C LEU A 863 11.53 6.29 -30.29
N THR A 864 11.07 6.33 -31.54
CA THR A 864 10.77 5.10 -32.28
C THR A 864 12.03 4.26 -32.43
N ASP A 865 11.85 2.94 -32.34
CA ASP A 865 12.97 1.99 -32.36
C ASP A 865 13.75 2.03 -33.66
N GLU A 866 13.32 2.85 -34.62
CA GLU A 866 14.06 3.07 -35.85
C GLU A 866 15.06 4.22 -35.72
N MET A 867 14.60 5.38 -35.25
CA MET A 867 15.50 6.52 -35.06
C MET A 867 16.57 6.25 -34.03
N ILE A 868 16.31 5.36 -33.08
CA ILE A 868 17.35 4.91 -32.16
C ILE A 868 18.51 4.29 -32.91
N ALA A 869 18.20 3.49 -33.94
CA ALA A 869 19.26 2.93 -34.77
C ALA A 869 20.02 4.02 -35.51
N GLN A 870 19.34 5.09 -35.90
CA GLN A 870 20.04 6.20 -36.56
C GLN A 870 21.00 6.90 -35.59
N TYR A 871 20.56 7.11 -34.35
CA TYR A 871 21.46 7.70 -33.34
C TYR A 871 22.65 6.78 -33.10
N THR A 872 22.41 5.48 -33.02
CA THR A 872 23.50 4.52 -32.86
C THR A 872 24.47 4.59 -34.03
N SER A 873 23.94 4.69 -35.25
CA SER A 873 24.79 4.80 -36.42
C SER A 873 25.62 6.07 -36.39
N ALA A 874 25.01 7.18 -35.98
CA ALA A 874 25.77 8.43 -35.89
C ALA A 874 26.89 8.32 -34.86
N LEU A 875 26.60 7.74 -33.69
CA LEU A 875 27.64 7.55 -32.68
C LEU A 875 28.75 6.65 -33.18
N LEU A 876 28.39 5.58 -33.89
CA LEU A 876 29.40 4.67 -34.43
C LEU A 876 30.25 5.36 -35.48
N ALA A 877 29.63 6.19 -36.33
CA ALA A 877 30.39 6.92 -37.34
C ALA A 877 31.35 7.91 -36.70
N GLY A 878 30.92 8.57 -35.62
CA GLY A 878 31.79 9.53 -34.95
C GLY A 878 33.04 8.93 -34.36
N THR A 879 32.97 7.71 -33.86
CA THR A 879 34.08 7.10 -33.14
C THR A 879 35.02 6.29 -34.03
N ILE A 880 34.73 6.16 -35.32
CA ILE A 880 35.61 5.42 -36.22
C ILE A 880 36.20 6.29 -37.31
N THR A 881 35.72 7.50 -37.54
CA THR A 881 36.28 8.41 -38.52
C THR A 881 36.88 9.67 -37.91
N SER A 882 36.47 10.04 -36.70
CA SER A 882 36.92 11.27 -36.08
C SER A 882 37.54 11.06 -34.71
N GLY A 883 37.77 9.82 -34.31
CA GLY A 883 38.31 9.57 -32.98
C GLY A 883 37.34 9.98 -31.90
N TRP A 884 37.89 10.45 -30.79
CA TRP A 884 37.11 10.90 -29.64
C TRP A 884 36.90 12.41 -29.66
N THR A 885 37.17 13.07 -30.78
CA THR A 885 37.12 14.53 -30.80
C THR A 885 35.69 15.05 -30.84
N PHE A 886 34.80 14.36 -31.56
CA PHE A 886 33.46 14.90 -31.79
C PHE A 886 32.65 15.05 -30.51
N GLY A 887 33.00 14.31 -29.45
CA GLY A 887 32.33 14.50 -28.18
C GLY A 887 32.83 15.66 -27.37
N ALA A 888 33.94 16.27 -27.78
CA ALA A 888 34.49 17.43 -27.10
C ALA A 888 34.16 18.73 -27.82
N GLY A 889 34.45 18.82 -29.11
CA GLY A 889 34.11 19.97 -29.91
C GLY A 889 33.69 19.58 -31.31
N PRO A 890 34.14 20.33 -32.30
CA PRO A 890 33.86 19.95 -33.70
C PRO A 890 34.48 18.60 -34.03
N ALA A 891 33.78 17.85 -34.88
CA ALA A 891 34.25 16.53 -35.29
C ALA A 891 35.43 16.69 -36.26
N LEU A 892 36.62 16.31 -35.81
CA LEU A 892 37.83 16.42 -36.62
C LEU A 892 38.22 15.04 -37.13
N GLN A 893 38.36 14.90 -38.44
CA GLN A 893 38.64 13.61 -39.03
C GLN A 893 40.05 13.13 -38.69
N ILE A 894 40.18 11.81 -38.56
CA ILE A 894 41.47 11.15 -38.31
C ILE A 894 41.37 9.72 -38.83
N PRO A 895 42.34 9.26 -39.61
CA PRO A 895 42.30 7.86 -40.07
C PRO A 895 42.42 6.87 -38.92
N PHE A 896 41.77 5.73 -39.10
CA PHE A 896 41.76 4.70 -38.08
C PHE A 896 43.15 4.20 -37.70
N PRO A 897 44.13 4.06 -38.60
CA PRO A 897 45.46 3.63 -38.13
C PRO A 897 46.05 4.49 -37.01
N MET A 898 46.10 5.80 -37.19
CA MET A 898 46.70 6.60 -36.11
C MET A 898 45.72 6.82 -34.96
N GLN A 899 44.40 6.72 -35.19
CA GLN A 899 43.51 6.65 -34.03
C GLN A 899 43.83 5.42 -33.18
N MET A 900 44.09 4.29 -33.84
CA MET A 900 44.52 3.07 -33.15
C MET A 900 45.82 3.31 -32.41
N ALA A 901 46.79 3.95 -33.06
CA ALA A 901 48.06 4.26 -32.43
C ALA A 901 47.87 5.10 -31.17
N TYR A 902 46.93 6.03 -31.21
CA TYR A 902 46.68 6.88 -30.04
C TYR A 902 45.98 6.14 -28.92
N ARG A 903 44.98 5.33 -29.24
CA ARG A 903 44.37 4.51 -28.19
C ARG A 903 45.39 3.56 -27.57
N PHE A 904 46.38 3.13 -28.36
CA PHE A 904 47.50 2.38 -27.80
C PHE A 904 48.35 3.26 -26.90
N ASN A 905 48.64 4.48 -27.34
CA ASN A 905 49.45 5.42 -26.56
C ASN A 905 48.82 5.72 -25.20
N GLY A 906 47.50 5.72 -25.12
CA GLY A 906 46.85 6.01 -23.86
C GLY A 906 46.92 4.89 -22.84
N ILE A 907 47.40 3.72 -23.22
CA ILE A 907 47.46 2.55 -22.36
C ILE A 907 48.87 2.33 -21.80
N GLY A 908 49.88 2.56 -22.64
CA GLY A 908 51.27 2.33 -22.22
C GLY A 908 52.07 1.57 -23.27
N VAL A 909 51.56 1.52 -24.51
CA VAL A 909 52.28 0.85 -25.63
C VAL A 909 52.58 1.88 -26.72
N THR A 910 53.81 1.89 -27.23
CA THR A 910 54.22 2.91 -28.24
C THR A 910 53.44 2.70 -29.54
N GLN A 911 53.23 3.77 -30.32
CA GLN A 911 52.45 3.68 -31.58
C GLN A 911 53.20 2.81 -32.60
N ASN A 912 54.53 2.79 -32.54
CA ASN A 912 55.32 2.02 -33.53
C ASN A 912 54.93 0.54 -33.46
N VAL A 913 54.66 0.04 -32.25
CA VAL A 913 54.29 -1.40 -32.08
C VAL A 913 53.06 -1.68 -32.96
N LEU A 914 52.02 -0.86 -32.86
CA LEU A 914 50.83 -1.03 -33.73
C LEU A 914 51.29 -0.98 -35.19
N TYR A 915 52.01 0.07 -35.57
CA TYR A 915 52.43 0.23 -36.96
C TYR A 915 53.28 -0.95 -37.45
N GLU A 916 53.80 -1.77 -36.54
CA GLU A 916 54.49 -2.99 -36.94
C GLU A 916 53.58 -4.22 -36.99
N ASN A 917 52.53 -4.27 -36.18
CA ASN A 917 51.66 -5.44 -36.11
C ASN A 917 50.24 -5.09 -36.50
N GLN A 918 50.09 -4.13 -37.43
CA GLN A 918 48.76 -3.74 -37.90
C GLN A 918 48.00 -4.90 -38.54
N LYS A 919 48.65 -5.67 -39.41
CA LYS A 919 47.93 -6.78 -40.04
C LYS A 919 47.47 -7.79 -39.00
N LEU A 920 48.34 -8.13 -38.06
CA LEU A 920 47.97 -9.07 -37.00
C LEU A 920 46.81 -8.54 -36.17
N ILE A 921 46.87 -7.28 -35.77
CA ILE A 921 45.81 -6.75 -34.90
C ILE A 921 44.49 -6.63 -35.67
N ALA A 922 44.56 -6.28 -36.96
CA ALA A 922 43.34 -6.22 -37.76
C ALA A 922 42.72 -7.61 -37.89
N ASN A 923 43.54 -8.64 -38.09
CA ASN A 923 43.01 -9.99 -38.14
C ASN A 923 42.42 -10.40 -36.79
N GLN A 924 43.06 -10.00 -35.69
CA GLN A 924 42.51 -10.28 -34.37
C GLN A 924 41.14 -9.62 -34.20
N PHE A 925 41.03 -8.36 -34.60
CA PHE A 925 39.75 -7.64 -34.48
C PHE A 925 38.68 -8.30 -35.34
N ASN A 926 39.03 -8.68 -36.56
CA ASN A 926 38.06 -9.34 -37.44
C ASN A 926 37.62 -10.68 -36.86
N SER A 927 38.55 -11.45 -36.32
CA SER A 927 38.20 -12.73 -35.72
C SER A 927 37.28 -12.54 -34.52
N ALA A 928 37.58 -11.54 -33.68
CA ALA A 928 36.73 -11.28 -32.52
C ALA A 928 35.34 -10.84 -32.92
N ILE A 929 35.24 -9.97 -33.93
CA ILE A 929 33.93 -9.49 -34.38
C ILE A 929 33.16 -10.63 -35.03
N GLY A 930 33.86 -11.57 -35.66
CA GLY A 930 33.20 -12.76 -36.17
C GLY A 930 32.70 -13.66 -35.05
N LYS A 931 33.50 -13.81 -33.99
CA LYS A 931 33.16 -14.74 -32.91
C LYS A 931 32.04 -14.21 -32.02
N ILE A 932 31.95 -12.89 -31.85
CA ILE A 932 30.91 -12.34 -30.96
C ILE A 932 29.52 -12.62 -31.51
N GLN A 933 29.36 -12.56 -32.83
CA GLN A 933 28.06 -12.84 -33.43
C GLN A 933 27.65 -14.29 -33.18
N ASP A 934 28.59 -15.23 -33.36
CA ASP A 934 28.27 -16.63 -33.10
C ASP A 934 27.99 -16.88 -31.63
N SER A 935 28.73 -16.21 -30.74
CA SER A 935 28.48 -16.36 -29.31
C SER A 935 27.08 -15.87 -28.94
N LEU A 936 26.65 -14.75 -29.51
CA LEU A 936 25.30 -14.27 -29.25
C LEU A 936 24.25 -15.17 -29.90
N PHE A 937 24.56 -15.76 -31.05
CA PHE A 937 23.60 -16.62 -31.73
C PHE A 937 23.38 -17.93 -30.98
N SER A 938 24.47 -18.60 -30.58
CA SER A 938 24.37 -19.95 -30.05
C SER A 938 23.97 -20.01 -28.58
N THR A 939 24.06 -18.89 -27.86
CA THR A 939 23.69 -18.91 -26.46
C THR A 939 22.18 -19.08 -26.29
N PRO A 940 21.74 -19.78 -25.24
CA PRO A 940 20.29 -19.84 -24.96
C PRO A 940 19.74 -18.47 -24.63
N SER A 941 20.33 -17.81 -23.62
CA SER A 941 19.92 -16.46 -23.27
C SER A 941 21.13 -15.74 -22.66
N ALA A 942 21.88 -15.02 -23.51
CA ALA A 942 22.86 -14.08 -23.01
C ALA A 942 22.30 -12.67 -22.90
N LEU A 943 21.15 -12.42 -23.52
CA LEU A 943 20.45 -11.15 -23.40
C LEU A 943 19.47 -11.24 -22.23
N GLY A 944 19.80 -12.09 -21.26
CA GLY A 944 18.90 -12.40 -20.17
C GLY A 944 18.46 -11.21 -19.34
N LYS A 945 19.22 -10.12 -19.35
CA LYS A 945 18.82 -8.94 -18.58
C LYS A 945 17.63 -8.24 -19.21
N LEU A 946 17.69 -8.00 -20.52
CA LEU A 946 16.57 -7.37 -21.21
C LEU A 946 15.35 -8.27 -21.22
N GLN A 947 15.55 -9.57 -21.48
CA GLN A 947 14.47 -10.54 -21.38
C GLN A 947 13.89 -10.54 -19.98
N ASP A 948 14.74 -10.42 -18.97
CA ASP A 948 14.28 -10.39 -17.58
C ASP A 948 13.42 -9.18 -17.31
N VAL A 949 13.83 -8.01 -17.81
CA VAL A 949 13.03 -6.80 -17.61
C VAL A 949 11.67 -6.94 -18.28
N VAL A 950 11.66 -7.42 -19.53
CA VAL A 950 10.41 -7.59 -20.25
C VAL A 950 9.51 -8.59 -19.53
N ASN A 951 10.07 -9.71 -19.10
CA ASN A 951 9.29 -10.73 -18.42
C ASN A 951 8.76 -10.23 -17.09
N HIS A 952 9.56 -9.45 -16.35
CA HIS A 952 9.10 -8.89 -15.09
C HIS A 952 7.91 -7.97 -15.31
N ASN A 953 8.01 -7.09 -16.30
CA ASN A 953 6.90 -6.18 -16.57
C ASN A 953 5.66 -6.95 -16.99
N ALA A 954 5.82 -7.93 -17.87
CA ALA A 954 4.69 -8.71 -18.35
C ALA A 954 4.05 -9.51 -17.22
N GLN A 955 4.86 -10.11 -16.36
CA GLN A 955 4.33 -10.90 -15.25
C GLN A 955 3.59 -10.02 -14.26
N ALA A 956 4.14 -8.84 -13.95
CA ALA A 956 3.44 -7.92 -13.07
C ALA A 956 2.11 -7.50 -13.67
N LEU A 957 2.10 -7.19 -14.97
CA LEU A 957 0.87 -6.80 -15.63
C LEU A 957 -0.17 -7.93 -15.61
N ASN A 958 0.28 -9.16 -15.87
CA ASN A 958 -0.64 -10.29 -15.90
C ASN A 958 -1.21 -10.57 -14.52
N THR A 959 -0.39 -10.46 -13.46
CA THR A 959 -0.92 -10.63 -12.11
C THR A 959 -1.91 -9.52 -11.78
N LEU A 960 -1.59 -8.29 -12.18
CA LEU A 960 -2.48 -7.16 -11.94
C LEU A 960 -3.83 -7.37 -12.61
N VAL A 961 -3.84 -7.89 -13.84
CA VAL A 961 -5.10 -8.19 -14.51
C VAL A 961 -5.82 -9.33 -13.81
N LYS A 962 -5.08 -10.40 -13.47
CA LYS A 962 -5.70 -11.55 -12.83
C LYS A 962 -6.35 -11.21 -11.49
N GLN A 963 -5.89 -10.15 -10.83
CA GLN A 963 -6.41 -9.81 -9.52
C GLN A 963 -7.90 -9.48 -9.53
N LEU A 964 -8.48 -9.14 -10.69
CA LEU A 964 -9.91 -8.89 -10.77
C LEU A 964 -10.74 -10.16 -10.70
N SER A 965 -10.12 -11.33 -10.61
CA SER A 965 -10.85 -12.59 -10.48
C SER A 965 -10.93 -13.08 -9.04
N SER A 966 -10.64 -12.20 -8.07
CA SER A 966 -10.68 -12.56 -6.66
C SER A 966 -11.90 -11.91 -6.01
N LYS A 967 -12.70 -12.71 -5.31
CA LYS A 967 -13.91 -12.20 -4.68
C LYS A 967 -13.62 -11.28 -3.50
N PHE A 968 -12.40 -11.33 -2.96
CA PHE A 968 -11.95 -10.43 -1.90
C PHE A 968 -12.79 -10.54 -0.63
N GLY A 969 -13.55 -11.62 -0.48
CA GLY A 969 -14.44 -11.77 0.65
C GLY A 969 -15.86 -11.33 0.41
N ALA A 970 -16.27 -11.14 -0.84
CA ALA A 970 -17.64 -10.77 -1.18
C ALA A 970 -18.35 -11.96 -1.82
N ILE A 971 -19.59 -11.70 -2.24
CA ILE A 971 -20.42 -12.76 -2.81
C ILE A 971 -19.86 -13.22 -4.16
N SER A 972 -19.51 -12.26 -5.01
CA SER A 972 -19.03 -12.58 -6.35
C SER A 972 -17.93 -11.60 -6.75
N SER A 973 -17.33 -11.87 -7.90
CA SER A 973 -16.19 -11.10 -8.40
C SER A 973 -16.56 -10.15 -9.52
N VAL A 974 -17.82 -10.12 -9.95
CA VAL A 974 -18.22 -9.35 -11.12
C VAL A 974 -19.12 -8.21 -10.66
N LEU A 975 -18.70 -6.98 -10.97
CA LEU A 975 -19.41 -5.79 -10.51
C LEU A 975 -20.82 -5.73 -11.10
N ASN A 976 -20.93 -5.99 -12.41
CA ASN A 976 -22.24 -5.96 -13.06
C ASN A 976 -23.14 -7.09 -12.58
N ASP A 977 -22.57 -8.17 -12.06
CA ASP A 977 -23.37 -9.23 -11.45
C ASP A 977 -23.90 -8.78 -10.09
N ILE A 978 -23.01 -8.26 -9.23
CA ILE A 978 -23.44 -7.85 -7.90
C ILE A 978 -24.47 -6.73 -7.98
N LEU A 979 -24.23 -5.75 -8.87
CA LEU A 979 -25.15 -4.63 -9.01
C LEU A 979 -26.52 -5.08 -9.49
N SER A 980 -26.55 -5.98 -10.48
CA SER A 980 -27.81 -6.43 -11.05
C SER A 980 -28.52 -7.48 -10.19
N ARG A 981 -27.82 -8.08 -9.23
CA ARG A 981 -28.40 -9.12 -8.40
C ARG A 981 -28.86 -8.63 -7.03
N LEU A 982 -28.16 -7.68 -6.44
CA LEU A 982 -28.47 -7.19 -5.10
C LEU A 982 -28.93 -5.74 -5.17
N ASP A 983 -29.67 -5.34 -4.14
CA ASP A 983 -30.13 -3.96 -4.01
C ASP A 983 -28.94 -3.04 -3.71
N PRO A 984 -29.08 -1.75 -3.99
CA PRO A 984 -27.98 -0.80 -3.75
C PRO A 984 -27.48 -0.84 -2.31
N PRO A 985 -28.33 -0.65 -1.30
CA PRO A 985 -27.80 -0.45 0.06
C PRO A 985 -27.26 -1.70 0.73
N GLU A 986 -27.50 -2.88 0.18
CA GLU A 986 -26.84 -4.09 0.67
C GLU A 986 -25.63 -4.46 -0.17
N ALA A 987 -25.72 -4.26 -1.49
CA ALA A 987 -24.56 -4.48 -2.35
C ALA A 987 -23.48 -3.43 -2.11
N GLU A 988 -23.81 -2.37 -1.37
CA GLU A 988 -22.81 -1.35 -1.04
C GLU A 988 -21.63 -1.93 -0.28
N VAL A 989 -21.89 -2.83 0.68
CA VAL A 989 -20.80 -3.42 1.46
C VAL A 989 -19.88 -4.23 0.54
N GLN A 990 -20.48 -5.06 -0.33
CA GLN A 990 -19.67 -5.90 -1.21
C GLN A 990 -18.88 -5.05 -2.20
N ILE A 991 -19.48 -4.00 -2.76
CA ILE A 991 -18.76 -3.17 -3.71
C ILE A 991 -17.66 -2.39 -3.01
N ASP A 992 -17.88 -2.01 -1.74
CA ASP A 992 -16.82 -1.39 -0.96
C ASP A 992 -15.66 -2.35 -0.75
N ARG A 993 -15.97 -3.62 -0.47
CA ARG A 993 -14.93 -4.63 -0.35
C ARG A 993 -14.15 -4.78 -1.64
N LEU A 994 -14.86 -4.81 -2.77
CA LEU A 994 -14.18 -4.90 -4.07
C LEU A 994 -13.30 -3.68 -4.33
N ILE A 995 -13.78 -2.49 -3.97
CA ILE A 995 -12.97 -1.29 -4.13
C ILE A 995 -11.69 -1.41 -3.31
N THR A 996 -11.83 -1.76 -2.03
CA THR A 996 -10.68 -1.86 -1.14
C THR A 996 -9.68 -2.91 -1.60
N GLY A 997 -10.14 -3.99 -2.22
CA GLY A 997 -9.22 -5.00 -2.73
C GLY A 997 -8.53 -4.59 -4.03
N ARG A 998 -9.32 -4.21 -5.02
CA ARG A 998 -8.78 -3.87 -6.33
C ARG A 998 -7.85 -2.67 -6.24
N LEU A 999 -8.22 -1.65 -5.46
CA LEU A 999 -7.40 -0.46 -5.37
C LEU A 999 -6.09 -0.76 -4.64
N GLN A 1000 -6.13 -1.63 -3.64
CA GLN A 1000 -4.90 -2.06 -2.99
C GLN A 1000 -4.00 -2.81 -3.96
N SER A 1001 -4.59 -3.65 -4.81
CA SER A 1001 -3.79 -4.32 -5.84
C SER A 1001 -3.14 -3.31 -6.78
N LEU A 1002 -3.90 -2.31 -7.21
CA LEU A 1002 -3.34 -1.28 -8.08
C LEU A 1002 -2.23 -0.51 -7.38
N GLN A 1003 -2.40 -0.23 -6.09
CA GLN A 1003 -1.37 0.45 -5.31
C GLN A 1003 -0.09 -0.36 -5.25
N THR A 1004 -0.22 -1.67 -5.01
CA THR A 1004 0.96 -2.53 -4.97
C THR A 1004 1.65 -2.54 -6.34
N TYR A 1005 0.87 -2.61 -7.42
CA TYR A 1005 1.45 -2.60 -8.75
C TYR A 1005 2.20 -1.30 -9.00
N VAL A 1006 1.61 -0.17 -8.60
CA VAL A 1006 2.26 1.12 -8.80
C VAL A 1006 3.56 1.21 -8.01
N THR A 1007 3.56 0.70 -6.77
CA THR A 1007 4.78 0.73 -5.98
C THR A 1007 5.87 -0.12 -6.60
N GLN A 1008 5.53 -1.33 -7.07
CA GLN A 1008 6.53 -2.16 -7.72
C GLN A 1008 7.06 -1.50 -8.99
N GLN A 1009 6.17 -0.85 -9.75
CA GLN A 1009 6.61 -0.11 -10.92
C GLN A 1009 7.58 1.01 -10.53
N LEU A 1010 7.31 1.68 -9.42
CA LEU A 1010 8.21 2.73 -8.94
C LEU A 1010 9.59 2.17 -8.63
N ILE A 1011 9.65 1.04 -7.93
CA ILE A 1011 10.95 0.45 -7.58
C ILE A 1011 11.70 0.04 -8.84
N ARG A 1012 11.01 -0.62 -9.77
CA ARG A 1012 11.65 -1.04 -11.00
C ARG A 1012 12.13 0.15 -11.80
N ALA A 1013 11.35 1.22 -11.83
CA ALA A 1013 11.76 2.43 -12.54
C ALA A 1013 12.98 3.07 -11.91
N ALA A 1014 13.07 3.08 -10.57
CA ALA A 1014 14.26 3.61 -9.93
C ALA A 1014 15.49 2.79 -10.30
N GLU A 1015 15.38 1.47 -10.25
CA GLU A 1015 16.52 0.63 -10.61
C GLU A 1015 16.92 0.82 -12.07
N ILE A 1016 15.93 0.91 -12.96
CA ILE A 1016 16.21 1.08 -14.38
C ILE A 1016 16.83 2.45 -14.63
N ARG A 1017 16.40 3.48 -13.89
CA ARG A 1017 17.01 4.79 -14.02
C ARG A 1017 18.46 4.77 -13.58
N ALA A 1018 18.76 4.06 -12.49
CA ALA A 1018 20.15 3.92 -12.07
C ALA A 1018 20.98 3.22 -13.15
N SER A 1019 20.44 2.14 -13.72
CA SER A 1019 21.14 1.45 -14.78
C SER A 1019 21.32 2.33 -16.01
N ALA A 1020 20.33 3.17 -16.32
CA ALA A 1020 20.43 4.05 -17.47
C ALA A 1020 21.48 5.13 -17.24
N ASN A 1021 21.57 5.66 -16.02
CA ASN A 1021 22.64 6.62 -15.72
C ASN A 1021 24.01 5.96 -15.84
N LEU A 1022 24.14 4.72 -15.35
CA LEU A 1022 25.39 3.99 -15.53
C LEU A 1022 25.70 3.79 -17.00
N ALA A 1023 24.69 3.46 -17.80
CA ALA A 1023 24.88 3.27 -19.23
C ALA A 1023 25.29 4.56 -19.93
N ALA A 1024 24.70 5.68 -19.52
CA ALA A 1024 25.07 6.97 -20.11
C ALA A 1024 26.51 7.33 -19.79
N THR A 1025 26.92 7.13 -18.54
CA THR A 1025 28.32 7.37 -18.19
C THR A 1025 29.24 6.43 -18.96
N LYS A 1026 28.83 5.16 -19.09
CA LYS A 1026 29.61 4.20 -19.85
C LYS A 1026 29.76 4.63 -21.30
N MET A 1027 28.68 5.11 -21.91
CA MET A 1027 28.75 5.59 -23.29
C MET A 1027 29.72 6.76 -23.40
N SER A 1028 29.52 7.78 -22.57
CA SER A 1028 30.32 9.00 -22.68
C SER A 1028 31.78 8.75 -22.33
N GLU A 1029 32.07 7.67 -21.60
CA GLU A 1029 33.45 7.38 -21.23
C GLU A 1029 34.10 6.41 -22.22
N CYS A 1030 33.55 5.21 -22.35
CA CYS A 1030 34.15 4.19 -23.20
C CYS A 1030 33.98 4.51 -24.67
N VAL A 1031 32.76 4.83 -25.11
CA VAL A 1031 32.55 5.10 -26.53
C VAL A 1031 33.19 6.42 -26.92
N LEU A 1032 32.96 7.45 -26.11
CA LEU A 1032 33.40 8.80 -26.43
C LEU A 1032 34.74 9.11 -25.79
N GLY A 1033 35.74 8.28 -26.05
CA GLY A 1033 37.05 8.46 -25.44
C GLY A 1033 37.61 7.19 -24.85
N GLN A 1034 38.80 7.25 -24.28
CA GLN A 1034 39.42 6.10 -23.65
C GLN A 1034 39.34 6.24 -22.13
N SER A 1035 38.85 5.20 -21.48
CA SER A 1035 38.65 5.19 -20.03
C SER A 1035 39.85 4.55 -19.35
N LYS A 1036 40.51 5.29 -18.46
CA LYS A 1036 41.61 4.75 -17.69
C LYS A 1036 41.16 3.85 -16.53
N ARG A 1037 39.88 3.93 -16.15
CA ARG A 1037 39.40 3.17 -15.00
C ARG A 1037 39.27 1.69 -15.37
N VAL A 1038 39.99 0.84 -14.63
CA VAL A 1038 40.09 -0.57 -15.00
C VAL A 1038 38.74 -1.26 -14.88
N ASP A 1039 38.49 -2.19 -15.80
CA ASP A 1039 37.36 -3.13 -15.76
C ASP A 1039 36.03 -2.43 -16.00
N PHE A 1040 36.04 -1.10 -16.09
CA PHE A 1040 34.80 -0.38 -16.34
C PHE A 1040 34.28 -0.66 -17.74
N CYS A 1041 35.13 -0.50 -18.74
CA CYS A 1041 34.75 -0.79 -20.12
C CYS A 1041 35.29 -2.15 -20.56
N GLY A 1042 34.76 -3.19 -19.93
CA GLY A 1042 35.20 -4.55 -20.22
C GLY A 1042 36.48 -4.91 -19.48
N LYS A 1043 36.73 -6.21 -19.39
CA LYS A 1043 37.88 -6.72 -18.67
C LYS A 1043 39.14 -6.51 -19.49
N GLY A 1044 40.16 -5.93 -18.86
CA GLY A 1044 41.42 -5.64 -19.53
C GLY A 1044 41.60 -4.17 -19.82
N TYR A 1045 42.76 -3.84 -20.35
CA TYR A 1045 43.08 -2.47 -20.73
C TYR A 1045 42.16 -2.03 -21.86
N HIS A 1046 41.26 -1.09 -21.55
CA HIS A 1046 40.21 -0.72 -22.48
C HIS A 1046 40.77 0.13 -23.62
N LEU A 1047 40.24 -0.08 -24.82
CA LEU A 1047 40.63 0.69 -26.00
C LEU A 1047 39.50 1.56 -26.53
N MET A 1048 38.34 0.97 -26.83
CA MET A 1048 37.21 1.74 -27.33
C MET A 1048 35.95 0.98 -26.97
N SER A 1049 34.83 1.40 -27.56
CA SER A 1049 33.63 0.59 -27.59
C SER A 1049 32.74 1.07 -28.73
N PHE A 1050 31.83 0.20 -29.14
CA PHE A 1050 30.83 0.52 -30.16
C PHE A 1050 29.45 0.30 -29.54
N PRO A 1051 28.53 1.24 -29.69
CA PRO A 1051 27.18 1.02 -29.17
C PRO A 1051 26.29 0.31 -30.17
N GLN A 1052 25.38 -0.50 -29.64
CA GLN A 1052 24.42 -1.23 -30.45
C GLN A 1052 23.06 -1.18 -29.77
N SER A 1053 22.03 -0.86 -30.54
CA SER A 1053 20.69 -0.71 -29.99
C SER A 1053 20.05 -2.08 -29.77
N ALA A 1054 19.18 -2.15 -28.77
CA ALA A 1054 18.47 -3.36 -28.37
C ALA A 1054 17.08 -2.98 -27.92
N PRO A 1055 16.14 -3.93 -27.92
CA PRO A 1055 14.78 -3.62 -27.42
C PRO A 1055 14.84 -3.31 -25.93
N HIS A 1056 14.45 -2.07 -25.59
CA HIS A 1056 14.43 -1.60 -24.21
C HIS A 1056 15.80 -1.70 -23.55
N GLY A 1057 16.87 -1.56 -24.33
CA GLY A 1057 18.20 -1.68 -23.78
C GLY A 1057 19.25 -1.27 -24.79
N VAL A 1058 20.51 -1.40 -24.37
CA VAL A 1058 21.65 -1.13 -25.22
C VAL A 1058 22.64 -2.27 -25.07
N VAL A 1059 23.45 -2.49 -26.10
CA VAL A 1059 24.49 -3.51 -26.09
C VAL A 1059 25.81 -2.85 -26.44
N PHE A 1060 26.80 -3.01 -25.58
CA PHE A 1060 28.11 -2.41 -25.78
C PHE A 1060 29.08 -3.46 -26.31
N LEU A 1061 30.02 -3.01 -27.13
CA LEU A 1061 31.06 -3.88 -27.68
C LEU A 1061 32.41 -3.31 -27.23
N HIS A 1062 32.84 -3.68 -26.04
CA HIS A 1062 34.14 -3.25 -25.55
C HIS A 1062 35.24 -4.01 -26.27
N VAL A 1063 36.29 -3.29 -26.66
CA VAL A 1063 37.46 -3.88 -27.31
C VAL A 1063 38.63 -3.63 -26.38
N THR A 1064 39.09 -4.67 -25.70
CA THR A 1064 40.08 -4.53 -24.65
C THR A 1064 41.39 -5.17 -25.08
N TYR A 1065 42.49 -4.49 -24.76
CA TYR A 1065 43.83 -5.01 -24.98
C TYR A 1065 44.18 -5.95 -23.83
N VAL A 1066 44.59 -7.17 -24.15
CA VAL A 1066 44.91 -8.18 -23.16
C VAL A 1066 46.30 -8.72 -23.48
N PRO A 1067 47.22 -8.80 -22.51
CA PRO A 1067 48.55 -9.33 -22.80
C PRO A 1067 48.53 -10.82 -23.12
N ALA A 1068 49.72 -11.38 -23.36
CA ALA A 1068 49.85 -12.75 -23.83
C ALA A 1068 51.13 -13.33 -23.25
N GLN A 1069 51.65 -14.38 -23.89
CA GLN A 1069 52.80 -15.14 -23.43
C GLN A 1069 53.87 -14.24 -22.82
N GLU A 1070 54.33 -14.62 -21.62
CA GLU A 1070 55.29 -13.85 -20.85
C GLU A 1070 56.39 -14.76 -20.35
N LYS A 1071 57.56 -14.17 -20.09
CA LYS A 1071 58.73 -14.93 -19.66
C LYS A 1071 59.41 -14.23 -18.50
N ASN A 1072 59.89 -15.01 -17.54
CA ASN A 1072 60.80 -14.51 -16.52
C ASN A 1072 62.06 -13.97 -17.19
N PHE A 1073 62.47 -12.75 -16.85
CA PHE A 1073 63.80 -12.38 -17.30
C PHE A 1073 64.77 -12.09 -16.16
N THR A 1074 64.58 -10.94 -15.51
CA THR A 1074 65.28 -10.48 -14.30
C THR A 1074 64.84 -9.03 -14.11
N THR A 1075 64.97 -8.47 -12.91
CA THR A 1075 64.76 -7.04 -12.76
C THR A 1075 65.69 -6.48 -11.70
N ALA A 1076 66.02 -5.20 -11.86
CA ALA A 1076 66.80 -4.43 -10.91
C ALA A 1076 66.23 -3.01 -10.91
N PRO A 1077 66.00 -2.44 -9.73
CA PRO A 1077 65.35 -1.12 -9.67
C PRO A 1077 66.11 -0.02 -10.38
N ALA A 1078 67.44 -0.07 -10.39
CA ALA A 1078 68.23 0.99 -11.00
C ALA A 1078 69.53 0.41 -11.51
N ILE A 1079 70.28 1.24 -12.24
CA ILE A 1079 71.60 0.89 -12.75
C ILE A 1079 72.58 1.95 -12.29
N CYS A 1080 73.72 1.50 -11.76
CA CYS A 1080 74.78 2.39 -11.30
C CYS A 1080 75.93 2.33 -12.30
N HIS A 1081 76.03 3.33 -13.17
CA HIS A 1081 77.12 3.37 -14.13
C HIS A 1081 78.38 3.96 -13.51
N ASP A 1082 78.32 5.21 -13.06
CA ASP A 1082 79.47 5.87 -12.44
C ASP A 1082 78.97 6.54 -11.14
N GLY A 1083 78.87 5.74 -10.08
CA GLY A 1083 78.53 6.26 -8.77
C GLY A 1083 77.16 6.91 -8.70
N LYS A 1084 76.32 6.68 -9.70
CA LYS A 1084 75.01 7.31 -9.79
C LYS A 1084 73.98 6.30 -10.27
N ALA A 1085 72.85 6.25 -9.58
CA ALA A 1085 71.77 5.33 -9.94
C ALA A 1085 71.00 5.89 -11.14
N HIS A 1086 70.76 5.04 -12.12
CA HIS A 1086 70.01 5.40 -13.32
C HIS A 1086 68.63 4.74 -13.24
N PHE A 1087 67.60 5.52 -13.57
CA PHE A 1087 66.23 5.02 -13.54
C PHE A 1087 65.58 5.23 -14.90
N PRO A 1088 64.69 4.33 -15.31
CA PRO A 1088 64.10 4.46 -16.65
C PRO A 1088 63.16 5.66 -16.71
N ARG A 1089 63.23 6.40 -17.82
CA ARG A 1089 62.27 7.46 -18.05
C ARG A 1089 60.86 6.90 -18.13
N GLU A 1090 60.71 5.77 -18.82
CA GLU A 1090 59.48 4.98 -18.76
C GLU A 1090 59.84 3.53 -19.10
N GLY A 1091 59.21 2.59 -18.42
CA GLY A 1091 59.41 1.17 -18.65
C GLY A 1091 60.21 0.53 -17.53
N VAL A 1092 60.68 -0.69 -17.82
CA VAL A 1092 61.34 -1.54 -16.84
C VAL A 1092 62.77 -1.78 -17.27
N PHE A 1093 63.70 -1.73 -16.32
CA PHE A 1093 65.05 -2.22 -16.57
C PHE A 1093 65.03 -3.74 -16.49
N VAL A 1094 65.13 -4.39 -17.65
CA VAL A 1094 64.98 -5.82 -17.76
C VAL A 1094 66.30 -6.43 -18.21
N SER A 1095 66.55 -7.67 -17.79
CA SER A 1095 67.78 -8.37 -18.13
C SER A 1095 67.44 -9.66 -18.89
N ASN A 1096 68.00 -9.79 -20.08
CA ASN A 1096 67.95 -11.06 -20.80
C ASN A 1096 68.49 -12.19 -19.93
N GLY A 1097 69.49 -11.88 -19.12
CA GLY A 1097 70.24 -12.87 -18.36
C GLY A 1097 71.71 -12.55 -18.42
N THR A 1098 72.13 -11.82 -19.47
CA THR A 1098 73.53 -11.45 -19.63
C THR A 1098 73.70 -9.94 -19.84
N HIS A 1099 72.80 -9.31 -20.59
CA HIS A 1099 72.93 -7.90 -20.95
C HIS A 1099 71.66 -7.16 -20.58
N TRP A 1100 71.79 -6.14 -19.74
CA TRP A 1100 70.63 -5.40 -19.26
C TRP A 1100 70.03 -4.55 -20.37
N PHE A 1101 68.73 -4.32 -20.26
CA PHE A 1101 67.98 -3.61 -21.29
C PHE A 1101 66.86 -2.81 -20.65
N VAL A 1102 66.42 -1.77 -21.36
CA VAL A 1102 65.23 -1.01 -20.99
C VAL A 1102 64.11 -1.40 -21.94
N THR A 1103 62.93 -1.64 -21.38
CA THR A 1103 61.78 -2.07 -22.18
C THR A 1103 60.52 -1.49 -21.56
N GLN A 1104 59.47 -1.43 -22.38
CA GLN A 1104 58.23 -0.74 -21.95
C GLN A 1104 57.49 -1.45 -20.82
N ARG A 1105 56.20 -1.16 -20.70
CA ARG A 1105 55.37 -1.69 -19.62
C ARG A 1105 54.70 -3.01 -19.99
N ASN A 1106 53.76 -2.97 -20.95
CA ASN A 1106 52.91 -4.11 -21.27
C ASN A 1106 53.29 -4.80 -22.57
N PHE A 1107 54.48 -4.51 -23.11
CA PHE A 1107 54.92 -5.15 -24.34
C PHE A 1107 56.44 -5.26 -24.28
N TYR A 1108 56.96 -6.39 -24.73
CA TYR A 1108 58.39 -6.61 -24.71
C TYR A 1108 59.00 -5.98 -25.96
N GLU A 1109 59.84 -4.96 -25.74
CA GLU A 1109 60.55 -4.29 -26.83
C GLU A 1109 61.87 -3.80 -26.28
N PRO A 1110 62.84 -4.70 -26.12
CA PRO A 1110 64.11 -4.32 -25.49
C PRO A 1110 64.84 -3.27 -26.30
N GLN A 1111 65.47 -2.34 -25.58
CA GLN A 1111 66.21 -1.24 -26.19
C GLN A 1111 67.55 -1.09 -25.50
N ILE A 1112 68.55 -0.65 -26.27
CA ILE A 1112 69.86 -0.39 -25.70
C ILE A 1112 69.76 0.80 -24.75
N ILE A 1113 70.27 0.63 -23.54
CA ILE A 1113 70.19 1.69 -22.55
C ILE A 1113 71.14 2.82 -22.92
N THR A 1114 70.61 4.04 -22.92
CA THR A 1114 71.38 5.23 -23.28
C THR A 1114 71.09 6.32 -22.28
N THR A 1115 71.55 7.54 -22.60
CA THR A 1115 71.34 8.67 -21.69
C THR A 1115 70.00 9.35 -21.90
N ASP A 1116 69.29 9.04 -22.97
CA ASP A 1116 68.02 9.70 -23.24
C ASP A 1116 66.81 8.88 -22.77
N ASN A 1117 66.92 7.55 -22.76
CA ASN A 1117 65.84 6.72 -22.25
C ASN A 1117 65.84 6.63 -20.73
N THR A 1118 66.86 7.18 -20.07
CA THR A 1118 66.95 7.15 -18.62
C THR A 1118 67.34 8.53 -18.10
N PHE A 1119 66.96 8.79 -16.86
CA PHE A 1119 67.37 9.99 -16.15
C PHE A 1119 68.13 9.56 -14.89
N VAL A 1120 69.16 10.33 -14.53
CA VAL A 1120 70.06 9.95 -13.45
C VAL A 1120 69.83 10.88 -12.26
N SER A 1121 69.67 10.27 -11.09
CA SER A 1121 69.55 11.01 -9.84
C SER A 1121 69.81 10.07 -8.66
N GLY A 1122 70.89 10.29 -7.92
CA GLY A 1122 71.23 9.41 -6.82
C GLY A 1122 72.72 9.44 -6.57
N ASN A 1123 73.15 8.49 -5.72
CA ASN A 1123 74.54 8.42 -5.31
C ASN A 1123 75.04 6.97 -5.23
N CYS A 1124 74.32 6.02 -5.81
CA CYS A 1124 74.72 4.62 -5.89
C CYS A 1124 74.89 3.97 -4.51
N ASP A 1125 74.28 4.54 -3.48
CA ASP A 1125 74.45 4.01 -2.13
C ASP A 1125 73.14 3.81 -1.38
N VAL A 1126 72.10 4.57 -1.68
CA VAL A 1126 70.87 4.50 -0.90
C VAL A 1126 69.92 3.50 -1.54
N VAL A 1127 70.08 3.27 -2.84
CA VAL A 1127 69.19 2.38 -3.58
C VAL A 1127 69.56 0.93 -3.28
N ILE A 1128 68.59 0.15 -2.84
CA ILE A 1128 68.81 -1.27 -2.60
C ILE A 1128 68.49 -2.05 -3.86
N GLY A 1129 69.16 -3.19 -4.01
CA GLY A 1129 68.94 -4.06 -5.15
C GLY A 1129 69.51 -3.55 -6.47
N ILE A 1130 70.30 -2.48 -6.45
CA ILE A 1130 70.85 -1.95 -7.68
C ILE A 1130 71.84 -2.94 -8.28
N VAL A 1131 72.03 -2.87 -9.59
CA VAL A 1131 72.89 -3.79 -10.32
C VAL A 1131 73.86 -3.01 -11.18
N ASN A 1132 75.13 -3.39 -11.12
CA ASN A 1132 76.17 -2.74 -11.89
C ASN A 1132 75.99 -3.01 -13.38
N ASN A 1133 76.14 -1.96 -14.18
CA ASN A 1133 76.12 -2.07 -15.63
C ASN A 1133 76.68 -0.77 -16.21
N THR A 1134 76.81 -0.75 -17.53
CA THR A 1134 77.33 0.42 -18.24
C THR A 1134 76.22 1.01 -19.10
N VAL A 1135 75.98 2.31 -18.92
CA VAL A 1135 75.01 3.04 -19.73
C VAL A 1135 75.80 3.88 -20.73
N TYR A 1136 75.25 4.03 -21.94
CA TYR A 1136 75.93 4.68 -23.03
C TYR A 1136 75.32 6.06 -23.29
N ASP A 1137 75.99 6.84 -24.13
CA ASP A 1137 75.49 8.15 -24.52
C ASP A 1137 75.81 8.40 -26.00
N PRO A 1138 74.88 8.94 -26.77
CA PRO A 1138 75.16 9.30 -28.16
C PRO A 1138 75.91 10.62 -28.33
N LEU A 1139 76.45 11.17 -27.24
CA LEU A 1139 77.12 12.47 -27.27
C LEU A 1139 78.65 12.36 -27.27
N GLN A 1140 79.21 11.49 -26.44
CA GLN A 1140 80.66 11.36 -26.38
C GLN A 1140 81.22 10.82 -27.70
N LEU A 1141 80.44 9.99 -28.40
CA LEU A 1141 80.90 9.43 -29.67
C LEU A 1141 81.15 10.53 -30.70
N GLU A 1142 80.26 11.51 -30.77
CA GLU A 1142 80.41 12.61 -31.73
C GLU A 1142 80.89 13.88 -31.04
N THR B 26 -48.71 36.75 -27.79
CA THR B 26 -47.80 36.45 -28.89
C THR B 26 -46.36 36.76 -28.50
N THR B 27 -45.44 35.88 -28.87
CA THR B 27 -44.03 36.07 -28.55
C THR B 27 -43.18 35.41 -29.62
N THR B 28 -41.97 35.94 -29.78
CA THR B 28 -40.99 35.37 -30.70
C THR B 28 -40.19 34.28 -29.98
N GLN B 29 -39.48 33.48 -30.77
CA GLN B 29 -38.67 32.38 -30.28
C GLN B 29 -37.28 32.42 -30.90
N SER B 30 -36.67 33.60 -30.92
CA SER B 30 -35.32 33.75 -31.43
C SER B 30 -34.32 33.06 -30.51
N TYR B 31 -33.25 32.54 -31.12
CA TYR B 31 -32.22 31.80 -30.41
C TYR B 31 -30.91 32.58 -30.42
N THR B 32 -30.20 32.55 -29.30
CA THR B 32 -28.90 33.20 -29.15
C THR B 32 -27.96 32.25 -28.41
N ASN B 33 -26.77 32.75 -28.09
CA ASN B 33 -25.74 31.98 -27.42
C ASN B 33 -25.58 32.50 -25.99
N SER B 34 -25.63 31.58 -25.02
CA SER B 34 -25.59 31.98 -23.61
C SER B 34 -24.24 32.54 -23.19
N PHE B 35 -23.16 32.18 -23.91
CA PHE B 35 -21.81 32.60 -23.56
C PHE B 35 -21.48 32.15 -22.13
N THR B 36 -20.68 32.95 -21.42
CA THR B 36 -20.38 32.70 -20.02
C THR B 36 -21.37 33.49 -19.16
N ARG B 37 -22.29 32.77 -18.52
CA ARG B 37 -23.35 33.40 -17.73
C ARG B 37 -24.07 32.33 -16.93
N GLY B 38 -24.48 32.68 -15.71
CA GLY B 38 -25.24 31.72 -14.88
C GLY B 38 -24.36 30.98 -13.88
N VAL B 39 -23.51 31.70 -13.14
CA VAL B 39 -22.65 31.06 -12.09
C VAL B 39 -23.11 31.59 -10.73
N TYR B 40 -23.52 30.69 -9.83
CA TYR B 40 -24.04 31.11 -8.50
C TYR B 40 -23.16 30.55 -7.38
N TYR B 41 -23.51 30.85 -6.12
CA TYR B 41 -22.76 30.30 -4.96
C TYR B 41 -23.40 28.98 -4.53
N PRO B 42 -22.77 27.82 -4.81
CA PRO B 42 -23.36 26.51 -4.49
C PRO B 42 -23.26 26.15 -3.01
N ASP B 43 -22.30 26.74 -2.28
CA ASP B 43 -22.11 26.39 -0.88
C ASP B 43 -21.94 27.69 -0.08
N LYS B 44 -22.01 27.57 1.24
CA LYS B 44 -22.17 28.71 2.12
C LYS B 44 -20.90 29.02 2.91
N VAL B 45 -19.73 28.80 2.32
CA VAL B 45 -18.46 28.95 3.02
C VAL B 45 -17.62 29.98 2.29
N PHE B 46 -17.00 30.89 3.06
CA PHE B 46 -16.20 31.97 2.51
C PHE B 46 -14.84 31.44 2.06
N ARG B 47 -14.27 32.10 1.05
CA ARG B 47 -13.03 31.65 0.43
C ARG B 47 -12.25 32.85 -0.08
N SER B 48 -10.97 32.63 -0.34
CA SER B 48 -10.09 33.67 -0.87
C SER B 48 -8.83 33.03 -1.43
N SER B 49 -8.35 33.57 -2.55
CA SER B 49 -7.10 33.12 -3.19
C SER B 49 -7.13 31.62 -3.45
N VAL B 50 -8.30 31.12 -3.84
CA VAL B 50 -8.56 29.69 -3.95
C VAL B 50 -9.24 29.43 -5.29
N LEU B 51 -9.05 28.22 -5.80
CA LEU B 51 -9.55 27.80 -7.10
C LEU B 51 -10.40 26.56 -6.96
N HIS B 52 -11.35 26.63 -6.02
CA HIS B 52 -12.18 25.48 -5.68
C HIS B 52 -12.92 24.93 -6.89
N LEU B 53 -12.97 23.61 -6.98
CA LEU B 53 -13.68 22.89 -8.03
C LEU B 53 -14.88 22.19 -7.40
N THR B 54 -16.06 22.41 -7.97
CA THR B 54 -17.28 21.78 -7.48
C THR B 54 -18.07 21.23 -8.65
N GLN B 55 -18.74 20.10 -8.40
CA GLN B 55 -19.65 19.50 -9.36
C GLN B 55 -21.06 19.71 -8.84
N ASP B 56 -21.84 20.49 -9.59
CA ASP B 56 -23.24 20.80 -9.18
C ASP B 56 -23.98 21.28 -10.44
N LEU B 57 -25.31 21.07 -10.50
CA LEU B 57 -26.09 21.47 -11.69
C LEU B 57 -25.75 22.92 -12.06
N PHE B 58 -25.15 23.13 -13.24
CA PHE B 58 -24.74 24.49 -13.66
C PHE B 58 -25.06 24.71 -15.14
N LEU B 59 -25.57 25.89 -15.49
CA LEU B 59 -25.87 26.20 -16.88
C LEU B 59 -24.59 26.14 -17.70
N PRO B 60 -24.54 25.36 -18.78
CA PRO B 60 -23.29 25.20 -19.53
C PRO B 60 -22.82 26.53 -20.14
N PHE B 61 -21.51 26.67 -20.26
CA PHE B 61 -20.95 27.84 -20.90
C PHE B 61 -21.10 27.75 -22.41
N PHE B 62 -21.39 28.89 -23.05
CA PHE B 62 -21.67 28.96 -24.48
C PHE B 62 -22.80 28.00 -24.86
N SER B 63 -23.70 27.76 -23.93
CA SER B 63 -24.89 26.96 -24.17
C SER B 63 -25.88 27.76 -25.01
N ASN B 64 -27.00 27.13 -25.33
CA ASN B 64 -27.97 27.72 -26.24
C ASN B 64 -29.16 28.21 -25.42
N VAL B 65 -29.48 29.50 -25.57
CA VAL B 65 -30.50 30.16 -24.78
C VAL B 65 -31.59 30.66 -25.73
N THR B 66 -32.83 30.36 -25.42
CA THR B 66 -33.97 30.79 -26.22
C THR B 66 -34.42 32.18 -25.74
N TRP B 67 -34.64 33.08 -26.69
CA TRP B 67 -35.00 34.45 -26.39
C TRP B 67 -36.42 34.72 -26.89
N PHE B 68 -37.27 35.23 -26.01
CA PHE B 68 -38.67 35.48 -26.32
C PHE B 68 -38.95 36.97 -26.36
N HIS B 69 -40.13 37.32 -26.87
CA HIS B 69 -40.60 38.70 -26.86
C HIS B 69 -41.89 38.80 -26.07
N ALA B 70 -42.54 39.96 -26.12
CA ALA B 70 -43.79 40.15 -25.39
C ALA B 70 -44.57 41.29 -26.02
N ILE B 71 -45.80 40.99 -26.46
CA ILE B 71 -46.68 41.99 -27.01
C ILE B 71 -48.05 41.91 -26.33
N ASP B 81 -49.18 32.95 -26.84
CA ASP B 81 -49.25 33.77 -25.65
C ASP B 81 -48.72 33.04 -24.43
N ASN B 82 -47.47 33.34 -24.06
CA ASN B 82 -46.79 32.76 -22.91
C ASN B 82 -46.85 31.23 -22.93
N PRO B 83 -46.10 30.58 -23.82
CA PRO B 83 -46.09 29.13 -23.85
C PRO B 83 -45.54 28.54 -22.55
N VAL B 84 -46.02 27.36 -22.20
CA VAL B 84 -45.62 26.68 -20.98
C VAL B 84 -44.32 25.93 -21.28
N LEU B 85 -43.20 26.52 -20.88
CA LEU B 85 -41.90 25.90 -21.11
C LEU B 85 -41.68 24.75 -20.12
N PRO B 86 -41.18 23.62 -20.61
CA PRO B 86 -40.93 22.49 -19.71
C PRO B 86 -39.83 22.81 -18.69
N PHE B 87 -39.98 22.21 -17.51
CA PHE B 87 -39.02 22.36 -16.42
C PHE B 87 -38.35 21.01 -16.17
N ASN B 88 -37.03 20.97 -16.33
CA ASN B 88 -36.25 19.78 -16.01
C ASN B 88 -34.82 20.22 -15.71
N ASP B 89 -34.31 19.77 -14.56
CA ASP B 89 -32.95 20.12 -14.11
C ASP B 89 -32.74 21.63 -14.07
N GLY B 90 -33.77 22.36 -13.65
CA GLY B 90 -33.70 23.79 -13.50
C GLY B 90 -33.71 24.52 -14.84
N VAL B 91 -33.97 25.82 -14.76
CA VAL B 91 -33.91 26.70 -15.91
C VAL B 91 -33.30 28.03 -15.48
N TYR B 92 -32.34 28.51 -16.26
CA TYR B 92 -31.78 29.84 -16.05
C TYR B 92 -32.72 30.88 -16.65
N PHE B 93 -32.97 31.94 -15.90
CA PHE B 93 -33.88 32.99 -16.33
C PHE B 93 -33.18 34.34 -16.29
N ALA B 94 -33.49 35.18 -17.27
CA ALA B 94 -32.98 36.55 -17.30
C ALA B 94 -34.04 37.44 -17.92
N SER B 95 -34.01 38.71 -17.56
CA SER B 95 -35.00 39.67 -18.04
C SER B 95 -34.47 41.08 -17.89
N THR B 96 -34.50 41.83 -18.98
CA THR B 96 -34.18 43.26 -18.96
C THR B 96 -35.43 44.06 -19.28
N GLU B 97 -35.58 45.20 -18.62
CA GLU B 97 -36.81 45.99 -18.70
C GLU B 97 -36.48 47.43 -18.34
N LYS B 98 -37.38 48.34 -18.67
CA LYS B 98 -37.19 49.74 -18.31
C LYS B 98 -37.50 49.95 -16.83
N SER B 99 -38.75 49.75 -16.44
CA SER B 99 -39.13 49.73 -15.03
C SER B 99 -39.70 48.39 -14.60
N ASN B 100 -40.79 47.94 -15.23
CA ASN B 100 -41.39 46.64 -14.91
C ASN B 100 -42.48 46.24 -15.90
N ILE B 101 -42.44 44.98 -16.33
CA ILE B 101 -43.47 44.40 -17.16
C ILE B 101 -43.80 42.98 -16.75
N ILE B 102 -43.10 42.48 -15.73
CA ILE B 102 -43.18 41.09 -15.30
C ILE B 102 -43.48 41.08 -13.80
N ARG B 103 -44.40 40.21 -13.35
CA ARG B 103 -44.68 40.14 -11.92
C ARG B 103 -44.14 38.86 -11.29
N GLY B 104 -44.43 37.70 -11.86
CA GLY B 104 -44.09 36.46 -11.19
C GLY B 104 -44.06 35.25 -12.11
N TRP B 105 -44.01 34.08 -11.46
CA TRP B 105 -43.95 32.80 -12.16
C TRP B 105 -44.86 31.81 -11.46
N ILE B 106 -45.27 30.78 -12.19
CA ILE B 106 -46.04 29.67 -11.61
C ILE B 106 -45.37 28.36 -11.99
N PHE B 107 -45.43 27.39 -11.08
CA PHE B 107 -44.69 26.15 -11.22
C PHE B 107 -45.61 24.94 -11.12
N GLY B 108 -45.04 23.74 -11.16
CA GLY B 108 -45.80 22.52 -10.92
C GLY B 108 -46.09 21.73 -12.17
N THR B 109 -46.91 20.69 -12.00
CA THR B 109 -47.41 19.89 -13.13
C THR B 109 -48.90 20.19 -13.30
N THR B 110 -49.36 20.03 -14.53
CA THR B 110 -50.75 20.10 -14.97
C THR B 110 -51.44 21.40 -14.60
N LEU B 111 -50.80 22.26 -13.79
CA LEU B 111 -51.25 23.61 -13.50
C LEU B 111 -52.74 23.73 -13.18
N ASP B 112 -53.29 22.78 -12.43
CA ASP B 112 -54.70 22.79 -12.11
C ASP B 112 -54.95 22.53 -10.63
N SER B 113 -56.23 22.45 -10.28
CA SER B 113 -56.64 22.04 -8.91
C SER B 113 -56.65 20.51 -8.81
N LYS B 114 -55.47 19.90 -8.94
CA LYS B 114 -55.29 18.48 -8.67
C LYS B 114 -53.93 18.14 -8.10
N THR B 115 -52.89 18.91 -8.43
CA THR B 115 -51.56 18.74 -7.88
C THR B 115 -51.10 20.07 -7.30
N GLN B 116 -50.24 20.00 -6.28
CA GLN B 116 -49.75 21.21 -5.65
C GLN B 116 -48.92 22.03 -6.64
N SER B 117 -49.08 23.35 -6.58
CA SER B 117 -48.43 24.25 -7.52
C SER B 117 -47.78 25.38 -6.76
N LEU B 118 -47.16 26.30 -7.50
CA LEU B 118 -46.39 27.39 -6.91
C LEU B 118 -46.74 28.69 -7.61
N LEU B 119 -46.60 29.79 -6.87
CA LEU B 119 -46.82 31.13 -7.41
C LEU B 119 -45.95 32.10 -6.64
N ILE B 120 -45.06 32.80 -7.35
CA ILE B 120 -44.05 33.63 -6.72
C ILE B 120 -44.17 35.07 -7.17
N VAL B 121 -45.40 35.53 -7.43
CA VAL B 121 -45.62 36.88 -7.94
C VAL B 121 -45.06 37.90 -6.96
N ASN B 122 -44.39 38.91 -7.49
CA ASN B 122 -43.91 40.04 -6.72
C ASN B 122 -44.90 41.20 -6.80
N ASN B 123 -44.67 42.22 -5.98
CA ASN B 123 -45.49 43.45 -6.11
C ASN B 123 -44.56 44.66 -5.96
N ALA B 124 -45.06 45.77 -5.44
CA ALA B 124 -44.25 46.98 -5.27
C ALA B 124 -43.38 46.93 -4.02
N THR B 125 -43.84 46.23 -2.97
CA THR B 125 -43.09 46.29 -1.69
C THR B 125 -42.66 44.90 -1.21
N ASN B 126 -43.35 43.84 -1.62
CA ASN B 126 -43.03 42.49 -1.10
C ASN B 126 -43.21 41.44 -2.19
N VAL B 127 -43.19 40.15 -1.81
CA VAL B 127 -43.39 39.04 -2.79
C VAL B 127 -44.49 38.13 -2.24
N PHE B 128 -45.12 37.34 -3.11
CA PHE B 128 -46.25 36.48 -2.67
C PHE B 128 -45.93 35.01 -2.94
N ILE B 129 -44.80 34.52 -2.44
CA ILE B 129 -44.48 33.11 -2.61
C ILE B 129 -45.49 32.26 -1.86
N LYS B 130 -46.03 31.25 -2.54
CA LYS B 130 -47.00 30.34 -1.95
C LYS B 130 -46.97 29.03 -2.71
N VAL B 131 -47.00 27.93 -1.95
CA VAL B 131 -47.10 26.59 -2.50
C VAL B 131 -48.52 26.13 -2.26
N CYS B 132 -49.38 26.30 -3.26
CA CYS B 132 -50.81 26.07 -3.12
C CYS B 132 -51.31 25.23 -4.28
N GLU B 133 -52.60 24.91 -4.24
CA GLU B 133 -53.26 24.15 -5.34
C GLU B 133 -54.27 25.08 -6.03
N PHE B 134 -53.77 26.18 -6.62
CA PHE B 134 -54.59 27.08 -7.43
C PHE B 134 -55.32 26.31 -8.52
N GLN B 135 -56.57 26.71 -8.76
CA GLN B 135 -57.40 26.04 -9.76
C GLN B 135 -57.01 26.44 -11.18
N PHE B 136 -57.20 27.71 -11.52
CA PHE B 136 -56.89 28.24 -12.85
C PHE B 136 -57.03 29.75 -12.88
N CYS B 137 -56.26 30.41 -13.74
CA CYS B 137 -56.43 31.84 -13.99
C CYS B 137 -56.67 32.16 -15.45
N ASN B 138 -55.92 31.53 -16.36
CA ASN B 138 -56.01 31.78 -17.80
C ASN B 138 -55.92 33.27 -18.13
N ASP B 139 -55.20 34.02 -17.31
CA ASP B 139 -55.07 35.47 -17.50
C ASP B 139 -53.71 35.96 -17.01
N GLY B 158 -56.20 38.70 -8.51
CA GLY B 158 -56.97 37.83 -9.37
C GLY B 158 -56.12 36.91 -10.22
N VAL B 159 -55.20 36.20 -9.57
CA VAL B 159 -54.30 35.28 -10.25
C VAL B 159 -54.60 33.82 -9.92
N TYR B 160 -55.38 33.57 -8.87
CA TYR B 160 -55.78 32.21 -8.52
C TYR B 160 -57.26 32.17 -8.19
N SER B 161 -57.85 30.99 -8.20
CA SER B 161 -59.29 30.89 -7.85
C SER B 161 -59.57 29.55 -7.19
N SER B 162 -60.75 29.42 -6.62
CA SER B 162 -61.19 28.12 -6.06
C SER B 162 -60.15 27.63 -5.04
N ALA B 163 -60.02 28.34 -3.92
CA ALA B 163 -59.10 27.89 -2.84
C ALA B 163 -59.65 26.59 -2.23
N ASN B 164 -58.83 25.55 -2.22
CA ASN B 164 -59.23 24.21 -1.71
C ASN B 164 -58.19 23.73 -0.69
N ASN B 165 -56.91 23.89 -1.03
CA ASN B 165 -55.78 23.39 -0.21
C ASN B 165 -54.52 24.26 -0.47
N CYS B 166 -54.43 25.43 0.16
CA CYS B 166 -53.19 26.24 0.07
C CYS B 166 -52.39 26.12 1.38
N THR B 167 -51.07 26.31 1.32
CA THR B 167 -50.16 26.21 2.51
C THR B 167 -49.01 27.22 2.44
N PHE B 168 -48.25 27.40 3.56
CA PHE B 168 -46.88 27.89 3.38
C PHE B 168 -46.87 29.14 2.48
N GLU B 169 -47.43 30.22 3.01
CA GLU B 169 -47.39 31.53 2.37
C GLU B 169 -46.12 32.25 2.80
N TYR B 170 -45.29 32.64 1.84
CA TYR B 170 -44.00 33.24 2.13
C TYR B 170 -44.00 34.69 1.64
N VAL B 171 -43.62 35.58 2.56
CA VAL B 171 -43.56 37.04 2.24
C VAL B 171 -42.22 37.58 2.76
N SER B 172 -41.48 38.31 1.92
CA SER B 172 -40.19 38.87 2.29
C SER B 172 -39.96 40.14 1.48
N GLN B 173 -38.72 40.61 1.47
CA GLN B 173 -38.36 41.78 0.69
C GLN B 173 -38.56 41.50 -0.80
N PRO B 174 -38.96 42.51 -1.57
CA PRO B 174 -39.22 42.27 -2.99
C PRO B 174 -37.97 41.88 -3.74
N PHE B 175 -38.13 40.95 -4.68
CA PHE B 175 -36.99 40.52 -5.48
C PHE B 175 -36.50 41.63 -6.40
N LEU B 176 -37.41 42.33 -7.07
CA LEU B 176 -37.06 43.32 -8.09
C LEU B 176 -36.48 44.56 -7.43
N MET B 177 -35.20 44.83 -7.67
CA MET B 177 -34.57 46.08 -7.29
C MET B 177 -34.30 46.89 -8.55
N ASP B 178 -34.87 48.10 -8.60
CA ASP B 178 -34.74 48.96 -9.77
C ASP B 178 -34.13 50.29 -9.35
N LEU B 179 -33.04 50.67 -10.02
CA LEU B 179 -32.38 51.94 -9.79
C LEU B 179 -32.08 52.60 -11.12
N GLU B 180 -32.20 53.93 -11.17
CA GLU B 180 -31.95 54.68 -12.38
C GLU B 180 -31.18 55.95 -12.05
N GLY B 181 -30.19 56.26 -12.86
CA GLY B 181 -29.42 57.48 -12.70
C GLY B 181 -30.08 58.66 -13.37
N LYS B 182 -31.31 58.97 -12.96
CA LYS B 182 -32.11 60.06 -13.52
C LYS B 182 -32.40 59.86 -15.01
N GLN B 183 -32.34 58.62 -15.49
CA GLN B 183 -32.60 58.33 -16.89
C GLN B 183 -33.02 56.88 -17.04
N GLY B 184 -33.74 56.59 -18.12
CA GLY B 184 -34.16 55.24 -18.43
C GLY B 184 -33.14 54.40 -19.15
N ASN B 185 -31.99 54.98 -19.53
CA ASN B 185 -30.94 54.22 -20.20
C ASN B 185 -30.34 53.15 -19.30
N PHE B 186 -30.37 53.33 -17.98
CA PHE B 186 -29.85 52.35 -17.05
C PHE B 186 -30.90 51.26 -16.81
N LYS B 187 -31.20 50.55 -17.90
CA LYS B 187 -32.14 49.43 -17.85
C LYS B 187 -31.53 48.28 -17.07
N ASN B 188 -32.14 47.94 -15.93
CA ASN B 188 -31.64 46.87 -15.08
C ASN B 188 -31.85 45.51 -15.72
N LEU B 189 -30.80 44.69 -15.71
CA LEU B 189 -30.90 43.30 -16.09
C LEU B 189 -30.90 42.41 -14.85
N ARG B 190 -31.77 41.41 -14.87
CA ARG B 190 -31.99 40.56 -13.70
C ARG B 190 -31.82 39.11 -14.13
N GLU B 191 -30.88 38.40 -13.52
CA GLU B 191 -30.61 37.00 -13.82
C GLU B 191 -31.08 36.15 -12.65
N PHE B 192 -32.03 35.25 -12.91
CA PHE B 192 -32.61 34.39 -11.88
C PHE B 192 -32.42 32.92 -12.25
N VAL B 193 -32.05 32.12 -11.26
CA VAL B 193 -31.84 30.69 -11.44
C VAL B 193 -32.66 29.95 -10.38
N PHE B 194 -33.32 28.87 -10.78
CA PHE B 194 -34.15 28.08 -9.88
C PHE B 194 -33.83 26.60 -10.05
N LYS B 195 -33.85 25.91 -8.91
CA LYS B 195 -33.54 24.45 -8.90
C LYS B 195 -34.44 23.78 -7.86
N ASN B 196 -34.66 22.48 -8.00
CA ASN B 196 -35.51 21.71 -7.10
C ASN B 196 -34.90 20.37 -6.74
N ILE B 197 -33.61 20.35 -6.42
CA ILE B 197 -32.99 19.12 -5.90
C ILE B 197 -33.48 18.89 -4.49
N ASP B 198 -33.88 17.64 -4.20
CA ASP B 198 -34.47 17.19 -2.95
C ASP B 198 -35.41 18.23 -2.32
N GLY B 199 -36.25 18.84 -3.16
CA GLY B 199 -37.08 19.94 -2.70
C GLY B 199 -36.23 21.20 -2.59
N TYR B 200 -36.33 21.88 -1.45
CA TYR B 200 -35.44 22.98 -1.07
C TYR B 200 -35.22 23.95 -2.23
N PHE B 201 -36.31 24.60 -2.64
CA PHE B 201 -36.26 25.51 -3.77
C PHE B 201 -35.20 26.58 -3.54
N LYS B 202 -34.31 26.75 -4.50
CA LYS B 202 -33.22 27.71 -4.41
C LYS B 202 -33.39 28.78 -5.47
N ILE B 203 -33.39 30.04 -5.05
CA ILE B 203 -33.51 31.18 -5.95
C ILE B 203 -32.24 32.00 -5.85
N TYR B 204 -31.55 32.12 -6.99
CA TYR B 204 -30.31 32.94 -7.05
C TYR B 204 -30.61 34.17 -7.88
N SER B 205 -29.94 35.29 -7.60
CA SER B 205 -30.20 36.53 -8.31
C SER B 205 -29.03 37.49 -8.16
N LYS B 206 -28.97 38.44 -9.09
CA LYS B 206 -28.08 39.58 -9.02
C LYS B 206 -28.62 40.71 -9.90
N HIS B 207 -28.89 41.86 -9.30
CA HIS B 207 -29.48 42.98 -10.04
C HIS B 207 -28.45 44.06 -10.26
N THR B 208 -28.30 44.46 -11.53
CA THR B 208 -27.34 45.48 -11.92
C THR B 208 -27.68 46.04 -13.29
N PRO B 209 -27.67 47.36 -13.46
CA PRO B 209 -27.89 47.95 -14.78
C PRO B 209 -26.72 47.73 -15.72
N ILE B 210 -26.64 46.53 -16.31
CA ILE B 210 -25.58 46.16 -17.23
C ILE B 210 -25.77 46.93 -18.53
N ILE B 211 -24.79 46.82 -19.44
CA ILE B 211 -24.71 47.58 -20.69
C ILE B 211 -26.07 47.71 -21.38
N GLY B 212 -26.92 46.69 -21.25
CA GLY B 212 -28.32 46.82 -21.61
C GLY B 212 -28.67 46.40 -23.01
N ARG B 213 -27.70 46.07 -23.86
CA ARG B 213 -28.03 45.55 -25.19
C ARG B 213 -28.82 44.26 -25.08
N ASP B 214 -28.20 43.25 -24.46
CA ASP B 214 -28.77 41.93 -24.25
C ASP B 214 -27.95 41.27 -23.15
N PHE B 215 -28.05 39.94 -23.03
CA PHE B 215 -27.15 39.16 -22.17
C PHE B 215 -25.71 39.65 -22.33
N PRO B 216 -25.07 40.07 -21.24
CA PRO B 216 -23.70 40.61 -21.36
C PRO B 216 -22.68 39.54 -21.71
N GLN B 217 -21.42 39.95 -21.80
CA GLN B 217 -20.31 39.03 -21.99
C GLN B 217 -19.39 38.97 -20.79
N GLY B 218 -19.26 40.08 -20.05
CA GLY B 218 -18.47 40.09 -18.82
C GLY B 218 -19.05 39.19 -17.76
N PHE B 219 -18.18 38.55 -16.98
CA PHE B 219 -18.63 37.60 -15.98
C PHE B 219 -19.35 38.31 -14.84
N SER B 220 -20.40 37.67 -14.33
CA SER B 220 -21.13 38.17 -13.17
C SER B 220 -21.54 37.00 -12.30
N ALA B 221 -21.43 37.16 -11.00
CA ALA B 221 -21.80 36.11 -10.05
C ALA B 221 -23.29 36.18 -9.75
N LEU B 222 -23.78 35.16 -9.02
CA LEU B 222 -25.21 35.12 -8.62
C LEU B 222 -25.28 34.82 -7.13
N GLU B 223 -25.97 35.67 -6.37
CA GLU B 223 -26.08 35.52 -4.92
C GLU B 223 -27.41 34.89 -4.56
N PRO B 224 -27.43 33.73 -3.91
CA PRO B 224 -28.71 33.15 -3.50
C PRO B 224 -29.48 34.08 -2.58
N LEU B 225 -30.79 34.14 -2.79
CA LEU B 225 -31.67 35.03 -2.03
C LEU B 225 -32.57 34.27 -1.06
N VAL B 226 -33.26 33.25 -1.53
CA VAL B 226 -34.11 32.42 -0.68
C VAL B 226 -33.81 30.95 -0.96
N ASP B 227 -33.94 30.14 0.10
CA ASP B 227 -33.73 28.69 -0.02
C ASP B 227 -34.79 28.04 0.86
N LEU B 228 -35.86 27.59 0.24
CA LEU B 228 -37.09 27.21 0.93
C LEU B 228 -37.50 25.80 0.53
N PRO B 229 -37.83 24.93 1.49
CA PRO B 229 -38.09 23.52 1.17
C PRO B 229 -39.49 23.23 0.68
N ILE B 230 -39.70 23.35 -0.64
CA ILE B 230 -41.03 23.11 -1.20
C ILE B 230 -41.43 21.65 -1.03
N GLY B 231 -40.55 20.74 -1.43
CA GLY B 231 -40.83 19.31 -1.32
C GLY B 231 -42.01 18.84 -2.14
N ILE B 232 -42.15 19.34 -3.37
CA ILE B 232 -43.23 18.88 -4.26
C ILE B 232 -42.65 18.53 -5.62
N ASN B 233 -43.57 18.27 -6.57
CA ASN B 233 -43.39 17.75 -7.97
C ASN B 233 -43.44 18.89 -9.01
N ILE B 234 -42.32 19.23 -9.67
CA ILE B 234 -42.38 20.30 -10.66
C ILE B 234 -41.98 19.74 -12.02
N THR B 235 -42.78 20.07 -13.04
CA THR B 235 -42.57 19.53 -14.41
C THR B 235 -42.66 20.66 -15.47
N ARG B 236 -43.47 21.68 -15.22
CA ARG B 236 -43.72 22.74 -16.20
C ARG B 236 -43.54 24.10 -15.55
N PHE B 237 -43.21 25.09 -16.39
CA PHE B 237 -42.80 26.41 -15.94
C PHE B 237 -43.45 27.48 -16.80
N GLN B 238 -43.87 28.57 -16.16
CA GLN B 238 -44.60 29.64 -16.83
C GLN B 238 -44.27 30.95 -16.14
N THR B 239 -44.42 32.06 -16.89
CA THR B 239 -44.09 33.39 -16.40
C THR B 239 -45.29 34.31 -16.49
N LEU B 240 -45.40 35.22 -15.53
CA LEU B 240 -46.47 36.21 -15.48
C LEU B 240 -45.96 37.57 -15.96
N LEU B 241 -46.91 38.46 -16.28
CA LEU B 241 -46.67 39.72 -16.99
C LEU B 241 -47.04 40.90 -16.08
N ALA B 242 -47.23 42.07 -16.69
CA ALA B 242 -47.79 43.21 -15.98
C ALA B 242 -48.93 43.84 -16.78
N LEU B 243 -49.38 45.01 -16.33
CA LEU B 243 -50.32 45.85 -17.07
C LEU B 243 -49.59 47.07 -17.60
N ASN B 244 -49.97 47.52 -18.80
CA ASN B 244 -49.35 48.66 -19.42
C ASN B 244 -50.40 49.40 -20.25
N ARG B 245 -50.15 50.68 -20.48
CA ARG B 245 -51.07 51.50 -21.25
C ARG B 245 -50.31 52.47 -22.16
N ALA B 262 -37.22 41.05 -25.90
CA ALA B 262 -36.53 42.03 -25.08
C ALA B 262 -36.36 41.53 -23.65
N ASP B 263 -36.68 40.26 -23.44
CA ASP B 263 -36.63 39.64 -22.12
C ASP B 263 -36.71 38.13 -22.32
N TYR B 264 -36.91 37.40 -21.22
CA TYR B 264 -37.20 35.97 -21.23
C TYR B 264 -36.01 35.13 -21.67
N TYR B 265 -34.78 35.57 -21.42
CA TYR B 265 -33.62 34.76 -21.75
C TYR B 265 -33.62 33.49 -20.93
N VAL B 266 -33.97 32.38 -21.57
CA VAL B 266 -34.24 31.12 -20.89
C VAL B 266 -33.22 30.09 -21.33
N GLY B 267 -32.52 29.50 -20.37
CA GLY B 267 -31.59 28.43 -20.63
C GLY B 267 -31.73 27.34 -19.58
N TYR B 268 -31.42 26.13 -20.01
CA TYR B 268 -31.61 24.94 -19.17
C TYR B 268 -30.27 24.50 -18.60
N LEU B 269 -30.25 24.37 -17.27
CA LEU B 269 -29.00 23.95 -16.57
C LEU B 269 -28.78 22.46 -16.78
N GLN B 270 -27.53 22.04 -16.67
CA GLN B 270 -27.16 20.64 -16.82
C GLN B 270 -26.15 20.24 -15.75
N PRO B 271 -26.14 18.97 -15.33
CA PRO B 271 -25.19 18.54 -14.30
C PRO B 271 -23.77 18.48 -14.84
N ARG B 272 -22.94 19.43 -14.44
CA ARG B 272 -21.57 19.55 -14.92
C ARG B 272 -20.64 19.87 -13.76
N THR B 273 -19.35 19.62 -13.98
CA THR B 273 -18.31 19.95 -13.03
C THR B 273 -17.74 21.32 -13.38
N PHE B 274 -17.68 22.21 -12.40
CA PHE B 274 -17.19 23.57 -12.62
C PHE B 274 -16.06 23.89 -11.66
N LEU B 275 -15.25 24.88 -12.05
CA LEU B 275 -14.23 25.46 -11.20
C LEU B 275 -14.43 26.97 -11.20
N LEU B 276 -14.37 27.58 -10.01
CA LEU B 276 -14.64 29.04 -9.91
C LEU B 276 -13.44 29.74 -9.26
N LYS B 277 -13.00 30.84 -9.86
CA LYS B 277 -11.89 31.63 -9.34
C LYS B 277 -12.42 32.64 -8.32
N TYR B 278 -11.87 32.59 -7.11
CA TYR B 278 -12.33 33.42 -6.01
C TYR B 278 -11.40 34.60 -5.82
N ASN B 279 -11.97 35.79 -5.71
CA ASN B 279 -11.20 36.98 -5.37
C ASN B 279 -10.74 36.88 -3.92
N GLU B 280 -9.67 37.62 -3.60
CA GLU B 280 -9.20 37.66 -2.22
C GLU B 280 -10.26 38.27 -1.31
N ASN B 281 -11.18 39.05 -1.88
CA ASN B 281 -12.36 39.51 -1.15
C ASN B 281 -13.49 38.48 -1.14
N GLY B 282 -13.34 37.37 -1.86
CA GLY B 282 -14.30 36.29 -1.83
C GLY B 282 -15.26 36.24 -3.01
N THR B 283 -15.35 37.30 -3.79
CA THR B 283 -16.23 37.30 -4.96
C THR B 283 -15.62 36.46 -6.08
N ILE B 284 -16.50 35.89 -6.91
CA ILE B 284 -16.03 35.04 -8.04
C ILE B 284 -15.72 35.95 -9.23
N THR B 285 -14.44 36.10 -9.58
CA THR B 285 -14.03 36.92 -10.70
C THR B 285 -14.05 36.15 -12.01
N ASP B 286 -13.99 34.82 -11.96
CA ASP B 286 -14.00 34.01 -13.17
C ASP B 286 -14.45 32.60 -12.83
N ALA B 287 -14.90 31.88 -13.86
CA ALA B 287 -15.28 30.49 -13.75
C ALA B 287 -15.08 29.81 -15.10
N VAL B 288 -14.73 28.53 -15.06
CA VAL B 288 -14.49 27.73 -16.27
C VAL B 288 -15.29 26.45 -16.17
N ASP B 289 -16.01 26.13 -17.24
CA ASP B 289 -16.69 24.84 -17.35
C ASP B 289 -15.67 23.73 -17.58
N CYS B 290 -16.07 22.50 -17.27
CA CYS B 290 -15.23 21.33 -17.48
C CYS B 290 -15.87 20.31 -18.41
N ALA B 291 -16.74 20.73 -19.32
CA ALA B 291 -17.28 19.83 -20.34
C ALA B 291 -17.49 20.53 -21.67
N LEU B 292 -16.68 21.56 -21.97
CA LEU B 292 -16.91 22.40 -23.13
C LEU B 292 -15.78 22.33 -24.15
N ASP B 293 -14.53 22.54 -23.71
CA ASP B 293 -13.40 22.69 -24.60
C ASP B 293 -12.24 21.85 -24.10
N PRO B 294 -11.36 21.36 -24.99
CA PRO B 294 -10.16 20.66 -24.51
C PRO B 294 -9.32 21.52 -23.58
N LEU B 295 -9.19 22.80 -23.87
CA LEU B 295 -8.47 23.70 -22.97
C LEU B 295 -9.17 23.77 -21.61
N SER B 296 -10.50 23.79 -21.62
CA SER B 296 -11.25 23.77 -20.36
C SER B 296 -10.99 22.48 -19.60
N GLU B 297 -10.92 21.35 -20.29
CA GLU B 297 -10.64 20.09 -19.64
C GLU B 297 -9.26 20.10 -18.99
N THR B 298 -8.28 20.65 -19.70
CA THR B 298 -6.90 20.75 -19.14
C THR B 298 -6.92 21.66 -17.92
N LYS B 299 -7.40 22.90 -18.08
CA LYS B 299 -7.42 23.87 -16.95
C LYS B 299 -8.14 23.23 -15.77
N CYS B 300 -9.24 22.49 -16.03
CA CYS B 300 -10.02 21.85 -14.94
C CYS B 300 -9.18 20.76 -14.27
N THR B 301 -8.49 19.92 -15.06
CA THR B 301 -7.75 18.77 -14.48
C THR B 301 -6.69 19.26 -13.47
N LEU B 302 -6.10 20.44 -13.72
CA LEU B 302 -5.05 20.98 -12.81
C LEU B 302 -5.65 22.13 -11.99
N LYS B 303 -6.96 22.38 -12.13
CA LYS B 303 -7.63 23.44 -11.32
C LYS B 303 -6.78 24.71 -11.34
N SER B 304 -6.32 25.13 -12.53
CA SER B 304 -5.53 26.38 -12.65
C SER B 304 -5.93 27.12 -13.93
N PHE B 305 -5.81 28.45 -13.93
CA PHE B 305 -6.23 29.25 -15.11
C PHE B 305 -5.10 29.30 -16.14
N THR B 306 -3.84 29.32 -15.67
CA THR B 306 -2.71 29.46 -16.61
C THR B 306 -2.11 28.08 -16.90
N VAL B 307 -2.24 27.59 -18.15
CA VAL B 307 -1.64 26.27 -18.53
C VAL B 307 -0.36 26.55 -19.33
N GLU B 308 0.77 26.00 -18.87
CA GLU B 308 2.02 26.16 -19.59
C GLU B 308 2.07 25.24 -20.80
N LYS B 309 2.93 25.60 -21.75
CA LYS B 309 3.06 24.81 -22.97
C LYS B 309 3.47 23.39 -22.65
N GLY B 310 2.74 22.43 -23.19
CA GLY B 310 3.03 21.03 -22.96
C GLY B 310 1.79 20.18 -23.14
N ILE B 311 1.98 18.88 -22.98
CA ILE B 311 0.92 17.88 -23.11
C ILE B 311 0.37 17.57 -21.73
N TYR B 312 -0.94 17.30 -21.68
CA TYR B 312 -1.62 16.99 -20.40
C TYR B 312 -2.63 15.85 -20.63
N GLN B 313 -2.50 14.74 -19.88
CA GLN B 313 -3.43 13.63 -19.97
C GLN B 313 -4.60 13.89 -19.04
N THR B 314 -5.78 14.06 -19.61
CA THR B 314 -6.92 14.61 -18.87
C THR B 314 -7.96 13.57 -18.47
N SER B 315 -8.33 12.65 -19.36
CA SER B 315 -9.43 11.74 -19.10
C SER B 315 -9.31 10.53 -20.02
N ASN B 316 -10.39 9.76 -20.11
CA ASN B 316 -10.48 8.63 -21.03
C ASN B 316 -11.68 8.82 -21.93
N PHE B 317 -11.56 8.36 -23.18
CA PHE B 317 -12.63 8.48 -24.16
C PHE B 317 -13.25 7.11 -24.38
N ARG B 318 -14.58 7.07 -24.50
CA ARG B 318 -15.27 5.76 -24.63
C ARG B 318 -16.36 5.83 -25.71
N VAL B 319 -16.41 4.81 -26.59
CA VAL B 319 -17.49 4.74 -27.61
C VAL B 319 -18.70 4.07 -26.97
N GLN B 320 -19.70 4.85 -26.55
CA GLN B 320 -20.85 4.23 -25.82
C GLN B 320 -21.56 3.21 -26.72
N PRO B 321 -21.88 1.99 -26.23
CA PRO B 321 -22.65 1.02 -27.03
C PRO B 321 -23.94 1.67 -27.52
N THR B 322 -24.15 1.69 -28.83
CA THR B 322 -25.35 2.36 -29.42
C THR B 322 -26.62 1.62 -28.98
N GLU B 323 -26.60 0.30 -28.95
CA GLU B 323 -27.82 -0.49 -28.62
C GLU B 323 -27.52 -1.45 -27.47
N SER B 324 -28.51 -2.20 -27.00
CA SER B 324 -28.29 -3.19 -25.94
C SER B 324 -29.08 -4.44 -26.27
N ILE B 325 -28.38 -5.57 -26.42
CA ILE B 325 -29.01 -6.85 -26.72
C ILE B 325 -29.11 -7.66 -25.45
N VAL B 326 -30.24 -8.33 -25.27
CA VAL B 326 -30.40 -9.37 -24.25
C VAL B 326 -30.76 -10.65 -24.98
N ARG B 327 -29.97 -11.70 -24.77
CA ARG B 327 -30.23 -12.98 -25.40
C ARG B 327 -30.06 -14.08 -24.36
N PHE B 328 -31.04 -14.95 -24.28
CA PHE B 328 -31.09 -16.06 -23.34
C PHE B 328 -31.30 -17.37 -24.10
N PRO B 329 -31.13 -18.51 -23.42
CA PRO B 329 -31.29 -19.80 -24.12
C PRO B 329 -32.65 -19.94 -24.78
N ASN B 330 -32.65 -20.73 -25.85
CA ASN B 330 -33.83 -20.97 -26.69
C ASN B 330 -34.90 -21.76 -25.96
N VAL B 331 -34.61 -22.17 -24.72
CA VAL B 331 -35.54 -23.00 -23.97
C VAL B 331 -36.88 -22.30 -23.80
N THR B 332 -37.96 -23.02 -24.08
CA THR B 332 -39.31 -22.54 -23.84
C THR B 332 -39.96 -23.28 -22.69
N ASN B 333 -40.03 -24.62 -22.78
CA ASN B 333 -40.50 -25.50 -21.71
C ASN B 333 -41.70 -24.90 -20.97
N LEU B 334 -42.76 -24.67 -21.72
CA LEU B 334 -43.96 -24.06 -21.15
C LEU B 334 -44.52 -24.90 -20.03
N CYS B 335 -44.92 -24.25 -18.95
CA CYS B 335 -45.42 -24.95 -17.78
C CYS B 335 -46.80 -25.54 -18.07
N PRO B 336 -47.22 -26.55 -17.29
CA PRO B 336 -48.54 -27.15 -17.52
C PRO B 336 -49.70 -26.25 -17.11
N PHE B 337 -49.41 -24.96 -16.88
CA PHE B 337 -50.41 -23.94 -16.62
C PHE B 337 -51.61 -24.09 -17.56
N HIS B 338 -51.34 -24.40 -18.82
CA HIS B 338 -52.40 -24.61 -19.79
C HIS B 338 -53.36 -25.70 -19.32
N GLU B 339 -52.81 -26.83 -18.87
CA GLU B 339 -53.65 -27.94 -18.45
C GLU B 339 -54.24 -27.76 -17.06
N VAL B 340 -53.71 -26.83 -16.26
CA VAL B 340 -54.33 -26.50 -14.97
C VAL B 340 -55.45 -25.47 -15.12
N PHE B 341 -55.42 -24.64 -16.15
CA PHE B 341 -56.48 -23.67 -16.40
C PHE B 341 -57.39 -24.01 -17.57
N ASN B 342 -57.06 -25.05 -18.35
CA ASN B 342 -57.98 -25.56 -19.36
C ASN B 342 -58.70 -26.83 -18.91
N ALA B 343 -58.60 -27.17 -17.62
CA ALA B 343 -59.30 -28.33 -17.11
C ALA B 343 -60.81 -28.07 -17.12
N THR B 344 -61.57 -29.17 -17.10
CA THR B 344 -63.03 -29.09 -17.14
C THR B 344 -63.69 -29.54 -15.85
N ARG B 345 -62.95 -30.11 -14.90
CA ARG B 345 -63.50 -30.67 -13.68
C ARG B 345 -62.70 -30.21 -12.46
N PHE B 346 -62.51 -28.89 -12.35
CA PHE B 346 -61.88 -28.30 -11.17
C PHE B 346 -62.52 -28.84 -9.90
N ALA B 347 -61.68 -29.49 -9.09
CA ALA B 347 -62.17 -30.19 -7.89
C ALA B 347 -62.84 -29.20 -6.93
N SER B 348 -63.60 -29.71 -5.98
CA SER B 348 -64.25 -28.87 -4.99
C SER B 348 -63.27 -28.42 -3.93
N VAL B 349 -63.70 -27.46 -3.10
CA VAL B 349 -62.83 -26.89 -2.08
C VAL B 349 -62.52 -27.91 -0.99
N TYR B 350 -63.48 -28.77 -0.64
CA TYR B 350 -63.24 -29.76 0.42
C TYR B 350 -62.15 -30.73 0.04
N ALA B 351 -62.01 -31.03 -1.26
CA ALA B 351 -60.91 -31.86 -1.78
C ALA B 351 -60.22 -31.04 -2.87
N TRP B 352 -59.29 -30.18 -2.45
CA TRP B 352 -58.62 -29.27 -3.38
C TRP B 352 -57.47 -30.00 -4.05
N ASN B 353 -57.57 -30.12 -5.37
CA ASN B 353 -56.46 -30.72 -6.17
C ASN B 353 -55.22 -29.84 -6.00
N ARG B 354 -54.09 -30.48 -5.76
CA ARG B 354 -52.81 -29.76 -5.66
C ARG B 354 -51.88 -30.30 -6.73
N THR B 355 -51.49 -29.44 -7.66
CA THR B 355 -50.59 -29.82 -8.75
C THR B 355 -49.18 -29.29 -8.47
N ARG B 356 -48.23 -30.22 -8.51
CA ARG B 356 -46.80 -29.85 -8.32
C ARG B 356 -46.21 -29.49 -9.68
N ILE B 357 -45.83 -28.23 -9.87
CA ILE B 357 -45.31 -27.73 -11.14
C ILE B 357 -43.79 -27.68 -11.03
N SER B 358 -43.11 -28.47 -11.85
CA SER B 358 -41.66 -28.55 -11.81
C SER B 358 -41.12 -28.69 -13.22
N ASN B 359 -39.86 -28.26 -13.38
CA ASN B 359 -39.10 -28.40 -14.62
C ASN B 359 -39.83 -27.75 -15.81
N CYS B 360 -40.01 -26.43 -15.70
CA CYS B 360 -40.65 -25.66 -16.75
C CYS B 360 -40.32 -24.19 -16.56
N VAL B 361 -40.57 -23.40 -17.60
CA VAL B 361 -40.36 -21.96 -17.58
C VAL B 361 -41.71 -21.31 -17.35
N ALA B 362 -41.85 -20.57 -16.24
CA ALA B 362 -43.13 -20.02 -15.82
C ALA B 362 -43.37 -18.70 -16.53
N ASP B 363 -44.01 -18.77 -17.70
CA ASP B 363 -44.46 -17.58 -18.41
C ASP B 363 -45.90 -17.29 -17.99
N TYR B 364 -46.15 -16.04 -17.58
CA TYR B 364 -47.44 -15.65 -17.02
C TYR B 364 -48.37 -15.04 -18.06
N SER B 365 -47.92 -14.87 -19.31
CA SER B 365 -48.81 -14.38 -20.35
C SER B 365 -49.85 -15.42 -20.73
N VAL B 366 -49.49 -16.71 -20.71
CA VAL B 366 -50.48 -17.76 -20.93
C VAL B 366 -51.50 -17.77 -19.80
N LEU B 367 -51.12 -17.30 -18.60
CA LEU B 367 -52.09 -17.12 -17.53
C LEU B 367 -52.95 -15.90 -17.77
N TYR B 368 -52.36 -14.83 -18.30
CA TYR B 368 -53.11 -13.56 -18.49
C TYR B 368 -54.14 -13.70 -19.62
N ASN B 369 -53.83 -14.47 -20.66
CA ASN B 369 -54.74 -14.55 -21.79
C ASN B 369 -55.84 -15.59 -21.60
N PHE B 370 -55.69 -16.48 -20.61
CA PHE B 370 -56.61 -17.60 -20.46
C PHE B 370 -57.84 -17.27 -19.62
N ALA B 371 -57.76 -16.28 -18.73
CA ALA B 371 -58.89 -16.02 -17.84
C ALA B 371 -59.11 -14.53 -17.62
N PRO B 372 -60.31 -14.03 -17.90
CA PRO B 372 -60.64 -12.64 -17.53
C PRO B 372 -60.85 -12.52 -16.03
N PHE B 373 -59.75 -12.35 -15.29
CA PHE B 373 -59.75 -12.44 -13.82
C PHE B 373 -60.73 -11.47 -13.16
N PHE B 374 -61.10 -11.78 -11.92
CA PHE B 374 -61.82 -10.85 -11.06
C PHE B 374 -61.15 -10.66 -9.71
N ALA B 375 -60.19 -11.50 -9.34
CA ALA B 375 -59.45 -11.34 -8.09
C ALA B 375 -58.05 -11.92 -8.32
N PHE B 376 -57.11 -11.04 -8.65
CA PHE B 376 -55.70 -11.48 -8.88
C PHE B 376 -54.81 -10.81 -7.84
N LYS B 377 -55.17 -10.97 -6.56
CA LYS B 377 -54.39 -10.39 -5.47
C LYS B 377 -53.21 -11.27 -5.13
N CYS B 378 -52.09 -10.60 -4.84
CA CYS B 378 -50.86 -11.35 -4.45
C CYS B 378 -50.42 -10.85 -3.07
N TYR B 379 -49.58 -11.61 -2.40
CA TYR B 379 -49.14 -11.28 -1.04
C TYR B 379 -47.62 -11.23 -0.92
N GLY B 380 -46.90 -12.16 -1.54
CA GLY B 380 -45.47 -12.20 -1.38
C GLY B 380 -44.71 -11.62 -2.56
N VAL B 381 -45.40 -11.53 -3.70
CA VAL B 381 -44.77 -10.98 -4.94
C VAL B 381 -45.76 -10.01 -5.60
N SER B 382 -45.48 -9.59 -6.83
CA SER B 382 -46.40 -8.70 -7.58
C SER B 382 -46.90 -9.43 -8.84
N PRO B 383 -48.19 -9.30 -9.21
CA PRO B 383 -48.68 -9.93 -10.45
C PRO B 383 -47.79 -9.51 -11.62
N THR B 384 -47.47 -8.21 -11.72
CA THR B 384 -46.58 -7.71 -12.80
C THR B 384 -45.16 -8.26 -12.59
N LYS B 385 -44.64 -8.18 -11.37
CA LYS B 385 -43.24 -8.62 -11.11
C LYS B 385 -43.22 -10.13 -10.83
N LEU B 386 -43.29 -10.95 -11.88
CA LEU B 386 -43.28 -12.44 -11.71
C LEU B 386 -42.55 -13.07 -12.90
N ASN B 387 -42.57 -12.42 -14.06
CA ASN B 387 -41.94 -12.99 -15.29
C ASN B 387 -40.41 -12.89 -15.20
N ASP B 388 -39.90 -12.15 -14.20
CA ASP B 388 -38.42 -11.94 -14.10
C ASP B 388 -37.93 -12.52 -12.77
N LEU B 389 -38.56 -13.59 -12.28
CA LEU B 389 -38.18 -14.17 -10.96
C LEU B 389 -37.98 -15.68 -11.10
N CYS B 390 -37.03 -16.25 -10.35
CA CYS B 390 -36.80 -17.72 -10.37
C CYS B 390 -37.35 -18.32 -9.07
N PHE B 391 -37.87 -19.55 -9.14
CA PHE B 391 -38.50 -20.20 -7.95
C PHE B 391 -38.01 -21.64 -7.84
N THR B 392 -38.02 -22.23 -6.64
CA THR B 392 -37.64 -23.63 -6.56
C THR B 392 -38.79 -24.55 -6.99
N ASN B 393 -39.97 -24.34 -6.42
CA ASN B 393 -41.11 -25.20 -6.73
C ASN B 393 -42.39 -24.37 -6.68
N VAL B 394 -43.38 -24.80 -7.45
CA VAL B 394 -44.64 -24.09 -7.59
C VAL B 394 -45.79 -25.06 -7.39
N TYR B 395 -46.76 -24.69 -6.55
CA TYR B 395 -47.96 -25.46 -6.32
C TYR B 395 -49.18 -24.69 -6.83
N ALA B 396 -50.00 -25.34 -7.64
CA ALA B 396 -51.23 -24.75 -8.18
C ALA B 396 -52.42 -25.51 -7.61
N ASP B 397 -53.05 -24.95 -6.58
CA ASP B 397 -54.25 -25.53 -6.00
C ASP B 397 -55.46 -24.91 -6.69
N SER B 398 -56.30 -25.75 -7.30
CA SER B 398 -57.42 -25.30 -8.11
C SER B 398 -58.71 -25.83 -7.52
N PHE B 399 -59.68 -24.94 -7.34
CA PHE B 399 -61.00 -25.33 -6.84
C PHE B 399 -62.01 -24.25 -7.20
N VAL B 400 -63.20 -24.66 -7.62
CA VAL B 400 -64.28 -23.73 -7.91
C VAL B 400 -65.06 -23.47 -6.63
N ILE B 401 -65.37 -22.20 -6.37
CA ILE B 401 -66.01 -21.78 -5.12
C ILE B 401 -66.92 -20.59 -5.41
N LYS B 402 -67.71 -20.21 -4.41
CA LYS B 402 -68.68 -19.14 -4.55
C LYS B 402 -67.98 -17.78 -4.66
N GLY B 403 -68.78 -16.73 -4.75
CA GLY B 403 -68.28 -15.37 -4.91
C GLY B 403 -67.66 -14.78 -3.66
N ASN B 404 -68.42 -14.75 -2.56
CA ASN B 404 -67.89 -14.20 -1.31
C ASN B 404 -66.73 -15.04 -0.79
N GLU B 405 -66.75 -16.35 -1.06
CA GLU B 405 -65.65 -17.20 -0.64
C GLU B 405 -64.34 -16.82 -1.32
N VAL B 406 -64.40 -16.16 -2.47
CA VAL B 406 -63.17 -15.66 -3.10
C VAL B 406 -62.49 -14.64 -2.21
N SER B 407 -63.25 -13.68 -1.70
CA SER B 407 -62.71 -12.73 -0.73
C SER B 407 -62.38 -13.43 0.59
N GLN B 408 -63.08 -14.52 0.90
CA GLN B 408 -62.75 -15.30 2.09
C GLN B 408 -61.35 -15.90 1.99
N ILE B 409 -60.99 -16.42 0.81
CA ILE B 409 -59.70 -17.07 0.64
C ILE B 409 -58.61 -16.01 0.64
N ALA B 410 -57.87 -15.91 1.75
CA ALA B 410 -56.76 -14.99 1.93
C ALA B 410 -56.04 -15.35 3.23
N PRO B 411 -54.74 -15.06 3.34
CA PRO B 411 -54.05 -15.35 4.60
C PRO B 411 -54.66 -14.59 5.77
N GLY B 412 -54.71 -15.25 6.92
CA GLY B 412 -55.27 -14.64 8.12
C GLY B 412 -56.74 -14.31 8.02
N GLN B 413 -57.54 -15.25 7.51
CA GLN B 413 -58.98 -15.06 7.34
C GLN B 413 -59.72 -16.11 8.16
N THR B 414 -61.05 -16.01 8.14
CA THR B 414 -61.92 -16.93 8.87
C THR B 414 -63.13 -17.25 8.01
N GLY B 415 -63.90 -18.24 8.46
CA GLY B 415 -65.11 -18.62 7.75
C GLY B 415 -65.27 -20.12 7.59
N ASN B 416 -66.40 -20.55 7.03
CA ASN B 416 -66.66 -21.98 6.87
C ASN B 416 -65.70 -22.62 5.89
N ILE B 417 -65.08 -21.85 5.00
CA ILE B 417 -64.07 -22.35 4.08
C ILE B 417 -62.66 -22.17 4.64
N ALA B 418 -62.38 -21.00 5.21
CA ALA B 418 -61.06 -20.71 5.75
C ALA B 418 -60.74 -21.52 7.01
N ASP B 419 -61.72 -22.18 7.61
CA ASP B 419 -61.52 -22.97 8.82
C ASP B 419 -61.67 -24.47 8.61
N TYR B 420 -62.59 -24.89 7.75
CA TYR B 420 -62.89 -26.31 7.58
C TYR B 420 -62.56 -26.87 6.20
N ASN B 421 -62.42 -26.01 5.19
CA ASN B 421 -62.23 -26.47 3.82
C ASN B 421 -60.83 -26.17 3.28
N TYR B 422 -60.36 -24.93 3.40
CA TYR B 422 -59.03 -24.56 2.91
C TYR B 422 -58.57 -23.34 3.69
N LYS B 423 -57.46 -23.48 4.41
CA LYS B 423 -56.90 -22.40 5.21
C LYS B 423 -55.59 -21.94 4.58
N LEU B 424 -55.52 -20.67 4.25
CA LEU B 424 -54.29 -20.10 3.71
C LEU B 424 -53.39 -19.68 4.86
N PRO B 425 -52.13 -20.15 4.91
CA PRO B 425 -51.22 -19.73 5.97
C PRO B 425 -50.98 -18.22 5.91
N ASP B 426 -50.80 -17.63 7.09
CA ASP B 426 -50.54 -16.20 7.16
C ASP B 426 -49.26 -15.83 6.41
N ASP B 427 -48.27 -16.71 6.43
CA ASP B 427 -47.03 -16.51 5.68
C ASP B 427 -47.11 -17.27 4.35
N PHE B 428 -47.92 -16.73 3.45
CA PHE B 428 -48.07 -17.29 2.12
C PHE B 428 -47.36 -16.39 1.11
N THR B 429 -46.52 -17.00 0.29
CA THR B 429 -45.75 -16.31 -0.75
C THR B 429 -46.24 -16.81 -2.10
N GLY B 430 -47.28 -16.16 -2.62
CA GLY B 430 -47.86 -16.58 -3.88
C GLY B 430 -49.02 -15.69 -4.26
N CYS B 431 -49.82 -16.19 -5.18
CA CYS B 431 -50.96 -15.46 -5.71
C CYS B 431 -52.19 -16.35 -5.82
N VAL B 432 -53.35 -15.72 -5.81
CA VAL B 432 -54.62 -16.38 -6.07
C VAL B 432 -55.24 -15.74 -7.31
N ILE B 433 -55.96 -16.56 -8.08
CA ILE B 433 -56.61 -16.13 -9.31
C ILE B 433 -58.04 -16.62 -9.30
N ALA B 434 -58.99 -15.71 -9.50
CA ALA B 434 -60.41 -16.04 -9.50
C ALA B 434 -61.05 -15.49 -10.77
N TRP B 435 -61.73 -16.37 -11.51
CA TRP B 435 -62.47 -15.97 -12.70
C TRP B 435 -63.78 -16.74 -12.75
N ASN B 436 -64.86 -16.03 -13.10
CA ASN B 436 -66.19 -16.59 -13.02
C ASN B 436 -66.39 -17.68 -14.06
N SER B 437 -67.07 -18.75 -13.66
CA SER B 437 -67.37 -19.88 -14.56
C SER B 437 -68.87 -20.15 -14.48
N ASN B 438 -69.64 -19.44 -15.30
CA ASN B 438 -71.08 -19.66 -15.40
C ASN B 438 -71.46 -20.48 -16.62
N LYS B 439 -70.49 -21.02 -17.35
CA LYS B 439 -70.75 -21.80 -18.55
C LYS B 439 -70.44 -23.28 -18.40
N LEU B 440 -69.36 -23.64 -17.69
CA LEU B 440 -68.99 -25.03 -17.51
C LEU B 440 -69.46 -25.63 -16.20
N ASP B 441 -69.82 -24.80 -15.23
CA ASP B 441 -70.33 -25.27 -13.94
C ASP B 441 -71.83 -25.02 -13.79
N SER B 442 -72.53 -24.79 -14.90
CA SER B 442 -73.94 -24.49 -14.86
C SER B 442 -74.63 -25.07 -16.08
N LYS B 443 -75.91 -25.38 -15.93
CA LYS B 443 -76.71 -25.95 -17.01
C LYS B 443 -78.18 -25.85 -16.62
N HIS B 444 -79.05 -26.10 -17.60
CA HIS B 444 -80.48 -26.16 -17.34
C HIS B 444 -80.79 -27.35 -16.43
N SER B 445 -81.87 -27.20 -15.66
CA SER B 445 -82.37 -28.16 -14.67
C SER B 445 -81.45 -28.27 -13.46
N GLY B 446 -80.39 -27.48 -13.37
CA GLY B 446 -79.54 -27.43 -12.20
C GLY B 446 -78.41 -28.45 -12.22
N ASN B 447 -77.51 -28.27 -11.26
CA ASN B 447 -76.37 -29.16 -11.08
C ASN B 447 -75.90 -29.09 -9.64
N TYR B 448 -75.79 -30.24 -9.00
CA TYR B 448 -75.35 -30.35 -7.60
C TYR B 448 -74.10 -31.19 -7.50
N ASP B 449 -73.16 -30.99 -8.44
CA ASP B 449 -71.98 -31.84 -8.52
C ASP B 449 -71.00 -31.53 -7.38
N TYR B 450 -70.75 -30.26 -7.11
CA TYR B 450 -69.69 -29.88 -6.20
C TYR B 450 -70.12 -30.04 -4.73
N TRP B 451 -69.13 -30.03 -3.85
CA TRP B 451 -69.35 -30.29 -2.43
C TRP B 451 -68.46 -29.37 -1.61
N TYR B 452 -68.88 -29.12 -0.37
CA TYR B 452 -68.05 -28.39 0.57
C TYR B 452 -68.49 -28.73 1.99
N ARG B 453 -67.57 -28.53 2.93
CA ARG B 453 -67.76 -28.95 4.32
C ARG B 453 -67.95 -27.73 5.21
N LEU B 454 -68.96 -27.78 6.07
CA LEU B 454 -69.19 -26.73 7.05
C LEU B 454 -69.08 -27.21 8.48
N PHE B 455 -69.03 -28.52 8.71
CA PHE B 455 -69.02 -29.12 10.05
C PHE B 455 -67.78 -29.99 10.18
N ARG B 456 -66.75 -29.46 10.81
CA ARG B 456 -65.52 -30.19 11.06
C ARG B 456 -65.21 -30.14 12.55
N LYS B 457 -64.56 -31.20 13.04
CA LYS B 457 -64.28 -31.31 14.47
C LYS B 457 -63.36 -30.21 14.97
N SER B 458 -62.56 -29.61 14.10
CA SER B 458 -61.65 -28.54 14.48
C SER B 458 -61.35 -27.70 13.24
N LYS B 459 -60.46 -26.73 13.38
CA LYS B 459 -60.04 -25.93 12.24
C LYS B 459 -59.10 -26.75 11.35
N LEU B 460 -58.84 -26.23 10.15
CA LEU B 460 -57.98 -26.89 9.20
C LEU B 460 -56.60 -26.23 9.22
N LYS B 461 -55.56 -27.05 9.42
CA LYS B 461 -54.20 -26.55 9.32
C LYS B 461 -53.91 -26.12 7.88
N PRO B 462 -53.11 -25.07 7.69
CA PRO B 462 -52.82 -24.60 6.33
C PRO B 462 -52.26 -25.71 5.46
N PHE B 463 -52.77 -25.79 4.24
CA PHE B 463 -52.43 -26.85 3.28
C PHE B 463 -52.68 -28.24 3.87
N GLU B 464 -53.93 -28.47 4.26
CA GLU B 464 -54.38 -29.77 4.74
C GLU B 464 -55.66 -30.16 4.02
N ARG B 465 -55.71 -31.39 3.53
CA ARG B 465 -56.92 -31.94 2.90
C ARG B 465 -57.59 -32.90 3.87
N ASP B 466 -58.90 -32.77 4.01
CA ASP B 466 -59.67 -33.49 5.01
C ASP B 466 -60.82 -34.25 4.35
N ILE B 467 -60.50 -34.99 3.28
CA ILE B 467 -61.51 -35.74 2.54
C ILE B 467 -62.02 -36.86 3.44
N SER B 468 -63.23 -36.72 3.97
CA SER B 468 -63.83 -37.71 4.85
C SER B 468 -65.31 -37.43 4.96
N THR B 469 -66.10 -38.50 5.10
CA THR B 469 -67.54 -38.40 5.31
C THR B 469 -67.81 -38.91 6.72
N GLU B 470 -67.71 -38.02 7.71
CA GLU B 470 -67.92 -38.33 9.11
C GLU B 470 -69.03 -37.43 9.64
N ILE B 471 -70.10 -38.05 10.15
CA ILE B 471 -71.24 -37.28 10.63
C ILE B 471 -70.83 -36.52 11.89
N TYR B 472 -71.08 -35.20 11.89
CA TYR B 472 -70.71 -34.38 13.03
C TYR B 472 -71.57 -34.71 14.23
N GLN B 473 -70.95 -34.73 15.40
CA GLN B 473 -71.65 -35.06 16.63
C GLN B 473 -72.31 -33.82 17.23
N ALA B 474 -73.55 -33.98 17.67
CA ALA B 474 -74.27 -32.94 18.37
C ALA B 474 -74.72 -33.46 19.72
N GLY B 475 -74.41 -32.71 20.78
CA GLY B 475 -74.68 -33.15 22.13
C GLY B 475 -73.72 -34.23 22.59
N ASN B 476 -74.25 -35.43 22.89
CA ASN B 476 -73.40 -36.52 23.33
C ASN B 476 -73.83 -37.87 22.71
N LYS B 477 -74.48 -37.85 21.55
CA LYS B 477 -74.95 -39.11 20.97
C LYS B 477 -73.92 -39.67 20.00
N PRO B 478 -73.72 -40.99 19.96
CA PRO B 478 -72.78 -41.57 18.99
C PRO B 478 -73.43 -41.74 17.61
N CYS B 479 -74.55 -41.07 17.41
CA CYS B 479 -75.33 -41.12 16.17
C CYS B 479 -74.44 -41.10 14.94
N LYS B 480 -74.74 -42.00 14.00
CA LYS B 480 -74.09 -42.06 12.69
C LYS B 480 -75.21 -42.11 11.65
N GLY B 481 -75.67 -40.95 11.22
CA GLY B 481 -76.77 -40.87 10.28
C GLY B 481 -77.12 -39.44 9.98
N LYS B 482 -78.23 -39.26 9.27
CA LYS B 482 -78.72 -37.95 8.88
C LYS B 482 -80.04 -37.64 9.58
N GLY B 483 -80.25 -36.36 9.84
CA GLY B 483 -81.43 -35.89 10.54
C GLY B 483 -81.09 -34.88 11.61
N PRO B 484 -81.97 -34.75 12.62
CA PRO B 484 -81.68 -33.82 13.72
C PRO B 484 -80.54 -34.34 14.59
N ASN B 485 -79.67 -33.43 14.99
CA ASN B 485 -78.46 -33.69 15.78
C ASN B 485 -77.51 -34.67 15.10
N CYS B 486 -77.77 -35.04 13.85
CA CYS B 486 -76.96 -36.00 13.11
C CYS B 486 -76.79 -35.43 11.70
N TYR B 487 -75.72 -34.69 11.47
CA TYR B 487 -75.53 -33.91 10.26
C TYR B 487 -74.42 -34.50 9.40
N PHE B 488 -74.67 -34.57 8.09
CA PHE B 488 -73.63 -34.98 7.16
C PHE B 488 -72.55 -33.91 7.09
N PRO B 489 -71.27 -34.29 7.07
CA PRO B 489 -70.20 -33.28 7.14
C PRO B 489 -70.18 -32.30 5.98
N LEU B 490 -70.56 -32.73 4.78
CA LEU B 490 -70.37 -31.94 3.58
C LEU B 490 -71.71 -31.63 2.91
N GLN B 491 -71.84 -30.42 2.41
CA GLN B 491 -73.00 -29.94 1.67
C GLN B 491 -72.60 -29.61 0.24
N SER B 492 -73.58 -29.25 -0.58
CA SER B 492 -73.39 -29.07 -2.01
C SER B 492 -73.11 -27.62 -2.35
N TYR B 493 -72.59 -27.42 -3.56
CA TYR B 493 -72.39 -26.09 -4.13
C TYR B 493 -73.29 -25.92 -5.35
N GLY B 494 -74.55 -26.36 -5.23
CA GLY B 494 -75.51 -26.36 -6.31
C GLY B 494 -75.49 -25.12 -7.18
N PHE B 495 -75.22 -25.30 -8.46
CA PHE B 495 -74.96 -24.19 -9.37
C PHE B 495 -75.94 -24.20 -10.53
N ARG B 496 -76.47 -23.03 -10.85
CA ARG B 496 -77.43 -22.81 -11.91
C ARG B 496 -76.97 -21.56 -12.67
N PRO B 497 -77.28 -21.47 -13.97
CA PRO B 497 -76.88 -20.27 -14.73
C PRO B 497 -77.59 -18.99 -14.30
N THR B 498 -78.45 -19.03 -13.29
CA THR B 498 -79.22 -17.85 -12.86
C THR B 498 -79.08 -17.67 -11.35
N TYR B 499 -78.02 -16.98 -10.93
CA TYR B 499 -77.88 -16.51 -9.56
C TYR B 499 -77.48 -15.04 -9.52
N GLY B 500 -77.18 -14.55 -8.32
CA GLY B 500 -76.51 -13.27 -8.18
C GLY B 500 -75.01 -13.41 -8.31
N VAL B 501 -74.33 -12.27 -8.28
CA VAL B 501 -72.88 -12.26 -8.46
C VAL B 501 -72.19 -13.03 -7.34
N GLY B 502 -72.65 -12.84 -6.11
CA GLY B 502 -72.05 -13.52 -4.96
C GLY B 502 -72.30 -15.01 -4.91
N HIS B 503 -73.12 -15.55 -5.82
CA HIS B 503 -73.44 -16.97 -5.85
C HIS B 503 -72.92 -17.65 -7.12
N GLN B 504 -72.24 -16.91 -8.00
CA GLN B 504 -71.74 -17.49 -9.24
C GLN B 504 -70.58 -18.45 -8.96
N PRO B 505 -70.40 -19.45 -9.83
CA PRO B 505 -69.29 -20.42 -9.68
C PRO B 505 -67.93 -19.86 -10.10
N TYR B 506 -67.29 -19.13 -9.19
CA TYR B 506 -65.97 -18.60 -9.46
C TYR B 506 -64.94 -19.73 -9.52
N ARG B 507 -64.09 -19.68 -10.55
CA ARG B 507 -62.99 -20.62 -10.70
C ARG B 507 -61.76 -20.03 -10.02
N VAL B 508 -61.35 -20.63 -8.91
CA VAL B 508 -60.28 -20.10 -8.08
C VAL B 508 -59.08 -21.03 -8.19
N VAL B 509 -57.93 -20.48 -8.58
CA VAL B 509 -56.67 -21.19 -8.61
C VAL B 509 -55.65 -20.35 -7.86
N VAL B 510 -55.00 -20.96 -6.86
CA VAL B 510 -53.99 -20.28 -6.05
C VAL B 510 -52.64 -20.91 -6.33
N LEU B 511 -51.65 -20.06 -6.59
CA LEU B 511 -50.30 -20.49 -6.93
C LEU B 511 -49.39 -20.29 -5.74
N SER B 512 -48.77 -21.37 -5.26
CA SER B 512 -47.90 -21.33 -4.09
C SER B 512 -46.46 -21.48 -4.55
N PHE B 513 -45.57 -20.64 -4.02
CA PHE B 513 -44.18 -20.60 -4.42
C PHE B 513 -43.28 -20.78 -3.21
N GLU B 514 -42.07 -21.27 -3.47
CA GLU B 514 -41.04 -21.45 -2.44
C GLU B 514 -39.85 -20.58 -2.83
N LEU B 515 -39.84 -19.34 -2.30
CA LEU B 515 -38.74 -18.37 -2.59
C LEU B 515 -37.71 -18.48 -1.49
N LEU B 516 -37.03 -19.63 -1.38
CA LEU B 516 -36.03 -19.89 -0.35
C LEU B 516 -34.70 -20.25 -1.02
N HIS B 517 -33.68 -20.44 -0.20
CA HIS B 517 -32.35 -20.80 -0.67
C HIS B 517 -32.35 -22.27 -1.08
N ALA B 518 -32.67 -22.52 -2.34
CA ALA B 518 -32.72 -23.86 -2.90
C ALA B 518 -32.54 -23.76 -4.40
N PRO B 519 -32.09 -24.82 -5.07
CA PRO B 519 -31.84 -24.74 -6.52
C PRO B 519 -33.13 -24.40 -7.27
N ALA B 520 -32.99 -23.44 -8.20
CA ALA B 520 -34.16 -22.99 -8.98
C ALA B 520 -34.54 -24.07 -10.00
N THR B 521 -35.83 -24.32 -10.15
CA THR B 521 -36.34 -25.30 -11.10
C THR B 521 -37.37 -24.74 -12.06
N VAL B 522 -38.28 -23.90 -11.53
CA VAL B 522 -39.31 -23.25 -12.39
C VAL B 522 -39.06 -21.74 -12.37
N CYS B 523 -38.70 -21.13 -13.51
CA CYS B 523 -38.34 -19.69 -13.47
C CYS B 523 -39.12 -18.91 -14.54
N GLY B 524 -38.84 -17.62 -14.70
CA GLY B 524 -39.61 -16.77 -15.64
C GLY B 524 -39.18 -16.90 -17.09
N PRO B 525 -39.95 -16.35 -18.04
CA PRO B 525 -39.62 -16.39 -19.49
C PRO B 525 -38.55 -15.39 -19.90
N LYS B 526 -37.30 -15.86 -19.76
CA LYS B 526 -36.15 -15.01 -20.18
C LYS B 526 -36.40 -14.58 -21.63
N LYS B 527 -36.10 -13.32 -21.94
CA LYS B 527 -36.41 -12.78 -23.26
C LYS B 527 -35.12 -12.57 -24.05
N SER B 528 -35.14 -12.94 -25.33
CA SER B 528 -34.00 -12.78 -26.22
C SER B 528 -34.27 -11.66 -27.23
N THR B 529 -33.20 -11.24 -27.90
CA THR B 529 -33.29 -10.15 -28.88
C THR B 529 -32.39 -10.51 -30.06
N ASN B 530 -32.12 -9.52 -30.92
CA ASN B 530 -31.30 -9.69 -32.10
C ASN B 530 -29.84 -9.68 -31.64
N LEU B 531 -28.88 -9.76 -32.57
CA LEU B 531 -27.47 -9.82 -32.22
C LEU B 531 -26.74 -8.52 -32.53
N VAL B 532 -26.81 -8.03 -33.77
CA VAL B 532 -26.15 -6.81 -34.21
C VAL B 532 -24.65 -6.92 -34.01
N LYS B 533 -23.95 -7.37 -35.04
CA LYS B 533 -22.51 -7.63 -34.97
C LYS B 533 -21.72 -6.43 -35.47
N ASN B 534 -20.42 -6.45 -35.16
CA ASN B 534 -19.49 -5.37 -35.52
C ASN B 534 -19.99 -4.01 -35.05
N LYS B 535 -20.41 -3.96 -33.78
CA LYS B 535 -20.87 -2.68 -33.18
C LYS B 535 -20.84 -2.82 -31.66
N CYS B 536 -20.28 -1.82 -30.95
CA CYS B 536 -20.29 -1.85 -29.46
C CYS B 536 -21.74 -2.00 -28.99
N VAL B 537 -22.02 -2.98 -28.13
CA VAL B 537 -23.43 -3.20 -27.71
C VAL B 537 -23.45 -3.91 -26.34
N ASN B 538 -24.33 -3.48 -25.43
CA ASN B 538 -24.45 -4.17 -24.15
C ASN B 538 -25.06 -5.54 -24.39
N PHE B 539 -24.39 -6.59 -23.91
CA PHE B 539 -24.87 -7.96 -24.10
C PHE B 539 -25.13 -8.60 -22.76
N ASN B 540 -26.19 -9.41 -22.69
CA ASN B 540 -26.60 -10.13 -21.50
C ASN B 540 -26.80 -11.61 -21.81
N PHE B 541 -25.80 -12.21 -22.46
CA PHE B 541 -25.86 -13.60 -22.87
C PHE B 541 -26.07 -14.53 -21.68
N ASN B 542 -27.23 -15.19 -21.63
CA ASN B 542 -27.58 -16.23 -20.67
C ASN B 542 -27.13 -15.91 -19.24
N GLY B 543 -27.15 -14.64 -18.86
CA GLY B 543 -26.81 -14.24 -17.51
C GLY B 543 -25.49 -13.54 -17.34
N LEU B 544 -24.58 -13.61 -18.32
CA LEU B 544 -23.33 -12.87 -18.25
C LEU B 544 -23.56 -11.52 -18.90
N THR B 545 -23.11 -10.47 -18.24
CA THR B 545 -23.33 -9.11 -18.74
C THR B 545 -22.02 -8.39 -18.97
N GLY B 546 -21.94 -7.67 -20.09
CA GLY B 546 -20.73 -6.95 -20.43
C GLY B 546 -21.00 -5.99 -21.57
N THR B 547 -19.93 -5.34 -22.02
CA THR B 547 -20.01 -4.35 -23.07
C THR B 547 -18.94 -4.62 -24.11
N GLY B 548 -19.22 -4.31 -25.38
CA GLY B 548 -18.17 -4.46 -26.39
C GLY B 548 -18.67 -4.89 -27.75
N VAL B 549 -17.77 -5.37 -28.62
CA VAL B 549 -18.16 -5.73 -30.02
C VAL B 549 -18.13 -7.25 -30.19
N LEU B 550 -19.17 -7.83 -30.79
CA LEU B 550 -19.19 -9.26 -31.07
C LEU B 550 -19.31 -9.49 -32.57
N THR B 551 -18.65 -10.56 -33.04
CA THR B 551 -18.61 -10.89 -34.45
C THR B 551 -18.37 -12.38 -34.60
N LYS B 552 -18.28 -12.84 -35.84
CA LYS B 552 -18.06 -14.25 -36.11
C LYS B 552 -16.67 -14.68 -35.64
N SER B 553 -16.54 -15.96 -35.29
CA SER B 553 -15.29 -16.51 -34.79
C SER B 553 -15.07 -17.89 -35.38
N ASN B 554 -13.83 -18.36 -35.31
CA ASN B 554 -13.44 -19.68 -35.79
C ASN B 554 -12.84 -20.52 -34.65
N LYS B 555 -13.52 -20.53 -33.51
CA LYS B 555 -13.07 -21.36 -32.37
C LYS B 555 -13.51 -22.81 -32.60
N LYS B 556 -13.12 -23.73 -31.72
CA LYS B 556 -13.59 -25.14 -31.83
C LYS B 556 -14.39 -25.49 -30.58
N PHE B 557 -15.25 -24.57 -30.11
CA PHE B 557 -16.06 -24.81 -28.90
C PHE B 557 -16.54 -26.27 -28.89
N LEU B 558 -16.05 -27.08 -27.94
CA LEU B 558 -16.56 -28.47 -27.81
C LEU B 558 -18.06 -28.37 -27.52
N PRO B 559 -18.90 -29.36 -27.91
CA PRO B 559 -20.36 -29.22 -27.76
C PRO B 559 -20.80 -28.84 -26.36
N PHE B 560 -20.11 -29.36 -25.34
CA PHE B 560 -20.50 -29.04 -23.94
C PHE B 560 -20.08 -27.61 -23.60
N GLN B 561 -19.02 -27.11 -24.25
CA GLN B 561 -18.49 -25.76 -23.89
C GLN B 561 -19.56 -24.67 -24.09
N GLN B 562 -19.62 -23.70 -23.17
CA GLN B 562 -20.56 -22.60 -23.25
C GLN B 562 -19.91 -21.23 -23.21
N PHE B 563 -18.84 -21.10 -22.40
CA PHE B 563 -18.15 -19.80 -22.26
C PHE B 563 -16.72 -19.91 -22.80
N GLY B 564 -16.10 -18.78 -23.15
CA GLY B 564 -14.70 -18.78 -23.63
C GLY B 564 -13.90 -17.69 -22.95
N ARG B 565 -12.67 -17.98 -22.52
CA ARG B 565 -11.86 -16.97 -21.79
C ARG B 565 -10.41 -17.03 -22.26
N ASP B 566 -9.46 -16.68 -21.39
CA ASP B 566 -8.03 -16.66 -21.79
C ASP B 566 -7.14 -16.89 -20.56
N ILE B 567 -5.86 -16.47 -20.64
CA ILE B 567 -4.90 -16.69 -19.52
C ILE B 567 -5.43 -16.03 -18.24
N VAL B 568 -5.89 -14.77 -18.35
CA VAL B 568 -6.36 -14.03 -17.14
C VAL B 568 -7.84 -14.37 -16.89
N ASP B 569 -8.40 -15.32 -17.64
CA ASP B 569 -9.80 -15.77 -17.41
C ASP B 569 -10.78 -14.61 -17.62
N THR B 570 -10.55 -13.76 -18.64
CA THR B 570 -11.52 -12.68 -18.95
C THR B 570 -12.48 -13.20 -20.03
N THR B 571 -13.79 -13.11 -19.79
CA THR B 571 -14.74 -13.68 -20.75
C THR B 571 -14.48 -13.13 -22.15
N ASP B 572 -14.02 -14.01 -23.04
CA ASP B 572 -13.61 -13.64 -24.38
C ASP B 572 -14.61 -14.03 -25.45
N ALA B 573 -15.01 -15.29 -25.50
CA ALA B 573 -15.90 -15.78 -26.54
C ALA B 573 -17.16 -16.35 -25.90
N VAL B 574 -18.31 -16.06 -26.51
CA VAL B 574 -19.60 -16.52 -26.03
C VAL B 574 -20.31 -17.26 -27.14
N ARG B 575 -20.78 -18.47 -26.85
CA ARG B 575 -21.59 -19.21 -27.81
C ARG B 575 -23.02 -18.70 -27.79
N ASP B 576 -23.60 -18.56 -28.97
CA ASP B 576 -24.97 -18.06 -29.07
C ASP B 576 -25.93 -19.13 -28.59
N PRO B 577 -26.74 -18.86 -27.55
CA PRO B 577 -27.64 -19.91 -27.04
C PRO B 577 -28.80 -20.21 -27.98
N GLN B 578 -29.12 -19.34 -28.92
CA GLN B 578 -30.24 -19.54 -29.84
C GLN B 578 -29.79 -19.75 -31.27
N THR B 579 -28.48 -19.77 -31.53
CA THR B 579 -27.94 -20.03 -32.86
C THR B 579 -26.82 -21.06 -32.86
N LEU B 580 -26.15 -21.28 -31.72
CA LEU B 580 -25.07 -22.26 -31.60
C LEU B 580 -23.85 -21.88 -32.45
N GLU B 581 -23.62 -20.59 -32.61
CA GLU B 581 -22.42 -20.07 -33.27
C GLU B 581 -21.51 -19.44 -32.21
N ILE B 582 -20.31 -19.06 -32.65
CA ILE B 582 -19.26 -18.61 -31.75
C ILE B 582 -18.96 -17.14 -32.03
N LEU B 583 -19.00 -16.32 -30.99
CA LEU B 583 -18.73 -14.89 -31.10
C LEU B 583 -17.74 -14.45 -30.04
N ASP B 584 -16.80 -13.60 -30.44
CA ASP B 584 -15.83 -13.03 -29.52
C ASP B 584 -16.37 -11.76 -28.90
N ILE B 585 -15.77 -11.37 -27.77
CA ILE B 585 -16.14 -10.15 -27.06
C ILE B 585 -14.93 -9.23 -27.04
N THR B 586 -15.14 -7.96 -27.38
CA THR B 586 -13.96 -7.06 -27.53
C THR B 586 -14.11 -5.77 -26.72
N PRO B 587 -13.03 -5.29 -26.08
CA PRO B 587 -13.07 -4.01 -25.38
C PRO B 587 -13.83 -3.01 -26.27
N CYS B 588 -14.91 -2.42 -25.76
CA CYS B 588 -15.73 -1.52 -26.59
C CYS B 588 -14.86 -0.40 -27.17
N SER B 589 -14.01 0.22 -26.34
CA SER B 589 -13.10 1.29 -26.81
C SER B 589 -12.13 1.66 -25.67
N PHE B 590 -10.84 1.35 -25.82
CA PHE B 590 -9.89 1.59 -24.70
C PHE B 590 -8.71 2.46 -25.15
N GLY B 591 -8.75 3.74 -24.80
CA GLY B 591 -7.66 4.66 -25.10
C GLY B 591 -7.58 5.72 -24.02
N GLY B 592 -6.87 6.79 -24.32
CA GLY B 592 -6.75 7.90 -23.38
C GLY B 592 -6.57 9.22 -24.10
N VAL B 593 -7.35 10.22 -23.73
CA VAL B 593 -7.31 11.51 -24.40
C VAL B 593 -6.23 12.38 -23.76
N SER B 594 -5.33 12.90 -24.59
CA SER B 594 -4.29 13.82 -24.15
C SER B 594 -4.40 15.08 -24.99
N VAL B 595 -4.22 16.23 -24.36
CA VAL B 595 -4.34 17.51 -25.02
C VAL B 595 -2.96 18.16 -25.10
N ILE B 596 -2.54 18.52 -26.31
CA ILE B 596 -1.33 19.29 -26.52
C ILE B 596 -1.74 20.74 -26.73
N THR B 597 -1.16 21.65 -25.95
CA THR B 597 -1.50 23.06 -26.05
C THR B 597 -0.26 23.90 -25.83
N PRO B 598 -0.16 25.05 -26.49
CA PRO B 598 0.84 26.05 -26.13
C PRO B 598 0.34 26.83 -24.91
N GLY B 599 1.19 27.73 -24.42
CA GLY B 599 0.81 28.54 -23.28
C GLY B 599 -0.47 29.32 -23.56
N THR B 600 -1.38 29.30 -22.58
CA THR B 600 -2.65 30.00 -22.76
C THR B 600 -2.46 31.48 -22.96
N ASN B 601 -1.42 32.06 -22.36
CA ASN B 601 -1.09 33.46 -22.59
C ASN B 601 -0.60 33.73 -24.01
N THR B 602 -0.29 32.68 -24.77
CA THR B 602 0.14 32.82 -26.15
C THR B 602 -1.02 32.60 -27.13
N SER B 603 -1.77 31.52 -26.95
CA SER B 603 -2.89 31.22 -27.84
C SER B 603 -3.88 30.33 -27.11
N ASN B 604 -5.08 30.25 -27.67
CA ASN B 604 -6.14 29.41 -27.12
C ASN B 604 -6.38 28.16 -27.94
N GLN B 605 -5.74 28.01 -29.10
CA GLN B 605 -5.95 26.83 -29.93
C GLN B 605 -5.35 25.60 -29.25
N VAL B 606 -6.09 24.49 -29.34
CA VAL B 606 -5.69 23.23 -28.72
C VAL B 606 -5.85 22.10 -29.73
N ALA B 607 -5.14 21.01 -29.48
CA ALA B 607 -5.22 19.81 -30.29
C ALA B 607 -5.38 18.61 -29.38
N VAL B 608 -6.08 17.58 -29.87
CA VAL B 608 -6.49 16.43 -29.08
C VAL B 608 -5.75 15.20 -29.57
N LEU B 609 -5.28 14.39 -28.62
CA LEU B 609 -4.61 13.12 -28.91
C LEU B 609 -5.50 11.98 -28.43
N TYR B 610 -5.86 11.09 -29.35
CA TYR B 610 -6.60 9.88 -29.02
C TYR B 610 -5.63 8.71 -29.01
N GLN B 611 -5.09 8.39 -27.83
CA GLN B 611 -4.02 7.41 -27.72
C GLN B 611 -4.50 6.02 -28.11
N GLY B 612 -3.69 5.32 -28.89
CA GLY B 612 -3.87 3.90 -29.16
C GLY B 612 -5.19 3.51 -29.79
N VAL B 613 -5.61 4.22 -30.83
CA VAL B 613 -6.85 3.90 -31.53
C VAL B 613 -6.71 4.30 -32.99
N ASN B 614 -7.04 3.38 -33.89
CA ASN B 614 -7.20 3.73 -35.29
C ASN B 614 -8.31 4.76 -35.42
N CYS B 615 -7.97 5.98 -35.84
CA CYS B 615 -8.93 7.06 -35.66
C CYS B 615 -9.87 7.22 -36.85
N THR B 616 -9.91 6.24 -37.76
CA THR B 616 -11.12 6.05 -38.55
C THR B 616 -12.25 5.54 -37.67
N GLU B 617 -11.90 4.75 -36.64
CA GLU B 617 -12.89 4.28 -35.68
C GLU B 617 -13.52 5.44 -34.91
N VAL B 618 -12.71 6.40 -34.46
CA VAL B 618 -13.29 7.55 -33.78
C VAL B 618 -13.98 8.47 -34.78
N SER B 619 -13.49 8.51 -36.03
CA SER B 619 -14.11 9.36 -37.04
C SER B 619 -15.55 8.95 -37.28
N VAL B 620 -15.81 7.65 -37.40
CA VAL B 620 -17.18 7.19 -37.47
C VAL B 620 -17.86 7.31 -36.11
N ALA B 621 -17.09 7.18 -35.02
CA ALA B 621 -17.66 7.38 -33.69
C ALA B 621 -18.08 8.82 -33.48
N ILE B 622 -17.26 9.77 -33.92
CA ILE B 622 -17.64 11.18 -33.86
C ILE B 622 -18.87 11.43 -34.73
N HIS B 623 -18.90 10.84 -35.92
CA HIS B 623 -20.01 11.04 -36.83
C HIS B 623 -21.33 10.52 -36.25
N ALA B 624 -21.32 9.33 -35.66
CA ALA B 624 -22.51 8.75 -35.06
C ALA B 624 -22.76 9.27 -33.64
N ASP B 625 -21.82 10.03 -33.08
CA ASP B 625 -22.00 10.74 -31.80
C ASP B 625 -22.33 9.78 -30.67
N GLN B 626 -21.55 8.69 -30.55
CA GLN B 626 -21.65 7.80 -29.41
C GLN B 626 -20.42 7.89 -28.52
N LEU B 627 -19.56 8.88 -28.77
CA LEU B 627 -18.36 9.10 -27.98
C LEU B 627 -18.72 9.69 -26.63
N THR B 628 -18.15 9.12 -25.56
CA THR B 628 -18.34 9.69 -24.23
C THR B 628 -17.84 11.13 -24.12
N PRO B 629 -16.68 11.49 -24.65
CA PRO B 629 -16.30 12.92 -24.64
C PRO B 629 -17.37 13.79 -25.29
N THR B 630 -17.74 14.85 -24.58
CA THR B 630 -18.72 15.80 -25.08
C THR B 630 -18.09 16.93 -25.88
N TRP B 631 -16.91 17.41 -25.48
CA TRP B 631 -16.21 18.43 -26.24
C TRP B 631 -15.88 17.88 -27.62
N ARG B 632 -16.36 18.57 -28.66
CA ARG B 632 -16.20 18.16 -30.05
C ARG B 632 -15.30 19.17 -30.74
N VAL B 633 -14.07 18.78 -31.02
CA VAL B 633 -13.12 19.61 -31.73
C VAL B 633 -13.28 19.36 -33.22
N TYR B 634 -13.08 20.42 -34.01
CA TYR B 634 -13.43 20.41 -35.42
C TYR B 634 -12.58 19.41 -36.21
N SER B 635 -13.18 18.88 -37.27
CA SER B 635 -12.53 17.93 -38.19
C SER B 635 -12.67 18.51 -39.60
N THR B 636 -11.60 19.13 -40.08
CA THR B 636 -11.60 19.76 -41.39
C THR B 636 -11.05 18.85 -42.49
N GLY B 637 -10.75 17.59 -42.17
CA GLY B 637 -10.12 16.68 -43.10
C GLY B 637 -8.61 16.78 -43.13
N SER B 638 -8.07 18.00 -43.07
CA SER B 638 -6.64 18.18 -42.92
C SER B 638 -6.14 17.91 -41.50
N ASN B 639 -7.03 17.98 -40.51
CA ASN B 639 -6.69 17.68 -39.12
C ASN B 639 -7.06 16.24 -38.85
N VAL B 640 -6.37 15.32 -39.53
CA VAL B 640 -6.45 13.89 -39.23
C VAL B 640 -5.03 13.37 -39.27
N PHE B 641 -4.68 12.45 -38.37
CA PHE B 641 -3.28 12.10 -38.16
C PHE B 641 -3.23 10.66 -37.66
N GLN B 642 -2.91 9.73 -38.55
CA GLN B 642 -2.80 8.33 -38.15
C GLN B 642 -1.40 8.08 -37.60
N THR B 643 -1.14 8.56 -36.40
CA THR B 643 0.13 8.38 -35.73
C THR B 643 0.22 6.96 -35.19
N ARG B 644 1.44 6.43 -35.11
CA ARG B 644 1.66 5.14 -34.47
C ARG B 644 1.24 5.15 -33.00
N ALA B 645 1.17 6.33 -32.39
CA ALA B 645 0.83 6.49 -30.98
C ALA B 645 -0.61 6.92 -30.75
N GLY B 646 -1.46 6.80 -31.75
CA GLY B 646 -2.83 7.24 -31.65
C GLY B 646 -3.18 8.12 -32.82
N CYS B 647 -4.18 8.98 -32.65
CA CYS B 647 -4.57 9.91 -33.70
C CYS B 647 -4.56 11.33 -33.16
N LEU B 648 -3.93 12.23 -33.91
CA LEU B 648 -3.94 13.65 -33.59
C LEU B 648 -5.03 14.33 -34.39
N ILE B 649 -5.82 15.16 -33.73
CA ILE B 649 -6.90 15.91 -34.37
C ILE B 649 -6.79 17.37 -33.93
N GLY B 650 -6.96 18.27 -34.89
CA GLY B 650 -6.71 19.67 -34.64
C GLY B 650 -5.31 20.14 -35.02
N ALA B 651 -4.57 19.34 -35.78
CA ALA B 651 -3.22 19.69 -36.21
C ALA B 651 -2.97 19.10 -37.59
N GLU B 652 -1.96 19.63 -38.29
CA GLU B 652 -1.68 19.23 -39.66
C GLU B 652 -0.21 18.82 -39.83
N TYR B 653 0.03 17.96 -40.82
CA TYR B 653 1.40 17.60 -41.18
C TYR B 653 2.19 18.81 -41.69
N VAL B 654 3.46 18.85 -41.30
CA VAL B 654 4.47 19.65 -41.97
C VAL B 654 5.68 18.75 -42.19
N ASN B 655 5.94 18.43 -43.45
CA ASN B 655 6.99 17.45 -43.75
C ASN B 655 8.39 17.99 -43.53
N ASN B 656 8.53 19.17 -42.93
CA ASN B 656 9.83 19.67 -42.53
C ASN B 656 10.31 18.93 -41.28
N SER B 657 11.43 19.38 -40.73
CA SER B 657 12.02 18.75 -39.55
C SER B 657 12.54 19.85 -38.63
N TYR B 658 11.91 19.99 -37.47
CA TYR B 658 12.29 20.97 -36.46
C TYR B 658 12.60 20.26 -35.15
N GLU B 659 13.37 20.92 -34.31
CA GLU B 659 13.65 20.39 -32.98
C GLU B 659 12.36 20.25 -32.18
N CYS B 660 12.32 19.22 -31.34
CA CYS B 660 11.09 18.91 -30.61
C CYS B 660 10.75 20.03 -29.62
N ASP B 661 9.46 20.32 -29.50
CA ASP B 661 8.95 21.26 -28.51
C ASP B 661 8.03 20.59 -27.51
N ILE B 662 7.07 19.80 -27.98
CA ILE B 662 6.17 19.03 -27.14
C ILE B 662 6.22 17.59 -27.60
N PRO B 663 6.64 16.65 -26.75
CA PRO B 663 6.72 15.24 -27.18
C PRO B 663 5.33 14.62 -27.30
N ILE B 664 5.02 14.11 -28.49
CA ILE B 664 3.78 13.38 -28.73
C ILE B 664 3.98 11.88 -28.56
N GLY B 665 5.07 11.35 -29.10
CA GLY B 665 5.30 9.92 -29.10
C GLY B 665 5.45 9.39 -30.51
N ALA B 666 6.06 8.21 -30.65
CA ALA B 666 6.30 7.59 -31.95
C ALA B 666 7.07 8.52 -32.87
N GLY B 667 8.02 9.27 -32.31
CA GLY B 667 8.85 10.16 -33.09
C GLY B 667 8.10 11.32 -33.73
N ILE B 668 7.10 11.86 -33.05
CA ILE B 668 6.31 12.98 -33.55
C ILE B 668 6.31 14.08 -32.49
N CYS B 669 6.50 15.32 -32.92
CA CYS B 669 6.51 16.46 -32.02
C CYS B 669 5.62 17.57 -32.57
N ALA B 670 4.87 18.20 -31.67
CA ALA B 670 4.00 19.32 -32.02
C ALA B 670 4.61 20.62 -31.48
N SER B 671 4.28 21.72 -32.16
CA SER B 671 4.80 23.02 -31.77
C SER B 671 3.90 24.10 -32.35
N TYR B 672 4.04 25.31 -31.81
CA TYR B 672 3.29 26.47 -32.26
C TYR B 672 4.17 27.29 -33.19
N GLN B 673 3.68 27.56 -34.40
CA GLN B 673 4.50 28.20 -35.42
C GLN B 673 3.62 29.12 -36.26
N THR B 674 4.27 30.07 -36.92
CA THR B 674 3.61 30.99 -37.83
C THR B 674 3.52 30.38 -39.22
N GLN B 675 2.40 30.64 -39.89
CA GLN B 675 2.16 30.11 -41.23
C GLN B 675 3.21 30.62 -42.20
N SER B 687 -2.69 33.10 -39.20
CA SER B 687 -1.29 32.99 -39.53
C SER B 687 -0.55 32.11 -38.53
N GLN B 688 -1.26 31.69 -37.49
CA GLN B 688 -0.70 30.84 -36.44
C GLN B 688 -1.58 29.62 -36.24
N SER B 689 -0.94 28.46 -36.06
CA SER B 689 -1.66 27.22 -35.86
C SER B 689 -0.74 26.22 -35.16
N ILE B 690 -1.26 25.01 -34.97
CA ILE B 690 -0.54 23.93 -34.31
C ILE B 690 -0.19 22.89 -35.35
N ILE B 691 1.10 22.56 -35.46
CA ILE B 691 1.60 21.63 -36.47
C ILE B 691 2.19 20.42 -35.78
N ALA B 692 2.25 19.31 -36.52
CA ALA B 692 2.88 18.08 -36.06
C ALA B 692 3.93 17.65 -37.09
N TYR B 693 5.08 17.21 -36.59
CA TYR B 693 6.19 16.89 -37.46
C TYR B 693 7.07 15.85 -36.79
N THR B 694 7.92 15.20 -37.60
CA THR B 694 8.81 14.17 -37.10
C THR B 694 10.00 14.80 -36.39
N MET B 695 10.62 14.04 -35.50
CA MET B 695 11.87 14.46 -34.87
C MET B 695 12.93 14.75 -35.92
N SER B 696 13.65 15.84 -35.74
CA SER B 696 14.94 16.01 -36.41
C SER B 696 16.03 15.75 -35.38
N LEU B 697 16.77 14.65 -35.57
CA LEU B 697 17.79 14.26 -34.61
C LEU B 697 18.92 15.27 -34.51
N GLY B 698 19.03 16.16 -35.49
CA GLY B 698 20.05 17.20 -35.46
C GLY B 698 20.36 17.64 -36.88
N ALA B 699 21.28 18.61 -36.96
CA ALA B 699 21.74 19.08 -38.25
C ALA B 699 22.51 17.98 -38.96
N GLU B 700 22.26 17.84 -40.26
CA GLU B 700 22.90 16.79 -41.05
C GLU B 700 24.34 17.19 -41.34
N ASN B 701 25.29 16.35 -40.93
CA ASN B 701 26.70 16.62 -41.15
C ASN B 701 27.37 15.34 -41.63
N SER B 702 28.36 15.52 -42.51
CA SER B 702 29.16 14.41 -43.03
C SER B 702 30.63 14.69 -42.80
N VAL B 703 31.33 13.73 -42.20
CA VAL B 703 32.76 13.87 -41.98
C VAL B 703 33.50 13.65 -43.29
N ALA B 704 34.78 14.05 -43.30
CA ALA B 704 35.63 13.96 -44.48
C ALA B 704 36.81 13.01 -44.26
N TYR B 705 36.53 11.83 -43.71
CA TYR B 705 37.58 10.86 -43.45
C TYR B 705 38.29 10.49 -44.75
N SER B 706 39.62 10.45 -44.69
CA SER B 706 40.43 10.02 -45.82
C SER B 706 41.65 9.29 -45.29
N ASN B 707 42.46 8.77 -46.21
CA ASN B 707 43.63 8.01 -45.82
C ASN B 707 44.67 8.88 -45.13
N ASN B 708 44.82 10.13 -45.57
CA ASN B 708 45.87 10.99 -45.05
C ASN B 708 45.36 12.40 -44.75
N SER B 709 44.13 12.50 -44.24
CA SER B 709 43.53 13.79 -43.93
C SER B 709 43.36 13.94 -42.42
N ILE B 710 43.91 15.02 -41.87
CA ILE B 710 43.74 15.36 -40.46
C ILE B 710 43.24 16.79 -40.37
N ALA B 711 42.21 16.99 -39.55
CA ALA B 711 41.76 18.32 -39.16
C ALA B 711 42.29 18.62 -37.77
N ILE B 712 43.12 19.65 -37.67
CA ILE B 712 43.75 20.05 -36.43
C ILE B 712 43.30 21.47 -36.11
N PRO B 713 42.74 21.72 -34.93
CA PRO B 713 42.24 23.07 -34.62
C PRO B 713 43.40 24.05 -34.48
N THR B 714 43.33 25.14 -35.23
CA THR B 714 44.31 26.22 -35.13
C THR B 714 43.96 27.21 -34.02
N ASN B 715 42.79 27.07 -33.41
CA ASN B 715 42.32 28.01 -32.40
C ASN B 715 41.46 27.25 -31.41
N PHE B 716 41.07 27.93 -30.33
CA PHE B 716 40.28 27.30 -29.28
C PHE B 716 39.35 28.33 -28.67
N THR B 717 38.39 27.84 -27.89
CA THR B 717 37.44 28.70 -27.21
C THR B 717 37.17 28.16 -25.81
N ILE B 718 36.69 29.04 -24.93
CA ILE B 718 36.34 28.69 -23.57
C ILE B 718 34.85 28.93 -23.40
N SER B 719 34.13 27.87 -23.02
CA SER B 719 32.68 27.92 -22.83
C SER B 719 32.36 27.51 -21.41
N VAL B 720 31.51 28.28 -20.75
CA VAL B 720 31.11 28.04 -19.37
C VAL B 720 29.65 27.59 -19.39
N THR B 721 29.42 26.31 -19.15
CA THR B 721 28.07 25.77 -19.07
C THR B 721 27.64 25.71 -17.61
N THR B 722 26.49 25.08 -17.36
CA THR B 722 25.95 24.95 -16.01
C THR B 722 25.37 23.56 -15.81
N GLU B 723 25.61 23.00 -14.63
CA GLU B 723 25.03 21.73 -14.23
C GLU B 723 24.33 21.92 -12.90
N ILE B 724 23.09 21.48 -12.80
CA ILE B 724 22.28 21.65 -11.61
C ILE B 724 21.87 20.27 -11.10
N LEU B 725 22.11 20.03 -9.81
CA LEU B 725 21.81 18.75 -9.20
C LEU B 725 21.15 18.98 -7.84
N PRO B 726 20.04 18.32 -7.55
CA PRO B 726 19.44 18.43 -6.22
C PRO B 726 20.31 17.80 -5.17
N VAL B 727 20.18 18.29 -3.93
CA VAL B 727 21.01 17.83 -2.83
C VAL B 727 20.14 17.21 -1.75
N SER B 728 19.08 17.91 -1.36
CA SER B 728 18.19 17.43 -0.32
C SER B 728 16.82 18.05 -0.50
N MET B 729 15.83 17.48 0.17
CA MET B 729 14.46 17.93 0.12
C MET B 729 14.06 18.54 1.46
N THR B 730 12.87 19.13 1.49
CA THR B 730 12.32 19.62 2.74
C THR B 730 12.02 18.46 3.68
N LYS B 731 12.44 18.58 4.93
CA LYS B 731 12.33 17.51 5.91
C LYS B 731 10.95 17.58 6.57
N THR B 732 10.24 16.46 6.56
CA THR B 732 8.87 16.39 7.06
C THR B 732 8.84 15.57 8.34
N SER B 733 7.97 15.97 9.27
CA SER B 733 7.86 15.36 10.60
C SER B 733 6.40 15.10 10.95
N VAL B 734 5.66 14.49 10.03
CA VAL B 734 4.27 14.12 10.31
C VAL B 734 4.20 13.25 11.57
N ASP B 735 3.07 13.34 12.28
CA ASP B 735 2.85 12.57 13.49
C ASP B 735 1.50 11.89 13.43
N CYS B 736 1.51 10.58 13.71
CA CYS B 736 0.36 9.73 13.44
C CYS B 736 -0.86 10.12 14.27
N THR B 737 -0.68 10.31 15.57
CA THR B 737 -1.82 10.56 16.44
C THR B 737 -2.57 11.80 16.01
N MET B 738 -1.84 12.90 15.81
CA MET B 738 -2.47 14.14 15.38
C MET B 738 -3.10 13.98 14.00
N TYR B 739 -2.38 13.42 13.04
CA TYR B 739 -2.92 13.40 11.68
C TYR B 739 -4.17 12.54 11.57
N ILE B 740 -4.18 11.36 12.22
CA ILE B 740 -5.28 10.43 12.04
C ILE B 740 -6.45 10.76 12.96
N CYS B 741 -6.16 11.33 14.14
CA CYS B 741 -7.19 11.61 15.14
C CYS B 741 -6.97 13.00 15.73
N GLY B 742 -7.91 13.91 15.46
CA GLY B 742 -7.83 15.25 16.05
C GLY B 742 -8.14 15.21 17.53
N ASP B 743 -7.18 15.58 18.39
CA ASP B 743 -7.36 15.54 19.87
C ASP B 743 -8.60 14.71 20.25
N SER B 744 -8.55 13.39 20.07
CA SER B 744 -9.66 12.51 20.47
C SER B 744 -9.12 11.27 21.21
N THR B 745 -9.32 11.21 22.52
CA THR B 745 -8.78 10.10 23.31
C THR B 745 -9.31 8.76 22.81
N GLU B 746 -10.61 8.69 22.51
CA GLU B 746 -11.16 7.45 21.98
C GLU B 746 -10.56 7.09 20.62
N CYS B 747 -10.36 8.07 19.75
CA CYS B 747 -9.73 7.79 18.47
C CYS B 747 -8.31 7.27 18.65
N SER B 748 -7.57 7.85 19.59
CA SER B 748 -6.25 7.32 19.92
C SER B 748 -6.35 5.90 20.45
N ASN B 749 -7.41 5.61 21.22
CA ASN B 749 -7.61 4.25 21.73
C ASN B 749 -7.79 3.24 20.60
N LEU B 750 -8.69 3.53 19.66
CA LEU B 750 -8.87 2.62 18.53
C LEU B 750 -7.62 2.53 17.67
N LEU B 751 -6.88 3.64 17.52
CA LEU B 751 -5.64 3.60 16.76
C LEU B 751 -4.61 2.69 17.43
N LEU B 752 -4.55 2.73 18.76
CA LEU B 752 -3.58 1.91 19.49
C LEU B 752 -3.76 0.43 19.24
N GLN B 753 -5.00 -0.03 18.99
CA GLN B 753 -5.24 -1.43 18.69
C GLN B 753 -4.53 -1.91 17.43
N TYR B 754 -4.14 -1.00 16.55
CA TYR B 754 -3.47 -1.36 15.29
C TYR B 754 -2.00 -1.68 15.48
N GLY B 755 -1.55 -1.87 16.72
CA GLY B 755 -0.16 -2.18 16.98
C GLY B 755 0.76 -0.99 16.74
N SER B 756 2.05 -1.32 16.63
CA SER B 756 3.07 -0.31 16.35
C SER B 756 3.07 0.05 14.87
N PHE B 757 1.96 0.63 14.39
CA PHE B 757 1.80 0.89 12.97
C PHE B 757 2.27 2.28 12.56
N CYS B 758 2.34 3.23 13.49
CA CYS B 758 2.83 4.56 13.18
C CYS B 758 4.19 4.87 13.78
N THR B 759 4.66 4.09 14.75
CA THR B 759 6.04 4.20 15.19
C THR B 759 6.99 3.97 14.02
N GLN B 760 6.66 3.02 13.15
CA GLN B 760 7.45 2.80 11.95
C GLN B 760 7.48 4.04 11.06
N LEU B 761 6.33 4.71 10.93
CA LEU B 761 6.27 5.92 10.11
C LEU B 761 7.14 7.03 10.71
N LYS B 762 7.06 7.22 12.02
CA LYS B 762 7.90 8.23 12.67
C LYS B 762 9.38 7.91 12.49
N ARG B 763 9.74 6.63 12.64
CA ARG B 763 11.13 6.22 12.45
C ARG B 763 11.60 6.48 11.03
N ALA B 764 10.74 6.16 10.04
CA ALA B 764 11.12 6.37 8.65
C ALA B 764 11.30 7.84 8.34
N LEU B 765 10.42 8.69 8.85
CA LEU B 765 10.55 10.13 8.59
C LEU B 765 11.80 10.69 9.26
N THR B 766 12.09 10.24 10.48
CA THR B 766 13.32 10.68 11.14
C THR B 766 14.56 10.25 10.36
N GLY B 767 14.57 9.00 9.88
CA GLY B 767 15.67 8.55 9.06
C GLY B 767 15.82 9.35 7.78
N ILE B 768 14.68 9.72 7.17
CA ILE B 768 14.73 10.53 5.95
C ILE B 768 15.35 11.89 6.24
N ALA B 769 14.95 12.53 7.33
CA ALA B 769 15.53 13.83 7.68
C ALA B 769 17.04 13.71 7.93
N VAL B 770 17.44 12.68 8.68
CA VAL B 770 18.86 12.49 8.96
C VAL B 770 19.63 12.25 7.67
N GLU B 771 19.04 11.49 6.74
CA GLU B 771 19.69 11.23 5.46
C GLU B 771 19.82 12.51 4.64
N GLN B 772 18.79 13.36 4.65
CA GLN B 772 18.90 14.64 3.95
C GLN B 772 20.05 15.47 4.50
N ASP B 773 20.16 15.55 5.82
CA ASP B 773 21.24 16.32 6.40
C ASP B 773 22.60 15.72 6.06
N LYS B 774 22.69 14.38 6.07
CA LYS B 774 23.95 13.74 5.71
C LYS B 774 24.30 14.01 4.26
N ASN B 775 23.29 14.04 3.38
CA ASN B 775 23.54 14.39 1.98
C ASN B 775 24.11 15.80 1.86
N THR B 776 23.52 16.75 2.57
CA THR B 776 24.05 18.12 2.54
C THR B 776 25.48 18.16 3.04
N GLN B 777 25.76 17.47 4.16
CA GLN B 777 27.10 17.46 4.72
C GLN B 777 28.11 16.86 3.75
N GLU B 778 27.75 15.75 3.11
CA GLU B 778 28.67 15.11 2.17
C GLU B 778 28.91 15.99 0.94
N VAL B 779 27.87 16.66 0.46
CA VAL B 779 28.00 17.38 -0.80
C VAL B 779 28.72 18.71 -0.60
N PHE B 780 28.66 19.29 0.61
CA PHE B 780 29.32 20.57 0.83
C PHE B 780 30.52 20.50 1.77
N ALA B 781 30.36 19.95 2.97
CA ALA B 781 31.43 19.99 3.96
C ALA B 781 32.53 19.01 3.61
N GLN B 782 33.28 19.29 2.54
CA GLN B 782 34.39 18.46 2.11
C GLN B 782 35.75 18.99 2.53
N VAL B 783 35.84 20.25 2.95
CA VAL B 783 37.10 20.84 3.38
C VAL B 783 37.01 21.11 4.88
N LYS B 784 38.11 20.84 5.58
CA LYS B 784 38.11 21.01 7.04
C LYS B 784 38.34 22.46 7.43
N GLN B 785 39.11 23.20 6.63
CA GLN B 785 39.54 24.54 7.00
C GLN B 785 38.90 25.58 6.08
N ILE B 786 38.24 26.56 6.68
CA ILE B 786 37.60 27.64 5.92
C ILE B 786 38.69 28.63 5.50
N TYR B 787 39.03 28.63 4.22
CA TYR B 787 39.92 29.64 3.67
C TYR B 787 39.13 30.91 3.35
N LYS B 788 39.85 31.98 3.08
CA LYS B 788 39.22 33.24 2.67
C LYS B 788 39.94 33.79 1.45
N THR B 789 39.21 34.57 0.66
CA THR B 789 39.81 35.23 -0.48
C THR B 789 40.82 36.29 -0.01
N PRO B 790 41.95 36.41 -0.71
CA PRO B 790 42.89 37.47 -0.36
C PRO B 790 42.25 38.82 -0.50
N PRO B 791 42.70 39.82 0.26
CA PRO B 791 42.04 41.13 0.23
C PRO B 791 41.97 41.76 -1.15
N ILE B 792 43.02 41.63 -1.95
CA ILE B 792 43.02 42.10 -3.32
C ILE B 792 42.53 40.99 -4.22
N LYS B 793 41.93 41.37 -5.35
CA LYS B 793 41.39 40.42 -6.32
C LYS B 793 41.91 40.77 -7.71
N TYR B 794 43.10 40.24 -8.04
CA TYR B 794 43.66 40.32 -9.39
C TYR B 794 44.31 38.96 -9.67
N PHE B 795 43.55 38.06 -10.29
CA PHE B 795 44.07 36.74 -10.64
C PHE B 795 44.52 36.73 -12.10
N GLY B 796 45.54 37.53 -12.38
CA GLY B 796 46.11 37.58 -13.72
C GLY B 796 45.15 38.03 -14.80
N GLY B 797 44.24 38.94 -14.50
CA GLY B 797 43.26 39.41 -15.44
C GLY B 797 41.95 38.64 -15.40
N PHE B 798 41.92 37.49 -14.72
CA PHE B 798 40.69 36.74 -14.56
C PHE B 798 39.77 37.47 -13.61
N ASN B 799 38.48 37.51 -13.95
CA ASN B 799 37.48 38.22 -13.16
C ASN B 799 36.65 37.20 -12.40
N PHE B 800 36.51 37.41 -11.09
CA PHE B 800 35.82 36.45 -10.23
C PHE B 800 34.73 37.09 -9.37
N SER B 801 34.51 38.40 -9.50
CA SER B 801 33.57 39.08 -8.62
C SER B 801 32.15 38.55 -8.80
N GLN B 802 31.85 37.97 -9.97
CA GLN B 802 30.53 37.36 -10.16
C GLN B 802 30.33 36.16 -9.24
N ILE B 803 31.36 35.34 -9.06
CA ILE B 803 31.25 34.16 -8.22
C ILE B 803 31.82 34.37 -6.81
N LEU B 804 32.59 35.42 -6.59
CA LEU B 804 33.08 35.72 -5.26
C LEU B 804 31.97 36.31 -4.41
N PRO B 805 32.03 36.13 -3.09
CA PRO B 805 31.03 36.75 -2.22
C PRO B 805 31.09 38.27 -2.30
N ASP B 806 29.92 38.89 -2.18
CA ASP B 806 29.83 40.34 -2.24
C ASP B 806 29.72 40.90 -0.83
N PRO B 807 30.73 41.63 -0.33
CA PRO B 807 30.65 42.15 1.03
C PRO B 807 29.49 43.10 1.27
N SER B 808 29.10 43.87 0.24
CA SER B 808 28.00 44.81 0.42
C SER B 808 26.69 44.10 0.76
N LYS B 809 26.42 42.99 0.09
CA LYS B 809 25.22 42.22 0.36
C LYS B 809 25.30 41.64 1.76
N PRO B 810 24.23 41.77 2.57
CA PRO B 810 24.28 41.28 3.96
C PRO B 810 24.23 39.77 4.10
N SER B 811 23.95 39.03 3.03
CA SER B 811 23.96 37.58 3.09
C SER B 811 25.32 36.98 2.72
N LYS B 812 26.29 37.80 2.32
CA LYS B 812 27.63 37.37 1.97
C LYS B 812 27.58 36.27 0.89
N ARG B 813 27.00 36.64 -0.25
CA ARG B 813 26.79 35.71 -1.34
C ARG B 813 27.18 36.36 -2.67
N SER B 814 27.44 35.53 -3.65
CA SER B 814 27.75 36.00 -4.99
C SER B 814 26.47 36.42 -5.72
N PRO B 815 26.59 37.34 -6.69
CA PRO B 815 25.40 37.70 -7.48
C PRO B 815 24.77 36.52 -8.20
N ILE B 816 25.58 35.57 -8.65
CA ILE B 816 25.02 34.36 -9.26
C ILE B 816 24.17 33.60 -8.26
N GLU B 817 24.65 33.49 -7.01
CA GLU B 817 23.86 32.83 -5.97
C GLU B 817 22.60 33.62 -5.66
N ASP B 818 22.68 34.96 -5.71
CA ASP B 818 21.50 35.78 -5.46
C ASP B 818 20.45 35.54 -6.54
N LEU B 819 20.86 35.45 -7.80
CA LEU B 819 19.90 35.14 -8.85
C LEU B 819 19.26 33.78 -8.64
N LEU B 820 20.04 32.79 -8.19
CA LEU B 820 19.48 31.47 -7.90
C LEU B 820 18.44 31.56 -6.78
N PHE B 821 18.75 32.28 -5.71
CA PHE B 821 17.81 32.41 -4.61
C PHE B 821 16.57 33.19 -5.01
N ASN B 822 16.70 34.13 -5.95
CA ASN B 822 15.56 34.88 -6.43
C ASN B 822 14.67 34.08 -7.37
N LYS B 823 15.26 33.23 -8.22
CA LYS B 823 14.50 32.49 -9.21
C LYS B 823 13.85 31.22 -8.66
N VAL B 824 14.10 30.89 -7.40
CA VAL B 824 13.52 29.70 -6.78
C VAL B 824 12.61 30.17 -5.65
N THR B 825 11.37 29.72 -5.67
CA THR B 825 10.37 30.08 -4.67
C THR B 825 10.09 28.88 -3.79
N LEU B 826 10.13 29.10 -2.47
CA LEU B 826 9.89 28.04 -1.49
C LEU B 826 8.52 28.26 -0.85
N ALA B 827 7.63 27.28 -1.02
CA ALA B 827 6.32 27.36 -0.39
C ALA B 827 6.43 27.32 1.12
N ASP B 828 7.28 26.44 1.65
CA ASP B 828 7.51 26.31 3.09
C ASP B 828 8.99 26.49 3.36
N ALA B 829 9.36 27.65 3.92
CA ALA B 829 10.75 27.85 4.33
C ALA B 829 11.10 27.00 5.54
N GLY B 830 10.13 26.77 6.43
CA GLY B 830 10.36 25.98 7.64
C GLY B 830 10.87 26.77 8.81
N PHE B 831 11.91 27.57 8.61
CA PHE B 831 12.48 28.40 9.66
C PHE B 831 11.71 29.72 9.82
N ILE B 832 10.39 29.60 9.98
CA ILE B 832 9.54 30.77 10.03
C ILE B 832 8.88 30.97 11.39
N LYS B 833 8.65 29.90 12.15
CA LYS B 833 7.88 29.98 13.40
C LYS B 833 6.56 30.70 13.16
N GLN B 834 5.84 30.23 12.13
CA GLN B 834 4.67 30.93 11.60
C GLN B 834 3.50 30.90 12.58
N TYR B 835 3.69 30.16 13.68
CA TYR B 835 2.65 30.09 14.74
C TYR B 835 2.41 31.48 15.31
N GLY B 836 1.14 31.87 15.46
CA GLY B 836 0.78 33.17 16.00
C GLY B 836 0.20 34.13 14.97
N ASP B 837 0.54 33.97 13.69
CA ASP B 837 -0.02 34.82 12.65
C ASP B 837 -1.06 34.10 11.79
N CYS B 838 -1.31 32.82 12.04
CA CYS B 838 -2.41 32.14 11.36
C CYS B 838 -3.74 32.76 11.77
N LEU B 839 -3.87 33.13 13.05
CA LEU B 839 -5.05 33.87 13.48
C LEU B 839 -5.10 35.26 12.86
N GLY B 840 -3.93 35.88 12.66
CA GLY B 840 -3.82 37.20 12.07
C GLY B 840 -3.75 37.22 10.56
N ASP B 841 -3.99 36.08 9.91
CA ASP B 841 -3.93 36.02 8.45
C ASP B 841 -4.97 36.92 7.78
N ILE B 842 -6.01 37.32 8.50
CA ILE B 842 -7.07 38.18 7.99
C ILE B 842 -7.80 37.48 6.85
N ALA B 843 -7.11 37.24 5.75
CA ALA B 843 -7.67 36.51 4.62
C ALA B 843 -7.63 35.01 4.93
N ALA B 844 -7.90 34.20 3.91
CA ALA B 844 -7.92 32.75 4.12
C ALA B 844 -6.55 32.24 4.51
N ARG B 845 -6.52 31.33 5.49
CA ARG B 845 -5.27 30.74 5.93
C ARG B 845 -4.64 29.94 4.80
N ASP B 846 -3.33 30.13 4.63
CA ASP B 846 -2.60 29.54 3.53
C ASP B 846 -2.36 28.06 3.77
N LEU B 847 -1.65 27.44 2.82
CA LEU B 847 -1.38 26.00 2.91
C LEU B 847 -0.55 25.66 4.14
N ILE B 848 0.38 26.54 4.52
CA ILE B 848 1.23 26.27 5.67
C ILE B 848 0.42 26.25 6.95
N CYS B 849 -0.45 27.26 7.13
CA CYS B 849 -1.30 27.31 8.31
C CYS B 849 -2.27 26.13 8.32
N ALA B 850 -2.78 25.76 7.15
CA ALA B 850 -3.68 24.60 7.07
C ALA B 850 -2.96 23.32 7.48
N GLN B 851 -1.71 23.16 7.04
CA GLN B 851 -0.92 22.00 7.45
C GLN B 851 -0.65 22.01 8.95
N LYS B 852 -0.38 23.19 9.51
CA LYS B 852 -0.22 23.31 10.96
C LYS B 852 -1.49 22.89 11.69
N PHE B 853 -2.67 23.26 11.16
CA PHE B 853 -3.92 22.81 11.74
C PHE B 853 -4.08 21.30 11.68
N ASN B 854 -3.34 20.62 10.81
CA ASN B 854 -3.49 19.18 10.61
C ASN B 854 -2.28 18.40 11.12
N GLY B 855 -1.41 19.04 11.89
CA GLY B 855 -0.25 18.36 12.44
C GLY B 855 0.82 18.00 11.44
N LEU B 856 0.87 18.68 10.30
CA LEU B 856 1.87 18.43 9.27
C LEU B 856 2.90 19.54 9.34
N THR B 857 4.03 19.27 9.98
CA THR B 857 5.08 20.25 10.19
C THR B 857 6.27 19.97 9.30
N VAL B 858 7.15 20.97 9.19
CA VAL B 858 8.38 20.86 8.42
C VAL B 858 9.54 21.29 9.32
N LEU B 859 10.53 20.43 9.48
CA LEU B 859 11.70 20.77 10.26
C LEU B 859 12.67 21.62 9.42
N PRO B 860 13.46 22.47 10.06
CA PRO B 860 14.39 23.30 9.31
C PRO B 860 15.67 22.54 9.02
N PRO B 861 16.34 22.85 7.90
CA PRO B 861 17.63 22.23 7.64
C PRO B 861 18.64 22.61 8.71
N LEU B 862 19.44 21.63 9.12
CA LEU B 862 20.39 21.87 10.21
C LEU B 862 21.45 22.88 9.79
N LEU B 863 21.91 22.80 8.54
CA LEU B 863 22.80 23.82 8.00
C LEU B 863 21.97 24.93 7.39
N THR B 864 22.00 26.11 7.99
CA THR B 864 21.26 27.23 7.45
C THR B 864 21.85 27.66 6.11
N ASP B 865 21.00 28.22 5.26
CA ASP B 865 21.41 28.62 3.92
C ASP B 865 22.50 29.68 3.93
N GLU B 866 22.71 30.37 5.06
CA GLU B 866 23.74 31.41 5.09
C GLU B 866 25.14 30.82 5.10
N MET B 867 25.40 29.80 5.91
CA MET B 867 26.74 29.26 5.98
C MET B 867 27.02 28.18 4.95
N ILE B 868 26.00 27.66 4.26
CA ILE B 868 26.26 26.85 3.08
C ILE B 868 26.94 27.70 2.02
N ALA B 869 26.51 28.97 1.90
CA ALA B 869 27.22 29.91 1.05
C ALA B 869 28.66 30.10 1.54
N GLN B 870 28.86 30.06 2.86
CA GLN B 870 30.22 30.17 3.40
C GLN B 870 31.08 28.98 3.01
N TYR B 871 30.51 27.76 3.09
CA TYR B 871 31.24 26.58 2.66
C TYR B 871 31.60 26.67 1.17
N THR B 872 30.63 27.09 0.35
CA THR B 872 30.90 27.19 -1.09
C THR B 872 31.97 28.25 -1.36
N SER B 873 31.92 29.36 -0.62
CA SER B 873 32.93 30.40 -0.79
C SER B 873 34.32 29.89 -0.41
N ALA B 874 34.41 29.15 0.70
CA ALA B 874 35.70 28.57 1.09
C ALA B 874 36.20 27.59 0.04
N LEU B 875 35.30 26.75 -0.48
CA LEU B 875 35.68 25.79 -1.50
C LEU B 875 36.18 26.49 -2.77
N LEU B 876 35.51 27.58 -3.16
CA LEU B 876 35.94 28.33 -4.34
C LEU B 876 37.25 29.04 -4.08
N ALA B 877 37.47 29.51 -2.86
CA ALA B 877 38.74 30.15 -2.51
C ALA B 877 39.89 29.16 -2.54
N GLY B 878 39.65 27.92 -2.14
CA GLY B 878 40.71 26.93 -2.17
C GLY B 878 41.17 26.60 -3.58
N THR B 879 40.23 26.56 -4.53
CA THR B 879 40.51 26.09 -5.87
C THR B 879 41.01 27.17 -6.82
N ILE B 880 41.07 28.42 -6.39
CA ILE B 880 41.57 29.51 -7.23
C ILE B 880 42.82 30.17 -6.67
N THR B 881 43.13 29.97 -5.39
CA THR B 881 44.36 30.51 -4.81
C THR B 881 45.36 29.43 -4.41
N SER B 882 44.99 28.15 -4.46
CA SER B 882 45.90 27.10 -4.04
C SER B 882 45.88 25.91 -5.00
N GLY B 883 45.23 26.01 -6.15
CA GLY B 883 45.21 24.88 -7.06
C GLY B 883 44.35 23.74 -6.52
N TRP B 884 44.68 22.53 -6.97
CA TRP B 884 43.97 21.34 -6.55
C TRP B 884 44.63 20.65 -5.36
N THR B 885 45.76 21.17 -4.88
CA THR B 885 46.50 20.50 -3.81
C THR B 885 45.72 20.49 -2.50
N PHE B 886 44.95 21.55 -2.24
CA PHE B 886 44.22 21.65 -0.98
C PHE B 886 43.18 20.57 -0.82
N GLY B 887 42.73 19.95 -1.92
CA GLY B 887 41.80 18.85 -1.82
C GLY B 887 42.43 17.55 -1.35
N ALA B 888 43.74 17.43 -1.49
CA ALA B 888 44.48 16.24 -1.06
C ALA B 888 45.20 16.44 0.26
N GLY B 889 46.03 17.46 0.37
CA GLY B 889 46.76 17.73 1.60
C GLY B 889 46.67 19.19 2.00
N PRO B 890 47.75 19.71 2.59
CA PRO B 890 47.77 21.13 2.97
C PRO B 890 47.60 22.03 1.76
N ALA B 891 46.96 23.17 1.97
CA ALA B 891 46.75 24.14 0.90
C ALA B 891 48.07 24.82 0.56
N LEU B 892 48.46 24.76 -0.72
CA LEU B 892 49.71 25.34 -1.19
C LEU B 892 49.39 26.41 -2.22
N GLN B 893 49.84 27.64 -1.96
CA GLN B 893 49.53 28.75 -2.86
C GLN B 893 50.26 28.58 -4.19
N ILE B 894 49.56 28.92 -5.27
CA ILE B 894 50.11 28.90 -6.63
C ILE B 894 49.43 30.01 -7.41
N PRO B 895 50.17 30.83 -8.14
CA PRO B 895 49.53 31.90 -8.92
C PRO B 895 48.52 31.33 -9.90
N PHE B 896 47.42 32.06 -10.07
CA PHE B 896 46.35 31.59 -10.94
C PHE B 896 46.77 31.36 -12.38
N PRO B 897 47.57 32.23 -13.02
CA PRO B 897 48.07 31.87 -14.37
C PRO B 897 48.83 30.57 -14.39
N MET B 898 49.63 30.31 -13.35
CA MET B 898 50.38 29.06 -13.30
C MET B 898 49.45 27.86 -13.13
N GLN B 899 48.44 27.99 -12.26
CA GLN B 899 47.48 26.91 -12.11
C GLN B 899 46.73 26.65 -13.41
N MET B 900 46.34 27.72 -14.11
CA MET B 900 45.62 27.58 -15.35
C MET B 900 46.49 26.89 -16.40
N ALA B 901 47.78 27.25 -16.44
CA ALA B 901 48.71 26.58 -17.34
C ALA B 901 48.89 25.12 -16.98
N TYR B 902 48.91 24.79 -15.68
CA TYR B 902 48.95 23.39 -15.28
C TYR B 902 47.72 22.64 -15.77
N ARG B 903 46.54 23.25 -15.64
CA ARG B 903 45.33 22.59 -16.12
C ARG B 903 45.36 22.42 -17.64
N PHE B 904 45.96 23.38 -18.35
CA PHE B 904 46.19 23.18 -19.78
C PHE B 904 47.11 22.00 -20.04
N ASN B 905 48.20 21.90 -19.27
CA ASN B 905 49.11 20.78 -19.38
C ASN B 905 48.43 19.45 -19.09
N GLY B 906 47.41 19.44 -18.25
CA GLY B 906 46.73 18.21 -17.90
C GLY B 906 45.71 17.73 -18.91
N ILE B 907 45.53 18.44 -20.02
CA ILE B 907 44.53 18.07 -21.01
C ILE B 907 45.16 17.83 -22.39
N GLY B 908 46.43 18.17 -22.55
CA GLY B 908 47.14 17.89 -23.79
C GLY B 908 47.66 19.07 -24.55
N VAL B 909 47.89 20.21 -23.90
CA VAL B 909 48.47 21.39 -24.53
C VAL B 909 49.49 21.98 -23.56
N THR B 910 50.66 22.36 -24.08
CA THR B 910 51.73 22.85 -23.23
C THR B 910 51.43 24.26 -22.73
N GLN B 911 52.18 24.67 -21.70
CA GLN B 911 51.90 25.94 -21.02
C GLN B 911 52.12 27.13 -21.93
N ASN B 912 52.91 26.97 -23.00
CA ASN B 912 53.28 28.10 -23.84
C ASN B 912 52.07 28.72 -24.52
N VAL B 913 51.05 27.92 -24.84
CA VAL B 913 49.86 28.47 -25.49
C VAL B 913 49.19 29.50 -24.60
N LEU B 914 48.95 29.13 -23.34
CA LEU B 914 48.36 30.08 -22.40
C LEU B 914 49.30 31.25 -22.14
N TYR B 915 50.59 30.97 -21.96
CA TYR B 915 51.48 32.09 -21.68
C TYR B 915 51.69 32.98 -22.88
N GLU B 916 51.20 32.58 -24.06
CA GLU B 916 51.17 33.43 -25.24
C GLU B 916 49.85 34.20 -25.40
N ASN B 917 48.70 33.58 -25.13
CA ASN B 917 47.43 34.27 -25.31
C ASN B 917 46.64 34.35 -24.00
N GLN B 918 47.35 34.67 -22.91
CA GLN B 918 46.69 34.86 -21.61
C GLN B 918 45.64 35.96 -21.67
N LYS B 919 45.92 37.06 -22.37
CA LYS B 919 44.94 38.14 -22.45
C LYS B 919 43.67 37.66 -23.14
N LEU B 920 43.81 36.92 -24.24
CA LEU B 920 42.64 36.39 -24.93
C LEU B 920 41.86 35.42 -24.06
N ILE B 921 42.58 34.55 -23.33
CA ILE B 921 41.90 33.61 -22.45
C ILE B 921 41.15 34.36 -21.35
N ALA B 922 41.75 35.39 -20.77
CA ALA B 922 41.08 36.16 -19.74
C ALA B 922 39.83 36.85 -20.29
N ASN B 923 39.93 37.41 -21.49
CA ASN B 923 38.77 38.06 -22.09
C ASN B 923 37.64 37.06 -22.35
N GLN B 924 37.98 35.88 -22.87
CA GLN B 924 36.96 34.86 -23.11
C GLN B 924 36.34 34.40 -21.80
N PHE B 925 37.16 34.21 -20.77
CA PHE B 925 36.65 33.84 -19.45
C PHE B 925 35.67 34.88 -18.94
N ASN B 926 36.03 36.16 -19.02
CA ASN B 926 35.16 37.22 -18.54
C ASN B 926 33.85 37.26 -19.34
N SER B 927 33.94 37.11 -20.66
CA SER B 927 32.74 37.16 -21.48
C SER B 927 31.80 36.00 -21.16
N ALA B 928 32.36 34.79 -21.02
CA ALA B 928 31.52 33.63 -20.71
C ALA B 928 30.88 33.76 -19.33
N ILE B 929 31.66 34.21 -18.34
CA ILE B 929 31.12 34.39 -17.00
C ILE B 929 30.03 35.44 -17.00
N GLY B 930 30.23 36.54 -17.73
CA GLY B 930 29.20 37.55 -17.82
C GLY B 930 27.94 37.07 -18.50
N LYS B 931 28.08 36.30 -19.58
CA LYS B 931 26.90 35.86 -20.30
C LYS B 931 26.17 34.72 -19.63
N ILE B 932 26.82 33.98 -18.72
CA ILE B 932 26.06 32.96 -17.98
C ILE B 932 25.03 33.65 -17.08
N GLN B 933 25.36 34.83 -16.56
CA GLN B 933 24.41 35.59 -15.76
C GLN B 933 23.16 35.91 -16.56
N ASP B 934 23.33 36.40 -17.79
CA ASP B 934 22.19 36.73 -18.63
C ASP B 934 21.46 35.47 -19.11
N SER B 935 22.19 34.38 -19.29
CA SER B 935 21.55 33.13 -19.67
C SER B 935 20.61 32.64 -18.58
N LEU B 936 21.04 32.74 -17.31
CA LEU B 936 20.15 32.40 -16.20
C LEU B 936 19.05 33.44 -15.99
N PHE B 937 19.33 34.71 -16.27
CA PHE B 937 18.35 35.76 -16.05
C PHE B 937 17.21 35.68 -17.06
N SER B 938 17.53 35.54 -18.35
CA SER B 938 16.53 35.62 -19.40
C SER B 938 15.75 34.34 -19.62
N THR B 939 16.32 33.19 -19.25
CA THR B 939 15.61 31.92 -19.45
C THR B 939 14.38 31.87 -18.55
N PRO B 940 13.29 31.24 -19.02
CA PRO B 940 12.11 31.09 -18.17
C PRO B 940 12.43 30.36 -16.87
N SER B 941 12.99 29.15 -17.00
CA SER B 941 13.45 28.41 -15.83
C SER B 941 14.47 27.37 -16.31
N ALA B 942 15.75 27.69 -16.18
CA ALA B 942 16.80 26.71 -16.38
C ALA B 942 17.07 25.88 -15.13
N LEU B 943 16.46 26.26 -14.00
CA LEU B 943 16.56 25.54 -12.74
C LEU B 943 15.39 24.59 -12.51
N GLY B 944 14.87 23.99 -13.57
CA GLY B 944 13.68 23.17 -13.49
C GLY B 944 13.77 22.00 -12.52
N LYS B 945 14.98 21.51 -12.26
CA LYS B 945 15.13 20.34 -11.40
C LYS B 945 14.81 20.67 -9.94
N LEU B 946 15.39 21.75 -9.43
CA LEU B 946 15.16 22.11 -8.02
C LEU B 946 13.71 22.55 -7.80
N GLN B 947 13.19 23.39 -8.69
CA GLN B 947 11.78 23.77 -8.62
C GLN B 947 10.89 22.55 -8.73
N ASP B 948 11.28 21.58 -9.57
CA ASP B 948 10.50 20.35 -9.71
C ASP B 948 10.49 19.56 -8.42
N VAL B 949 11.64 19.46 -7.75
CA VAL B 949 11.72 18.72 -6.49
C VAL B 949 10.84 19.40 -5.44
N VAL B 950 10.94 20.72 -5.32
CA VAL B 950 10.15 21.45 -4.34
C VAL B 950 8.67 21.31 -4.64
N ASN B 951 8.30 21.42 -5.91
CA ASN B 951 6.90 21.29 -6.31
C ASN B 951 6.38 19.88 -6.06
N HIS B 952 7.21 18.87 -6.30
CA HIS B 952 6.80 17.50 -6.02
C HIS B 952 6.52 17.30 -4.53
N ASN B 953 7.41 17.81 -3.68
CA ASN B 953 7.20 17.67 -2.24
C ASN B 953 5.94 18.42 -1.81
N ALA B 954 5.76 19.64 -2.32
CA ALA B 954 4.58 20.43 -1.96
C ALA B 954 3.29 19.77 -2.43
N GLN B 955 3.30 19.21 -3.63
CA GLN B 955 2.12 18.52 -4.17
C GLN B 955 1.79 17.28 -3.35
N ALA B 956 2.82 16.51 -2.97
CA ALA B 956 2.59 15.36 -2.11
C ALA B 956 1.99 15.77 -0.78
N LEU B 957 2.52 16.82 -0.17
CA LEU B 957 1.98 17.29 1.11
C LEU B 957 0.54 17.78 0.95
N ASN B 958 0.26 18.50 -0.13
CA ASN B 958 -1.08 19.02 -0.37
C ASN B 958 -2.08 17.88 -0.52
N THR B 959 -1.70 16.86 -1.30
CA THR B 959 -2.58 15.69 -1.44
C THR B 959 -2.77 14.99 -0.11
N LEU B 960 -1.70 14.86 0.68
CA LEU B 960 -1.81 14.23 1.99
C LEU B 960 -2.83 14.95 2.87
N VAL B 961 -2.74 16.28 2.93
CA VAL B 961 -3.65 17.02 3.78
C VAL B 961 -5.06 16.98 3.21
N LYS B 962 -5.20 17.03 1.88
CA LYS B 962 -6.52 17.03 1.28
C LYS B 962 -7.23 15.69 1.48
N GLN B 963 -6.48 14.59 1.57
CA GLN B 963 -7.09 13.29 1.78
C GLN B 963 -7.91 13.22 3.06
N LEU B 964 -7.62 14.08 4.04
CA LEU B 964 -8.38 14.10 5.27
C LEU B 964 -9.82 14.55 5.06
N SER B 965 -10.13 15.14 3.90
CA SER B 965 -11.47 15.64 3.61
C SER B 965 -12.36 14.58 2.98
N SER B 966 -11.86 13.36 2.82
CA SER B 966 -12.59 12.28 2.16
C SER B 966 -13.33 11.46 3.21
N LYS B 967 -14.61 11.20 2.97
CA LYS B 967 -15.42 10.45 3.92
C LYS B 967 -14.95 9.01 4.08
N PHE B 968 -14.27 8.46 3.08
CA PHE B 968 -13.73 7.10 3.12
C PHE B 968 -14.82 6.06 3.36
N GLY B 969 -16.05 6.34 2.91
CA GLY B 969 -17.13 5.39 3.05
C GLY B 969 -17.81 5.38 4.40
N ALA B 970 -17.73 6.47 5.15
CA ALA B 970 -18.38 6.58 6.45
C ALA B 970 -19.36 7.75 6.44
N ILE B 971 -19.92 8.03 7.62
CA ILE B 971 -20.96 9.04 7.74
C ILE B 971 -20.42 10.42 7.38
N SER B 972 -19.25 10.78 7.91
CA SER B 972 -18.66 12.08 7.64
C SER B 972 -17.16 11.94 7.73
N SER B 973 -16.46 12.93 7.19
CA SER B 973 -15.01 12.94 7.14
C SER B 973 -14.38 13.72 8.30
N VAL B 974 -15.20 14.14 9.26
CA VAL B 974 -14.65 14.82 10.47
C VAL B 974 -15.06 14.04 11.72
N LEU B 975 -14.07 13.48 12.44
CA LEU B 975 -14.37 12.66 13.64
C LEU B 975 -15.08 13.52 14.70
N ASN B 976 -14.61 14.74 14.91
CA ASN B 976 -15.20 15.62 15.95
C ASN B 976 -16.72 15.68 15.72
N ASP B 977 -17.15 15.78 14.46
CA ASP B 977 -18.60 15.76 14.14
C ASP B 977 -19.16 14.35 14.44
N ILE B 978 -18.46 13.31 13.99
CA ILE B 978 -18.99 11.92 14.16
C ILE B 978 -19.23 11.62 15.65
N LEU B 979 -18.24 11.89 16.50
CA LEU B 979 -18.39 11.55 17.95
C LEU B 979 -19.51 12.40 18.56
N SER B 980 -19.65 13.65 18.12
CA SER B 980 -20.72 14.54 18.63
C SER B 980 -22.06 14.18 17.97
N ARG B 981 -22.08 13.09 17.18
CA ARG B 981 -23.30 12.70 16.49
C ARG B 981 -23.65 11.23 16.71
N LEU B 982 -22.66 10.38 17.01
CA LEU B 982 -22.89 8.95 17.25
C LEU B 982 -22.26 8.54 18.57
N ASP B 983 -22.92 7.62 19.27
CA ASP B 983 -22.39 7.03 20.48
C ASP B 983 -21.29 6.02 20.15
N PRO B 984 -20.48 5.63 21.15
CA PRO B 984 -19.34 4.71 20.88
C PRO B 984 -19.74 3.41 20.21
N PRO B 985 -20.72 2.63 20.78
CA PRO B 985 -20.85 1.24 20.34
C PRO B 985 -21.39 1.05 18.92
N GLU B 986 -21.78 2.13 18.28
CA GLU B 986 -22.00 2.15 16.83
C GLU B 986 -21.04 3.07 16.08
N ALA B 987 -20.38 4.00 16.77
CA ALA B 987 -19.45 4.91 16.09
C ALA B 987 -18.07 4.30 15.90
N GLU B 988 -17.74 3.22 16.63
CA GLU B 988 -16.39 2.69 16.53
C GLU B 988 -16.13 2.12 15.14
N VAL B 989 -17.17 1.59 14.50
CA VAL B 989 -17.02 1.05 13.16
C VAL B 989 -16.63 2.15 12.18
N GLN B 990 -17.37 3.27 12.21
CA GLN B 990 -17.08 4.37 11.30
C GLN B 990 -15.73 4.99 11.60
N ILE B 991 -15.37 5.12 12.88
CA ILE B 991 -14.07 5.71 13.20
C ILE B 991 -12.96 4.76 12.79
N ASP B 992 -13.21 3.44 12.82
CA ASP B 992 -12.23 2.49 12.33
C ASP B 992 -12.08 2.59 10.82
N ARG B 993 -13.18 2.83 10.11
CA ARG B 993 -13.08 3.09 8.67
C ARG B 993 -12.23 4.33 8.41
N LEU B 994 -12.44 5.38 9.19
CA LEU B 994 -11.63 6.59 9.05
C LEU B 994 -10.16 6.29 9.32
N ILE B 995 -9.88 5.52 10.38
CA ILE B 995 -8.50 5.20 10.72
C ILE B 995 -7.84 4.43 9.58
N THR B 996 -8.52 3.41 9.06
CA THR B 996 -7.91 2.62 8.00
C THR B 996 -7.68 3.46 6.73
N GLY B 997 -8.61 4.32 6.36
CA GLY B 997 -8.40 5.16 5.20
C GLY B 997 -7.26 6.14 5.38
N ARG B 998 -7.24 6.83 6.52
CA ARG B 998 -6.21 7.82 6.78
C ARG B 998 -4.83 7.16 6.86
N LEU B 999 -4.74 6.00 7.50
CA LEU B 999 -3.44 5.35 7.63
C LEU B 999 -2.98 4.76 6.31
N GLN B 1000 -3.92 4.30 5.46
CA GLN B 1000 -3.52 3.87 4.13
C GLN B 1000 -2.97 5.04 3.32
N SER B 1001 -3.63 6.21 3.41
CA SER B 1001 -3.11 7.39 2.75
C SER B 1001 -1.72 7.76 3.27
N LEU B 1002 -1.54 7.67 4.59
CA LEU B 1002 -0.24 7.99 5.18
C LEU B 1002 0.83 6.99 4.73
N GLN B 1003 0.45 5.72 4.59
CA GLN B 1003 1.38 4.71 4.08
C GLN B 1003 1.81 5.06 2.66
N THR B 1004 0.84 5.45 1.82
CA THR B 1004 1.18 5.88 0.47
C THR B 1004 2.15 7.06 0.50
N TYR B 1005 1.87 8.05 1.35
CA TYR B 1005 2.72 9.23 1.42
C TYR B 1005 4.13 8.86 1.86
N VAL B 1006 4.26 8.01 2.88
CA VAL B 1006 5.58 7.70 3.40
C VAL B 1006 6.37 6.86 2.40
N THR B 1007 5.69 5.95 1.68
CA THR B 1007 6.40 5.19 0.65
C THR B 1007 6.90 6.09 -0.47
N GLN B 1008 6.06 7.01 -0.93
CA GLN B 1008 6.49 7.93 -1.96
C GLN B 1008 7.64 8.82 -1.48
N GLN B 1009 7.57 9.28 -0.23
CA GLN B 1009 8.65 10.07 0.33
C GLN B 1009 9.95 9.27 0.42
N LEU B 1010 9.85 7.99 0.78
CA LEU B 1010 11.04 7.15 0.82
C LEU B 1010 11.67 7.00 -0.56
N ILE B 1011 10.83 6.79 -1.58
CA ILE B 1011 11.36 6.68 -2.95
C ILE B 1011 12.03 7.98 -3.37
N ARG B 1012 11.37 9.11 -3.10
CA ARG B 1012 11.95 10.40 -3.48
C ARG B 1012 13.27 10.63 -2.75
N ALA B 1013 13.32 10.26 -1.47
CA ALA B 1013 14.55 10.42 -0.70
C ALA B 1013 15.67 9.55 -1.25
N ALA B 1014 15.35 8.33 -1.67
CA ALA B 1014 16.38 7.47 -2.26
C ALA B 1014 16.91 8.06 -3.57
N GLU B 1015 16.02 8.58 -4.41
CA GLU B 1015 16.47 9.20 -5.65
C GLU B 1015 17.32 10.43 -5.36
N ILE B 1016 16.91 11.24 -4.38
CA ILE B 1016 17.69 12.41 -4.00
C ILE B 1016 19.04 12.01 -3.44
N ARG B 1017 19.10 10.89 -2.71
CA ARG B 1017 20.38 10.41 -2.20
C ARG B 1017 21.31 9.99 -3.33
N ALA B 1018 20.76 9.32 -4.34
CA ALA B 1018 21.59 8.96 -5.50
C ALA B 1018 22.12 10.21 -6.19
N SER B 1019 21.24 11.21 -6.39
CA SER B 1019 21.68 12.46 -7.00
C SER B 1019 22.73 13.17 -6.14
N ALA B 1020 22.57 13.10 -4.82
CA ALA B 1020 23.52 13.75 -3.92
C ALA B 1020 24.87 13.06 -3.94
N ASN B 1021 24.89 11.73 -4.04
CA ASN B 1021 26.16 11.02 -4.18
C ASN B 1021 26.84 11.40 -5.48
N LEU B 1022 26.08 11.46 -6.57
CA LEU B 1022 26.66 11.90 -7.84
C LEU B 1022 27.21 13.32 -7.72
N ALA B 1023 26.47 14.21 -7.07
CA ALA B 1023 26.93 15.58 -6.92
C ALA B 1023 28.17 15.68 -6.03
N ALA B 1024 28.24 14.84 -4.99
CA ALA B 1024 29.42 14.83 -4.13
C ALA B 1024 30.65 14.37 -4.90
N THR B 1025 30.50 13.32 -5.72
CA THR B 1025 31.61 12.88 -6.55
C THR B 1025 32.00 13.97 -7.54
N LYS B 1026 31.01 14.64 -8.13
CA LYS B 1026 31.30 15.72 -9.07
C LYS B 1026 32.05 16.86 -8.39
N MET B 1027 31.63 17.23 -7.18
CA MET B 1027 32.39 18.18 -6.37
C MET B 1027 33.83 17.75 -6.21
N SER B 1028 34.04 16.60 -5.55
CA SER B 1028 35.39 16.19 -5.19
C SER B 1028 36.25 15.87 -6.40
N GLU B 1029 35.65 15.75 -7.59
CA GLU B 1029 36.44 15.44 -8.77
C GLU B 1029 36.71 16.69 -9.62
N CYS B 1030 35.66 17.40 -10.02
CA CYS B 1030 35.85 18.53 -10.92
C CYS B 1030 36.34 19.77 -10.17
N VAL B 1031 36.19 19.80 -8.84
CA VAL B 1031 36.66 20.97 -8.10
C VAL B 1031 38.03 20.70 -7.48
N LEU B 1032 38.14 19.63 -6.71
CA LEU B 1032 39.41 19.29 -6.05
C LEU B 1032 40.31 18.47 -6.96
N GLY B 1033 40.53 18.96 -8.16
CA GLY B 1033 41.33 18.26 -9.15
C GLY B 1033 40.74 18.47 -10.52
N GLN B 1034 41.38 17.85 -11.52
CA GLN B 1034 40.95 17.94 -12.90
C GLN B 1034 40.54 16.55 -13.37
N SER B 1035 39.42 16.48 -14.09
CA SER B 1035 38.85 15.22 -14.53
C SER B 1035 39.24 14.92 -15.96
N LYS B 1036 39.78 13.72 -16.19
CA LYS B 1036 40.02 13.25 -17.54
C LYS B 1036 38.80 12.57 -18.15
N ARG B 1037 37.75 12.34 -17.38
CA ARG B 1037 36.54 11.74 -17.91
C ARG B 1037 35.87 12.70 -18.90
N VAL B 1038 35.46 12.19 -20.04
CA VAL B 1038 34.82 13.00 -21.06
C VAL B 1038 33.33 13.11 -20.74
N ASP B 1039 32.78 14.31 -20.93
CA ASP B 1039 31.36 14.60 -20.72
C ASP B 1039 30.91 14.33 -19.29
N PHE B 1040 31.80 14.47 -18.31
CA PHE B 1040 31.43 14.39 -16.91
C PHE B 1040 31.36 15.77 -16.26
N CYS B 1041 32.44 16.54 -16.32
CA CYS B 1041 32.45 17.92 -15.84
C CYS B 1041 32.24 18.86 -17.02
N GLY B 1042 31.03 18.82 -17.56
CA GLY B 1042 30.65 19.65 -18.68
C GLY B 1042 31.06 19.06 -20.02
N LYS B 1043 30.43 19.57 -21.08
CA LYS B 1043 30.75 19.12 -22.43
C LYS B 1043 32.15 19.59 -22.83
N GLY B 1044 32.85 18.73 -23.57
CA GLY B 1044 34.18 19.05 -24.02
C GLY B 1044 35.25 18.72 -22.99
N TYR B 1045 36.49 19.05 -23.36
CA TYR B 1045 37.62 18.87 -22.46
C TYR B 1045 37.41 19.72 -21.22
N HIS B 1046 37.67 19.14 -20.04
CA HIS B 1046 37.37 19.82 -18.80
C HIS B 1046 38.60 20.56 -18.28
N LEU B 1047 38.38 21.78 -17.79
CA LEU B 1047 39.46 22.61 -17.26
C LEU B 1047 39.30 22.87 -15.77
N MET B 1048 38.18 23.42 -15.34
CA MET B 1048 37.96 23.77 -13.94
C MET B 1048 36.47 23.62 -13.64
N SER B 1049 36.09 23.96 -12.41
CA SER B 1049 34.69 23.97 -12.01
C SER B 1049 34.51 24.71 -10.70
N PHE B 1050 33.55 25.64 -10.65
CA PHE B 1050 33.26 26.38 -9.44
C PHE B 1050 31.87 26.05 -8.93
N PRO B 1051 31.70 25.69 -7.68
CA PRO B 1051 30.38 25.39 -7.15
C PRO B 1051 29.63 26.62 -6.67
N GLN B 1052 28.31 26.54 -6.69
CA GLN B 1052 27.44 27.60 -6.20
C GLN B 1052 26.29 26.98 -5.42
N SER B 1053 26.00 27.57 -4.26
CA SER B 1053 24.91 27.09 -3.43
C SER B 1053 23.58 27.44 -4.06
N ALA B 1054 22.58 26.59 -3.83
CA ALA B 1054 21.25 26.75 -4.40
C ALA B 1054 20.23 26.27 -3.37
N PRO B 1055 18.98 26.71 -3.48
CA PRO B 1055 17.96 26.21 -2.56
C PRO B 1055 17.76 24.71 -2.73
N HIS B 1056 18.12 23.96 -1.68
CA HIS B 1056 17.94 22.51 -1.67
C HIS B 1056 18.69 21.84 -2.82
N GLY B 1057 19.86 22.36 -3.16
CA GLY B 1057 20.62 21.81 -4.25
C GLY B 1057 21.90 22.58 -4.48
N VAL B 1058 22.63 22.17 -5.50
CA VAL B 1058 23.90 22.80 -5.87
C VAL B 1058 23.87 23.11 -7.36
N VAL B 1059 24.67 24.11 -7.75
CA VAL B 1059 24.80 24.52 -9.14
C VAL B 1059 26.28 24.66 -9.46
N PHE B 1060 26.71 24.05 -10.56
CA PHE B 1060 28.10 24.08 -10.97
C PHE B 1060 28.33 25.10 -12.08
N LEU B 1061 29.56 25.56 -12.19
CA LEU B 1061 30.02 26.39 -13.29
C LEU B 1061 31.23 25.68 -13.90
N HIS B 1062 30.98 24.76 -14.81
CA HIS B 1062 32.07 24.06 -15.48
C HIS B 1062 32.73 24.97 -16.49
N VAL B 1063 34.05 25.05 -16.44
CA VAL B 1063 34.84 25.77 -17.45
C VAL B 1063 35.53 24.73 -18.30
N THR B 1064 35.16 24.68 -19.58
CA THR B 1064 35.61 23.62 -20.47
C THR B 1064 36.37 24.19 -21.65
N TYR B 1065 37.38 23.45 -22.09
CA TYR B 1065 38.20 23.83 -23.24
C TYR B 1065 37.59 23.17 -24.48
N VAL B 1066 37.13 23.99 -25.41
CA VAL B 1066 36.54 23.53 -26.67
C VAL B 1066 37.39 24.06 -27.81
N PRO B 1067 37.85 23.21 -28.74
CA PRO B 1067 38.66 23.71 -29.86
C PRO B 1067 37.86 24.60 -30.80
N ALA B 1068 38.51 25.06 -31.86
CA ALA B 1068 37.93 26.05 -32.77
C ALA B 1068 38.47 25.77 -34.16
N GLN B 1069 38.43 26.79 -35.03
CA GLN B 1069 38.69 26.68 -36.46
C GLN B 1069 39.79 25.68 -36.78
N GLU B 1070 39.48 24.75 -37.68
CA GLU B 1070 40.35 23.64 -38.02
C GLU B 1070 40.56 23.60 -39.53
N LYS B 1071 41.72 23.08 -39.94
CA LYS B 1071 42.08 23.01 -41.34
C LYS B 1071 42.68 21.64 -41.66
N ASN B 1072 42.21 21.04 -42.75
CA ASN B 1072 42.90 19.89 -43.33
C ASN B 1072 44.31 20.29 -43.71
N PHE B 1073 45.31 19.51 -43.30
CA PHE B 1073 46.65 19.73 -43.86
C PHE B 1073 47.17 18.50 -44.60
N THR B 1074 47.54 17.43 -43.87
CA THR B 1074 47.95 16.13 -44.39
C THR B 1074 48.41 15.32 -43.17
N THR B 1075 48.45 13.99 -43.25
CA THR B 1075 49.07 13.25 -42.18
C THR B 1075 49.78 12.02 -42.73
N ALA B 1076 50.77 11.54 -41.97
CA ALA B 1076 51.51 10.33 -42.26
C ALA B 1076 51.79 9.64 -40.93
N PRO B 1077 51.59 8.32 -40.86
CA PRO B 1077 51.84 7.62 -39.59
C PRO B 1077 53.26 7.74 -39.10
N ALA B 1078 54.24 7.81 -39.99
CA ALA B 1078 55.63 7.93 -39.61
C ALA B 1078 56.41 8.57 -40.75
N ILE B 1079 57.61 9.06 -40.42
CA ILE B 1079 58.52 9.63 -41.40
C ILE B 1079 59.76 8.75 -41.47
N CYS B 1080 60.19 8.44 -42.69
CA CYS B 1080 61.37 7.61 -42.92
C CYS B 1080 62.49 8.50 -43.46
N HIS B 1081 63.42 8.86 -42.58
CA HIS B 1081 64.54 9.71 -43.00
C HIS B 1081 65.61 8.90 -43.71
N ASP B 1082 66.21 7.93 -43.02
CA ASP B 1082 67.25 7.08 -43.60
C ASP B 1082 66.99 5.64 -43.18
N GLY B 1083 66.09 4.97 -43.91
CA GLY B 1083 65.78 3.58 -43.65
C GLY B 1083 65.11 3.31 -42.31
N LYS B 1084 64.97 4.36 -41.50
CA LYS B 1084 64.40 4.25 -40.17
C LYS B 1084 63.13 5.09 -40.09
N ALA B 1085 62.07 4.49 -39.54
CA ALA B 1085 60.81 5.20 -39.37
C ALA B 1085 60.84 6.06 -38.11
N HIS B 1086 60.42 7.32 -38.26
CA HIS B 1086 60.38 8.27 -37.16
C HIS B 1086 58.94 8.49 -36.74
N PHE B 1087 58.69 8.47 -35.43
CA PHE B 1087 57.36 8.65 -34.89
C PHE B 1087 57.38 9.80 -33.88
N PRO B 1088 56.33 10.60 -33.82
CA PRO B 1088 56.34 11.76 -32.91
C PRO B 1088 56.21 11.31 -31.46
N ARG B 1089 57.05 11.90 -30.61
CA ARG B 1089 56.99 11.59 -29.18
C ARG B 1089 55.63 12.02 -28.61
N GLU B 1090 55.16 13.20 -29.01
CA GLU B 1090 53.78 13.60 -28.73
C GLU B 1090 53.29 14.38 -29.95
N GLY B 1091 52.07 14.07 -30.39
CA GLY B 1091 51.51 14.73 -31.56
C GLY B 1091 51.55 13.87 -32.80
N VAL B 1092 51.06 14.40 -33.92
CA VAL B 1092 51.08 13.69 -35.18
C VAL B 1092 52.03 14.39 -36.13
N PHE B 1093 52.30 13.73 -37.25
CA PHE B 1093 53.08 14.35 -38.32
C PHE B 1093 52.12 15.03 -39.29
N VAL B 1094 52.24 16.34 -39.41
CA VAL B 1094 51.32 17.15 -40.20
C VAL B 1094 52.10 17.84 -41.30
N SER B 1095 51.47 17.98 -42.47
CA SER B 1095 52.12 18.59 -43.63
C SER B 1095 51.31 19.79 -44.11
N ASN B 1096 51.96 20.94 -44.16
CA ASN B 1096 51.39 22.11 -44.82
C ASN B 1096 50.90 21.77 -46.22
N GLY B 1097 51.60 20.87 -46.90
CA GLY B 1097 51.39 20.57 -48.30
C GLY B 1097 52.72 20.43 -49.01
N THR B 1098 53.76 21.06 -48.45
CA THR B 1098 55.09 21.03 -49.04
C THR B 1098 56.16 20.64 -48.04
N HIS B 1099 55.98 21.01 -46.77
CA HIS B 1099 56.98 20.78 -45.72
C HIS B 1099 56.33 20.09 -44.53
N TRP B 1100 56.82 18.90 -44.21
CA TRP B 1100 56.25 18.15 -43.09
C TRP B 1100 56.58 18.82 -41.77
N PHE B 1101 55.68 18.68 -40.80
CA PHE B 1101 55.79 19.34 -39.51
C PHE B 1101 55.19 18.47 -38.42
N VAL B 1102 55.52 18.79 -37.18
CA VAL B 1102 54.94 18.18 -36.01
C VAL B 1102 54.16 19.25 -35.24
N THR B 1103 53.18 18.84 -34.47
CA THR B 1103 52.38 19.77 -33.69
C THR B 1103 51.69 19.00 -32.57
N GLN B 1104 51.02 19.73 -31.69
CA GLN B 1104 50.25 19.13 -30.61
C GLN B 1104 48.94 18.59 -31.18
N ARG B 1105 48.05 18.13 -30.30
CA ARG B 1105 46.86 17.43 -30.76
C ARG B 1105 45.62 18.31 -30.80
N ASN B 1106 45.37 19.09 -29.76
CA ASN B 1106 44.20 19.95 -29.72
C ASN B 1106 44.55 21.41 -29.95
N PHE B 1107 45.74 21.69 -30.48
CA PHE B 1107 46.10 23.03 -30.92
C PHE B 1107 47.18 22.90 -31.98
N TYR B 1108 47.10 23.74 -33.01
CA TYR B 1108 48.05 23.69 -34.12
C TYR B 1108 49.25 24.55 -33.78
N GLU B 1109 50.36 23.89 -33.42
CA GLU B 1109 51.63 24.58 -33.16
C GLU B 1109 52.71 23.86 -33.96
N PRO B 1110 52.86 24.20 -35.23
CA PRO B 1110 53.86 23.52 -36.06
C PRO B 1110 55.27 23.73 -35.53
N GLN B 1111 56.08 22.69 -35.62
CA GLN B 1111 57.45 22.72 -35.15
C GLN B 1111 58.34 21.95 -36.12
N ILE B 1112 59.62 22.33 -36.14
CA ILE B 1112 60.58 21.68 -37.03
C ILE B 1112 60.87 20.28 -36.54
N ILE B 1113 60.89 19.33 -37.47
CA ILE B 1113 61.13 17.92 -37.12
C ILE B 1113 62.61 17.73 -36.78
N THR B 1114 62.91 17.69 -35.49
CA THR B 1114 64.26 17.45 -35.00
C THR B 1114 64.34 16.06 -34.39
N THR B 1115 65.54 15.68 -33.96
CA THR B 1115 65.70 14.40 -33.28
C THR B 1115 65.06 14.39 -31.90
N ASP B 1116 64.78 15.57 -31.33
CA ASP B 1116 64.16 15.64 -30.01
C ASP B 1116 62.66 15.34 -30.06
N ASN B 1117 61.97 15.78 -31.10
CA ASN B 1117 60.52 15.59 -31.18
C ASN B 1117 60.14 14.14 -31.47
N THR B 1118 61.07 13.34 -31.99
CA THR B 1118 60.75 11.99 -32.45
C THR B 1118 61.66 10.98 -31.80
N PHE B 1119 61.13 9.74 -31.76
CA PHE B 1119 61.91 8.58 -31.30
C PHE B 1119 61.96 7.65 -32.51
N VAL B 1120 63.08 6.99 -32.76
CA VAL B 1120 63.26 6.17 -33.95
C VAL B 1120 63.26 4.70 -33.54
N SER B 1121 62.45 3.90 -34.24
CA SER B 1121 62.42 2.46 -34.04
C SER B 1121 61.68 1.85 -35.23
N GLY B 1122 62.37 1.06 -36.04
CA GLY B 1122 61.74 0.42 -37.16
C GLY B 1122 62.74 0.14 -38.27
N ASN B 1123 62.20 -0.26 -39.42
CA ASN B 1123 63.02 -0.59 -40.59
C ASN B 1123 62.45 -0.05 -41.89
N CYS B 1124 61.44 0.82 -41.83
CA CYS B 1124 60.93 1.54 -43.01
C CYS B 1124 60.32 0.60 -44.04
N ASP B 1125 59.80 -0.55 -43.61
CA ASP B 1125 59.12 -1.45 -44.54
C ASP B 1125 57.87 -2.12 -44.00
N VAL B 1126 57.42 -1.78 -42.79
CA VAL B 1126 56.16 -2.30 -42.29
C VAL B 1126 55.08 -1.21 -42.18
N VAL B 1127 55.46 0.04 -41.93
CA VAL B 1127 54.50 1.11 -41.72
C VAL B 1127 53.85 1.43 -43.05
N ILE B 1128 52.55 1.18 -43.16
CA ILE B 1128 51.80 1.49 -44.38
C ILE B 1128 51.53 2.99 -44.40
N GLY B 1129 51.73 3.61 -45.56
CA GLY B 1129 51.50 5.03 -45.68
C GLY B 1129 52.63 5.89 -45.18
N ILE B 1130 53.80 5.30 -44.92
CA ILE B 1130 54.95 6.09 -44.53
C ILE B 1130 55.29 7.05 -45.65
N VAL B 1131 55.85 8.21 -45.27
CA VAL B 1131 56.11 9.27 -46.23
C VAL B 1131 57.56 9.73 -46.06
N ASN B 1132 58.21 9.98 -47.19
CA ASN B 1132 59.62 10.32 -47.23
C ASN B 1132 59.81 11.79 -46.88
N ASN B 1133 60.71 12.06 -45.95
CA ASN B 1133 61.14 13.41 -45.64
C ASN B 1133 62.41 13.32 -44.81
N THR B 1134 63.05 14.46 -44.59
CA THR B 1134 64.28 14.51 -43.82
C THR B 1134 64.00 15.02 -42.41
N VAL B 1135 64.64 14.39 -41.43
CA VAL B 1135 64.58 14.86 -40.06
C VAL B 1135 65.88 15.58 -39.76
N TYR B 1136 65.90 16.33 -38.66
CA TYR B 1136 67.03 17.16 -38.30
C TYR B 1136 67.51 16.80 -36.91
N ASP B 1137 68.68 17.34 -36.55
CA ASP B 1137 69.23 17.16 -35.22
C ASP B 1137 70.19 18.30 -34.90
N PRO B 1138 70.22 18.76 -33.65
CA PRO B 1138 71.16 19.82 -33.27
C PRO B 1138 72.54 19.33 -32.88
N LEU B 1139 72.88 18.07 -33.18
CA LEU B 1139 74.17 17.53 -32.76
C LEU B 1139 75.17 17.46 -33.91
N GLN B 1140 74.71 17.12 -35.13
CA GLN B 1140 75.61 17.17 -36.28
C GLN B 1140 76.11 18.58 -36.52
N LEU B 1141 75.25 19.58 -36.31
CA LEU B 1141 75.66 20.97 -36.50
C LEU B 1141 76.76 21.37 -35.53
N GLU B 1142 76.67 20.90 -34.28
CA GLU B 1142 77.69 21.19 -33.29
C GLU B 1142 78.47 19.93 -32.93
N THR C 26 -3.42 10.00 70.63
CA THR C 26 -3.41 10.99 69.55
C THR C 26 -2.39 10.63 68.48
N THR C 27 -2.14 11.55 67.56
CA THR C 27 -1.26 11.27 66.43
C THR C 27 -0.69 12.56 65.88
N THR C 28 0.32 12.42 65.04
CA THR C 28 0.94 13.54 64.34
C THR C 28 0.74 13.37 62.84
N GLN C 29 0.95 14.46 62.10
CA GLN C 29 0.74 14.49 60.65
C GLN C 29 1.96 15.07 59.95
N SER C 30 3.14 14.58 60.30
CA SER C 30 4.35 14.99 59.61
C SER C 30 4.39 14.39 58.19
N TYR C 31 5.24 15.03 57.38
CA TYR C 31 5.28 14.81 55.91
C TYR C 31 6.71 14.49 55.46
N THR C 32 6.92 13.27 54.95
CA THR C 32 8.19 12.93 54.26
C THR C 32 7.92 12.41 52.84
N ASN C 33 8.92 11.75 52.28
CA ASN C 33 9.00 11.34 50.88
C ASN C 33 8.96 9.82 50.77
N SER C 34 8.33 9.34 49.69
CA SER C 34 8.13 7.91 49.50
C SER C 34 9.26 7.25 48.71
N PHE C 35 9.90 7.97 47.80
CA PHE C 35 10.97 7.43 46.94
C PHE C 35 10.41 6.26 46.13
N THR C 36 11.26 5.31 45.76
CA THR C 36 10.84 4.15 44.98
C THR C 36 10.28 3.10 45.93
N ARG C 37 8.99 3.21 46.23
CA ARG C 37 8.39 2.33 47.22
C ARG C 37 6.95 2.06 46.84
N GLY C 38 6.54 0.79 46.99
CA GLY C 38 5.16 0.42 46.76
C GLY C 38 4.86 -0.08 45.37
N VAL C 39 5.64 -1.05 44.89
CA VAL C 39 5.44 -1.64 43.57
C VAL C 39 5.08 -3.11 43.77
N TYR C 40 3.93 -3.50 43.24
CA TYR C 40 3.42 -4.86 43.34
C TYR C 40 3.38 -5.50 41.96
N TYR C 41 3.04 -6.78 41.95
CA TYR C 41 2.89 -7.51 40.70
C TYR C 41 1.54 -7.17 40.08
N PRO C 42 1.50 -6.51 38.91
CA PRO C 42 0.19 -6.18 38.31
C PRO C 42 -0.61 -7.40 37.94
N ASP C 43 0.04 -8.48 37.49
CA ASP C 43 -0.64 -9.69 37.05
C ASP C 43 0.06 -10.88 37.67
N LYS C 44 -0.32 -12.09 37.23
CA LYS C 44 0.29 -13.33 37.77
C LYS C 44 0.85 -14.19 36.63
N VAL C 45 1.52 -13.56 35.65
CA VAL C 45 2.12 -14.30 34.50
C VAL C 45 3.64 -14.20 34.60
N PHE C 46 4.34 -15.34 34.54
CA PHE C 46 5.82 -15.34 34.72
C PHE C 46 6.48 -14.47 33.64
N ARG C 47 7.47 -13.67 34.04
CA ARG C 47 8.21 -12.82 33.06
C ARG C 47 9.68 -12.79 33.46
N SER C 48 10.59 -12.99 32.50
CA SER C 48 12.01 -13.00 32.82
C SER C 48 12.79 -12.33 31.70
N SER C 49 13.86 -11.62 32.10
CA SER C 49 14.77 -10.95 31.16
C SER C 49 14.00 -10.02 30.23
N VAL C 50 12.94 -9.41 30.75
CA VAL C 50 12.02 -8.61 29.96
C VAL C 50 11.74 -7.31 30.69
N LEU C 51 11.27 -6.32 29.93
CA LEU C 51 11.04 -4.97 30.47
C LEU C 51 9.58 -4.60 30.33
N HIS C 52 8.70 -5.52 30.74
CA HIS C 52 7.26 -5.35 30.55
C HIS C 52 6.76 -4.03 31.11
N LEU C 53 5.96 -3.34 30.31
CA LEU C 53 5.40 -2.03 30.65
C LEU C 53 3.92 -2.21 30.97
N THR C 54 3.49 -1.68 32.11
CA THR C 54 2.12 -1.85 32.58
C THR C 54 1.49 -0.50 32.89
N GLN C 55 0.16 -0.48 32.87
CA GLN C 55 -0.64 0.67 33.27
C GLN C 55 -1.60 0.19 34.35
N ASP C 56 -1.51 0.79 35.54
CA ASP C 56 -2.35 0.38 36.65
C ASP C 56 -2.26 1.44 37.74
N LEU C 57 -3.05 1.26 38.78
CA LEU C 57 -3.05 2.17 39.93
C LEU C 57 -1.81 1.93 40.76
N PHE C 58 -0.80 2.78 40.60
CA PHE C 58 0.46 2.67 41.33
C PHE C 58 0.67 3.90 42.19
N LEU C 59 1.44 3.70 43.26
CA LEU C 59 1.85 4.82 44.10
C LEU C 59 2.97 5.58 43.40
N PRO C 60 2.81 6.88 43.15
CA PRO C 60 3.82 7.61 42.37
C PRO C 60 5.17 7.62 43.06
N PHE C 61 6.23 7.66 42.25
CA PHE C 61 7.58 7.74 42.79
C PHE C 61 7.84 9.15 43.32
N PHE C 62 8.62 9.23 44.39
CA PHE C 62 8.92 10.50 45.11
C PHE C 62 7.64 11.33 45.23
N SER C 63 6.75 10.92 46.13
CA SER C 63 5.52 11.69 46.41
C SER C 63 5.34 11.89 47.92
N ASN C 64 4.22 12.48 48.31
CA ASN C 64 4.07 13.14 49.63
C ASN C 64 3.43 12.16 50.61
N VAL C 65 4.20 11.60 51.54
CA VAL C 65 3.57 10.62 52.47
C VAL C 65 3.40 11.26 53.85
N THR C 66 2.28 10.93 54.49
CA THR C 66 1.82 11.64 55.71
C THR C 66 1.96 10.69 56.91
N TRP C 67 3.06 10.84 57.61
CA TRP C 67 3.51 9.97 58.69
C TRP C 67 2.71 10.27 59.95
N PHE C 68 2.13 9.23 60.54
CA PHE C 68 1.32 9.34 61.74
C PHE C 68 2.04 8.72 62.93
N HIS C 69 1.62 9.11 64.13
CA HIS C 69 2.14 8.57 65.37
C HIS C 69 0.99 7.93 66.14
N ALA C 70 1.31 7.41 67.32
CA ALA C 70 0.29 6.77 68.15
C ALA C 70 0.67 6.93 69.62
N ILE C 71 -0.32 7.26 70.43
CA ILE C 71 -0.12 7.42 71.87
C ILE C 71 -1.45 7.36 72.59
N ASP C 81 -7.22 10.77 67.52
CA ASP C 81 -7.23 9.35 67.87
C ASP C 81 -7.82 8.51 66.75
N ASN C 82 -6.95 7.89 65.96
CA ASN C 82 -7.32 7.05 64.82
C ASN C 82 -8.28 7.77 63.89
N PRO C 83 -7.87 8.88 63.26
CA PRO C 83 -8.77 9.57 62.35
C PRO C 83 -9.08 8.74 61.11
N VAL C 84 -10.28 8.94 60.58
CA VAL C 84 -10.67 8.26 59.35
C VAL C 84 -10.09 9.01 58.16
N LEU C 85 -9.41 8.27 57.28
CA LEU C 85 -8.80 8.88 56.12
C LEU C 85 -9.52 8.45 54.85
N PRO C 86 -9.61 9.34 53.85
CA PRO C 86 -10.36 9.00 52.64
C PRO C 86 -9.72 7.87 51.86
N PHE C 87 -10.57 7.07 51.22
CA PHE C 87 -10.15 5.99 50.35
C PHE C 87 -10.54 6.36 48.92
N ASN C 88 -9.55 6.41 48.02
CA ASN C 88 -9.80 6.84 46.66
C ASN C 88 -8.79 6.18 45.74
N ASP C 89 -9.27 5.36 44.81
CA ASP C 89 -8.44 4.64 43.84
C ASP C 89 -7.36 3.80 44.52
N GLY C 90 -7.61 3.36 45.74
CA GLY C 90 -6.63 2.61 46.51
C GLY C 90 -5.75 3.50 47.37
N VAL C 91 -5.30 2.92 48.48
CA VAL C 91 -4.38 3.60 49.40
C VAL C 91 -3.21 2.66 49.67
N TYR C 92 -2.09 3.25 50.07
CA TYR C 92 -0.88 2.51 50.38
C TYR C 92 -0.64 2.57 51.88
N PHE C 93 -0.37 1.41 52.49
CA PHE C 93 -0.17 1.32 53.93
C PHE C 93 1.19 0.72 54.22
N ALA C 94 1.92 1.34 55.14
CA ALA C 94 3.21 0.83 55.60
C ALA C 94 3.29 0.96 57.11
N SER C 95 4.01 0.03 57.73
CA SER C 95 4.14 0.05 59.18
C SER C 95 5.36 -0.76 59.59
N THR C 96 6.19 -0.17 60.43
CA THR C 96 7.29 -0.85 61.09
C THR C 96 7.04 -0.83 62.59
N GLU C 97 7.20 -1.98 63.24
CA GLU C 97 6.76 -2.13 64.62
C GLU C 97 7.78 -2.97 65.38
N LYS C 98 7.57 -3.06 66.69
CA LYS C 98 8.40 -3.96 67.50
C LYS C 98 7.84 -5.39 67.43
N SER C 99 6.65 -5.60 67.99
CA SER C 99 5.95 -6.87 67.82
C SER C 99 4.58 -6.69 67.17
N ASN C 100 3.70 -5.89 67.78
CA ASN C 100 2.36 -5.68 67.26
C ASN C 100 1.65 -4.56 68.02
N ILE C 101 1.06 -3.61 67.28
CA ILE C 101 0.27 -2.56 67.91
C ILE C 101 -1.00 -2.23 67.14
N ILE C 102 -1.17 -2.83 65.96
CA ILE C 102 -2.34 -2.63 65.12
C ILE C 102 -2.84 -3.99 64.66
N ARG C 103 -4.16 -4.17 64.71
CA ARG C 103 -4.74 -5.50 64.35
C ARG C 103 -5.38 -5.44 62.96
N GLY C 104 -6.32 -4.51 62.73
CA GLY C 104 -7.02 -4.53 61.42
C GLY C 104 -7.43 -3.17 60.89
N TRP C 105 -8.14 -3.14 59.77
CA TRP C 105 -8.60 -1.92 59.12
C TRP C 105 -10.12 -1.89 59.12
N ILE C 106 -10.66 -0.68 58.90
CA ILE C 106 -12.14 -0.46 58.86
C ILE C 106 -12.50 0.31 57.58
N PHE C 107 -13.07 -0.36 56.57
CA PHE C 107 -13.50 0.23 55.32
C PHE C 107 -15.02 0.40 55.30
N GLY C 108 -15.52 0.96 54.22
CA GLY C 108 -16.94 1.18 54.02
C GLY C 108 -17.26 2.66 53.88
N THR C 109 -18.54 2.95 53.65
CA THR C 109 -18.99 4.36 53.52
C THR C 109 -19.91 4.68 54.71
N THR C 110 -19.71 5.82 55.37
CA THR C 110 -20.52 6.24 56.55
C THR C 110 -20.22 5.31 57.74
N LEU C 111 -19.58 4.16 57.49
CA LEU C 111 -19.18 3.23 58.58
C LEU C 111 -20.31 3.15 59.63
N ASP C 112 -21.52 2.81 59.19
CA ASP C 112 -22.68 2.77 60.13
C ASP C 112 -23.59 1.59 59.77
N SER C 113 -24.71 1.44 60.50
CA SER C 113 -25.66 0.39 60.19
C SER C 113 -26.66 0.84 59.12
N LYS C 114 -26.14 1.32 57.99
CA LYS C 114 -26.95 1.72 56.86
C LYS C 114 -26.39 1.12 55.58
N THR C 115 -25.06 1.08 55.47
CA THR C 115 -24.40 0.66 54.24
C THR C 115 -23.38 -0.42 54.56
N GLN C 116 -23.21 -1.36 53.62
CA GLN C 116 -22.30 -2.48 53.81
C GLN C 116 -20.88 -1.97 54.08
N SER C 117 -20.22 -2.60 55.06
CA SER C 117 -18.88 -2.22 55.46
C SER C 117 -18.00 -3.46 55.50
N LEU C 118 -16.68 -3.24 55.58
CA LEU C 118 -15.71 -4.32 55.53
C LEU C 118 -14.80 -4.23 56.75
N LEU C 119 -14.59 -5.36 57.41
CA LEU C 119 -13.64 -5.46 58.52
C LEU C 119 -12.57 -6.49 58.15
N ILE C 120 -11.30 -6.06 58.23
CA ILE C 120 -10.16 -6.95 57.86
C ILE C 120 -9.26 -7.11 59.10
N VAL C 121 -9.86 -7.06 60.29
CA VAL C 121 -9.06 -7.16 61.55
C VAL C 121 -8.34 -8.51 61.58
N ASN C 122 -7.18 -8.57 62.24
CA ASN C 122 -6.37 -9.84 62.27
C ASN C 122 -6.85 -10.75 63.41
N ASN C 123 -6.04 -11.72 63.80
CA ASN C 123 -6.44 -12.72 64.83
C ASN C 123 -5.16 -13.44 65.25
N ALA C 124 -5.08 -13.98 66.48
CA ALA C 124 -3.78 -14.55 66.88
C ALA C 124 -3.24 -15.48 65.79
N THR C 125 -4.08 -16.37 65.26
CA THR C 125 -3.61 -17.33 64.22
C THR C 125 -4.48 -17.23 62.98
N ASN C 126 -5.31 -16.19 62.84
CA ASN C 126 -6.21 -16.18 61.65
C ASN C 126 -6.52 -14.76 61.19
N VAL C 127 -7.43 -14.62 60.23
CA VAL C 127 -7.89 -13.28 59.77
C VAL C 127 -9.41 -13.30 59.92
N PHE C 128 -10.08 -12.15 59.86
CA PHE C 128 -11.54 -12.17 60.12
C PHE C 128 -12.36 -11.66 58.94
N ILE C 129 -11.70 -11.36 57.83
CA ILE C 129 -12.26 -10.62 56.70
C ILE C 129 -13.72 -11.02 56.52
N LYS C 130 -14.61 -10.02 56.52
CA LYS C 130 -16.03 -10.28 56.35
C LYS C 130 -16.72 -8.99 55.90
N VAL C 131 -17.87 -9.16 55.27
CA VAL C 131 -18.64 -8.05 54.70
C VAL C 131 -19.95 -7.95 55.47
N CYS C 132 -20.15 -6.84 56.18
CA CYS C 132 -21.35 -6.69 56.98
C CYS C 132 -21.65 -5.20 57.12
N GLU C 133 -22.76 -4.92 57.81
CA GLU C 133 -23.27 -3.56 58.03
C GLU C 133 -23.19 -3.28 59.53
N PHE C 134 -21.98 -3.39 60.10
CA PHE C 134 -21.81 -3.17 61.57
C PHE C 134 -22.15 -1.72 61.90
N GLN C 135 -22.90 -1.50 62.98
CA GLN C 135 -23.26 -0.12 63.39
C GLN C 135 -22.00 0.67 63.69
N PHE C 136 -21.19 0.22 64.66
CA PHE C 136 -19.93 0.91 65.03
C PHE C 136 -19.32 0.26 66.27
N CYS C 137 -18.45 0.99 66.98
CA CYS C 137 -17.81 0.49 68.20
C CYS C 137 -17.25 1.58 69.08
N ASN C 138 -16.67 2.64 68.49
CA ASN C 138 -16.04 3.74 69.22
C ASN C 138 -14.89 3.26 70.11
N ASP C 139 -14.36 2.08 69.86
CA ASP C 139 -13.26 1.55 70.66
C ASP C 139 -12.24 0.84 69.78
N GLY C 158 -14.66 -7.48 70.46
CA GLY C 158 -15.65 -6.48 70.75
C GLY C 158 -15.46 -5.19 69.96
N VAL C 159 -15.52 -5.30 68.64
CA VAL C 159 -15.33 -4.16 67.75
C VAL C 159 -16.58 -3.87 66.91
N TYR C 160 -17.70 -4.52 67.22
CA TYR C 160 -18.93 -4.32 66.46
C TYR C 160 -20.10 -4.78 67.31
N SER C 161 -21.31 -4.34 66.93
CA SER C 161 -22.52 -4.71 67.64
C SER C 161 -23.70 -4.96 66.69
N SER C 162 -23.44 -5.44 65.48
CA SER C 162 -24.52 -5.67 64.53
C SER C 162 -24.32 -7.02 63.84
N ALA C 163 -25.43 -7.74 63.64
CA ALA C 163 -25.43 -9.03 62.95
C ALA C 163 -26.59 -9.07 61.96
N ASN C 164 -26.79 -7.95 61.25
CA ASN C 164 -27.88 -7.83 60.23
C ASN C 164 -27.53 -8.67 58.99
N ASN C 165 -28.08 -8.32 57.82
CA ASN C 165 -27.94 -9.16 56.60
C ASN C 165 -26.49 -9.14 56.12
N CYS C 166 -25.61 -9.82 56.85
CA CYS C 166 -24.17 -9.82 56.62
C CYS C 166 -23.72 -11.20 56.17
N THR C 167 -22.85 -11.21 55.17
CA THR C 167 -22.40 -12.48 54.57
C THR C 167 -20.93 -12.36 54.18
N PHE C 168 -20.46 -13.34 53.43
CA PHE C 168 -19.10 -13.32 52.89
C PHE C 168 -18.07 -13.21 54.03
N GLU C 169 -18.14 -14.17 54.94
CA GLU C 169 -17.16 -14.26 56.03
C GLU C 169 -15.96 -15.08 55.57
N TYR C 170 -14.77 -14.58 55.85
CA TYR C 170 -13.55 -15.16 55.30
C TYR C 170 -12.54 -15.29 56.44
N VAL C 171 -12.03 -16.51 56.62
CA VAL C 171 -10.92 -16.75 57.58
C VAL C 171 -9.79 -17.45 56.82
N SER C 172 -8.54 -17.11 57.14
CA SER C 172 -7.41 -17.74 56.46
C SER C 172 -6.13 -17.45 57.24
N GLN C 173 -5.00 -17.75 56.59
CA GLN C 173 -3.68 -17.61 57.17
C GLN C 173 -3.37 -16.13 57.42
N PRO C 174 -2.93 -15.79 58.64
CA PRO C 174 -2.84 -14.38 59.02
C PRO C 174 -1.77 -13.62 58.26
N PHE C 175 -1.97 -12.30 58.11
CA PHE C 175 -1.04 -11.51 57.24
C PHE C 175 0.18 -10.98 58.00
N LEU C 176 0.23 -11.11 59.32
CA LEU C 176 1.34 -10.53 60.07
C LEU C 176 2.32 -11.63 60.47
N MET C 177 3.34 -11.84 59.65
CA MET C 177 4.44 -12.75 59.96
C MET C 177 5.59 -11.96 60.56
N ASP C 178 5.98 -12.32 61.78
CA ASP C 178 7.05 -11.66 62.51
C ASP C 178 8.16 -12.66 62.80
N LEU C 179 9.39 -12.31 62.46
CA LEU C 179 10.55 -13.11 62.78
C LEU C 179 11.63 -12.22 63.38
N GLU C 180 12.40 -12.78 64.32
CA GLU C 180 13.45 -12.06 65.01
C GLU C 180 14.64 -12.99 65.22
N GLY C 181 15.84 -12.43 65.09
CA GLY C 181 17.05 -13.18 65.33
C GLY C 181 17.47 -13.12 66.79
N LYS C 182 16.58 -13.55 67.68
CA LYS C 182 16.79 -13.52 69.13
C LYS C 182 17.06 -12.10 69.64
N GLN C 183 16.54 -11.09 68.94
CA GLN C 183 16.71 -9.70 69.34
C GLN C 183 15.60 -8.87 68.73
N GLY C 184 15.34 -7.72 69.35
CA GLY C 184 14.27 -6.84 68.94
C GLY C 184 14.62 -5.81 67.90
N ASN C 185 15.87 -5.76 67.42
CA ASN C 185 16.26 -4.76 66.45
C ASN C 185 15.67 -5.02 65.06
N PHE C 186 15.13 -6.23 64.85
CA PHE C 186 14.55 -6.61 63.53
C PHE C 186 13.13 -6.08 63.41
N LYS C 187 12.97 -4.75 63.45
CA LYS C 187 11.66 -4.12 63.31
C LYS C 187 11.22 -4.26 61.86
N ASN C 188 10.38 -5.26 61.61
CA ASN C 188 9.99 -5.59 60.25
C ASN C 188 9.06 -4.54 59.68
N LEU C 189 9.28 -4.26 58.39
CA LEU C 189 8.42 -3.29 57.65
C LEU C 189 7.41 -4.10 56.84
N ARG C 190 6.13 -3.83 57.02
CA ARG C 190 5.05 -4.57 56.36
C ARG C 190 4.23 -3.60 55.53
N GLU C 191 4.58 -3.47 54.25
CA GLU C 191 3.91 -2.57 53.32
C GLU C 191 2.68 -3.28 52.75
N PHE C 192 1.51 -2.68 52.96
CA PHE C 192 0.25 -3.23 52.46
C PHE C 192 -0.36 -2.27 51.47
N VAL C 193 -0.83 -2.80 50.34
CA VAL C 193 -1.47 -2.02 49.29
C VAL C 193 -2.80 -2.66 48.96
N PHE C 194 -3.87 -1.86 48.96
CA PHE C 194 -5.21 -2.33 48.68
C PHE C 194 -5.81 -1.55 47.51
N LYS C 195 -6.63 -2.23 46.71
CA LYS C 195 -7.37 -1.59 45.64
C LYS C 195 -8.66 -2.37 45.41
N ASN C 196 -9.64 -1.67 44.84
CA ASN C 196 -10.98 -2.21 44.67
C ASN C 196 -11.54 -1.89 43.29
N ILE C 197 -10.73 -2.09 42.25
CA ILE C 197 -11.21 -1.93 40.88
C ILE C 197 -12.27 -2.99 40.59
N ASP C 198 -13.36 -2.56 39.94
CA ASP C 198 -14.54 -3.38 39.62
C ASP C 198 -14.90 -4.35 40.74
N GLY C 199 -15.03 -3.83 41.96
CA GLY C 199 -15.17 -4.72 43.11
C GLY C 199 -13.86 -5.43 43.34
N TYR C 200 -13.93 -6.76 43.42
CA TYR C 200 -12.76 -7.64 43.36
C TYR C 200 -11.62 -7.12 44.24
N PHE C 201 -11.90 -7.08 45.54
CA PHE C 201 -10.95 -6.48 46.48
C PHE C 201 -9.61 -7.19 46.41
N LYS C 202 -8.53 -6.40 46.31
CA LYS C 202 -7.19 -6.91 46.13
C LYS C 202 -6.30 -6.44 47.27
N ILE C 203 -5.48 -7.36 47.79
CA ILE C 203 -4.56 -7.06 48.89
C ILE C 203 -3.18 -7.60 48.52
N TYR C 204 -2.18 -6.71 48.56
CA TYR C 204 -0.80 -7.07 48.28
C TYR C 204 0.06 -6.67 49.47
N SER C 205 1.05 -7.50 49.80
CA SER C 205 1.84 -7.27 50.99
C SER C 205 3.22 -7.92 50.84
N LYS C 206 4.13 -7.49 51.70
CA LYS C 206 5.51 -7.98 51.72
C LYS C 206 6.20 -7.56 53.01
N HIS C 207 6.98 -8.45 53.62
CA HIS C 207 7.69 -8.17 54.85
C HIS C 207 9.19 -8.16 54.60
N THR C 208 9.85 -7.07 55.04
CA THR C 208 11.33 -6.96 54.92
C THR C 208 11.86 -6.31 56.20
N PRO C 209 12.37 -7.07 57.19
CA PRO C 209 12.80 -6.49 58.48
C PRO C 209 14.28 -6.09 58.58
N ILE C 210 14.80 -5.33 57.61
CA ILE C 210 16.25 -5.00 57.63
C ILE C 210 16.49 -3.62 57.00
N ILE C 211 17.59 -3.45 56.26
CA ILE C 211 17.94 -2.17 55.59
C ILE C 211 18.13 -1.05 56.63
N GLY C 212 17.55 0.13 56.41
CA GLY C 212 17.80 1.27 57.33
C GLY C 212 16.58 1.69 58.13
N ARG C 213 16.42 3.00 58.36
CA ARG C 213 15.30 3.51 59.20
C ARG C 213 14.01 3.61 58.36
N ASP C 214 13.20 4.65 58.58
CA ASP C 214 11.95 4.76 57.85
C ASP C 214 12.18 4.99 56.36
N PHE C 215 11.33 4.36 55.54
CA PHE C 215 11.44 4.31 54.08
C PHE C 215 12.88 4.12 53.60
N PRO C 216 13.44 2.89 53.72
CA PRO C 216 14.75 2.63 53.12
C PRO C 216 14.54 2.81 51.62
N GLN C 217 15.56 3.29 50.92
CA GLN C 217 15.44 3.57 49.48
C GLN C 217 15.50 2.32 48.62
N GLY C 218 15.80 1.16 49.20
CA GLY C 218 15.87 -0.05 48.41
C GLY C 218 14.52 -0.45 47.83
N PHE C 219 14.57 -1.04 46.64
CA PHE C 219 13.36 -1.49 45.98
C PHE C 219 12.82 -2.74 46.66
N SER C 220 11.51 -2.96 46.52
CA SER C 220 10.86 -4.09 47.17
C SER C 220 9.56 -4.41 46.44
N ALA C 221 9.44 -5.63 45.94
CA ALA C 221 8.20 -6.07 45.31
C ALA C 221 7.14 -6.38 46.36
N LEU C 222 5.89 -6.33 45.94
CA LEU C 222 4.74 -6.61 46.80
C LEU C 222 3.96 -7.78 46.20
N GLU C 223 3.80 -8.87 46.97
CA GLU C 223 3.11 -10.03 46.42
C GLU C 223 1.65 -10.04 46.82
N PRO C 224 0.77 -10.50 45.94
CA PRO C 224 -0.64 -10.65 46.32
C PRO C 224 -0.82 -11.75 47.36
N LEU C 225 -1.79 -11.53 48.23
CA LEU C 225 -2.16 -12.51 49.25
C LEU C 225 -3.59 -12.99 49.10
N VAL C 226 -4.54 -12.08 48.93
CA VAL C 226 -5.94 -12.44 48.72
C VAL C 226 -6.54 -11.53 47.65
N ASP C 227 -7.33 -12.12 46.75
CA ASP C 227 -8.09 -11.39 45.73
C ASP C 227 -9.54 -11.86 45.85
N LEU C 228 -10.29 -11.18 46.71
CA LEU C 228 -11.65 -11.62 47.03
C LEU C 228 -12.66 -10.60 46.52
N PRO C 229 -13.74 -11.04 45.88
CA PRO C 229 -14.67 -10.11 45.26
C PRO C 229 -15.72 -9.56 46.22
N ILE C 230 -15.35 -8.55 47.01
CA ILE C 230 -16.30 -7.93 47.93
C ILE C 230 -17.39 -7.19 47.15
N GLY C 231 -16.98 -6.35 46.19
CA GLY C 231 -17.92 -5.66 45.34
C GLY C 231 -18.86 -4.69 46.04
N ILE C 232 -18.32 -3.85 46.93
CA ILE C 232 -19.12 -2.90 47.67
C ILE C 232 -18.53 -1.49 47.47
N ASN C 233 -19.21 -0.50 48.07
CA ASN C 233 -18.78 0.92 47.95
C ASN C 233 -17.88 1.27 49.14
N ILE C 234 -16.66 1.71 48.83
CA ILE C 234 -15.68 2.14 49.82
C ILE C 234 -15.17 3.52 49.45
N THR C 235 -15.33 4.49 50.36
CA THR C 235 -14.79 5.85 50.12
C THR C 235 -14.12 6.40 51.38
N ARG C 236 -14.31 5.70 52.50
CA ARG C 236 -13.62 6.06 53.77
C ARG C 236 -12.67 4.92 54.10
N PHE C 237 -11.76 5.14 55.05
CA PHE C 237 -10.79 4.13 55.46
C PHE C 237 -10.35 4.42 56.88
N GLN C 238 -10.30 3.36 57.68
CA GLN C 238 -9.84 3.52 59.08
C GLN C 238 -9.09 2.24 59.47
N THR C 239 -8.41 2.25 60.61
CA THR C 239 -7.67 1.11 61.11
C THR C 239 -8.02 0.85 62.56
N LEU C 240 -7.56 -0.28 63.07
CA LEU C 240 -7.67 -0.63 64.48
C LEU C 240 -6.38 -0.33 65.21
N LEU C 241 -6.34 -0.73 66.49
CA LEU C 241 -5.13 -0.65 67.29
C LEU C 241 -5.02 -1.87 68.20
N ALA C 242 -4.08 -1.85 69.14
CA ALA C 242 -3.93 -2.96 70.08
C ALA C 242 -3.87 -2.46 71.52
N LEU C 243 -3.55 -3.35 72.45
CA LEU C 243 -3.46 -3.03 73.87
C LEU C 243 -2.04 -3.22 74.35
N ASN C 244 -1.66 -2.43 75.35
CA ASN C 244 -0.33 -2.51 75.93
C ASN C 244 -0.39 -2.06 77.38
N ARG C 245 0.60 -2.48 78.17
CA ARG C 245 0.67 -2.12 79.57
C ARG C 245 2.12 -1.92 80.01
N ALA C 262 5.95 6.35 64.36
CA ALA C 262 6.85 5.30 63.91
C ALA C 262 6.07 4.17 63.23
N ASP C 263 4.90 4.51 62.72
CA ASP C 263 4.01 3.55 62.07
C ASP C 263 2.97 4.35 61.29
N TYR C 264 1.95 3.65 60.78
CA TYR C 264 0.75 4.27 60.22
C TYR C 264 1.02 5.04 58.93
N TYR C 265 2.07 4.69 58.20
CA TYR C 265 2.37 5.40 56.96
C TYR C 265 1.28 5.16 55.94
N VAL C 266 0.84 6.22 55.27
CA VAL C 266 -0.27 6.14 54.31
C VAL C 266 0.09 6.95 53.08
N GLY C 267 -0.17 6.38 51.90
CA GLY C 267 0.02 7.09 50.65
C GLY C 267 -1.08 6.72 49.68
N TYR C 268 -1.27 7.60 48.69
CA TYR C 268 -2.38 7.48 47.75
C TYR C 268 -1.85 7.19 46.35
N LEU C 269 -2.49 6.23 45.68
CA LEU C 269 -2.09 5.84 44.33
C LEU C 269 -2.91 6.60 43.29
N GLN C 270 -2.45 6.51 42.04
CA GLN C 270 -3.07 7.19 40.92
C GLN C 270 -2.85 6.34 39.67
N PRO C 271 -3.70 6.52 38.64
CA PRO C 271 -3.50 5.77 37.40
C PRO C 271 -2.26 6.24 36.66
N ARG C 272 -1.21 5.42 36.67
CA ARG C 272 0.06 5.77 36.07
C ARG C 272 0.59 4.59 35.26
N THR C 273 1.41 4.90 34.26
CA THR C 273 2.09 3.88 33.47
C THR C 273 3.49 3.67 34.02
N PHE C 274 3.86 2.40 34.20
CA PHE C 274 5.16 2.05 34.75
C PHE C 274 5.87 1.07 33.83
N LEU C 275 7.20 1.14 33.83
CA LEU C 275 8.04 0.16 33.16
C LEU C 275 8.79 -0.60 34.24
N LEU C 276 8.58 -1.91 34.29
CA LEU C 276 9.08 -2.75 35.37
C LEU C 276 10.11 -3.73 34.84
N LYS C 277 11.28 -3.80 35.48
CA LYS C 277 12.32 -4.72 35.09
C LYS C 277 12.15 -6.03 35.85
N TYR C 278 11.85 -7.09 35.13
CA TYR C 278 11.68 -8.42 35.72
C TYR C 278 13.02 -9.13 35.75
N ASN C 279 13.35 -9.72 36.90
CA ASN C 279 14.62 -10.45 37.06
C ASN C 279 14.46 -11.84 36.46
N GLU C 280 15.57 -12.42 36.00
CA GLU C 280 15.53 -13.68 35.29
C GLU C 280 14.85 -14.77 36.11
N ASN C 281 14.86 -14.65 37.44
CA ASN C 281 14.17 -15.69 38.21
C ASN C 281 12.68 -15.36 38.37
N GLY C 282 12.24 -14.15 38.02
CA GLY C 282 10.85 -13.79 38.14
C GLY C 282 10.55 -12.69 39.13
N THR C 283 11.53 -12.28 39.93
CA THR C 283 11.33 -11.18 40.86
C THR C 283 11.42 -9.85 40.13
N ILE C 284 10.93 -8.80 40.78
CA ILE C 284 10.94 -7.45 40.23
C ILE C 284 12.15 -6.74 40.81
N THR C 285 13.09 -6.36 39.96
CA THR C 285 14.35 -5.79 40.40
C THR C 285 14.29 -4.27 40.53
N ASP C 286 13.76 -3.58 39.52
CA ASP C 286 13.69 -2.12 39.54
C ASP C 286 12.53 -1.67 38.66
N ALA C 287 12.06 -0.45 38.93
CA ALA C 287 10.98 0.15 38.15
C ALA C 287 11.21 1.65 38.05
N VAL C 288 10.59 2.27 37.03
CA VAL C 288 10.76 3.74 36.84
C VAL C 288 9.39 4.39 36.64
N ASP C 289 9.17 5.57 37.26
CA ASP C 289 7.91 6.31 37.05
C ASP C 289 8.04 7.14 35.77
N CYS C 290 7.19 6.89 34.77
CA CYS C 290 7.32 7.60 33.47
C CYS C 290 6.83 9.04 33.59
N ALA C 291 5.67 9.26 34.21
CA ALA C 291 5.10 10.60 34.29
C ALA C 291 5.68 11.38 35.46
N LEU C 292 6.98 11.24 35.72
CA LEU C 292 7.64 11.92 36.82
C LEU C 292 8.75 12.86 36.35
N ASP C 293 9.65 12.34 35.51
CA ASP C 293 10.83 13.13 35.08
C ASP C 293 10.98 13.08 33.55
N PRO C 294 11.69 14.04 32.92
CA PRO C 294 11.93 14.02 31.47
C PRO C 294 12.77 12.83 31.01
N LEU C 295 13.81 12.48 31.79
CA LEU C 295 14.72 11.36 31.40
C LEU C 295 13.90 10.08 31.21
N SER C 296 12.92 9.85 32.09
CA SER C 296 12.08 8.63 32.00
C SER C 296 11.40 8.56 30.64
N GLU C 297 10.91 9.69 30.13
CA GLU C 297 10.17 9.70 28.84
C GLU C 297 11.04 9.13 27.72
N THR C 298 12.22 9.72 27.49
CA THR C 298 13.06 9.25 26.39
C THR C 298 13.37 7.76 26.53
N LYS C 299 13.74 7.35 27.75
CA LYS C 299 14.01 5.94 28.02
C LYS C 299 12.78 5.09 27.74
N CYS C 300 11.59 5.66 28.00
CA CYS C 300 10.32 4.91 27.76
C CYS C 300 10.06 4.80 26.25
N THR C 301 10.27 5.88 25.49
CA THR C 301 9.96 5.86 24.07
C THR C 301 10.99 5.11 23.24
N LEU C 302 12.19 4.85 23.77
CA LEU C 302 13.17 4.05 23.05
C LEU C 302 13.53 2.82 23.87
N LYS C 303 12.51 2.06 24.30
CA LYS C 303 12.54 1.22 25.50
C LYS C 303 13.91 0.61 25.79
N SER C 304 14.44 0.93 26.97
CA SER C 304 15.82 0.63 27.32
C SER C 304 16.07 1.05 28.76
N PHE C 305 17.30 0.87 29.24
CA PHE C 305 17.76 1.51 30.46
C PHE C 305 18.95 2.43 30.26
N THR C 306 19.56 2.42 29.07
CA THR C 306 20.65 3.32 28.73
C THR C 306 20.31 4.04 27.45
N VAL C 307 20.45 5.36 27.46
CA VAL C 307 20.21 6.20 26.29
C VAL C 307 21.55 6.72 25.80
N GLU C 308 21.86 6.44 24.54
CA GLU C 308 23.11 6.92 23.96
C GLU C 308 23.05 8.43 23.74
N LYS C 309 24.22 9.06 23.83
CA LYS C 309 24.30 10.51 23.67
C LYS C 309 23.73 10.94 22.33
N GLY C 310 22.68 11.74 22.37
CA GLY C 310 22.04 12.23 21.17
C GLY C 310 20.73 12.90 21.49
N ILE C 311 20.02 13.29 20.42
CA ILE C 311 18.71 13.91 20.51
C ILE C 311 17.67 12.91 20.03
N TYR C 312 16.62 12.73 20.81
CA TYR C 312 15.56 11.78 20.49
C TYR C 312 14.22 12.50 20.51
N GLN C 313 13.49 12.42 19.40
CA GLN C 313 12.12 12.91 19.36
C GLN C 313 11.22 11.90 20.06
N THR C 314 10.61 12.32 21.17
CA THR C 314 9.91 11.40 22.04
C THR C 314 8.39 11.53 22.01
N SER C 315 7.86 12.74 21.91
CA SER C 315 6.42 12.94 21.96
C SER C 315 6.07 14.28 21.32
N ASN C 316 4.84 14.73 21.56
CA ASN C 316 4.39 16.04 21.09
C ASN C 316 3.68 16.75 22.23
N PHE C 317 3.71 18.08 22.18
CA PHE C 317 3.12 18.91 23.23
C PHE C 317 1.96 19.70 22.64
N ARG C 318 0.97 20.00 23.48
CA ARG C 318 -0.18 20.85 23.05
C ARG C 318 -0.75 21.53 24.30
N VAL C 319 -1.41 22.67 24.12
CA VAL C 319 -1.95 23.43 25.30
C VAL C 319 -3.40 22.99 25.54
N GLN C 320 -3.70 22.50 26.75
CA GLN C 320 -5.07 22.01 27.05
C GLN C 320 -6.00 23.21 27.26
N PRO C 321 -7.28 23.15 26.82
CA PRO C 321 -8.20 24.28 26.95
C PRO C 321 -8.46 24.65 28.41
N THR C 322 -8.44 25.96 28.71
CA THR C 322 -8.71 26.43 30.10
C THR C 322 -10.17 26.16 30.48
N GLU C 323 -11.10 26.50 29.58
CA GLU C 323 -12.55 26.28 29.85
C GLU C 323 -13.22 25.71 28.60
N SER C 324 -14.56 25.83 28.51
CA SER C 324 -15.29 25.27 27.38
C SER C 324 -16.52 26.12 27.13
N ILE C 325 -16.69 26.58 25.89
CA ILE C 325 -17.85 27.37 25.50
C ILE C 325 -18.81 26.49 24.71
N VAL C 326 -20.09 26.90 24.90
CA VAL C 326 -21.36 26.13 24.76
C VAL C 326 -22.54 27.02 24.32
N ARG C 327 -22.40 28.35 24.36
CA ARG C 327 -23.48 29.27 23.90
C ARG C 327 -24.31 28.66 22.76
N PHE C 328 -25.64 28.62 22.93
CA PHE C 328 -26.54 28.12 21.85
C PHE C 328 -27.47 29.26 21.44
N PRO C 329 -28.23 29.14 20.32
CA PRO C 329 -29.19 30.18 19.93
C PRO C 329 -30.32 30.32 20.96
N ASN C 330 -30.72 31.57 21.25
CA ASN C 330 -31.83 31.81 22.22
C ASN C 330 -33.17 31.63 21.49
N VAL C 331 -34.28 31.47 22.23
CA VAL C 331 -35.59 31.15 21.60
C VAL C 331 -36.63 30.96 22.71
N THR C 332 -37.81 30.43 22.34
CA THR C 332 -39.08 30.61 23.08
C THR C 332 -39.67 29.25 23.51
N ASN C 333 -40.57 28.68 22.70
CA ASN C 333 -41.64 27.77 23.18
C ASN C 333 -41.36 26.33 22.78
N LEU C 334 -42.36 25.47 22.91
CA LEU C 334 -42.19 24.00 22.73
C LEU C 334 -42.90 23.55 21.45
N CYS C 335 -42.82 22.25 21.13
CA CYS C 335 -43.10 21.73 19.77
C CYS C 335 -44.44 20.97 19.74
N PRO C 336 -45.20 21.07 18.65
CA PRO C 336 -46.54 20.48 18.56
C PRO C 336 -46.55 18.96 18.40
N PHE C 337 -45.45 18.29 18.77
CA PHE C 337 -45.40 16.82 18.68
C PHE C 337 -46.55 16.18 19.44
N HIS C 338 -46.95 16.80 20.55
CA HIS C 338 -48.05 16.25 21.38
C HIS C 338 -49.12 15.60 20.51
N GLU C 339 -49.63 16.35 19.52
CA GLU C 339 -50.73 15.84 18.66
C GLU C 339 -50.23 14.75 17.70
N VAL C 340 -48.99 14.86 17.21
CA VAL C 340 -48.48 13.89 16.19
C VAL C 340 -48.43 12.49 16.81
N PHE C 341 -48.49 12.39 18.14
CA PHE C 341 -48.53 11.05 18.79
C PHE C 341 -49.99 10.66 19.01
N ASN C 342 -50.48 10.79 20.25
CA ASN C 342 -51.92 10.49 20.52
C ASN C 342 -52.78 11.46 19.72
N ALA C 343 -53.76 10.93 18.98
CA ALA C 343 -54.65 11.79 18.16
C ALA C 343 -55.98 11.07 17.94
N THR C 344 -56.67 11.35 16.84
CA THR C 344 -57.97 10.70 16.55
C THR C 344 -57.90 9.95 15.22
N ARG C 345 -57.17 10.51 14.23
CA ARG C 345 -57.12 9.88 12.89
C ARG C 345 -55.85 10.28 12.14
N PHE C 346 -55.15 9.32 11.55
CA PHE C 346 -53.97 9.62 10.70
C PHE C 346 -54.39 9.25 9.28
N ALA C 347 -54.20 10.15 8.30
CA ALA C 347 -54.78 9.84 6.97
C ALA C 347 -54.02 8.68 6.33
N SER C 348 -54.70 7.96 5.45
CA SER C 348 -54.30 6.68 4.89
C SER C 348 -52.93 6.80 4.22
N VAL C 349 -52.30 5.65 4.01
CA VAL C 349 -50.92 5.63 3.54
C VAL C 349 -50.80 6.21 2.13
N TYR C 350 -51.80 5.98 1.29
CA TYR C 350 -51.76 6.50 -0.08
C TYR C 350 -51.69 8.01 -0.10
N ALA C 351 -52.20 8.60 0.99
CA ALA C 351 -52.41 10.05 1.16
C ALA C 351 -51.82 10.49 2.50
N TRP C 352 -50.73 9.87 2.91
CA TRP C 352 -50.04 10.24 4.17
C TRP C 352 -50.03 11.76 4.38
N ASN C 353 -50.46 12.21 5.55
CA ASN C 353 -50.47 13.67 5.89
C ASN C 353 -49.07 14.08 6.37
N ARG C 354 -48.56 15.19 5.85
CA ARG C 354 -47.24 15.71 6.31
C ARG C 354 -47.48 16.99 7.13
N THR C 355 -46.67 17.21 8.17
CA THR C 355 -46.63 18.52 8.87
C THR C 355 -45.17 18.96 9.03
N ARG C 356 -44.95 20.27 9.01
CA ARG C 356 -43.68 20.95 9.21
C ARG C 356 -43.61 21.48 10.63
N ILE C 357 -42.53 21.16 11.33
CA ILE C 357 -42.32 21.58 12.70
C ILE C 357 -41.05 22.43 12.75
N SER C 358 -41.17 23.64 13.29
CA SER C 358 -40.05 24.56 13.35
C SER C 358 -40.26 25.55 14.49
N ASN C 359 -39.19 26.27 14.83
CA ASN C 359 -39.20 27.39 15.78
C ASN C 359 -39.85 26.99 17.12
N CYS C 360 -39.38 25.88 17.66
CA CYS C 360 -39.85 25.37 18.95
C CYS C 360 -38.72 24.57 19.59
N VAL C 361 -38.93 24.17 20.83
CA VAL C 361 -37.97 23.37 21.59
C VAL C 361 -38.49 21.94 21.65
N ALA C 362 -37.68 21.01 21.17
CA ALA C 362 -38.09 19.61 21.04
C ALA C 362 -37.51 18.81 22.20
N ASP C 363 -38.41 18.29 23.04
CA ASP C 363 -38.05 17.40 24.15
C ASP C 363 -38.90 16.14 23.99
N TYR C 364 -38.29 15.07 23.51
CA TYR C 364 -39.03 13.88 23.08
C TYR C 364 -39.49 13.01 24.23
N SER C 365 -39.43 13.50 25.47
CA SER C 365 -40.04 12.76 26.57
C SER C 365 -41.54 12.57 26.34
N VAL C 366 -42.20 13.61 25.82
CA VAL C 366 -43.60 13.47 25.42
C VAL C 366 -43.72 12.40 24.33
N LEU C 367 -42.75 12.35 23.42
CA LEU C 367 -42.79 11.34 22.36
C LEU C 367 -42.71 9.93 22.93
N TYR C 368 -41.84 9.69 23.91
CA TYR C 368 -41.79 8.37 24.53
C TYR C 368 -43.06 8.06 25.31
N ASN C 369 -43.50 8.99 26.17
CA ASN C 369 -44.62 8.67 27.05
C ASN C 369 -45.97 8.72 26.37
N PHE C 370 -46.01 9.17 25.11
CA PHE C 370 -47.31 9.22 24.38
C PHE C 370 -47.43 8.05 23.41
N ALA C 371 -46.62 7.00 23.58
CA ALA C 371 -46.79 5.82 22.74
C ALA C 371 -46.14 4.59 23.36
N PRO C 372 -46.88 3.50 23.52
CA PRO C 372 -46.26 2.23 23.94
C PRO C 372 -45.46 1.62 22.80
N PHE C 373 -44.22 2.06 22.66
CA PHE C 373 -43.46 1.89 21.44
C PHE C 373 -43.33 0.42 21.05
N PHE C 374 -43.41 0.15 19.75
CA PHE C 374 -43.19 -1.18 19.20
C PHE C 374 -41.93 -1.28 18.36
N ALA C 375 -41.55 -0.20 17.68
CA ALA C 375 -40.32 -0.17 16.88
C ALA C 375 -39.84 1.26 16.79
N PHE C 376 -38.61 1.52 17.23
CA PHE C 376 -38.03 2.86 17.22
C PHE C 376 -36.75 2.88 16.39
N LYS C 377 -36.76 2.23 15.23
CA LYS C 377 -35.57 2.08 14.40
C LYS C 377 -35.20 3.44 13.80
N CYS C 378 -34.23 4.11 14.39
CA CYS C 378 -33.69 5.35 13.85
C CYS C 378 -32.40 5.06 13.10
N TYR C 379 -32.15 5.83 12.05
CA TYR C 379 -31.02 5.56 11.16
C TYR C 379 -29.95 6.64 11.20
N GLY C 380 -30.32 7.90 10.96
CA GLY C 380 -29.33 8.96 10.91
C GLY C 380 -28.92 9.54 12.25
N VAL C 381 -29.66 9.21 13.31
CA VAL C 381 -29.39 9.75 14.64
C VAL C 381 -29.94 8.77 15.67
N SER C 382 -29.21 8.58 16.76
CA SER C 382 -29.64 7.64 17.79
C SER C 382 -30.70 8.29 18.68
N PRO C 383 -31.75 7.56 19.03
CA PRO C 383 -32.78 8.12 19.94
C PRO C 383 -32.25 8.56 21.29
N THR C 384 -31.18 7.94 21.78
CA THR C 384 -30.71 8.22 23.14
C THR C 384 -30.29 9.68 23.29
N LYS C 385 -29.26 10.09 22.54
CA LYS C 385 -28.83 11.50 22.56
C LYS C 385 -29.51 12.23 21.39
N LEU C 386 -30.82 12.40 21.54
CA LEU C 386 -31.64 13.01 20.51
C LEU C 386 -32.08 14.42 20.87
N ASN C 387 -31.82 14.86 22.10
CA ASN C 387 -32.27 16.21 22.54
C ASN C 387 -31.07 17.16 22.70
N ASP C 388 -29.92 16.80 22.14
CA ASP C 388 -28.75 17.68 22.20
C ASP C 388 -28.27 18.10 20.82
N LEU C 389 -29.18 18.24 19.86
CA LEU C 389 -28.83 18.63 18.51
C LEU C 389 -29.71 19.77 18.03
N CYS C 390 -29.42 20.22 16.82
CA CYS C 390 -30.14 21.30 16.16
C CYS C 390 -30.58 20.83 14.78
N PHE C 391 -31.85 21.01 14.46
CA PHE C 391 -32.42 20.58 13.20
C PHE C 391 -33.05 21.77 12.48
N THR C 392 -32.71 21.93 11.20
CA THR C 392 -33.20 23.08 10.45
C THR C 392 -34.70 22.99 10.21
N ASN C 393 -35.18 21.82 9.79
CA ASN C 393 -36.61 21.61 9.57
C ASN C 393 -36.94 20.17 9.92
N VAL C 394 -38.11 19.99 10.52
CA VAL C 394 -38.58 18.68 10.97
C VAL C 394 -39.86 18.34 10.23
N TYR C 395 -39.89 17.16 9.61
CA TYR C 395 -41.05 16.69 8.85
C TYR C 395 -41.59 15.42 9.48
N ALA C 396 -42.87 15.52 9.83
CA ALA C 396 -43.63 14.50 10.55
C ALA C 396 -44.73 13.97 9.64
N ASP C 397 -44.47 12.83 9.01
CA ASP C 397 -45.50 12.17 8.20
C ASP C 397 -46.34 11.31 9.13
N SER C 398 -47.54 10.90 8.70
CA SER C 398 -48.44 10.16 9.61
C SER C 398 -49.37 9.26 8.81
N PHE C 399 -49.57 8.03 9.28
CA PHE C 399 -50.50 7.16 8.58
C PHE C 399 -50.71 5.88 9.38
N VAL C 400 -51.68 5.08 8.94
CA VAL C 400 -52.05 3.85 9.62
C VAL C 400 -51.80 2.67 8.69
N ILE C 401 -51.15 1.63 9.21
CA ILE C 401 -50.70 0.51 8.41
C ILE C 401 -50.80 -0.79 9.21
N LYS C 402 -50.58 -1.91 8.54
CA LYS C 402 -50.71 -3.22 9.17
C LYS C 402 -49.39 -3.66 9.81
N GLY C 403 -49.36 -4.90 10.28
CA GLY C 403 -48.23 -5.37 11.07
C GLY C 403 -46.96 -5.56 10.26
N ASN C 404 -47.03 -6.38 9.20
CA ASN C 404 -45.83 -6.67 8.42
C ASN C 404 -45.35 -5.44 7.67
N GLU C 405 -46.24 -4.47 7.43
CA GLU C 405 -45.85 -3.25 6.74
C GLU C 405 -44.87 -2.43 7.57
N VAL C 406 -44.92 -2.55 8.90
CA VAL C 406 -43.94 -1.88 9.75
C VAL C 406 -42.54 -2.41 9.44
N SER C 407 -42.41 -3.72 9.28
CA SER C 407 -41.15 -4.27 8.79
C SER C 407 -40.87 -3.79 7.37
N GLN C 408 -41.91 -3.65 6.55
CA GLN C 408 -41.71 -3.16 5.19
C GLN C 408 -41.20 -1.72 5.17
N ILE C 409 -41.77 -0.85 5.99
CA ILE C 409 -41.41 0.57 5.91
C ILE C 409 -40.01 0.77 6.49
N ALA C 410 -39.07 1.09 5.61
CA ALA C 410 -37.67 1.27 5.95
C ALA C 410 -36.94 1.80 4.72
N PRO C 411 -35.77 2.43 4.90
CA PRO C 411 -35.07 3.03 3.75
C PRO C 411 -34.85 2.05 2.60
N GLY C 412 -35.51 2.29 1.47
CA GLY C 412 -35.33 1.49 0.28
C GLY C 412 -35.72 0.03 0.43
N GLN C 413 -37.01 -0.24 0.63
CA GLN C 413 -37.51 -1.60 0.79
C GLN C 413 -38.46 -1.94 -0.35
N THR C 414 -38.90 -3.20 -0.37
CA THR C 414 -39.75 -3.72 -1.42
C THR C 414 -41.14 -4.02 -0.88
N GLY C 415 -42.11 -4.09 -1.78
CA GLY C 415 -43.49 -4.33 -1.42
C GLY C 415 -44.37 -3.20 -1.95
N ASN C 416 -45.64 -3.54 -2.18
CA ASN C 416 -46.56 -2.55 -2.74
C ASN C 416 -46.72 -1.32 -1.87
N ILE C 417 -46.60 -1.45 -0.55
CA ILE C 417 -46.65 -0.29 0.32
C ILE C 417 -45.39 0.56 0.17
N ALA C 418 -44.23 -0.09 0.04
CA ALA C 418 -42.98 0.65 -0.07
C ALA C 418 -42.70 1.12 -1.49
N ASP C 419 -43.48 0.69 -2.47
CA ASP C 419 -43.22 0.99 -3.86
C ASP C 419 -44.34 1.73 -4.58
N TYR C 420 -45.57 1.65 -4.07
CA TYR C 420 -46.70 2.37 -4.63
C TYR C 420 -47.43 3.23 -3.61
N ASN C 421 -47.06 3.18 -2.34
CA ASN C 421 -47.77 3.90 -1.28
C ASN C 421 -46.91 4.89 -0.53
N TYR C 422 -45.65 4.55 -0.23
CA TYR C 422 -44.77 5.45 0.47
C TYR C 422 -43.33 4.97 0.31
N LYS C 423 -42.45 5.88 -0.10
CA LYS C 423 -41.06 5.54 -0.36
C LYS C 423 -40.15 6.53 0.37
N LEU C 424 -39.19 6.00 1.13
CA LEU C 424 -38.21 6.84 1.79
C LEU C 424 -36.92 6.92 0.98
N PRO C 425 -36.20 8.03 1.07
CA PRO C 425 -34.91 8.14 0.37
C PRO C 425 -33.89 7.18 0.94
N ASP C 426 -32.95 6.77 0.08
CA ASP C 426 -31.91 5.84 0.48
C ASP C 426 -31.06 6.43 1.59
N ASP C 427 -30.69 7.70 1.46
CA ASP C 427 -29.92 8.40 2.50
C ASP C 427 -30.84 9.07 3.53
N PHE C 428 -31.75 8.29 4.09
CA PHE C 428 -32.70 8.82 5.06
C PHE C 428 -32.00 9.07 6.40
N THR C 429 -32.25 10.24 6.98
CA THR C 429 -31.71 10.61 8.30
C THR C 429 -32.89 10.99 9.17
N GLY C 430 -33.39 10.04 9.94
CA GLY C 430 -34.53 10.31 10.79
C GLY C 430 -34.91 9.10 11.60
N CYS C 431 -36.10 9.18 12.19
CA CYS C 431 -36.64 8.14 13.07
C CYS C 431 -37.99 7.66 12.56
N VAL C 432 -38.25 6.37 12.73
CA VAL C 432 -39.55 5.79 12.45
C VAL C 432 -40.17 5.36 13.77
N ILE C 433 -41.46 5.63 13.93
CA ILE C 433 -42.18 5.37 15.18
C ILE C 433 -43.43 4.56 14.84
N ALA C 434 -43.61 3.44 15.53
CA ALA C 434 -44.77 2.56 15.26
C ALA C 434 -45.32 2.00 16.58
N TRP C 435 -46.62 2.19 16.84
CA TRP C 435 -47.23 1.60 18.06
C TRP C 435 -48.60 1.02 17.69
N ASN C 436 -48.88 -0.21 18.13
CA ASN C 436 -50.17 -0.88 17.77
C ASN C 436 -51.33 -0.07 18.33
N SER C 437 -52.31 0.28 17.49
CA SER C 437 -53.46 1.11 17.94
C SER C 437 -54.77 0.45 17.50
N ASN C 438 -55.27 -0.50 18.28
CA ASN C 438 -56.52 -1.23 17.92
C ASN C 438 -57.67 -0.71 18.78
N LYS C 439 -57.50 0.45 19.42
CA LYS C 439 -58.58 1.04 20.20
C LYS C 439 -59.27 2.19 19.50
N LEU C 440 -58.61 2.76 18.48
CA LEU C 440 -59.22 3.87 17.69
C LEU C 440 -59.43 3.43 16.24
N ASP C 441 -58.60 2.51 15.76
CA ASP C 441 -58.67 2.05 14.37
C ASP C 441 -59.43 0.72 14.27
N SER C 442 -60.35 0.48 15.18
CA SER C 442 -61.18 -0.72 15.11
C SER C 442 -62.49 -0.47 15.83
N LYS C 443 -63.54 -1.13 15.35
CA LYS C 443 -64.87 -1.03 15.94
C LYS C 443 -65.67 -2.26 15.56
N HIS C 444 -66.77 -2.46 16.29
CA HIS C 444 -67.66 -3.57 15.97
C HIS C 444 -68.23 -3.41 14.57
N SER C 445 -68.42 -4.54 13.90
CA SER C 445 -68.83 -4.66 12.50
C SER C 445 -67.77 -4.15 11.53
N GLY C 446 -66.56 -3.87 11.99
CA GLY C 446 -65.47 -3.50 11.12
C GLY C 446 -65.44 -2.02 10.77
N ASN C 447 -64.36 -1.63 10.10
CA ASN C 447 -64.18 -0.26 9.65
C ASN C 447 -63.27 -0.28 8.42
N TYR C 448 -63.78 0.18 7.28
CA TYR C 448 -63.08 0.11 6.00
C TYR C 448 -62.76 1.50 5.46
N ASP C 449 -62.53 2.46 6.36
CA ASP C 449 -62.34 3.84 5.93
C ASP C 449 -60.95 4.05 5.31
N TYR C 450 -59.98 3.26 5.72
CA TYR C 450 -58.60 3.46 5.30
C TYR C 450 -58.38 2.94 3.88
N TRP C 451 -57.27 3.36 3.28
CA TRP C 451 -57.00 3.08 1.87
C TRP C 451 -55.52 2.83 1.68
N TYR C 452 -55.19 2.16 0.58
CA TYR C 452 -53.81 1.87 0.21
C TYR C 452 -53.80 1.47 -1.26
N ARG C 453 -52.71 1.83 -1.94
CA ARG C 453 -52.61 1.67 -3.39
C ARG C 453 -51.76 0.45 -3.73
N LEU C 454 -52.28 -0.38 -4.65
CA LEU C 454 -51.56 -1.54 -5.15
C LEU C 454 -51.25 -1.45 -6.64
N PHE C 455 -51.88 -0.52 -7.36
CA PHE C 455 -51.82 -0.47 -8.81
C PHE C 455 -51.32 0.90 -9.24
N ARG C 456 -50.06 0.96 -9.65
CA ARG C 456 -49.52 2.25 -10.15
C ARG C 456 -48.49 1.97 -11.25
N LYS C 457 -48.55 2.78 -12.30
CA LYS C 457 -47.83 2.52 -13.54
C LYS C 457 -46.32 2.43 -13.33
N SER C 458 -45.79 3.17 -12.37
CA SER C 458 -44.34 3.24 -12.16
C SER C 458 -44.07 3.27 -10.66
N LYS C 459 -42.83 3.59 -10.30
CA LYS C 459 -42.38 3.59 -8.92
C LYS C 459 -42.67 4.94 -8.28
N LEU C 460 -42.56 5.00 -6.95
CA LEU C 460 -42.60 6.26 -6.22
C LEU C 460 -41.18 6.77 -6.03
N LYS C 461 -40.98 8.07 -6.28
CA LYS C 461 -39.75 8.71 -5.88
C LYS C 461 -39.83 9.09 -4.40
N PRO C 462 -38.69 9.20 -3.73
CA PRO C 462 -38.72 9.46 -2.28
C PRO C 462 -39.49 10.72 -1.93
N PHE C 463 -40.33 10.61 -0.91
CA PHE C 463 -41.14 11.73 -0.40
C PHE C 463 -41.93 12.39 -1.52
N GLU C 464 -42.76 11.58 -2.17
CA GLU C 464 -43.74 12.13 -3.16
C GLU C 464 -45.14 11.71 -2.72
N ARG C 465 -46.15 12.50 -3.08
CA ARG C 465 -47.52 11.95 -3.09
C ARG C 465 -47.82 11.49 -4.51
N ASP C 466 -49.10 11.26 -4.81
CA ASP C 466 -49.53 10.71 -6.12
C ASP C 466 -51.05 10.56 -6.07
N ILE C 467 -51.63 11.04 -4.97
CA ILE C 467 -53.09 10.94 -4.72
C ILE C 467 -53.84 10.98 -6.05
N SER C 468 -54.50 9.87 -6.40
CA SER C 468 -55.24 9.83 -7.65
C SER C 468 -56.07 8.55 -7.68
N THR C 469 -57.16 8.59 -8.44
CA THR C 469 -58.03 7.43 -8.64
C THR C 469 -58.12 7.19 -10.14
N GLU C 470 -57.15 6.46 -10.68
CA GLU C 470 -57.14 6.11 -12.10
C GLU C 470 -57.02 4.60 -12.22
N ILE C 471 -57.90 4.01 -13.03
CA ILE C 471 -57.97 2.56 -13.15
C ILE C 471 -56.77 2.07 -13.96
N TYR C 472 -56.10 1.03 -13.46
CA TYR C 472 -54.91 0.50 -14.11
C TYR C 472 -55.25 -0.09 -15.47
N GLN C 473 -54.35 0.12 -16.42
CA GLN C 473 -54.51 -0.42 -17.77
C GLN C 473 -53.97 -1.85 -17.83
N ALA C 474 -54.81 -2.76 -18.30
CA ALA C 474 -54.44 -4.16 -18.47
C ALA C 474 -54.62 -4.54 -19.92
N GLY C 475 -53.64 -5.27 -20.47
CA GLY C 475 -53.65 -5.59 -21.88
C GLY C 475 -53.34 -4.36 -22.72
N ASN C 476 -54.32 -3.92 -23.52
CA ASN C 476 -54.17 -2.68 -24.28
C ASN C 476 -55.43 -1.82 -24.25
N LYS C 477 -56.43 -2.22 -23.47
CA LYS C 477 -57.73 -1.55 -23.41
C LYS C 477 -57.60 -0.19 -22.75
N PRO C 478 -58.17 0.87 -23.33
CA PRO C 478 -58.27 2.15 -22.63
C PRO C 478 -59.39 2.16 -21.61
N CYS C 479 -59.87 0.96 -21.26
CA CYS C 479 -60.99 0.77 -20.34
C CYS C 479 -60.91 1.69 -19.13
N LYS C 480 -62.05 2.30 -18.81
CA LYS C 480 -62.19 3.21 -17.67
C LYS C 480 -63.37 2.72 -16.83
N GLY C 481 -63.08 2.04 -15.74
CA GLY C 481 -64.13 1.52 -14.88
C GLY C 481 -63.63 0.33 -14.09
N LYS C 482 -64.59 -0.35 -13.47
CA LYS C 482 -64.31 -1.52 -12.65
C LYS C 482 -64.66 -2.80 -13.41
N GLY C 483 -64.06 -3.91 -12.96
CA GLY C 483 -64.34 -5.20 -13.54
C GLY C 483 -63.09 -5.90 -14.06
N PRO C 484 -63.24 -6.59 -15.19
CA PRO C 484 -62.12 -7.39 -15.73
C PRO C 484 -61.13 -6.51 -16.48
N ASN C 485 -59.85 -6.65 -16.13
CA ASN C 485 -58.76 -5.93 -16.76
C ASN C 485 -58.88 -4.42 -16.55
N CYS C 486 -59.76 -4.01 -15.63
CA CYS C 486 -59.95 -2.61 -15.27
C CYS C 486 -60.10 -2.57 -13.75
N TYR C 487 -58.99 -2.38 -13.05
CA TYR C 487 -58.95 -2.48 -11.59
C TYR C 487 -58.86 -1.10 -10.96
N PHE C 488 -59.56 -0.94 -9.85
CA PHE C 488 -59.44 0.28 -9.06
C PHE C 488 -58.03 0.39 -8.50
N PRO C 489 -57.39 1.55 -8.60
CA PRO C 489 -55.98 1.64 -8.17
C PRO C 489 -55.75 1.31 -6.70
N LEU C 490 -56.70 1.64 -5.83
CA LEU C 490 -56.53 1.48 -4.40
C LEU C 490 -57.66 0.64 -3.83
N GLN C 491 -57.34 -0.23 -2.86
CA GLN C 491 -58.30 -1.09 -2.21
C GLN C 491 -58.42 -0.69 -0.74
N SER C 492 -59.48 -1.15 -0.09
CA SER C 492 -59.72 -0.81 1.30
C SER C 492 -58.68 -1.44 2.22
N TYR C 493 -58.31 -0.68 3.25
CA TYR C 493 -57.42 -1.15 4.31
C TYR C 493 -58.20 -1.48 5.57
N GLY C 494 -59.37 -2.10 5.40
CA GLY C 494 -60.30 -2.36 6.48
C GLY C 494 -59.72 -3.02 7.71
N PHE C 495 -60.11 -2.54 8.88
CA PHE C 495 -59.55 -2.98 10.15
C PHE C 495 -60.67 -3.35 11.12
N ARG C 496 -60.44 -4.40 11.89
CA ARG C 496 -61.38 -4.96 12.83
C ARG C 496 -60.70 -5.19 14.16
N PRO C 497 -61.45 -5.19 15.27
CA PRO C 497 -60.84 -5.45 16.58
C PRO C 497 -60.23 -6.84 16.72
N THR C 498 -60.62 -7.80 15.89
CA THR C 498 -60.18 -9.19 16.00
C THR C 498 -59.40 -9.58 14.74
N TYR C 499 -58.11 -9.29 14.74
CA TYR C 499 -57.18 -9.73 13.70
C TYR C 499 -55.94 -10.32 14.37
N GLY C 500 -55.06 -10.89 13.53
CA GLY C 500 -53.76 -11.33 14.01
C GLY C 500 -52.83 -10.16 14.23
N VAL C 501 -51.70 -10.45 14.88
CA VAL C 501 -50.74 -9.40 15.22
C VAL C 501 -50.22 -8.73 13.95
N GLY C 502 -49.88 -9.52 12.94
CA GLY C 502 -49.49 -8.96 11.65
C GLY C 502 -50.62 -8.25 10.93
N HIS C 503 -51.86 -8.50 11.33
CA HIS C 503 -53.03 -7.85 10.75
C HIS C 503 -53.61 -6.77 11.65
N GLN C 504 -52.92 -6.45 12.75
CA GLN C 504 -53.49 -5.47 13.72
C GLN C 504 -53.08 -4.04 13.31
N PRO C 505 -53.99 -3.05 13.38
CA PRO C 505 -53.65 -1.67 13.05
C PRO C 505 -52.36 -1.24 13.75
N TYR C 506 -51.32 -0.92 12.98
CA TYR C 506 -50.03 -0.46 13.56
C TYR C 506 -49.83 1.01 13.20
N ARG C 507 -50.15 1.92 14.13
CA ARG C 507 -50.06 3.38 13.84
C ARG C 507 -48.59 3.73 13.65
N VAL C 508 -48.22 4.23 12.47
CA VAL C 508 -46.84 4.53 12.14
C VAL C 508 -46.71 6.01 11.81
N VAL C 509 -45.80 6.69 12.50
CA VAL C 509 -45.43 8.07 12.19
C VAL C 509 -43.92 8.11 12.02
N VAL C 510 -43.45 8.86 11.03
CA VAL C 510 -42.03 8.95 10.73
C VAL C 510 -41.59 10.41 10.90
N LEU C 511 -40.33 10.58 11.24
CA LEU C 511 -39.73 11.91 11.42
C LEU C 511 -38.55 12.05 10.48
N SER C 512 -38.52 13.17 9.75
CA SER C 512 -37.45 13.48 8.82
C SER C 512 -36.62 14.61 9.39
N PHE C 513 -35.30 14.45 9.35
CA PHE C 513 -34.36 15.43 9.88
C PHE C 513 -33.42 15.89 8.77
N GLU C 514 -32.89 17.10 8.94
CA GLU C 514 -31.93 17.67 8.00
C GLU C 514 -30.72 18.13 8.81
N LEU C 515 -29.76 17.22 8.98
CA LEU C 515 -28.55 17.48 9.77
C LEU C 515 -27.47 18.01 8.84
N LEU C 516 -27.79 19.13 8.17
CA LEU C 516 -26.86 19.80 7.28
C LEU C 516 -26.53 21.17 7.85
N HIS C 517 -25.57 21.83 7.22
CA HIS C 517 -25.10 23.15 7.67
C HIS C 517 -26.11 24.21 7.22
N ALA C 518 -26.99 24.59 8.15
CA ALA C 518 -28.01 25.59 7.87
C ALA C 518 -28.51 26.15 9.19
N PRO C 519 -29.12 27.34 9.19
CA PRO C 519 -29.73 27.86 10.42
C PRO C 519 -30.82 26.93 10.95
N ALA C 520 -30.63 26.40 12.15
CA ALA C 520 -31.56 25.42 12.69
C ALA C 520 -32.71 26.11 13.41
N THR C 521 -33.72 25.31 13.77
CA THR C 521 -34.94 25.84 14.36
C THR C 521 -35.27 25.18 15.70
N VAL C 522 -35.06 23.88 15.82
CA VAL C 522 -35.55 23.10 16.96
C VAL C 522 -34.36 22.56 17.75
N CYS C 523 -34.43 22.70 19.07
CA CYS C 523 -33.36 22.27 19.97
C CYS C 523 -33.97 21.62 21.21
N GLY C 524 -33.13 21.32 22.18
CA GLY C 524 -33.63 20.77 23.46
C GLY C 524 -33.17 21.65 24.61
N PRO C 525 -32.51 21.13 25.66
CA PRO C 525 -31.96 21.98 26.72
C PRO C 525 -30.95 22.94 26.09
N LYS C 526 -31.11 24.24 26.34
CA LYS C 526 -30.21 25.26 25.71
C LYS C 526 -29.23 25.80 26.75
N LYS C 527 -27.95 25.87 26.41
CA LYS C 527 -26.91 26.42 27.34
C LYS C 527 -26.11 27.50 26.61
N SER C 528 -25.60 28.48 27.34
CA SER C 528 -24.86 29.61 26.70
C SER C 528 -23.77 30.15 27.64
N THR C 529 -22.53 30.26 27.15
CA THR C 529 -21.43 30.85 27.97
C THR C 529 -20.81 32.02 27.20
N ASN C 530 -20.18 32.95 27.91
CA ASN C 530 -19.60 34.16 27.25
C ASN C 530 -18.41 33.75 26.39
N LEU C 531 -18.38 34.21 25.13
CA LEU C 531 -17.24 33.94 24.26
C LEU C 531 -15.96 34.53 24.84
N VAL C 532 -14.88 33.78 24.76
CA VAL C 532 -13.58 34.19 25.27
C VAL C 532 -12.59 34.12 24.12
N LYS C 533 -11.92 35.23 23.85
CA LYS C 533 -10.93 35.29 22.78
C LYS C 533 -9.52 35.09 23.32
N ASN C 534 -8.61 34.76 22.40
CA ASN C 534 -7.18 34.60 22.71
C ASN C 534 -6.96 33.59 23.83
N LYS C 535 -7.67 32.46 23.72
CA LYS C 535 -7.52 31.36 24.72
C LYS C 535 -8.04 30.06 24.10
N CYS C 536 -7.14 29.11 23.79
CA CYS C 536 -7.57 27.79 23.25
C CYS C 536 -8.66 27.22 24.15
N VAL C 537 -9.87 26.98 23.61
CA VAL C 537 -11.00 26.52 24.47
C VAL C 537 -11.92 25.60 23.67
N ASN C 538 -12.57 24.64 24.33
CA ASN C 538 -13.48 23.72 23.66
C ASN C 538 -14.77 24.45 23.30
N PHE C 539 -15.06 24.56 22.01
CA PHE C 539 -16.24 25.24 21.53
C PHE C 539 -17.24 24.24 20.98
N ASN C 540 -18.53 24.60 21.07
CA ASN C 540 -19.62 23.80 20.52
C ASN C 540 -20.60 24.72 19.79
N PHE C 541 -20.05 25.57 18.92
CA PHE C 541 -20.84 26.54 18.16
C PHE C 541 -21.84 25.80 17.28
N ASN C 542 -23.13 25.98 17.57
CA ASN C 542 -24.22 25.48 16.74
C ASN C 542 -24.07 23.97 16.49
N GLY C 543 -23.69 23.27 17.56
CA GLY C 543 -23.52 21.84 17.50
C GLY C 543 -22.21 21.40 16.89
N LEU C 544 -21.54 22.31 16.20
CA LEU C 544 -20.23 22.05 15.61
C LEU C 544 -19.21 22.04 16.75
N THR C 545 -18.68 20.85 17.02
CA THR C 545 -17.72 20.71 18.15
C THR C 545 -16.29 20.88 17.64
N GLY C 546 -15.38 21.20 18.56
CA GLY C 546 -13.98 21.38 18.21
C GLY C 546 -13.23 22.05 19.36
N THR C 547 -11.96 22.35 19.12
CA THR C 547 -11.12 23.00 20.16
C THR C 547 -10.14 23.95 19.49
N GLY C 548 -10.24 25.25 19.78
CA GLY C 548 -9.38 26.24 19.09
C GLY C 548 -9.42 27.61 19.74
N VAL C 549 -8.65 28.55 19.19
CA VAL C 549 -8.61 29.95 19.74
C VAL C 549 -9.50 30.84 18.89
N LEU C 550 -10.48 31.51 19.50
CA LEU C 550 -11.36 32.40 18.77
C LEU C 550 -10.82 33.83 18.87
N THR C 551 -10.98 34.59 17.78
CA THR C 551 -10.49 35.95 17.72
C THR C 551 -11.24 36.71 16.66
N LYS C 552 -11.13 38.04 16.72
CA LYS C 552 -11.76 38.89 15.71
C LYS C 552 -11.09 38.70 14.36
N SER C 553 -11.89 38.60 13.31
CA SER C 553 -11.40 38.41 11.96
C SER C 553 -12.02 39.46 11.05
N ASN C 554 -11.31 39.77 9.97
CA ASN C 554 -11.69 40.83 9.04
C ASN C 554 -12.22 40.24 7.73
N LYS C 555 -12.86 39.08 7.81
CA LYS C 555 -13.38 38.42 6.62
C LYS C 555 -14.67 39.10 6.18
N LYS C 556 -15.26 38.58 5.09
CA LYS C 556 -16.41 39.24 4.46
C LYS C 556 -17.58 38.27 4.30
N PHE C 557 -17.99 37.62 5.39
CA PHE C 557 -19.08 36.66 5.35
C PHE C 557 -20.35 37.29 4.80
N LEU C 558 -20.97 36.62 3.84
CA LEU C 558 -22.28 37.02 3.36
C LEU C 558 -23.32 36.71 4.43
N PRO C 559 -24.44 37.43 4.45
CA PRO C 559 -25.49 37.12 5.43
C PRO C 559 -26.00 35.69 5.33
N PHE C 560 -25.94 35.08 4.14
CA PHE C 560 -26.35 33.69 4.00
C PHE C 560 -25.24 32.71 4.34
N GLN C 561 -23.99 33.19 4.45
CA GLN C 561 -22.88 32.35 4.88
C GLN C 561 -22.98 32.06 6.38
N GLN C 562 -22.72 30.82 6.76
CA GLN C 562 -22.85 30.40 8.16
C GLN C 562 -21.54 29.89 8.75
N PHE C 563 -20.91 28.89 8.15
CA PHE C 563 -19.74 28.26 8.77
C PHE C 563 -18.42 28.78 8.22
N GLY C 564 -18.22 28.68 6.91
CA GLY C 564 -16.94 29.02 6.32
C GLY C 564 -15.95 27.87 6.43
N ARG C 565 -14.81 28.05 5.76
CA ARG C 565 -13.78 27.01 5.70
C ARG C 565 -12.47 27.65 5.27
N ASP C 566 -11.47 26.80 5.01
CA ASP C 566 -10.18 27.23 4.50
C ASP C 566 -9.87 26.45 3.24
N ILE C 567 -8.62 26.49 2.77
CA ILE C 567 -8.26 25.81 1.53
C ILE C 567 -8.58 24.32 1.63
N VAL C 568 -7.92 23.61 2.54
CA VAL C 568 -8.13 22.16 2.67
C VAL C 568 -9.18 21.95 3.76
N ASP C 569 -10.44 22.17 3.38
CA ASP C 569 -11.64 21.63 4.03
C ASP C 569 -11.59 21.49 5.55
N THR C 570 -11.23 22.55 6.27
CA THR C 570 -11.34 22.56 7.72
C THR C 570 -12.04 23.84 8.16
N THR C 571 -13.03 23.70 9.04
CA THR C 571 -13.76 24.84 9.56
C THR C 571 -12.81 25.84 10.19
N ASP C 572 -12.71 27.04 9.62
CA ASP C 572 -11.71 28.01 10.00
C ASP C 572 -12.27 29.25 10.67
N ALA C 573 -13.21 29.94 10.03
CA ALA C 573 -13.72 31.21 10.53
C ALA C 573 -15.23 31.13 10.66
N VAL C 574 -15.71 30.89 11.88
CA VAL C 574 -17.14 30.82 12.16
C VAL C 574 -17.57 32.16 12.72
N ARG C 575 -18.46 32.84 12.00
CA ARG C 575 -18.99 34.12 12.47
C ARG C 575 -19.87 33.90 13.70
N ASP C 576 -19.84 34.86 14.61
CA ASP C 576 -20.63 34.77 15.83
C ASP C 576 -22.11 34.85 15.48
N PRO C 577 -22.92 33.84 15.84
CA PRO C 577 -24.36 33.95 15.54
C PRO C 577 -25.05 35.11 16.25
N GLN C 578 -24.54 35.53 17.41
CA GLN C 578 -25.28 36.66 18.06
C GLN C 578 -24.68 38.01 17.63
N THR C 579 -23.38 38.20 17.83
CA THR C 579 -22.80 39.51 17.54
C THR C 579 -22.42 39.68 16.07
N LEU C 580 -22.65 38.67 15.24
CA LEU C 580 -22.40 38.74 13.80
C LEU C 580 -20.94 39.05 13.50
N GLU C 581 -20.05 38.69 14.42
CA GLU C 581 -18.62 38.92 14.26
C GLU C 581 -17.92 37.64 13.83
N ILE C 582 -17.06 37.77 12.83
CA ILE C 582 -16.37 36.64 12.22
C ILE C 582 -15.22 36.24 13.13
N LEU C 583 -15.18 34.97 13.51
CA LEU C 583 -14.23 34.46 14.49
C LEU C 583 -13.37 33.38 13.85
N ASP C 584 -12.08 33.67 13.67
CA ASP C 584 -11.15 32.68 13.17
C ASP C 584 -10.89 31.63 14.25
N ILE C 585 -10.65 30.40 13.81
CA ILE C 585 -10.37 29.27 14.70
C ILE C 585 -8.95 28.79 14.43
N THR C 586 -8.13 28.73 15.49
CA THR C 586 -6.71 28.31 15.32
C THR C 586 -6.44 27.07 16.17
N PRO C 587 -5.48 26.19 15.80
CA PRO C 587 -5.25 24.93 16.52
C PRO C 587 -4.48 25.10 17.85
N CYS C 588 -4.97 25.96 18.75
CA CYS C 588 -4.35 26.13 20.09
C CYS C 588 -2.82 26.26 19.94
N SER C 589 -2.06 25.46 20.68
CA SER C 589 -0.57 25.54 20.62
C SER C 589 0.02 24.13 20.53
N PHE C 590 -0.11 23.49 19.35
CA PHE C 590 0.44 22.13 19.16
C PHE C 590 1.88 22.24 18.63
N GLY C 591 2.58 21.10 18.48
CA GLY C 591 3.94 21.11 17.98
C GLY C 591 4.64 19.79 18.24
N GLY C 592 5.91 19.85 18.60
CA GLY C 592 6.67 18.64 18.88
C GLY C 592 7.78 18.89 19.88
N VAL C 593 8.11 17.88 20.68
CA VAL C 593 9.14 17.99 21.71
C VAL C 593 10.18 16.91 21.47
N SER C 594 11.45 17.31 21.47
CA SER C 594 12.57 16.39 21.35
C SER C 594 13.54 16.66 22.49
N VAL C 595 13.95 15.59 23.18
CA VAL C 595 14.79 15.70 24.36
C VAL C 595 16.25 15.57 23.94
N ILE C 596 17.05 16.56 24.32
CA ILE C 596 18.49 16.55 24.07
C ILE C 596 19.18 16.06 25.33
N THR C 597 19.94 14.98 25.22
CA THR C 597 20.59 14.40 26.37
C THR C 597 21.95 13.81 26.00
N PRO C 598 22.95 13.99 26.84
CA PRO C 598 24.19 13.22 26.73
C PRO C 598 23.96 11.81 27.26
N GLY C 599 24.99 10.98 27.15
CA GLY C 599 24.90 9.61 27.60
C GLY C 599 24.50 9.50 29.06
N THR C 600 23.57 8.59 29.37
CA THR C 600 23.11 8.43 30.74
C THR C 600 24.24 7.95 31.64
N ASN C 601 25.16 7.14 31.11
CA ASN C 601 26.34 6.74 31.87
C ASN C 601 27.28 7.90 32.12
N THR C 602 27.13 9.02 31.41
CA THR C 602 27.92 10.21 31.64
C THR C 602 27.22 11.16 32.61
N SER C 603 25.91 11.38 32.42
CA SER C 603 25.15 12.26 33.30
C SER C 603 23.68 11.98 33.13
N ASN C 604 22.88 12.63 33.97
CA ASN C 604 21.43 12.56 33.88
C ASN C 604 20.81 13.89 33.46
N GLN C 605 21.62 14.91 33.20
CA GLN C 605 21.08 16.20 32.78
C GLN C 605 20.47 16.11 31.40
N VAL C 606 19.40 16.87 31.18
CA VAL C 606 18.64 16.82 29.94
C VAL C 606 18.33 18.23 29.47
N ALA C 607 18.14 18.35 28.16
CA ALA C 607 17.74 19.61 27.53
C ALA C 607 16.53 19.36 26.66
N VAL C 608 15.50 20.18 26.81
CA VAL C 608 14.22 19.97 26.14
C VAL C 608 14.04 21.04 25.06
N LEU C 609 13.62 20.59 23.88
CA LEU C 609 13.34 21.48 22.76
C LEU C 609 11.88 21.35 22.38
N TYR C 610 11.20 22.49 22.26
CA TYR C 610 9.84 22.52 21.71
C TYR C 610 9.94 22.96 20.26
N GLN C 611 9.49 22.12 19.35
CA GLN C 611 9.72 22.34 17.93
C GLN C 611 8.79 23.43 17.38
N GLY C 612 9.39 24.43 16.74
CA GLY C 612 8.66 25.42 15.96
C GLY C 612 7.60 26.19 16.71
N VAL C 613 7.89 26.54 17.96
CA VAL C 613 6.91 27.30 18.80
C VAL C 613 7.68 28.32 19.65
N ASN C 614 7.36 29.61 19.50
CA ASN C 614 8.01 30.66 20.32
C ASN C 614 7.89 30.26 21.80
N CYS C 615 9.02 30.17 22.52
CA CYS C 615 8.97 29.70 23.94
C CYS C 615 8.23 30.74 24.79
N THR C 616 8.10 31.97 24.31
CA THR C 616 7.32 32.99 25.05
C THR C 616 5.90 32.45 25.23
N GLU C 617 5.34 31.81 24.19
CA GLU C 617 4.00 31.20 24.29
C GLU C 617 4.02 30.08 25.35
N VAL C 618 5.02 29.21 25.29
CA VAL C 618 5.09 28.06 26.24
C VAL C 618 5.38 28.60 27.65
N SER C 619 6.01 29.78 27.74
CA SER C 619 6.31 30.39 29.06
C SER C 619 5.01 30.62 29.85
N VAL C 620 4.11 31.44 29.31
CA VAL C 620 2.83 31.67 29.97
C VAL C 620 2.04 30.37 30.06
N ALA C 621 2.18 29.49 29.07
CA ALA C 621 1.48 28.21 29.11
C ALA C 621 1.97 27.35 30.26
N ILE C 622 3.30 27.26 30.43
CA ILE C 622 3.85 26.51 31.56
C ILE C 622 3.56 27.23 32.87
N HIS C 623 3.38 28.56 32.80
CA HIS C 623 3.03 29.31 34.01
C HIS C 623 1.58 29.07 34.41
N ALA C 624 0.68 29.06 33.43
CA ALA C 624 -0.73 28.80 33.69
C ALA C 624 -1.04 27.31 33.86
N ASP C 625 -0.05 26.45 33.63
CA ASP C 625 -0.19 25.01 33.82
C ASP C 625 -1.30 24.44 32.93
N GLN C 626 -1.17 24.66 31.62
CA GLN C 626 -2.08 24.09 30.64
C GLN C 626 -1.35 23.28 29.58
N LEU C 627 -0.08 22.94 29.82
CA LEU C 627 0.72 22.16 28.88
C LEU C 627 0.47 20.67 29.12
N THR C 628 0.19 19.96 28.03
CA THR C 628 -0.10 18.52 28.16
C THR C 628 1.06 17.73 28.75
N PRO C 629 2.33 17.94 28.34
CA PRO C 629 3.44 17.28 29.06
C PRO C 629 3.42 17.56 30.55
N THR C 630 3.18 16.52 31.36
CA THR C 630 3.16 16.68 32.81
C THR C 630 4.52 17.08 33.37
N TRP C 631 5.60 16.49 32.88
CA TRP C 631 6.95 16.94 33.20
C TRP C 631 7.12 18.41 32.87
N ARG C 632 7.65 19.16 33.85
CA ARG C 632 7.91 20.60 33.71
C ARG C 632 9.39 20.83 34.05
N VAL C 633 10.20 21.07 33.03
CA VAL C 633 11.63 21.27 33.23
C VAL C 633 11.87 22.65 33.81
N TYR C 634 12.82 22.74 34.74
CA TYR C 634 13.17 23.98 35.39
C TYR C 634 13.66 24.99 34.34
N SER C 635 13.12 26.20 34.40
CA SER C 635 13.58 27.31 33.57
C SER C 635 14.00 28.43 34.53
N THR C 636 15.31 28.62 34.65
CA THR C 636 15.87 29.59 35.58
C THR C 636 16.08 30.97 34.98
N GLY C 637 15.66 31.18 33.74
CA GLY C 637 15.93 32.40 33.02
C GLY C 637 17.25 32.39 32.27
N SER C 638 18.27 31.74 32.82
CA SER C 638 19.53 31.54 32.12
C SER C 638 19.47 30.36 31.15
N ASN C 639 18.48 29.49 31.26
CA ASN C 639 18.30 28.40 30.32
C ASN C 639 17.06 28.71 29.47
N VAL C 640 17.26 29.58 28.47
CA VAL C 640 16.18 29.96 27.50
C VAL C 640 16.89 30.49 26.25
N PHE C 641 16.70 29.87 25.08
CA PHE C 641 17.39 30.29 23.86
C PHE C 641 16.44 30.12 22.69
N GLN C 642 15.86 31.24 22.25
CA GLN C 642 14.90 31.22 21.12
C GLN C 642 15.64 30.91 19.82
N THR C 643 15.54 29.66 19.35
CA THR C 643 16.18 29.24 18.11
C THR C 643 15.18 29.32 16.96
N ARG C 644 15.69 29.10 15.75
CA ARG C 644 14.83 29.09 14.57
C ARG C 644 13.99 27.84 14.47
N ALA C 645 14.25 26.83 15.29
CA ALA C 645 13.46 25.60 15.32
C ALA C 645 12.62 25.47 16.59
N GLY C 646 12.23 26.58 17.19
CA GLY C 646 11.55 26.56 18.48
C GLY C 646 12.36 27.31 19.52
N CYS C 647 12.65 26.64 20.63
CA CYS C 647 13.39 27.27 21.76
C CYS C 647 13.90 26.19 22.73
N LEU C 648 15.19 26.22 23.10
CA LEU C 648 15.74 25.25 24.05
C LEU C 648 15.36 25.66 25.45
N ILE C 649 15.10 24.68 26.30
CA ILE C 649 14.85 24.89 27.73
C ILE C 649 15.74 23.92 28.50
N GLY C 650 16.55 24.46 29.40
CA GLY C 650 17.50 23.68 30.15
C GLY C 650 18.95 23.81 29.70
N ALA C 651 19.24 24.66 28.72
CA ALA C 651 20.59 24.86 28.23
C ALA C 651 20.86 26.34 28.06
N GLU C 652 22.04 26.78 28.46
CA GLU C 652 22.45 28.17 28.24
C GLU C 652 23.26 28.27 26.96
N TYR C 653 23.17 29.44 26.31
CA TYR C 653 23.84 29.67 25.04
C TYR C 653 25.15 30.40 25.28
N VAL C 654 26.25 29.70 25.10
CA VAL C 654 27.56 30.33 25.06
C VAL C 654 27.79 30.86 23.66
N ASN C 655 28.55 31.95 23.55
CA ASN C 655 28.83 32.53 22.25
C ASN C 655 30.02 31.88 21.55
N ASN C 656 30.72 30.97 22.23
CA ASN C 656 31.83 30.28 21.60
C ASN C 656 31.32 29.33 20.52
N SER C 657 32.24 28.88 19.68
CA SER C 657 31.90 28.05 18.53
C SER C 657 32.81 26.83 18.50
N TYR C 658 32.20 25.64 18.50
CA TYR C 658 32.93 24.38 18.45
C TYR C 658 32.35 23.51 17.35
N GLU C 659 33.00 22.37 17.11
CA GLU C 659 32.45 21.38 16.20
C GLU C 659 31.16 20.81 16.79
N CYS C 660 30.22 20.47 15.90
CA CYS C 660 28.91 20.01 16.35
C CYS C 660 29.03 18.67 17.06
N ASP C 661 28.25 18.50 18.13
CA ASP C 661 28.15 17.24 18.84
C ASP C 661 26.76 16.63 18.76
N ILE C 662 25.73 17.38 19.17
CA ILE C 662 24.35 16.91 19.10
C ILE C 662 23.55 17.92 18.26
N PRO C 663 23.25 17.60 17.01
CA PRO C 663 22.53 18.57 16.16
C PRO C 663 21.10 18.76 16.60
N ILE C 664 20.66 20.01 16.63
CA ILE C 664 19.26 20.37 16.82
C ILE C 664 18.66 20.92 15.54
N GLY C 665 19.25 21.97 15.00
CA GLY C 665 18.79 22.58 13.77
C GLY C 665 19.12 24.06 13.74
N ALA C 666 19.09 24.64 12.54
CA ALA C 666 19.29 26.08 12.34
C ALA C 666 20.63 26.55 12.90
N GLY C 667 21.65 25.71 12.76
CA GLY C 667 23.00 26.13 13.06
C GLY C 667 23.40 26.08 14.52
N ILE C 668 22.71 25.28 15.34
CA ILE C 668 23.03 25.15 16.76
C ILE C 668 23.19 23.67 17.11
N CYS C 669 24.14 23.38 18.01
CA CYS C 669 24.27 22.08 18.65
C CYS C 669 24.57 22.26 20.13
N ALA C 670 24.02 21.36 20.95
CA ALA C 670 24.23 21.38 22.38
C ALA C 670 25.11 20.20 22.79
N SER C 671 26.10 20.49 23.63
CA SER C 671 27.05 19.45 24.04
C SER C 671 27.25 19.55 25.55
N TYR C 672 27.65 18.42 26.14
CA TYR C 672 27.90 18.33 27.58
C TYR C 672 29.33 18.79 27.82
N GLN C 673 29.48 20.01 28.30
CA GLN C 673 30.79 20.63 28.51
C GLN C 673 30.98 20.97 29.99
N THR C 674 32.25 20.98 30.40
CA THR C 674 32.58 21.35 31.76
C THR C 674 32.40 22.85 31.96
N GLN C 675 32.18 23.23 33.22
CA GLN C 675 31.94 24.62 33.57
C GLN C 675 33.24 25.41 33.68
N SER C 687 30.03 21.26 38.02
CA SER C 687 31.18 21.44 37.16
C SER C 687 30.85 21.07 35.71
N GLN C 688 29.62 20.62 35.48
CA GLN C 688 29.17 20.22 34.16
C GLN C 688 27.77 20.75 33.92
N SER C 689 27.42 20.94 32.65
CA SER C 689 26.10 21.42 32.26
C SER C 689 25.93 21.19 30.76
N ILE C 690 24.76 21.57 30.25
CA ILE C 690 24.43 21.45 28.84
C ILE C 690 24.46 22.83 28.22
N ILE C 691 25.35 23.03 27.25
CA ILE C 691 25.56 24.33 26.64
C ILE C 691 25.31 24.21 25.14
N ALA C 692 24.69 25.25 24.58
CA ALA C 692 24.35 25.30 23.16
C ALA C 692 25.27 26.29 22.46
N TYR C 693 25.68 25.95 21.23
CA TYR C 693 26.62 26.78 20.48
C TYR C 693 26.37 26.62 19.00
N THR C 694 26.78 27.64 18.24
CA THR C 694 26.80 27.57 16.79
C THR C 694 27.99 26.74 16.35
N MET C 695 27.83 25.96 15.27
CA MET C 695 28.90 25.07 14.85
C MET C 695 30.12 25.88 14.44
N SER C 696 31.30 25.32 14.70
CA SER C 696 32.50 25.71 13.98
C SER C 696 32.54 24.90 12.71
N LEU C 697 32.36 25.59 11.57
CA LEU C 697 32.42 24.89 10.29
C LEU C 697 33.82 24.39 9.99
N GLY C 698 34.79 24.79 10.79
CA GLY C 698 36.16 24.34 10.65
C GLY C 698 37.09 25.35 11.29
N ALA C 699 38.35 24.97 11.39
CA ALA C 699 39.36 25.88 11.91
C ALA C 699 39.54 27.04 10.92
N GLU C 700 39.63 28.26 11.46
CA GLU C 700 39.76 29.43 10.60
C GLU C 700 41.19 29.52 10.10
N ASN C 701 41.37 29.46 8.78
CA ASN C 701 42.69 29.48 8.17
C ASN C 701 42.70 30.43 6.98
N SER C 702 43.85 31.04 6.73
CA SER C 702 44.01 31.99 5.64
C SER C 702 45.14 31.52 4.74
N VAL C 703 44.96 31.75 3.43
CA VAL C 703 45.96 31.40 2.42
C VAL C 703 46.65 32.68 1.96
N ALA C 704 47.96 32.60 1.77
CA ALA C 704 48.80 33.76 1.48
C ALA C 704 49.08 33.92 0.00
N TYR C 705 48.09 33.64 -0.84
CA TYR C 705 48.26 33.72 -2.30
C TYR C 705 48.88 35.04 -2.71
N SER C 706 49.86 34.97 -3.60
CA SER C 706 50.55 36.15 -4.11
C SER C 706 50.84 35.94 -5.60
N ASN C 707 51.44 36.95 -6.21
CA ASN C 707 51.70 36.89 -7.64
C ASN C 707 52.76 35.84 -7.98
N ASN C 708 53.79 35.73 -7.14
CA ASN C 708 54.93 34.87 -7.45
C ASN C 708 55.34 34.00 -6.27
N SER C 709 54.40 33.61 -5.42
CA SER C 709 54.70 32.79 -4.25
C SER C 709 54.12 31.38 -4.44
N ILE C 710 54.96 30.37 -4.25
CA ILE C 710 54.53 28.98 -4.30
C ILE C 710 55.11 28.25 -3.10
N ALA C 711 54.28 27.44 -2.45
CA ALA C 711 54.71 26.56 -1.39
C ALA C 711 54.76 25.15 -1.95
N ILE C 712 55.92 24.51 -1.86
CA ILE C 712 56.11 23.17 -2.41
C ILE C 712 56.48 22.21 -1.29
N PRO C 713 55.79 21.07 -1.18
CA PRO C 713 56.08 20.13 -0.09
C PRO C 713 57.47 19.53 -0.25
N THR C 714 58.35 19.86 0.70
CA THR C 714 59.69 19.27 0.74
C THR C 714 59.70 17.91 1.40
N ASN C 715 58.59 17.49 2.01
CA ASN C 715 58.48 16.20 2.66
C ASN C 715 57.06 15.70 2.46
N PHE C 716 56.86 14.41 2.71
CA PHE C 716 55.54 13.82 2.54
C PHE C 716 55.25 12.88 3.70
N THR C 717 54.04 12.33 3.69
CA THR C 717 53.61 11.35 4.67
C THR C 717 52.68 10.35 4.00
N ILE C 718 52.56 9.18 4.62
CA ILE C 718 51.65 8.14 4.15
C ILE C 718 50.67 7.83 5.28
N SER C 719 49.42 7.58 4.91
CA SER C 719 48.37 7.33 5.86
C SER C 719 47.47 6.23 5.35
N VAL C 720 46.76 5.58 6.26
CA VAL C 720 45.86 4.48 5.93
C VAL C 720 44.52 4.79 6.58
N THR C 721 43.60 5.38 5.81
CA THR C 721 42.24 5.55 6.26
C THR C 721 41.44 4.29 5.96
N THR C 722 40.17 4.30 6.37
CA THR C 722 39.30 3.15 6.15
C THR C 722 37.97 3.61 5.57
N GLU C 723 37.42 2.79 4.68
CA GLU C 723 36.08 2.97 4.16
C GLU C 723 35.27 1.72 4.42
N ILE C 724 34.07 1.87 4.96
CA ILE C 724 33.19 0.76 5.27
C ILE C 724 31.99 0.85 4.35
N LEU C 725 31.72 -0.23 3.62
CA LEU C 725 30.61 -0.28 2.67
C LEU C 725 29.85 -1.58 2.88
N PRO C 726 28.56 -1.54 3.16
CA PRO C 726 27.78 -2.78 3.24
C PRO C 726 27.66 -3.42 1.87
N VAL C 727 27.53 -4.75 1.85
CA VAL C 727 27.52 -5.49 0.60
C VAL C 727 26.25 -6.31 0.48
N SER C 728 25.68 -6.69 1.61
CA SER C 728 24.49 -7.53 1.60
C SER C 728 23.76 -7.40 2.92
N MET C 729 22.50 -7.82 2.93
CA MET C 729 21.67 -7.89 4.12
C MET C 729 21.20 -9.33 4.32
N THR C 730 20.64 -9.58 5.51
CA THR C 730 20.15 -10.91 5.83
C THR C 730 19.00 -11.29 4.89
N LYS C 731 19.07 -12.49 4.34
CA LYS C 731 18.07 -12.98 3.40
C LYS C 731 16.88 -13.55 4.16
N THR C 732 15.67 -13.16 3.74
CA THR C 732 14.44 -13.54 4.42
C THR C 732 13.55 -14.33 3.47
N SER C 733 12.84 -15.31 4.03
CA SER C 733 11.96 -16.20 3.27
C SER C 733 10.62 -16.37 3.96
N VAL C 734 10.01 -15.24 4.36
CA VAL C 734 8.71 -15.28 5.02
C VAL C 734 7.71 -16.04 4.16
N ASP C 735 6.78 -16.73 4.82
CA ASP C 735 5.77 -17.53 4.14
C ASP C 735 4.36 -17.05 4.46
N CYS C 736 3.53 -16.97 3.43
CA CYS C 736 2.20 -16.39 3.54
C CYS C 736 1.37 -17.12 4.59
N THR C 737 1.07 -18.40 4.33
CA THR C 737 0.11 -19.12 5.15
C THR C 737 0.63 -19.31 6.56
N MET C 738 1.91 -19.65 6.70
CA MET C 738 2.45 -19.90 8.02
C MET C 738 2.53 -18.63 8.85
N TYR C 739 2.83 -17.49 8.22
CA TYR C 739 2.85 -16.24 8.98
C TYR C 739 1.44 -15.79 9.35
N ILE C 740 0.52 -15.80 8.39
CA ILE C 740 -0.79 -15.18 8.61
C ILE C 740 -1.74 -16.10 9.36
N CYS C 741 -1.92 -17.33 8.88
CA CYS C 741 -2.87 -18.28 9.45
C CYS C 741 -2.09 -19.50 9.92
N GLY C 742 -1.63 -19.47 11.16
CA GLY C 742 -0.89 -20.60 11.68
C GLY C 742 -1.73 -21.85 11.81
N ASP C 743 -1.54 -22.78 10.86
CA ASP C 743 -2.17 -24.09 10.88
C ASP C 743 -3.68 -24.03 11.08
N SER C 744 -4.35 -23.11 10.41
CA SER C 744 -5.81 -22.96 10.49
C SER C 744 -6.38 -23.14 9.09
N THR C 745 -7.14 -24.22 8.89
CA THR C 745 -7.66 -24.51 7.56
C THR C 745 -8.67 -23.46 7.10
N GLU C 746 -9.57 -23.02 7.99
CA GLU C 746 -10.53 -21.98 7.62
C GLU C 746 -9.82 -20.69 7.28
N CYS C 747 -8.80 -20.33 8.06
CA CYS C 747 -8.06 -19.10 7.80
C CYS C 747 -7.34 -19.18 6.45
N SER C 748 -6.72 -20.32 6.15
CA SER C 748 -6.07 -20.48 4.85
C SER C 748 -7.08 -20.41 3.72
N ASN C 749 -8.26 -21.02 3.90
CA ASN C 749 -9.29 -20.96 2.87
C ASN C 749 -9.72 -19.53 2.61
N LEU C 750 -9.96 -18.75 3.67
CA LEU C 750 -10.34 -17.35 3.47
C LEU C 750 -9.18 -16.51 2.93
N LEU C 751 -7.93 -16.94 3.15
CA LEU C 751 -6.81 -16.28 2.49
C LEU C 751 -6.81 -16.56 0.99
N LEU C 752 -7.20 -17.79 0.59
CA LEU C 752 -7.28 -18.11 -0.83
C LEU C 752 -8.25 -17.20 -1.57
N GLN C 753 -9.26 -16.67 -0.89
CA GLN C 753 -10.19 -15.74 -1.52
C GLN C 753 -9.53 -14.41 -1.88
N TYR C 754 -8.33 -14.14 -1.37
CA TYR C 754 -7.61 -12.90 -1.66
C TYR C 754 -6.78 -13.00 -2.94
N GLY C 755 -6.93 -14.07 -3.71
CA GLY C 755 -6.18 -14.20 -4.94
C GLY C 755 -4.69 -14.40 -4.68
N SER C 756 -3.91 -14.20 -5.73
CA SER C 756 -2.47 -14.32 -5.63
C SER C 756 -1.85 -13.01 -5.19
N PHE C 757 -2.33 -12.46 -4.06
CA PHE C 757 -1.75 -11.24 -3.54
C PHE C 757 -0.36 -11.47 -2.98
N CYS C 758 -0.14 -12.62 -2.33
CA CYS C 758 1.06 -12.86 -1.56
C CYS C 758 2.12 -13.67 -2.30
N THR C 759 1.74 -14.37 -3.38
CA THR C 759 2.74 -14.97 -4.25
C THR C 759 3.69 -13.89 -4.77
N GLN C 760 3.18 -12.68 -4.96
CA GLN C 760 4.05 -11.54 -5.27
C GLN C 760 5.08 -11.32 -4.17
N LEU C 761 4.65 -11.41 -2.90
CA LEU C 761 5.59 -11.21 -1.79
C LEU C 761 6.65 -12.30 -1.77
N LYS C 762 6.23 -13.55 -1.98
CA LYS C 762 7.21 -14.64 -2.00
C LYS C 762 8.22 -14.45 -3.13
N ARG C 763 7.73 -14.09 -4.31
CA ARG C 763 8.63 -13.86 -5.44
C ARG C 763 9.57 -12.70 -5.17
N ALA C 764 9.07 -11.63 -4.56
CA ALA C 764 9.91 -10.48 -4.25
C ALA C 764 10.98 -10.82 -3.23
N LEU C 765 10.65 -11.66 -2.25
CA LEU C 765 11.65 -12.03 -1.26
C LEU C 765 12.70 -12.97 -1.85
N THR C 766 12.27 -13.88 -2.73
CA THR C 766 13.24 -14.66 -3.49
C THR C 766 14.15 -13.74 -4.29
N GLY C 767 13.57 -12.71 -4.91
CA GLY C 767 14.37 -11.75 -5.66
C GLY C 767 15.39 -11.02 -4.80
N ILE C 768 14.98 -10.55 -3.63
CA ILE C 768 15.92 -9.80 -2.78
C ILE C 768 17.04 -10.71 -2.32
N ALA C 769 16.74 -11.97 -2.01
CA ALA C 769 17.82 -12.91 -1.68
C ALA C 769 18.76 -13.09 -2.86
N VAL C 770 18.21 -13.20 -4.07
CA VAL C 770 19.04 -13.40 -5.25
C VAL C 770 19.95 -12.19 -5.47
N GLU C 771 19.42 -10.97 -5.30
CA GLU C 771 20.27 -9.80 -5.48
C GLU C 771 21.30 -9.66 -4.38
N GLN C 772 21.02 -10.12 -3.16
CA GLN C 772 22.07 -10.15 -2.15
C GLN C 772 23.20 -11.08 -2.58
N ASP C 773 22.85 -12.27 -3.06
CA ASP C 773 23.85 -13.19 -3.57
C ASP C 773 24.66 -12.56 -4.70
N LYS C 774 23.98 -11.91 -5.63
CA LYS C 774 24.64 -11.30 -6.78
C LYS C 774 25.52 -10.12 -6.36
N ASN C 775 25.10 -9.36 -5.35
CA ASN C 775 25.94 -8.27 -4.84
C ASN C 775 27.23 -8.81 -4.25
N THR C 776 27.14 -9.88 -3.45
CA THR C 776 28.36 -10.48 -2.93
C THR C 776 29.25 -10.99 -4.06
N GLN C 777 28.64 -11.64 -5.05
CA GLN C 777 29.41 -12.16 -6.18
C GLN C 777 30.10 -11.04 -6.95
N GLU C 778 29.39 -9.94 -7.20
CA GLU C 778 30.00 -8.81 -7.92
C GLU C 778 31.12 -8.18 -7.12
N VAL C 779 30.92 -8.01 -5.80
CA VAL C 779 31.92 -7.32 -5.00
C VAL C 779 33.19 -8.15 -4.89
N PHE C 780 33.07 -9.47 -4.67
CA PHE C 780 34.23 -10.28 -4.33
C PHE C 780 34.75 -11.11 -5.50
N ALA C 781 33.88 -11.64 -6.35
CA ALA C 781 34.27 -12.52 -7.45
C ALA C 781 34.84 -11.71 -8.62
N GLN C 782 35.94 -11.03 -8.36
CA GLN C 782 36.60 -10.21 -9.37
C GLN C 782 37.82 -10.89 -9.97
N VAL C 783 38.28 -12.01 -9.41
CA VAL C 783 39.43 -12.74 -9.92
C VAL C 783 39.03 -14.18 -10.19
N LYS C 784 39.48 -14.72 -11.31
CA LYS C 784 39.16 -16.09 -11.69
C LYS C 784 40.20 -17.09 -11.22
N GLN C 785 41.31 -16.62 -10.65
CA GLN C 785 42.38 -17.49 -10.18
C GLN C 785 42.67 -17.17 -8.71
N ILE C 786 42.61 -18.17 -7.86
CA ILE C 786 42.88 -17.99 -6.44
C ILE C 786 44.39 -18.05 -6.24
N TYR C 787 45.04 -16.88 -6.29
CA TYR C 787 46.46 -16.83 -6.05
C TYR C 787 46.77 -17.07 -4.57
N LYS C 788 48.02 -17.42 -4.29
CA LYS C 788 48.48 -17.65 -2.93
C LYS C 788 49.76 -16.88 -2.70
N THR C 789 49.88 -16.30 -1.51
CA THR C 789 51.09 -15.57 -1.16
C THR C 789 52.28 -16.53 -1.08
N PRO C 790 53.44 -16.11 -1.58
CA PRO C 790 54.62 -16.95 -1.49
C PRO C 790 54.93 -17.28 -0.04
N PRO C 791 55.59 -18.42 0.21
CA PRO C 791 55.82 -18.84 1.60
C PRO C 791 56.58 -17.81 2.43
N ILE C 792 57.53 -17.11 1.85
CA ILE C 792 58.27 -16.07 2.55
C ILE C 792 57.47 -14.78 2.47
N LYS C 793 57.65 -13.92 3.48
CA LYS C 793 56.97 -12.63 3.54
C LYS C 793 58.01 -11.54 3.79
N TYR C 794 58.62 -11.05 2.71
CA TYR C 794 59.55 -9.91 2.78
C TYR C 794 59.38 -9.12 1.48
N PHE C 795 58.50 -8.13 1.51
CA PHE C 795 58.25 -7.28 0.35
C PHE C 795 59.04 -5.97 0.49
N GLY C 796 60.36 -6.13 0.51
CA GLY C 796 61.24 -4.99 0.67
C GLY C 796 61.09 -4.26 1.99
N GLY C 797 60.76 -4.97 3.06
CA GLY C 797 60.57 -4.40 4.37
C GLY C 797 59.13 -4.05 4.68
N PHE C 798 58.26 -4.02 3.69
CA PHE C 798 56.86 -3.73 3.92
C PHE C 798 56.21 -4.85 4.72
N ASN C 799 55.86 -4.54 5.97
CA ASN C 799 55.29 -5.51 6.89
C ASN C 799 53.80 -5.65 6.61
N PHE C 800 53.39 -6.82 6.10
CA PHE C 800 52.02 -7.06 5.72
C PHE C 800 51.31 -8.10 6.58
N SER C 801 52.00 -8.73 7.53
CA SER C 801 51.43 -9.85 8.26
C SER C 801 50.11 -9.51 8.97
N GLN C 802 49.73 -8.23 9.01
CA GLN C 802 48.48 -7.87 9.67
C GLN C 802 47.27 -8.08 8.77
N ILE C 803 47.47 -8.23 7.45
CA ILE C 803 46.36 -8.29 6.53
C ILE C 803 46.27 -9.62 5.77
N LEU C 804 47.34 -10.40 5.69
CA LEU C 804 47.20 -11.72 5.12
C LEU C 804 46.61 -12.68 6.15
N PRO C 805 45.99 -13.78 5.69
CA PRO C 805 45.39 -14.72 6.64
C PRO C 805 46.44 -15.34 7.56
N ASP C 806 46.02 -15.60 8.80
CA ASP C 806 46.90 -16.18 9.80
C ASP C 806 46.74 -17.69 9.80
N PRO C 807 47.78 -18.44 9.43
CA PRO C 807 47.65 -19.92 9.41
C PRO C 807 47.26 -20.51 10.76
N SER C 808 47.75 -19.95 11.87
CA SER C 808 47.44 -20.51 13.18
C SER C 808 45.95 -20.39 13.49
N LYS C 809 45.34 -19.28 13.11
CA LYS C 809 43.90 -19.13 13.27
C LYS C 809 43.20 -20.14 12.34
N PRO C 810 42.38 -21.04 12.87
CA PRO C 810 41.75 -22.05 11.99
C PRO C 810 40.87 -21.45 10.90
N SER C 811 40.28 -20.29 11.15
CA SER C 811 39.41 -19.66 10.16
C SER C 811 40.18 -19.11 8.95
N LYS C 812 41.51 -19.08 9.02
CA LYS C 812 42.36 -18.60 7.93
C LYS C 812 42.01 -17.16 7.57
N ARG C 813 42.06 -16.30 8.60
CA ARG C 813 41.65 -14.92 8.49
C ARG C 813 42.72 -14.02 9.11
N SER C 814 42.81 -12.79 8.58
CA SER C 814 43.78 -11.84 9.09
C SER C 814 43.35 -11.33 10.46
N PRO C 815 44.29 -10.82 11.26
CA PRO C 815 43.90 -10.22 12.55
C PRO C 815 42.92 -9.07 12.41
N ILE C 816 43.06 -8.25 11.36
CA ILE C 816 42.12 -7.18 11.15
C ILE C 816 40.73 -7.73 10.85
N GLU C 817 40.65 -8.84 10.11
CA GLU C 817 39.37 -9.50 9.88
C GLU C 817 38.80 -10.05 11.17
N ASP C 818 39.67 -10.59 12.04
CA ASP C 818 39.21 -11.15 13.31
C ASP C 818 38.62 -10.07 14.21
N LEU C 819 39.28 -8.91 14.28
CA LEU C 819 38.74 -7.81 15.07
C LEU C 819 37.39 -7.35 14.51
N LEU C 820 37.28 -7.28 13.18
CA LEU C 820 36.00 -6.92 12.57
C LEU C 820 34.92 -7.92 12.92
N PHE C 821 35.24 -9.21 12.88
CA PHE C 821 34.27 -10.24 13.24
C PHE C 821 33.85 -10.12 14.70
N ASN C 822 34.80 -9.82 15.60
CA ASN C 822 34.47 -9.67 17.00
C ASN C 822 33.75 -8.36 17.32
N LYS C 823 33.85 -7.35 16.46
CA LYS C 823 33.18 -6.09 16.67
C LYS C 823 31.82 -6.00 16.00
N VAL C 824 31.37 -7.07 15.35
CA VAL C 824 30.04 -7.13 14.76
C VAL C 824 29.34 -8.36 15.32
N THR C 825 28.20 -8.14 15.96
CA THR C 825 27.42 -9.21 16.59
C THR C 825 26.09 -9.34 15.88
N LEU C 826 25.77 -10.55 15.43
CA LEU C 826 24.55 -10.81 14.69
C LEU C 826 23.46 -11.31 15.63
N ALA C 827 22.30 -10.66 15.58
CA ALA C 827 21.16 -11.14 16.36
C ALA C 827 20.71 -12.51 15.88
N ASP C 828 20.66 -12.71 14.56
CA ASP C 828 20.28 -13.98 13.96
C ASP C 828 21.45 -14.48 13.12
N ALA C 829 22.12 -15.52 13.61
CA ALA C 829 23.18 -16.14 12.83
C ALA C 829 22.61 -16.86 11.60
N GLY C 830 21.45 -17.48 11.76
CA GLY C 830 20.81 -18.22 10.68
C GLY C 830 21.30 -19.63 10.50
N PHE C 831 22.62 -19.82 10.52
CA PHE C 831 23.21 -21.14 10.36
C PHE C 831 23.32 -21.87 11.69
N ILE C 832 22.23 -21.85 12.45
CA ILE C 832 22.22 -22.47 13.77
C ILE C 832 21.31 -23.68 13.73
N LYS C 833 20.32 -23.65 12.85
CA LYS C 833 19.24 -24.63 12.84
C LYS C 833 18.64 -24.75 14.24
N GLN C 834 18.24 -23.58 14.76
CA GLN C 834 17.89 -23.43 16.17
C GLN C 834 16.74 -24.34 16.61
N TYR C 835 16.16 -25.05 15.64
CA TYR C 835 15.15 -26.07 15.97
C TYR C 835 15.88 -27.17 16.75
N GLY C 836 15.34 -27.59 17.89
CA GLY C 836 15.98 -28.56 18.75
C GLY C 836 16.42 -27.98 20.08
N ASP C 837 16.62 -26.66 20.17
CA ASP C 837 16.97 -26.02 21.42
C ASP C 837 15.94 -25.00 21.88
N CYS C 838 14.88 -24.76 21.09
CA CYS C 838 13.77 -23.97 21.60
C CYS C 838 13.13 -24.65 22.80
N LEU C 839 12.97 -25.98 22.74
CA LEU C 839 12.48 -26.72 23.90
C LEU C 839 13.50 -26.69 25.03
N GLY C 840 14.78 -26.66 24.71
CA GLY C 840 15.84 -26.55 25.68
C GLY C 840 16.25 -25.15 26.04
N ASP C 841 15.48 -24.14 25.62
CA ASP C 841 15.82 -22.76 25.93
C ASP C 841 15.79 -22.47 27.42
N ILE C 842 15.14 -23.32 28.22
CA ILE C 842 15.09 -23.22 29.67
C ILE C 842 14.37 -21.95 30.09
N ALA C 843 14.92 -20.79 29.73
CA ALA C 843 14.28 -19.52 30.02
C ALA C 843 13.28 -19.20 28.91
N ALA C 844 12.77 -17.97 28.89
CA ALA C 844 11.90 -17.55 27.81
C ALA C 844 12.63 -17.62 26.48
N ARG C 845 11.97 -18.15 25.46
CA ARG C 845 12.62 -18.32 24.16
C ARG C 845 13.02 -16.96 23.59
N ASP C 846 14.13 -16.94 22.88
CA ASP C 846 14.74 -15.69 22.43
C ASP C 846 14.08 -15.23 21.13
N LEU C 847 14.67 -14.19 20.53
CA LEU C 847 14.12 -13.60 19.31
C LEU C 847 14.04 -14.62 18.19
N ILE C 848 15.10 -15.41 18.02
CA ILE C 848 15.16 -16.34 16.89
C ILE C 848 14.16 -17.47 17.07
N CYS C 849 14.06 -18.01 18.29
CA CYS C 849 13.10 -19.07 18.54
C CYS C 849 11.67 -18.56 18.33
N ALA C 850 11.39 -17.33 18.79
CA ALA C 850 10.08 -16.74 18.57
C ALA C 850 9.79 -16.55 17.08
N GLN C 851 10.80 -16.10 16.32
CA GLN C 851 10.62 -15.96 14.87
C GLN C 851 10.34 -17.31 14.22
N LYS C 852 11.01 -18.37 14.69
CA LYS C 852 10.71 -19.70 14.19
C LYS C 852 9.31 -20.14 14.59
N PHE C 853 8.75 -19.55 15.65
CA PHE C 853 7.40 -19.92 16.07
C PHE C 853 6.32 -19.41 15.13
N ASN C 854 6.64 -18.48 14.22
CA ASN C 854 5.62 -17.95 13.31
C ASN C 854 6.16 -17.84 11.89
N GLY C 855 7.09 -18.71 11.53
CA GLY C 855 7.47 -18.87 10.14
C GLY C 855 8.31 -17.76 9.53
N LEU C 856 9.02 -17.00 10.35
CA LEU C 856 9.95 -15.97 9.85
C LEU C 856 11.35 -16.57 9.88
N THR C 857 11.73 -17.25 8.80
CA THR C 857 13.04 -17.89 8.70
C THR C 857 14.03 -16.97 7.99
N VAL C 858 15.31 -17.28 8.18
CA VAL C 858 16.40 -16.53 7.56
C VAL C 858 17.24 -17.52 6.75
N LEU C 859 17.28 -17.32 5.44
CA LEU C 859 18.13 -18.16 4.60
C LEU C 859 19.60 -17.82 4.83
N PRO C 860 20.48 -18.79 4.69
CA PRO C 860 21.91 -18.53 4.85
C PRO C 860 22.51 -18.01 3.55
N PRO C 861 23.58 -17.22 3.63
CA PRO C 861 24.24 -16.77 2.40
C PRO C 861 24.89 -17.92 1.66
N LEU C 862 24.93 -17.80 0.33
CA LEU C 862 25.57 -18.84 -0.48
C LEU C 862 27.06 -18.90 -0.19
N LEU C 863 27.74 -17.76 -0.23
CA LEU C 863 29.17 -17.70 0.06
C LEU C 863 29.36 -17.63 1.57
N THR C 864 29.95 -18.68 2.13
CA THR C 864 30.20 -18.69 3.56
C THR C 864 31.24 -17.65 3.92
N ASP C 865 31.21 -17.21 5.19
CA ASP C 865 32.15 -16.20 5.65
C ASP C 865 33.59 -16.66 5.60
N GLU C 866 33.83 -17.97 5.46
CA GLU C 866 35.18 -18.49 5.33
C GLU C 866 35.72 -18.29 3.93
N MET C 867 35.03 -18.81 2.92
CA MET C 867 35.49 -18.68 1.53
C MET C 867 35.52 -17.23 1.07
N ILE C 868 34.69 -16.37 1.66
CA ILE C 868 34.81 -14.93 1.39
C ILE C 868 36.19 -14.43 1.82
N ALA C 869 36.66 -14.87 2.99
CA ALA C 869 38.01 -14.53 3.41
C ALA C 869 39.05 -15.09 2.46
N GLN C 870 38.80 -16.26 1.88
CA GLN C 870 39.71 -16.80 0.87
C GLN C 870 39.74 -15.89 -0.36
N TYR C 871 38.59 -15.34 -0.75
CA TYR C 871 38.55 -14.39 -1.84
C TYR C 871 39.34 -13.12 -1.52
N THR C 872 39.18 -12.60 -0.30
CA THR C 872 39.95 -11.42 0.08
C THR C 872 41.44 -11.73 0.09
N SER C 873 41.81 -12.94 0.53
CA SER C 873 43.22 -13.34 0.52
C SER C 873 43.76 -13.42 -0.90
N ALA C 874 43.01 -14.01 -1.82
CA ALA C 874 43.47 -14.09 -3.20
C ALA C 874 43.61 -12.71 -3.81
N LEU C 875 42.63 -11.84 -3.55
CA LEU C 875 42.68 -10.48 -4.07
C LEU C 875 43.88 -9.72 -3.51
N LEU C 876 44.16 -9.88 -2.22
CA LEU C 876 45.32 -9.23 -1.63
C LEU C 876 46.61 -9.78 -2.22
N ALA C 877 46.68 -11.10 -2.43
CA ALA C 877 47.87 -11.70 -2.99
C ALA C 877 48.13 -11.21 -4.41
N GLY C 878 47.08 -11.04 -5.20
CA GLY C 878 47.26 -10.56 -6.55
C GLY C 878 47.82 -9.14 -6.61
N THR C 879 47.33 -8.26 -5.73
CA THR C 879 47.68 -6.85 -5.82
C THR C 879 49.07 -6.55 -5.25
N ILE C 880 49.58 -7.41 -4.35
CA ILE C 880 50.89 -7.14 -3.76
C ILE C 880 52.01 -7.94 -4.40
N THR C 881 51.70 -8.94 -5.23
CA THR C 881 52.74 -9.70 -5.92
C THR C 881 52.82 -9.43 -7.41
N SER C 882 51.70 -9.15 -8.07
CA SER C 882 51.70 -8.96 -9.52
C SER C 882 51.31 -7.54 -9.94
N GLY C 883 51.39 -6.57 -9.03
CA GLY C 883 50.98 -5.22 -9.38
C GLY C 883 49.50 -5.17 -9.72
N TRP C 884 49.17 -4.37 -10.72
CA TRP C 884 47.79 -4.28 -11.19
C TRP C 884 47.57 -5.02 -12.49
N THR C 885 48.56 -5.77 -12.98
CA THR C 885 48.42 -6.49 -14.24
C THR C 885 47.38 -7.59 -14.14
N PHE C 886 47.31 -8.29 -13.00
CA PHE C 886 46.38 -9.40 -12.85
C PHE C 886 44.93 -8.95 -12.91
N GLY C 887 44.67 -7.66 -12.75
CA GLY C 887 43.33 -7.13 -12.97
C GLY C 887 42.92 -7.04 -14.42
N ALA C 888 43.89 -7.00 -15.34
CA ALA C 888 43.62 -6.93 -16.77
C ALA C 888 43.80 -8.28 -17.45
N GLY C 889 44.97 -8.89 -17.32
CA GLY C 889 45.23 -10.17 -17.94
C GLY C 889 45.93 -11.14 -17.01
N PRO C 890 46.97 -11.81 -17.51
CA PRO C 890 47.72 -12.75 -16.66
C PRO C 890 48.45 -12.03 -15.54
N ALA C 891 48.61 -12.72 -14.42
CA ALA C 891 49.32 -12.17 -13.28
C ALA C 891 50.82 -12.25 -13.53
N LEU C 892 51.47 -11.09 -13.61
CA LEU C 892 52.89 -11.01 -13.89
C LEU C 892 53.62 -10.49 -12.66
N GLN C 893 54.54 -11.29 -12.13
CA GLN C 893 55.21 -10.93 -10.89
C GLN C 893 56.10 -9.72 -11.07
N ILE C 894 56.09 -8.84 -10.07
CA ILE C 894 56.92 -7.64 -10.03
C ILE C 894 57.30 -7.39 -8.57
N PRO C 895 58.55 -7.12 -8.26
CA PRO C 895 58.92 -6.87 -6.86
C PRO C 895 58.16 -5.68 -6.29
N PHE C 896 57.82 -5.79 -5.01
CA PHE C 896 57.01 -4.76 -4.36
C PHE C 896 57.66 -3.39 -4.36
N PRO C 897 58.98 -3.22 -4.13
CA PRO C 897 59.56 -1.89 -4.30
C PRO C 897 59.36 -1.32 -5.69
N MET C 898 59.47 -2.16 -6.72
CA MET C 898 59.20 -1.70 -8.08
C MET C 898 57.75 -1.25 -8.22
N GLN C 899 56.81 -2.04 -7.71
CA GLN C 899 55.41 -1.65 -7.79
C GLN C 899 55.16 -0.35 -7.03
N MET C 900 55.81 -0.19 -5.87
CA MET C 900 55.59 1.01 -5.06
C MET C 900 56.10 2.25 -5.77
N ALA C 901 57.33 2.19 -6.31
CA ALA C 901 57.84 3.31 -7.09
C ALA C 901 56.98 3.54 -8.33
N TYR C 902 56.33 2.50 -8.82
CA TYR C 902 55.57 2.62 -10.06
C TYR C 902 54.27 3.36 -9.80
N ARG C 903 53.61 3.03 -8.68
CA ARG C 903 52.45 3.81 -8.24
C ARG C 903 52.87 5.23 -7.89
N PHE C 904 54.08 5.40 -7.34
CA PHE C 904 54.60 6.75 -7.11
C PHE C 904 54.67 7.53 -8.42
N ASN C 905 55.20 6.89 -9.47
CA ASN C 905 55.15 7.47 -10.81
C ASN C 905 53.72 7.74 -11.24
N GLY C 906 52.76 6.96 -10.74
CA GLY C 906 51.36 7.19 -11.07
C GLY C 906 50.84 8.54 -10.64
N ILE C 907 51.27 9.04 -9.50
CA ILE C 907 50.74 10.29 -8.95
C ILE C 907 51.55 11.50 -9.38
N GLY C 908 52.62 11.31 -10.16
CA GLY C 908 53.39 12.42 -10.68
C GLY C 908 54.69 12.71 -9.98
N VAL C 909 55.25 11.74 -9.24
CA VAL C 909 56.57 11.88 -8.65
C VAL C 909 57.41 10.69 -9.07
N THR C 910 58.67 10.95 -9.42
CA THR C 910 59.51 9.93 -10.03
C THR C 910 59.91 8.86 -9.01
N GLN C 911 60.42 7.74 -9.54
CA GLN C 911 60.78 6.60 -8.69
C GLN C 911 61.92 6.92 -7.74
N ASN C 912 62.70 7.96 -8.06
CA ASN C 912 63.90 8.25 -7.27
C ASN C 912 63.56 8.56 -5.82
N VAL C 913 62.46 9.26 -5.57
CA VAL C 913 62.14 9.62 -4.19
C VAL C 913 61.89 8.36 -3.36
N LEU C 914 61.21 7.37 -3.94
CA LEU C 914 60.97 6.14 -3.20
C LEU C 914 62.25 5.33 -3.05
N TYR C 915 63.03 5.21 -4.12
CA TYR C 915 64.27 4.45 -4.00
C TYR C 915 65.31 5.14 -3.13
N GLU C 916 65.10 6.40 -2.78
CA GLU C 916 65.89 7.04 -1.73
C GLU C 916 65.32 6.85 -0.33
N ASN C 917 64.01 7.05 -0.13
CA ASN C 917 63.45 6.98 1.23
C ASN C 917 62.59 5.73 1.41
N GLN C 918 63.05 4.61 0.84
CA GLN C 918 62.37 3.33 1.05
C GLN C 918 62.27 2.98 2.52
N LYS C 919 63.34 3.18 3.30
CA LYS C 919 63.29 2.84 4.72
C LYS C 919 62.24 3.68 5.44
N LEU C 920 62.22 4.99 5.19
CA LEU C 920 61.25 5.86 5.84
C LEU C 920 59.82 5.50 5.44
N ILE C 921 59.60 5.23 4.15
CA ILE C 921 58.23 4.94 3.72
C ILE C 921 57.78 3.59 4.28
N ALA C 922 58.69 2.62 4.37
CA ALA C 922 58.32 1.33 4.96
C ALA C 922 57.99 1.48 6.44
N ASN C 923 58.79 2.28 7.17
CA ASN C 923 58.51 2.49 8.58
C ASN C 923 57.17 3.20 8.78
N GLN C 924 56.87 4.20 7.95
CA GLN C 924 55.60 4.88 8.04
C GLN C 924 54.44 3.93 7.72
N PHE C 925 54.63 3.07 6.71
CA PHE C 925 53.62 2.07 6.37
C PHE C 925 53.34 1.15 7.56
N ASN C 926 54.40 0.66 8.18
CA ASN C 926 54.22 -0.23 9.34
C ASN C 926 53.54 0.50 10.49
N SER C 927 53.92 1.76 10.73
CA SER C 927 53.28 2.52 11.81
C SER C 927 51.80 2.72 11.55
N ALA C 928 51.44 3.06 10.31
CA ALA C 928 50.03 3.26 9.98
C ALA C 928 49.25 1.95 10.10
N ILE C 929 49.84 0.85 9.64
CA ILE C 929 49.17 -0.45 9.74
C ILE C 929 48.96 -0.83 11.19
N GLY C 930 49.95 -0.56 12.04
CA GLY C 930 49.76 -0.81 13.46
C GLY C 930 48.70 0.08 14.07
N LYS C 931 48.69 1.36 13.69
CA LYS C 931 47.77 2.32 14.28
C LYS C 931 46.32 2.10 13.91
N ILE C 932 46.04 1.65 12.68
CA ILE C 932 44.64 1.42 12.31
C ILE C 932 44.02 0.33 13.16
N GLN C 933 44.81 -0.68 13.53
CA GLN C 933 44.30 -1.73 14.41
C GLN C 933 43.81 -1.16 15.74
N ASP C 934 44.63 -0.34 16.39
CA ASP C 934 44.23 0.25 17.66
C ASP C 934 43.10 1.26 17.47
N SER C 935 43.06 1.95 16.32
CA SER C 935 41.97 2.87 16.05
C SER C 935 40.64 2.13 15.98
N LEU C 936 40.62 0.98 15.30
CA LEU C 936 39.40 0.20 15.24
C LEU C 936 39.07 -0.44 16.59
N PHE C 937 40.09 -0.86 17.33
CA PHE C 937 39.85 -1.51 18.63
C PHE C 937 39.28 -0.53 19.65
N SER C 938 39.92 0.62 19.81
CA SER C 938 39.60 1.54 20.90
C SER C 938 38.38 2.41 20.62
N THR C 939 38.00 2.59 19.37
CA THR C 939 36.85 3.42 19.05
C THR C 939 35.57 2.75 19.58
N PRO C 940 34.57 3.55 19.97
CA PRO C 940 33.29 2.97 20.37
C PRO C 940 32.65 2.19 19.24
N SER C 941 32.47 2.82 18.08
CA SER C 941 31.94 2.13 16.91
C SER C 941 32.38 2.89 15.66
N ALA C 942 33.43 2.38 15.00
CA ALA C 942 33.79 2.83 13.67
C ALA C 942 33.12 2.00 12.58
N LEU C 943 32.42 0.94 12.96
CA LEU C 943 31.68 0.08 12.04
C LEU C 943 30.21 0.43 11.98
N GLY C 944 29.88 1.73 12.10
CA GLY C 944 28.50 2.14 12.25
C GLY C 944 27.59 1.72 11.10
N LYS C 945 28.14 1.62 9.89
CA LYS C 945 27.30 1.29 8.74
C LYS C 945 26.83 -0.16 8.79
N LEU C 946 27.73 -1.10 9.06
CA LEU C 946 27.36 -2.51 9.11
C LEU C 946 26.40 -2.77 10.27
N GLN C 947 26.70 -2.20 11.44
CA GLN C 947 25.80 -2.34 12.58
C GLN C 947 24.46 -1.67 12.30
N ASP C 948 24.47 -0.57 11.55
CA ASP C 948 23.23 0.08 11.14
C ASP C 948 22.39 -0.87 10.31
N VAL C 949 23.01 -1.53 9.33
CA VAL C 949 22.29 -2.46 8.47
C VAL C 949 21.71 -3.61 9.30
N VAL C 950 22.53 -4.20 10.17
CA VAL C 950 22.09 -5.34 10.97
C VAL C 950 20.96 -4.93 11.91
N ASN C 951 21.11 -3.78 12.58
CA ASN C 951 20.09 -3.32 13.51
C ASN C 951 18.80 -2.99 12.79
N HIS C 952 18.90 -2.39 11.60
CA HIS C 952 17.69 -2.07 10.84
C HIS C 952 16.95 -3.34 10.45
N ASN C 953 17.67 -4.35 9.97
CA ASN C 953 17.01 -5.60 9.61
C ASN C 953 16.36 -6.26 10.83
N ALA C 954 17.10 -6.32 11.95
CA ALA C 954 16.55 -6.95 13.15
C ALA C 954 15.34 -6.19 13.67
N GLN C 955 15.40 -4.86 13.65
CA GLN C 955 14.27 -4.05 14.11
C GLN C 955 13.05 -4.23 13.22
N ALA C 956 13.26 -4.29 11.90
CA ALA C 956 12.13 -4.54 11.00
C ALA C 956 11.51 -5.89 11.27
N LEU C 957 12.34 -6.92 11.47
CA LEU C 957 11.80 -8.25 11.75
C LEU C 957 11.04 -8.27 13.07
N ASN C 958 11.58 -7.60 14.10
CA ASN C 958 10.90 -7.56 15.39
C ASN C 958 9.57 -6.81 15.30
N THR C 959 9.54 -5.70 14.56
CA THR C 959 8.28 -4.99 14.37
C THR C 959 7.28 -5.85 13.62
N LEU C 960 7.73 -6.63 12.63
CA LEU C 960 6.82 -7.52 11.91
C LEU C 960 6.26 -8.58 12.84
N VAL C 961 7.10 -9.16 13.70
CA VAL C 961 6.63 -10.26 14.53
C VAL C 961 5.84 -9.75 15.74
N LYS C 962 5.96 -8.46 16.07
CA LYS C 962 5.17 -7.94 17.18
C LYS C 962 3.73 -7.66 16.79
N GLN C 963 3.43 -7.52 15.49
CA GLN C 963 2.08 -7.21 15.07
C GLN C 963 1.10 -8.37 15.28
N LEU C 964 1.60 -9.57 15.57
CA LEU C 964 0.73 -10.71 15.83
C LEU C 964 -0.04 -10.57 17.14
N SER C 965 0.40 -9.69 18.03
CA SER C 965 -0.28 -9.46 19.30
C SER C 965 -1.29 -8.33 19.21
N SER C 966 -1.50 -7.76 18.03
CA SER C 966 -2.45 -6.67 17.82
C SER C 966 -3.79 -7.24 17.41
N LYS C 967 -4.84 -6.85 18.13
CA LYS C 967 -6.18 -7.37 17.84
C LYS C 967 -6.69 -6.86 16.49
N PHE C 968 -6.10 -5.78 15.97
CA PHE C 968 -6.47 -5.21 14.68
C PHE C 968 -7.95 -4.86 14.61
N GLY C 969 -8.53 -4.44 15.74
CA GLY C 969 -9.93 -4.11 15.78
C GLY C 969 -10.86 -5.30 15.81
N ALA C 970 -10.42 -6.42 16.37
CA ALA C 970 -11.25 -7.61 16.52
C ALA C 970 -11.33 -7.99 17.99
N ILE C 971 -12.10 -9.05 18.27
CA ILE C 971 -12.31 -9.46 19.65
C ILE C 971 -11.01 -10.01 20.26
N SER C 972 -10.21 -10.71 19.47
CA SER C 972 -8.97 -11.28 19.97
C SER C 972 -7.91 -11.16 18.89
N SER C 973 -6.71 -11.65 19.22
CA SER C 973 -5.56 -11.56 18.32
C SER C 973 -4.94 -12.92 18.03
N VAL C 974 -5.60 -14.02 18.37
CA VAL C 974 -5.07 -15.36 18.16
C VAL C 974 -6.06 -16.15 17.31
N LEU C 975 -5.57 -16.69 16.19
CA LEU C 975 -6.42 -17.48 15.30
C LEU C 975 -7.00 -18.69 16.01
N ASN C 976 -6.18 -19.36 16.82
CA ASN C 976 -6.61 -20.60 17.46
C ASN C 976 -7.80 -20.38 18.37
N ASP C 977 -7.80 -19.28 19.13
CA ASP C 977 -8.91 -19.08 20.06
C ASP C 977 -10.07 -18.32 19.44
N ILE C 978 -9.84 -17.50 18.40
CA ILE C 978 -11.00 -16.90 17.72
C ILE C 978 -11.79 -17.98 16.99
N LEU C 979 -11.08 -18.97 16.44
CA LEU C 979 -11.78 -20.09 15.80
C LEU C 979 -12.48 -20.96 16.82
N SER C 980 -11.82 -21.23 17.95
CA SER C 980 -12.36 -22.14 18.96
C SER C 980 -13.32 -21.46 19.92
N ARG C 981 -13.74 -20.23 19.64
CA ARG C 981 -14.70 -19.52 20.48
C ARG C 981 -16.00 -19.19 19.78
N LEU C 982 -15.95 -18.84 18.51
CA LEU C 982 -17.13 -18.44 17.76
C LEU C 982 -17.45 -19.47 16.68
N ASP C 983 -18.63 -19.34 16.10
CA ASP C 983 -19.10 -20.28 15.10
C ASP C 983 -18.79 -19.70 13.72
N PRO C 984 -18.36 -20.53 12.77
CA PRO C 984 -17.71 -20.02 11.53
C PRO C 984 -18.39 -18.82 10.88
N PRO C 985 -19.70 -18.85 10.60
CA PRO C 985 -20.31 -17.74 9.85
C PRO C 985 -20.41 -16.44 10.62
N GLU C 986 -20.06 -16.40 11.90
CA GLU C 986 -19.91 -15.14 12.62
C GLU C 986 -18.48 -14.85 13.04
N ALA C 987 -17.65 -15.88 13.22
CA ALA C 987 -16.21 -15.67 13.39
C ALA C 987 -15.54 -15.21 12.10
N GLU C 988 -16.24 -15.34 10.96
CA GLU C 988 -15.65 -14.94 9.69
C GLU C 988 -15.31 -13.46 9.67
N VAL C 989 -16.14 -12.62 10.29
CA VAL C 989 -15.86 -11.18 10.29
C VAL C 989 -14.56 -10.89 11.02
N GLN C 990 -14.39 -11.47 12.22
CA GLN C 990 -13.16 -11.26 12.97
C GLN C 990 -11.96 -11.80 12.22
N ILE C 991 -12.10 -13.00 11.62
CA ILE C 991 -10.97 -13.60 10.92
C ILE C 991 -10.60 -12.77 9.69
N ASP C 992 -11.61 -12.17 9.03
CA ASP C 992 -11.36 -11.34 7.87
C ASP C 992 -10.64 -10.06 8.29
N ARG C 993 -11.05 -9.48 9.42
CA ARG C 993 -10.36 -8.31 9.93
C ARG C 993 -8.89 -8.62 10.23
N LEU C 994 -8.65 -9.77 10.87
CA LEU C 994 -7.26 -10.17 11.15
C LEU C 994 -6.48 -10.39 9.86
N ILE C 995 -7.10 -11.02 8.87
CA ILE C 995 -6.44 -11.24 7.58
C ILE C 995 -6.02 -9.90 6.98
N THR C 996 -6.94 -8.94 6.95
CA THR C 996 -6.63 -7.65 6.36
C THR C 996 -5.49 -6.97 7.10
N GLY C 997 -5.55 -6.95 8.44
CA GLY C 997 -4.51 -6.29 9.19
C GLY C 997 -3.14 -6.92 9.01
N ARG C 998 -3.07 -8.25 9.11
CA ARG C 998 -1.78 -8.91 9.00
C ARG C 998 -1.24 -8.83 7.59
N LEU C 999 -2.10 -8.90 6.57
CA LEU C 999 -1.64 -8.75 5.20
C LEU C 999 -1.10 -7.35 4.95
N GLN C 1000 -1.77 -6.34 5.52
CA GLN C 1000 -1.26 -4.97 5.37
C GLN C 1000 0.10 -4.81 6.05
N SER C 1001 0.25 -5.40 7.23
CA SER C 1001 1.55 -5.34 7.91
C SER C 1001 2.64 -6.03 7.09
N LEU C 1002 2.33 -7.20 6.52
CA LEU C 1002 3.30 -7.91 5.69
C LEU C 1002 3.64 -7.10 4.44
N GLN C 1003 2.65 -6.45 3.84
CA GLN C 1003 2.89 -5.57 2.70
C GLN C 1003 3.86 -4.45 3.07
N THR C 1004 3.65 -3.81 4.23
CA THR C 1004 4.55 -2.75 4.67
C THR C 1004 5.97 -3.29 4.85
N TYR C 1005 6.10 -4.46 5.49
CA TYR C 1005 7.41 -5.04 5.69
C TYR C 1005 8.11 -5.33 4.36
N VAL C 1006 7.39 -5.94 3.42
CA VAL C 1006 8.00 -6.32 2.15
C VAL C 1006 8.40 -5.08 1.36
N THR C 1007 7.57 -4.05 1.36
CA THR C 1007 7.92 -2.82 0.66
C THR C 1007 9.17 -2.18 1.29
N GLN C 1008 9.24 -2.13 2.62
CA GLN C 1008 10.41 -1.56 3.27
C GLN C 1008 11.66 -2.36 2.95
N GLN C 1009 11.54 -3.69 2.94
CA GLN C 1009 12.68 -4.52 2.58
C GLN C 1009 13.12 -4.28 1.15
N LEU C 1010 12.16 -4.03 0.24
CA LEU C 1010 12.53 -3.72 -1.13
C LEU C 1010 13.28 -2.39 -1.23
N ILE C 1011 12.83 -1.39 -0.48
CA ILE C 1011 13.54 -0.10 -0.47
C ILE C 1011 14.98 -0.30 0.02
N ARG C 1012 15.12 -1.01 1.14
CA ARG C 1012 16.46 -1.25 1.66
C ARG C 1012 17.29 -2.11 0.71
N ALA C 1013 16.65 -3.00 -0.04
CA ALA C 1013 17.35 -3.77 -1.05
C ALA C 1013 17.90 -2.89 -2.16
N ALA C 1014 17.11 -1.92 -2.62
CA ALA C 1014 17.62 -0.99 -3.62
C ALA C 1014 18.78 -0.18 -3.07
N GLU C 1015 18.67 0.26 -1.82
CA GLU C 1015 19.75 1.05 -1.21
C GLU C 1015 21.03 0.23 -1.12
N ILE C 1016 20.94 -1.00 -0.61
CA ILE C 1016 22.13 -1.83 -0.47
C ILE C 1016 22.66 -2.24 -1.84
N ARG C 1017 21.78 -2.38 -2.84
CA ARG C 1017 22.25 -2.68 -4.19
C ARG C 1017 23.10 -1.54 -4.74
N ALA C 1018 22.65 -0.29 -4.55
CA ALA C 1018 23.44 0.85 -4.98
C ALA C 1018 24.78 0.90 -4.23
N SER C 1019 24.74 0.67 -2.92
CA SER C 1019 25.97 0.71 -2.14
C SER C 1019 26.93 -0.39 -2.57
N ALA C 1020 26.41 -1.58 -2.87
CA ALA C 1020 27.26 -2.67 -3.29
C ALA C 1020 27.82 -2.45 -4.69
N ASN C 1021 27.05 -1.81 -5.57
CA ASN C 1021 27.59 -1.42 -6.88
C ASN C 1021 28.75 -0.45 -6.70
N LEU C 1022 28.60 0.52 -5.81
CA LEU C 1022 29.70 1.44 -5.52
C LEU C 1022 30.90 0.68 -4.94
N ALA C 1023 30.63 -0.30 -4.07
CA ALA C 1023 31.71 -1.08 -3.49
C ALA C 1023 32.45 -1.89 -4.55
N ALA C 1024 31.71 -2.48 -5.49
CA ALA C 1024 32.33 -3.24 -6.57
C ALA C 1024 33.16 -2.33 -7.47
N THR C 1025 32.65 -1.12 -7.75
CA THR C 1025 33.43 -0.16 -8.53
C THR C 1025 34.72 0.20 -7.80
N LYS C 1026 34.63 0.45 -6.49
CA LYS C 1026 35.82 0.76 -5.70
C LYS C 1026 36.81 -0.40 -5.75
N MET C 1027 36.31 -1.63 -5.55
CA MET C 1027 37.13 -2.82 -5.73
C MET C 1027 37.90 -2.77 -7.05
N SER C 1028 37.17 -2.80 -8.16
CA SER C 1028 37.80 -3.02 -9.46
C SER C 1028 38.65 -1.83 -9.90
N GLU C 1029 38.44 -0.65 -9.30
CA GLU C 1029 39.24 0.50 -9.68
C GLU C 1029 40.45 0.68 -8.77
N CYS C 1030 40.22 0.87 -7.46
CA CYS C 1030 41.33 1.18 -6.56
C CYS C 1030 42.22 -0.03 -6.31
N VAL C 1031 41.65 -1.23 -6.26
CA VAL C 1031 42.45 -2.40 -5.93
C VAL C 1031 43.20 -2.91 -7.16
N LEU C 1032 42.49 -3.08 -8.27
CA LEU C 1032 43.12 -3.56 -9.49
C LEU C 1032 43.67 -2.42 -10.32
N GLY C 1033 44.47 -1.56 -9.71
CA GLY C 1033 45.03 -0.41 -10.41
C GLY C 1033 45.03 0.85 -9.57
N GLN C 1034 45.61 1.94 -10.09
CA GLN C 1034 45.65 3.20 -9.38
C GLN C 1034 44.59 4.14 -9.94
N SER C 1035 43.75 4.67 -9.07
CA SER C 1035 42.65 5.55 -9.44
C SER C 1035 43.12 7.00 -9.37
N LYS C 1036 42.78 7.78 -10.40
CA LYS C 1036 43.21 9.17 -10.43
C LYS C 1036 42.09 10.14 -10.10
N ARG C 1037 40.87 9.66 -9.83
CA ARG C 1037 39.82 10.58 -9.39
C ARG C 1037 40.07 10.95 -7.94
N VAL C 1038 40.18 12.26 -7.69
CA VAL C 1038 40.58 12.72 -6.36
C VAL C 1038 39.44 12.49 -5.37
N ASP C 1039 39.81 12.19 -4.13
CA ASP C 1039 38.89 11.92 -3.03
C ASP C 1039 37.91 10.80 -3.33
N PHE C 1040 38.39 9.70 -3.93
CA PHE C 1040 37.55 8.52 -4.07
C PHE C 1040 38.11 7.34 -3.30
N CYS C 1041 39.37 6.97 -3.56
CA CYS C 1041 40.02 5.90 -2.82
C CYS C 1041 40.80 6.51 -1.64
N GLY C 1042 40.02 7.08 -0.73
CA GLY C 1042 40.58 7.76 0.43
C GLY C 1042 40.99 9.19 0.12
N LYS C 1043 41.19 9.96 1.19
CA LYS C 1043 41.63 11.34 1.08
C LYS C 1043 43.06 11.40 0.57
N GLY C 1044 43.29 12.29 -0.40
CA GLY C 1044 44.63 12.51 -0.93
C GLY C 1044 44.92 11.64 -2.14
N TYR C 1045 46.17 11.76 -2.60
CA TYR C 1045 46.61 10.98 -3.75
C TYR C 1045 46.60 9.50 -3.40
N HIS C 1046 45.86 8.71 -4.19
CA HIS C 1046 45.68 7.30 -3.88
C HIS C 1046 46.81 6.46 -4.45
N LEU C 1047 47.25 5.46 -3.68
CA LEU C 1047 48.31 4.56 -4.12
C LEU C 1047 47.83 3.13 -4.29
N MET C 1048 47.30 2.50 -3.23
CA MET C 1048 46.83 1.13 -3.31
C MET C 1048 45.60 0.98 -2.41
N SER C 1049 45.12 -0.25 -2.28
CA SER C 1049 43.99 -0.55 -1.40
C SER C 1049 43.93 -2.04 -1.18
N PHE C 1050 43.81 -2.45 0.08
CA PHE C 1050 43.72 -3.86 0.45
C PHE C 1050 42.32 -4.17 0.96
N PRO C 1051 41.58 -5.06 0.32
CA PRO C 1051 40.24 -5.39 0.82
C PRO C 1051 40.30 -6.28 2.06
N GLN C 1052 39.27 -6.16 2.89
CA GLN C 1052 39.11 -7.00 4.06
C GLN C 1052 37.63 -7.34 4.22
N SER C 1053 37.37 -8.60 4.56
CA SER C 1053 35.98 -9.08 4.66
C SER C 1053 35.40 -8.77 6.03
N ALA C 1054 34.13 -8.40 6.04
CA ALA C 1054 33.37 -8.15 7.25
C ALA C 1054 32.01 -8.80 7.11
N PRO C 1055 31.36 -9.14 8.22
CA PRO C 1055 30.00 -9.70 8.13
C PRO C 1055 29.04 -8.77 7.42
N HIS C 1056 28.49 -9.23 6.29
CA HIS C 1056 27.54 -8.44 5.50
C HIS C 1056 28.14 -7.11 5.06
N GLY C 1057 29.38 -7.14 4.59
CA GLY C 1057 30.02 -5.95 4.11
C GLY C 1057 31.48 -6.19 3.77
N VAL C 1058 32.14 -5.11 3.35
CA VAL C 1058 33.56 -5.11 3.07
C VAL C 1058 34.17 -3.90 3.73
N VAL C 1059 35.47 -3.97 4.00
CA VAL C 1059 36.21 -2.88 4.65
C VAL C 1059 37.50 -2.66 3.87
N PHE C 1060 37.74 -1.41 3.49
CA PHE C 1060 38.89 -1.06 2.67
C PHE C 1060 40.02 -0.49 3.52
N LEU C 1061 41.24 -0.64 3.03
CA LEU C 1061 42.43 -0.02 3.61
C LEU C 1061 43.07 0.82 2.51
N HIS C 1062 42.61 2.05 2.36
CA HIS C 1062 43.17 2.94 1.35
C HIS C 1062 44.51 3.47 1.83
N VAL C 1063 45.53 3.29 1.01
CA VAL C 1063 46.88 3.79 1.31
C VAL C 1063 47.13 4.99 0.41
N THR C 1064 47.25 6.16 1.01
CA THR C 1064 47.28 7.42 0.27
C THR C 1064 48.57 8.17 0.52
N TYR C 1065 49.02 8.90 -0.49
CA TYR C 1065 50.18 9.76 -0.40
C TYR C 1065 49.69 11.17 -0.06
N VAL C 1066 50.18 11.71 1.05
CA VAL C 1066 49.78 13.01 1.55
C VAL C 1066 51.04 13.84 1.76
N PRO C 1067 51.14 15.05 1.17
CA PRO C 1067 52.34 15.87 1.37
C PRO C 1067 52.51 16.35 2.80
N ALA C 1068 53.57 17.11 3.04
CA ALA C 1068 53.96 17.51 4.38
C ALA C 1068 54.58 18.89 4.31
N GLN C 1069 55.38 19.24 5.33
CA GLN C 1069 55.95 20.58 5.51
C GLN C 1069 56.35 21.23 4.19
N GLU C 1070 55.92 22.48 4.01
CA GLU C 1070 56.11 23.22 2.78
C GLU C 1070 56.80 24.55 3.08
N LYS C 1071 57.49 25.09 2.07
CA LYS C 1071 58.23 26.33 2.20
C LYS C 1071 57.92 27.24 1.03
N ASN C 1072 57.71 28.53 1.32
CA ASN C 1072 57.63 29.53 0.27
C ASN C 1072 58.99 29.66 -0.40
N PHE C 1073 59.02 29.59 -1.73
CA PHE C 1073 60.29 29.98 -2.34
C PHE C 1073 60.18 31.19 -3.27
N THR C 1074 59.58 30.99 -4.44
CA THR C 1074 59.28 31.99 -5.46
C THR C 1074 58.76 31.23 -6.67
N THR C 1075 58.09 31.88 -7.61
CA THR C 1075 57.82 31.21 -8.88
C THR C 1075 57.78 32.23 -10.00
N ALA C 1076 58.10 31.76 -11.21
CA ALA C 1076 58.02 32.53 -12.43
C ALA C 1076 57.42 31.65 -13.52
N PRO C 1077 56.39 32.14 -14.23
CA PRO C 1077 55.74 31.31 -15.25
C PRO C 1077 56.68 30.81 -16.32
N ALA C 1078 57.73 31.56 -16.63
CA ALA C 1078 58.70 31.14 -17.65
C ALA C 1078 60.06 31.74 -17.31
N ILE C 1079 61.07 31.32 -18.07
CA ILE C 1079 62.43 31.82 -17.92
C ILE C 1079 62.93 32.30 -19.27
N CYS C 1080 63.51 33.49 -19.31
CA CYS C 1080 64.03 34.09 -20.53
C CYS C 1080 65.56 34.05 -20.46
N HIS C 1081 66.18 33.23 -21.31
CA HIS C 1081 67.63 33.19 -21.38
C HIS C 1081 68.16 34.17 -22.41
N ASP C 1082 67.77 33.98 -23.67
CA ASP C 1082 68.19 34.89 -24.77
C ASP C 1082 66.97 35.09 -25.66
N GLY C 1083 66.16 36.09 -25.32
CA GLY C 1083 64.99 36.45 -26.13
C GLY C 1083 64.00 35.33 -26.36
N LYS C 1084 64.15 34.22 -25.63
CA LYS C 1084 63.29 33.06 -25.79
C LYS C 1084 62.82 32.57 -24.43
N ALA C 1085 61.51 32.47 -24.26
CA ALA C 1085 60.94 32.00 -23.00
C ALA C 1085 61.13 30.49 -22.87
N HIS C 1086 61.51 30.07 -21.66
CA HIS C 1086 61.72 28.65 -21.36
C HIS C 1086 60.68 28.19 -20.37
N PHE C 1087 60.05 27.05 -20.66
CA PHE C 1087 59.05 26.46 -19.80
C PHE C 1087 59.48 25.04 -19.42
N PRO C 1088 59.31 24.64 -18.17
CA PRO C 1088 59.71 23.28 -17.78
C PRO C 1088 58.87 22.24 -18.50
N ARG C 1089 59.52 21.13 -18.86
CA ARG C 1089 58.78 20.01 -19.42
C ARG C 1089 57.76 19.48 -18.41
N GLU C 1090 58.13 19.49 -17.13
CA GLU C 1090 57.19 19.22 -16.06
C GLU C 1090 57.72 19.88 -14.79
N GLY C 1091 56.82 20.48 -14.02
CA GLY C 1091 57.17 21.09 -12.75
C GLY C 1091 57.15 22.61 -12.83
N VAL C 1092 57.59 23.23 -11.74
CA VAL C 1092 57.55 24.67 -11.55
C VAL C 1092 58.99 25.19 -11.43
N PHE C 1093 59.29 26.26 -12.16
CA PHE C 1093 60.53 26.98 -11.93
C PHE C 1093 60.49 27.60 -10.54
N VAL C 1094 61.43 27.21 -9.69
CA VAL C 1094 61.45 27.62 -8.28
C VAL C 1094 62.81 28.19 -7.97
N SER C 1095 62.83 29.37 -7.36
CA SER C 1095 64.07 30.02 -6.94
C SER C 1095 64.19 29.91 -5.43
N ASN C 1096 65.35 29.42 -4.97
CA ASN C 1096 65.72 29.51 -3.56
C ASN C 1096 65.49 30.91 -3.01
N GLY C 1097 65.70 31.92 -3.85
CA GLY C 1097 65.74 33.31 -3.45
C GLY C 1097 66.88 34.01 -4.16
N THR C 1098 67.88 33.22 -4.57
CA THR C 1098 69.03 33.74 -5.30
C THR C 1098 69.38 32.95 -6.56
N HIS C 1099 69.08 31.66 -6.63
CA HIS C 1099 69.39 30.83 -7.79
C HIS C 1099 68.13 30.09 -8.22
N TRP C 1100 67.76 30.23 -9.49
CA TRP C 1100 66.56 29.58 -9.99
C TRP C 1100 66.80 28.08 -10.17
N PHE C 1101 65.72 27.31 -10.06
CA PHE C 1101 65.78 25.86 -10.11
C PHE C 1101 64.47 25.31 -10.64
N VAL C 1102 64.49 24.04 -11.04
CA VAL C 1102 63.31 23.33 -11.48
C VAL C 1102 63.10 22.13 -10.56
N THR C 1103 61.84 21.82 -10.29
CA THR C 1103 61.48 20.72 -9.42
C THR C 1103 60.16 20.11 -9.88
N GLN C 1104 59.76 19.03 -9.24
CA GLN C 1104 58.54 18.32 -9.59
C GLN C 1104 57.33 19.05 -8.99
N ARG C 1105 56.14 18.49 -9.20
CA ARG C 1105 54.91 19.11 -8.73
C ARG C 1105 54.73 18.98 -7.22
N ASN C 1106 54.85 17.76 -6.68
CA ASN C 1106 54.45 17.49 -5.31
C ASN C 1106 55.61 17.06 -4.41
N PHE C 1107 56.85 17.32 -4.81
CA PHE C 1107 57.99 17.05 -3.94
C PHE C 1107 59.14 17.95 -4.36
N TYR C 1108 59.80 18.55 -3.38
CA TYR C 1108 60.87 19.51 -3.63
C TYR C 1108 62.14 18.76 -3.99
N GLU C 1109 62.47 18.75 -5.28
CA GLU C 1109 63.71 18.14 -5.77
C GLU C 1109 64.38 19.14 -6.71
N PRO C 1110 65.17 20.06 -6.17
CA PRO C 1110 65.81 21.07 -7.02
C PRO C 1110 66.79 20.44 -7.99
N GLN C 1111 66.85 21.00 -9.19
CA GLN C 1111 67.76 20.55 -10.22
C GLN C 1111 68.24 21.75 -11.03
N ILE C 1112 69.46 21.64 -11.56
CA ILE C 1112 70.01 22.70 -12.39
C ILE C 1112 69.20 22.81 -13.67
N ILE C 1113 68.86 24.03 -14.06
CA ILE C 1113 68.00 24.26 -15.20
C ILE C 1113 68.77 23.98 -16.49
N THR C 1114 68.57 22.80 -17.05
CA THR C 1114 69.23 22.38 -18.28
C THR C 1114 68.21 22.31 -19.42
N THR C 1115 68.73 22.21 -20.64
CA THR C 1115 67.87 22.14 -21.81
C THR C 1115 67.06 20.86 -21.87
N ASP C 1116 67.44 19.84 -21.10
CA ASP C 1116 66.62 18.63 -21.02
C ASP C 1116 65.37 18.88 -20.18
N ASN C 1117 65.51 19.64 -19.09
CA ASN C 1117 64.38 19.91 -18.22
C ASN C 1117 63.35 20.84 -18.85
N THR C 1118 63.74 21.61 -19.85
CA THR C 1118 62.89 22.67 -20.39
C THR C 1118 62.75 22.53 -21.90
N PHE C 1119 61.69 23.13 -22.42
CA PHE C 1119 61.46 23.24 -23.86
C PHE C 1119 61.21 24.70 -24.19
N VAL C 1120 61.70 25.14 -25.34
CA VAL C 1120 61.67 26.56 -25.71
C VAL C 1120 60.66 26.77 -26.83
N SER C 1121 59.77 27.75 -26.63
CA SER C 1121 58.86 28.21 -27.67
C SER C 1121 58.31 29.56 -27.24
N GLY C 1122 58.72 30.62 -27.92
CA GLY C 1122 58.28 31.95 -27.55
C GLY C 1122 59.27 33.00 -28.03
N ASN C 1123 59.02 34.24 -27.60
CA ASN C 1123 59.83 35.37 -28.02
C ASN C 1123 60.19 36.31 -26.87
N CYS C 1124 59.92 35.93 -25.62
CA CYS C 1124 60.25 36.73 -24.45
C CYS C 1124 59.56 38.09 -24.44
N ASP C 1125 58.42 38.21 -25.12
CA ASP C 1125 57.67 39.46 -25.14
C ASP C 1125 56.18 39.30 -24.87
N VAL C 1126 55.64 38.09 -24.90
CA VAL C 1126 54.21 37.87 -24.72
C VAL C 1126 53.86 37.31 -23.36
N VAL C 1127 54.80 36.66 -22.67
CA VAL C 1127 54.52 36.08 -21.36
C VAL C 1127 54.59 37.16 -20.29
N ILE C 1128 53.75 37.01 -19.27
CA ILE C 1128 53.65 37.99 -18.17
C ILE C 1128 54.27 37.38 -16.92
N GLY C 1129 55.12 38.14 -16.25
CA GLY C 1129 55.74 37.69 -15.02
C GLY C 1129 57.00 36.88 -15.18
N ILE C 1130 57.58 36.84 -16.38
CA ILE C 1130 58.81 36.10 -16.60
C ILE C 1130 59.96 36.76 -15.88
N VAL C 1131 60.89 35.96 -15.39
CA VAL C 1131 62.04 36.45 -14.64
C VAL C 1131 63.31 36.03 -15.36
N ASN C 1132 64.22 36.99 -15.55
CA ASN C 1132 65.46 36.73 -16.26
C ASN C 1132 66.32 35.71 -15.51
N ASN C 1133 66.97 34.83 -16.26
CA ASN C 1133 67.86 33.83 -15.70
C ASN C 1133 68.66 33.22 -16.84
N THR C 1134 69.50 32.24 -16.50
CA THR C 1134 70.28 31.52 -17.49
C THR C 1134 69.98 30.03 -17.40
N VAL C 1135 69.48 29.46 -18.50
CA VAL C 1135 69.27 28.03 -18.59
C VAL C 1135 70.47 27.41 -19.29
N TYR C 1136 70.90 26.25 -18.81
CA TYR C 1136 72.11 25.60 -19.28
C TYR C 1136 71.75 24.51 -20.28
N ASP C 1137 72.77 24.00 -20.95
CA ASP C 1137 72.62 22.87 -21.85
C ASP C 1137 73.86 22.00 -21.80
N PRO C 1138 73.70 20.69 -22.00
CA PRO C 1138 74.86 19.79 -21.93
C PRO C 1138 75.58 19.62 -23.26
N LEU C 1139 75.35 20.52 -24.22
CA LEU C 1139 75.89 20.37 -25.56
C LEU C 1139 77.07 21.28 -25.85
N GLN C 1140 77.01 22.55 -25.46
CA GLN C 1140 78.06 23.49 -25.85
C GLN C 1140 79.37 23.19 -25.15
N LEU C 1141 79.31 22.53 -23.98
CA LEU C 1141 80.54 22.15 -23.28
C LEU C 1141 81.32 21.11 -24.08
N GLU C 1142 80.61 20.19 -24.73
CA GLU C 1142 81.26 19.13 -25.50
C GLU C 1142 81.15 19.41 -27.00
#